data_4Y3C
#
_entry.id   4Y3C
#
_cell.length_a   232.332
_cell.length_b   140.775
_cell.length_c   171.838
_cell.angle_alpha   90.00
_cell.angle_beta   126.03
_cell.angle_gamma   90.00
#
_symmetry.space_group_name_H-M   'C 1 2 1'
#
loop_
_entity.id
_entity.type
_entity.pdbx_description
1 polymer '3D polymerase'
2 non-polymer GLYCEROL
3 non-polymer 'CHLORIDE ION'
4 water water
#
_entity_poly.entity_id   1
_entity_poly.type   'polypeptide(L)'
_entity_poly.pdbx_seq_one_letter_code
;GALERLPDGPRIHVPRKTALRPTVARQVFQPAFAPAVLSKFDPRTDADVDEVAFSKHTSNQETLPPVFRMVAREYANRVF
ALLGRDNGRLSVKQALDGLEGMDPMDKNTSPGLPYTTLGMRRTDVVDWETATLIPFAAERLEKMNNKDFSDIVYQTFLKD
ELRPIEKVQAAKTRIVDVPPFEHCILGRQLLGKFASKFQTQPGLELGSAIGCDPDVHWTAFGVAMQGFERVYDVDYSNFD
STHSVAMFRLLAEEFFSEENGFDPLVKDYLESLAISKHAYEEKRYLITGGLPSGCAATSMLNTVMNNIIIRAGLYLTYKN
FEFDDVKVLSYGDDLLVATNYQLNFDRVRTSLAKTGYKITPANKTSTFPLESTLEDVVFLKRKFKKEGPLYRPVMNREAL
EAMLSYYRPGTLSEKLTSITMLAVHSGKQEYDRLFAPFREVGVIVPTFESVEYRWRSLFW
;
_entity_poly.pdbx_strand_id   A,B,C,D,E,F
#
loop_
_chem_comp.id
_chem_comp.type
_chem_comp.name
_chem_comp.formula
CL non-polymer 'CHLORIDE ION' 'Cl -1'
GOL non-polymer GLYCEROL 'C3 H8 O3'
#
# COMPACT_ATOMS: atom_id res chain seq x y z
N GLY A 1 -27.19 -13.57 49.27
CA GLY A 1 -28.18 -14.07 50.26
C GLY A 1 -29.09 -15.17 49.72
N ALA A 2 -29.67 -15.94 50.63
CA ALA A 2 -30.58 -17.04 50.31
C ALA A 2 -29.94 -18.06 49.37
N LEU A 3 -29.03 -18.85 49.91
CA LEU A 3 -28.36 -19.91 49.16
C LEU A 3 -29.22 -21.18 49.20
N GLU A 4 -29.84 -21.50 48.07
CA GLU A 4 -30.70 -22.68 47.96
C GLU A 4 -29.96 -23.82 47.27
N ARG A 5 -29.95 -25.00 47.90
CA ARG A 5 -29.25 -26.16 47.36
C ARG A 5 -30.05 -26.81 46.22
N LEU A 6 -29.35 -27.14 45.15
CA LEU A 6 -29.92 -27.81 43.98
C LEU A 6 -29.34 -29.21 43.82
N PRO A 7 -29.92 -30.05 42.94
CA PRO A 7 -29.36 -31.37 42.69
C PRO A 7 -27.91 -31.32 42.18
N ASP A 8 -27.05 -32.16 42.73
CA ASP A 8 -25.64 -32.21 42.37
C ASP A 8 -25.44 -32.73 40.95
N GLY A 9 -24.30 -32.40 40.36
CA GLY A 9 -23.99 -32.79 38.99
C GLY A 9 -22.51 -33.11 38.80
N PRO A 10 -22.05 -33.16 37.53
CA PRO A 10 -20.65 -33.42 37.19
C PRO A 10 -19.66 -32.54 37.97
N ARG A 11 -18.48 -33.09 38.25
CA ARG A 11 -17.49 -32.40 39.07
C ARG A 11 -16.74 -31.34 38.27
N ILE A 12 -16.88 -30.09 38.68
CA ILE A 12 -16.14 -28.96 38.11
C ILE A 12 -15.04 -28.57 39.10
N HIS A 13 -13.79 -28.85 38.75
CA HIS A 13 -12.66 -28.74 39.68
C HIS A 13 -12.38 -27.30 40.13
N VAL A 14 -12.57 -27.06 41.43
CA VAL A 14 -12.12 -25.83 42.07
C VAL A 14 -10.62 -25.98 42.33
N PRO A 15 -9.81 -25.02 41.86
CA PRO A 15 -8.36 -25.18 42.01
C PRO A 15 -7.91 -24.95 43.45
N ARG A 16 -7.04 -25.82 43.95
CA ARG A 16 -6.62 -25.80 45.35
C ARG A 16 -5.11 -25.76 45.52
N LYS A 17 -4.45 -25.00 44.65
CA LYS A 17 -3.01 -24.75 44.74
C LYS A 17 -2.72 -23.33 44.26
N THR A 18 -1.99 -22.58 45.06
CA THR A 18 -1.58 -21.23 44.66
C THR A 18 -0.47 -21.28 43.61
N ALA A 19 -0.52 -20.34 42.68
CA ALA A 19 0.56 -20.16 41.70
C ALA A 19 1.59 -19.14 42.20
N LEU A 20 1.26 -18.44 43.29
CA LEU A 20 2.16 -17.45 43.87
C LEU A 20 3.33 -18.14 44.56
N ARG A 21 4.54 -17.63 44.32
CA ARG A 21 5.75 -18.10 44.99
C ARG A 21 6.53 -16.88 45.49
N PRO A 22 7.31 -17.04 46.57
CA PRO A 22 8.00 -15.89 47.15
C PRO A 22 9.22 -15.47 46.34
N THR A 23 9.43 -14.16 46.21
CA THR A 23 10.60 -13.61 45.53
C THR A 23 11.77 -13.53 46.51
N VAL A 24 12.92 -13.08 46.00
CA VAL A 24 14.08 -12.81 46.85
C VAL A 24 13.83 -11.71 47.89
N ALA A 25 12.83 -10.86 47.63
CA ALA A 25 12.53 -9.73 48.50
C ALA A 25 11.55 -10.02 49.63
N ARG A 26 11.03 -11.26 49.72
CA ARG A 26 10.08 -11.62 50.77
C ARG A 26 10.77 -11.62 52.13
N GLN A 27 11.94 -12.26 52.20
CA GLN A 27 12.73 -12.32 53.43
C GLN A 27 13.16 -10.94 53.93
N VAL A 28 13.31 -9.99 53.01
CA VAL A 28 13.74 -8.63 53.34
C VAL A 28 12.61 -7.83 53.99
N PHE A 29 11.48 -7.74 53.30
CA PHE A 29 10.36 -6.92 53.76
C PHE A 29 9.48 -7.65 54.78
N GLN A 30 9.27 -8.94 54.56
CA GLN A 30 8.41 -9.77 55.41
C GLN A 30 7.06 -9.10 55.65
N PRO A 31 6.26 -8.99 54.58
CA PRO A 31 4.96 -8.30 54.70
C PRO A 31 3.94 -9.15 55.45
N ALA A 32 2.91 -8.50 56.00
CA ALA A 32 1.83 -9.20 56.67
C ALA A 32 0.84 -9.73 55.63
N PHE A 33 1.35 -10.54 54.70
CA PHE A 33 0.56 -11.05 53.59
C PHE A 33 1.03 -12.44 53.20
N ALA A 34 0.10 -13.24 52.68
CA ALA A 34 0.42 -14.58 52.19
C ALA A 34 -0.67 -15.05 51.23
N PRO A 35 -0.35 -16.06 50.38
CA PRO A 35 -1.35 -16.58 49.44
C PRO A 35 -2.65 -17.00 50.12
N ALA A 36 -3.77 -16.76 49.46
CA ALA A 36 -5.09 -17.08 50.01
C ALA A 36 -5.24 -18.59 50.17
N VAL A 37 -6.03 -19.00 51.16
CA VAL A 37 -6.29 -20.41 51.41
C VAL A 37 -7.22 -20.94 50.32
N LEU A 38 -6.83 -22.05 49.71
CA LEU A 38 -7.64 -22.67 48.65
C LEU A 38 -8.08 -24.08 49.00
N SER A 39 -7.24 -24.82 49.72
CA SER A 39 -7.55 -26.20 50.11
C SER A 39 -8.17 -26.26 51.50
N LYS A 40 -8.95 -27.33 51.73
CA LYS A 40 -9.52 -27.60 53.06
C LYS A 40 -8.43 -28.07 54.03
N PHE A 41 -7.41 -28.74 53.50
CA PHE A 41 -6.32 -29.30 54.31
C PHE A 41 -5.10 -28.38 54.36
N ASP A 42 -5.32 -27.07 54.19
CA ASP A 42 -4.27 -26.08 54.31
C ASP A 42 -3.93 -25.93 55.80
N PRO A 43 -2.69 -26.28 56.19
CA PRO A 43 -2.35 -26.32 57.62
C PRO A 43 -2.20 -24.95 58.30
N ARG A 44 -2.23 -23.87 57.52
CA ARG A 44 -2.10 -22.52 58.06
C ARG A 44 -3.37 -22.02 58.76
N THR A 45 -4.48 -22.73 58.58
CA THR A 45 -5.77 -22.34 59.17
C THR A 45 -6.47 -23.52 59.82
N ASP A 46 -7.31 -23.22 60.81
CA ASP A 46 -8.15 -24.21 61.46
C ASP A 46 -9.39 -24.48 60.59
N ALA A 47 -9.90 -23.41 60.00
CA ALA A 47 -11.20 -23.44 59.33
C ALA A 47 -11.19 -24.17 57.99
N ASP A 48 -12.38 -24.62 57.59
CA ASP A 48 -12.63 -25.18 56.26
C ASP A 48 -12.97 -24.03 55.34
N VAL A 49 -12.22 -23.87 54.26
CA VAL A 49 -12.38 -22.73 53.35
C VAL A 49 -13.68 -22.79 52.54
N ASP A 50 -14.20 -23.99 52.30
CA ASP A 50 -15.48 -24.16 51.61
C ASP A 50 -16.65 -23.76 52.52
N GLU A 51 -16.53 -24.08 53.81
CA GLU A 51 -17.53 -23.68 54.80
C GLU A 51 -17.59 -22.16 54.97
N VAL A 52 -16.42 -21.52 55.04
CA VAL A 52 -16.35 -20.07 55.26
C VAL A 52 -16.88 -19.29 54.04
N ALA A 53 -16.68 -19.83 52.85
CA ALA A 53 -17.26 -19.25 51.63
C ALA A 53 -18.77 -19.44 51.58
N PHE A 54 -19.24 -20.61 52.02
CA PHE A 54 -20.67 -20.93 52.03
C PHE A 54 -21.42 -20.42 53.27
N SER A 55 -20.67 -20.02 54.31
CA SER A 55 -21.28 -19.43 55.51
C SER A 55 -21.88 -18.06 55.20
N LYS A 56 -21.25 -17.32 54.29
CA LYS A 56 -21.80 -16.08 53.77
C LYS A 56 -23.00 -16.38 52.88
N HIS A 57 -23.72 -15.33 52.48
CA HIS A 57 -24.99 -15.45 51.75
C HIS A 57 -26.09 -15.98 52.67
N THR A 58 -26.40 -15.22 53.71
CA THR A 58 -27.47 -15.56 54.65
C THR A 58 -28.83 -15.20 54.06
N SER A 59 -29.08 -13.90 53.90
CA SER A 59 -30.31 -13.41 53.29
C SER A 59 -30.25 -11.90 53.05
N ASN A 60 -30.49 -11.49 51.81
CA ASN A 60 -30.58 -10.06 51.47
C ASN A 60 -31.94 -9.51 51.86
N GLN A 61 -32.10 -8.19 51.77
CA GLN A 61 -33.35 -7.54 52.08
C GLN A 61 -34.40 -7.84 51.01
N GLU A 62 -35.60 -8.21 51.45
CA GLU A 62 -36.72 -8.42 50.54
C GLU A 62 -37.21 -7.05 50.05
N THR A 63 -37.48 -6.16 51.00
CA THR A 63 -37.94 -4.80 50.69
C THR A 63 -36.76 -3.84 50.67
N LEU A 64 -37.03 -2.59 50.30
CA LEU A 64 -36.02 -1.54 50.31
C LEU A 64 -36.73 -0.18 50.32
N PRO A 65 -36.34 0.73 51.25
CA PRO A 65 -37.02 2.03 51.40
C PRO A 65 -37.31 2.78 50.10
N PRO A 66 -38.37 3.62 50.09
CA PRO A 66 -38.78 4.32 48.89
C PRO A 66 -37.85 5.47 48.47
N VAL A 67 -36.92 5.84 49.35
CA VAL A 67 -35.95 6.89 49.05
C VAL A 67 -34.91 6.40 48.04
N PHE A 68 -34.64 5.10 48.04
CA PHE A 68 -33.72 4.49 47.07
C PHE A 68 -34.18 4.68 45.62
N ARG A 69 -35.49 4.72 45.39
CA ARG A 69 -36.02 4.87 44.04
C ARG A 69 -35.86 6.29 43.49
N MET A 70 -36.17 7.29 44.30
CA MET A 70 -36.11 8.69 43.83
C MET A 70 -34.68 9.17 43.64
N VAL A 71 -33.77 8.73 44.51
CA VAL A 71 -32.36 9.07 44.40
C VAL A 71 -31.70 8.32 43.24
N ALA A 72 -32.25 7.16 42.88
CA ALA A 72 -31.80 6.40 41.72
C ALA A 72 -32.21 7.08 40.41
N ARG A 73 -33.48 7.50 40.32
CA ARG A 73 -33.98 8.16 39.11
C ARG A 73 -33.43 9.58 38.96
N GLU A 74 -33.10 10.21 40.09
CA GLU A 74 -32.49 11.55 40.07
C GLU A 74 -31.03 11.47 39.64
N TYR A 75 -30.34 10.40 40.06
CA TYR A 75 -28.97 10.13 39.60
C TYR A 75 -28.98 9.77 38.11
N ALA A 76 -29.97 8.99 37.70
CA ALA A 76 -30.14 8.62 36.30
C ALA A 76 -30.25 9.85 35.40
N ASN A 77 -31.06 10.81 35.82
CA ASN A 77 -31.24 12.07 35.07
C ASN A 77 -29.93 12.77 34.80
N ARG A 78 -29.10 12.90 35.84
CA ARG A 78 -27.79 13.55 35.71
C ARG A 78 -26.86 12.80 34.76
N VAL A 79 -26.80 11.47 34.90
CA VAL A 79 -25.92 10.65 34.08
C VAL A 79 -26.31 10.74 32.61
N PHE A 80 -27.59 10.50 32.30
CA PHE A 80 -28.06 10.49 30.92
C PHE A 80 -28.22 11.88 30.31
N ALA A 81 -28.28 12.91 31.17
CA ALA A 81 -28.21 14.29 30.69
C ALA A 81 -26.85 14.57 30.08
N LEU A 82 -25.81 14.03 30.70
CA LEU A 82 -24.44 14.23 30.25
C LEU A 82 -24.05 13.27 29.12
N LEU A 83 -24.31 11.99 29.31
CA LEU A 83 -23.90 10.97 28.34
C LEU A 83 -24.86 10.82 27.16
N GLY A 84 -26.16 10.82 27.45
CA GLY A 84 -27.19 10.70 26.41
C GLY A 84 -27.92 9.36 26.45
N ARG A 85 -29.08 9.31 25.81
CA ARG A 85 -29.94 8.13 25.81
C ARG A 85 -29.91 7.38 24.48
N ASP A 86 -28.70 7.11 23.99
CA ASP A 86 -28.51 6.30 22.78
C ASP A 86 -27.66 5.08 23.15
N ASN A 87 -28.23 4.24 24.02
CA ASN A 87 -27.51 3.11 24.61
C ASN A 87 -28.05 1.78 24.10
N GLY A 88 -28.23 1.69 22.78
CA GLY A 88 -28.84 0.52 22.15
C GLY A 88 -27.92 -0.68 22.10
N ARG A 89 -28.50 -1.81 21.68
CA ARG A 89 -27.77 -3.07 21.56
C ARG A 89 -26.66 -2.98 20.52
N LEU A 90 -25.51 -3.55 20.83
CA LEU A 90 -24.39 -3.63 19.89
C LEU A 90 -24.42 -4.98 19.16
N SER A 91 -23.90 -5.01 17.94
CA SER A 91 -23.74 -6.25 17.19
C SER A 91 -22.65 -7.09 17.83
N VAL A 92 -22.65 -8.39 17.54
CA VAL A 92 -21.64 -9.31 18.08
C VAL A 92 -20.25 -8.95 17.57
N LYS A 93 -20.19 -8.34 16.38
CA LYS A 93 -18.93 -7.80 15.86
C LYS A 93 -18.42 -6.67 16.74
N GLN A 94 -19.30 -5.71 17.05
CA GLN A 94 -18.96 -4.56 17.88
C GLN A 94 -18.61 -4.96 19.32
N ALA A 95 -19.26 -5.99 19.84
CA ALA A 95 -19.02 -6.47 21.20
C ALA A 95 -17.62 -7.05 21.36
N LEU A 96 -17.25 -7.94 20.43
CA LEU A 96 -15.94 -8.60 20.47
C LEU A 96 -14.81 -7.62 20.16
N ASP A 97 -14.97 -6.84 19.09
CA ASP A 97 -13.98 -5.86 18.69
C ASP A 97 -13.92 -4.67 19.65
N GLY A 98 -15.04 -4.35 20.28
CA GLY A 98 -15.14 -3.18 21.14
C GLY A 98 -15.27 -1.91 20.32
N LEU A 99 -15.96 -0.92 20.85
CA LEU A 99 -16.12 0.37 20.17
C LEU A 99 -14.82 1.18 20.21
N GLU A 100 -14.78 2.24 19.40
CA GLU A 100 -13.61 3.11 19.35
C GLU A 100 -13.43 3.83 20.68
N GLY A 101 -12.34 3.51 21.37
CA GLY A 101 -12.12 3.98 22.75
C GLY A 101 -12.76 3.02 23.74
N MET A 102 -12.55 1.73 23.50
CA MET A 102 -13.07 0.67 24.36
C MET A 102 -12.34 -0.63 24.02
N ASP A 103 -11.74 -1.26 25.03
CA ASP A 103 -10.93 -2.46 24.81
C ASP A 103 -11.77 -3.60 24.25
N PRO A 104 -11.18 -4.40 23.33
CA PRO A 104 -11.87 -5.59 22.82
C PRO A 104 -11.94 -6.68 23.88
N MET A 105 -12.90 -7.60 23.74
CA MET A 105 -13.05 -8.69 24.69
C MET A 105 -11.76 -9.51 24.77
N ASP A 106 -11.35 -9.87 25.97
CA ASP A 106 -10.10 -10.56 26.20
C ASP A 106 -10.20 -12.01 25.75
N LYS A 107 -9.25 -12.43 24.92
CA LYS A 107 -9.27 -13.76 24.32
C LYS A 107 -8.75 -14.84 25.28
N ASN A 108 -8.04 -14.41 26.32
CA ASN A 108 -7.41 -15.33 27.28
C ASN A 108 -8.33 -15.72 28.44
N THR A 109 -9.24 -14.81 28.82
CA THR A 109 -10.17 -15.04 29.92
C THR A 109 -10.95 -16.35 29.74
N SER A 110 -11.32 -16.97 30.85
CA SER A 110 -12.05 -18.24 30.82
C SER A 110 -13.37 -18.13 30.06
N PRO A 111 -13.70 -19.14 29.24
CA PRO A 111 -14.97 -19.15 28.49
C PRO A 111 -16.17 -19.61 29.32
N GLY A 112 -15.93 -20.21 30.48
CA GLY A 112 -16.99 -20.70 31.35
C GLY A 112 -17.48 -22.08 30.95
N LEU A 113 -18.55 -22.54 31.59
CA LEU A 113 -19.09 -23.88 31.36
C LEU A 113 -19.93 -23.91 30.08
N PRO A 114 -19.94 -25.05 29.37
CA PRO A 114 -19.20 -26.29 29.63
C PRO A 114 -17.83 -26.35 28.93
N TYR A 115 -17.36 -25.20 28.44
CA TYR A 115 -16.17 -25.15 27.59
C TYR A 115 -14.89 -25.43 28.39
N THR A 116 -14.87 -25.02 29.65
CA THR A 116 -13.75 -25.28 30.54
C THR A 116 -13.68 -26.77 30.92
N THR A 117 -14.83 -27.40 31.08
CA THR A 117 -14.89 -28.84 31.34
C THR A 117 -14.39 -29.64 30.14
N LEU A 118 -14.69 -29.15 28.94
CA LEU A 118 -14.28 -29.80 27.70
C LEU A 118 -12.86 -29.42 27.26
N GLY A 119 -12.26 -28.46 27.96
CA GLY A 119 -10.86 -28.09 27.73
C GLY A 119 -10.66 -27.10 26.59
N MET A 120 -11.68 -26.29 26.32
CA MET A 120 -11.63 -25.31 25.23
C MET A 120 -11.44 -23.90 25.77
N ARG A 121 -10.86 -23.04 24.93
CA ARG A 121 -10.64 -21.63 25.26
C ARG A 121 -11.65 -20.77 24.50
N ARG A 122 -11.63 -19.46 24.73
CA ARG A 122 -12.54 -18.53 24.08
C ARG A 122 -12.36 -18.49 22.55
N THR A 123 -11.12 -18.58 22.09
CA THR A 123 -10.83 -18.54 20.64
C THR A 123 -11.23 -19.83 19.91
N ASP A 124 -11.53 -20.89 20.64
CA ASP A 124 -12.11 -22.10 20.05
C ASP A 124 -13.58 -21.87 19.72
N VAL A 125 -14.31 -21.32 20.69
CA VAL A 125 -15.77 -21.20 20.59
C VAL A 125 -16.26 -20.12 19.62
N VAL A 126 -15.42 -19.12 19.33
CA VAL A 126 -15.77 -18.08 18.34
C VAL A 126 -14.64 -17.77 17.38
N ASP A 127 -14.99 -17.14 16.26
CA ASP A 127 -14.03 -16.64 15.29
C ASP A 127 -14.04 -15.11 15.34
N TRP A 128 -12.93 -14.52 15.73
CA TRP A 128 -12.85 -13.07 15.97
C TRP A 128 -12.76 -12.28 14.67
N GLU A 129 -12.26 -12.93 13.62
CA GLU A 129 -12.21 -12.33 12.28
C GLU A 129 -13.62 -12.01 11.78
N THR A 130 -14.50 -13.02 11.82
CA THR A 130 -15.84 -12.92 11.26
C THR A 130 -16.94 -12.67 12.32
N ALA A 131 -16.59 -12.78 13.60
CA ALA A 131 -17.55 -12.70 14.69
C ALA A 131 -18.64 -13.77 14.52
N THR A 132 -18.20 -15.03 14.53
CA THR A 132 -19.07 -16.17 14.26
C THR A 132 -18.96 -17.21 15.38
N LEU A 133 -20.02 -17.36 16.16
CA LEU A 133 -20.10 -18.40 17.18
C LEU A 133 -20.30 -19.76 16.54
N ILE A 134 -19.78 -20.80 17.19
CA ILE A 134 -20.04 -22.18 16.76
C ILE A 134 -21.50 -22.54 17.07
N PRO A 135 -22.11 -23.43 16.25
CA PRO A 135 -23.52 -23.80 16.37
C PRO A 135 -24.04 -24.01 17.80
N PHE A 136 -23.27 -24.65 18.66
CA PHE A 136 -23.67 -24.90 20.05
C PHE A 136 -23.80 -23.60 20.85
N ALA A 137 -22.85 -22.69 20.64
CA ALA A 137 -22.85 -21.40 21.34
C ALA A 137 -23.88 -20.44 20.76
N ALA A 138 -24.08 -20.51 19.43
CA ALA A 138 -25.02 -19.65 18.74
C ALA A 138 -26.47 -19.87 19.18
N GLU A 139 -26.82 -21.14 19.41
CA GLU A 139 -28.19 -21.48 19.81
C GLU A 139 -28.46 -21.10 21.27
N ARG A 140 -27.42 -21.06 22.09
CA ARG A 140 -27.55 -20.63 23.49
C ARG A 140 -27.76 -19.12 23.60
N LEU A 141 -27.05 -18.36 22.77
CA LEU A 141 -27.25 -16.91 22.67
C LEU A 141 -28.63 -16.59 22.09
N GLU A 142 -29.12 -17.47 21.22
CA GLU A 142 -30.47 -17.36 20.65
C GLU A 142 -31.55 -17.49 21.72
N LYS A 143 -31.38 -18.46 22.62
CA LYS A 143 -32.35 -18.70 23.69
C LYS A 143 -32.38 -17.58 24.73
N MET A 144 -31.25 -16.91 24.92
CA MET A 144 -31.18 -15.77 25.84
C MET A 144 -31.86 -14.54 25.25
N ASN A 145 -31.85 -14.43 23.93
CA ASN A 145 -32.62 -13.39 23.24
C ASN A 145 -34.12 -13.65 23.35
N ASN A 146 -34.49 -14.93 23.46
CA ASN A 146 -35.88 -15.32 23.70
C ASN A 146 -36.22 -15.46 25.20
N LYS A 147 -35.65 -14.57 26.01
CA LYS A 147 -36.02 -14.41 27.42
C LYS A 147 -35.79 -15.66 28.30
N ASP A 148 -34.88 -16.53 27.90
CA ASP A 148 -34.63 -17.80 28.62
C ASP A 148 -33.16 -17.92 29.01
N PHE A 149 -32.89 -17.80 30.31
CA PHE A 149 -31.54 -17.91 30.85
C PHE A 149 -31.40 -19.15 31.74
N SER A 150 -32.06 -20.23 31.35
CA SER A 150 -32.09 -21.45 32.14
C SER A 150 -30.80 -22.28 32.00
N ASP A 151 -30.14 -22.14 30.86
CA ASP A 151 -28.90 -22.89 30.59
C ASP A 151 -27.68 -22.32 31.34
N ILE A 152 -27.78 -21.06 31.75
CA ILE A 152 -26.63 -20.33 32.29
C ILE A 152 -26.24 -20.81 33.70
N VAL A 153 -25.04 -21.37 33.81
CA VAL A 153 -24.49 -21.79 35.09
C VAL A 153 -23.10 -21.16 35.26
N TYR A 154 -22.93 -20.42 36.36
CA TYR A 154 -21.66 -19.77 36.66
C TYR A 154 -20.64 -20.79 37.19
N GLN A 155 -19.45 -20.79 36.60
CA GLN A 155 -18.33 -21.57 37.15
C GLN A 155 -17.75 -20.80 38.33
N THR A 156 -17.83 -21.40 39.51
CA THR A 156 -17.45 -20.72 40.75
C THR A 156 -16.28 -21.41 41.44
N PHE A 157 -15.34 -20.60 41.91
CA PHE A 157 -14.14 -21.11 42.59
C PHE A 157 -13.48 -20.03 43.45
N LEU A 158 -12.44 -20.41 44.18
CA LEU A 158 -11.77 -19.49 45.12
C LEU A 158 -10.70 -18.66 44.42
N LYS A 159 -10.59 -17.39 44.84
CA LYS A 159 -9.65 -16.44 44.25
C LYS A 159 -8.23 -16.68 44.76
N ASP A 160 -7.31 -16.94 43.83
CA ASP A 160 -5.90 -17.11 44.16
C ASP A 160 -5.20 -15.75 44.17
N GLU A 161 -4.92 -15.24 45.38
CA GLU A 161 -4.30 -13.93 45.55
C GLU A 161 -3.69 -13.79 46.93
N LEU A 162 -2.98 -12.70 47.17
CA LEU A 162 -2.46 -12.39 48.49
C LEU A 162 -3.57 -11.87 49.40
N ARG A 163 -3.49 -12.24 50.68
CA ARG A 163 -4.44 -11.78 51.68
C ARG A 163 -3.66 -11.38 52.94
N PRO A 164 -4.24 -10.52 53.79
CA PRO A 164 -3.65 -10.30 55.11
C PRO A 164 -3.60 -11.60 55.90
N ILE A 165 -2.65 -11.72 56.83
CA ILE A 165 -2.45 -12.96 57.58
C ILE A 165 -3.72 -13.36 58.37
N GLU A 166 -4.50 -12.35 58.76
CA GLU A 166 -5.76 -12.58 59.48
C GLU A 166 -6.78 -13.28 58.57
N LYS A 167 -6.82 -12.87 57.31
CA LYS A 167 -7.70 -13.48 56.32
C LYS A 167 -7.26 -14.89 55.94
N VAL A 168 -5.94 -15.12 55.95
CA VAL A 168 -5.37 -16.45 55.69
C VAL A 168 -5.67 -17.36 56.87
N GLN A 169 -5.42 -16.87 58.08
CA GLN A 169 -5.71 -17.61 59.31
C GLN A 169 -7.18 -17.98 59.46
N ALA A 170 -8.07 -17.03 59.11
CA ALA A 170 -9.52 -17.24 59.21
C ALA A 170 -10.12 -17.92 57.98
N ALA A 171 -9.30 -18.22 56.98
CA ALA A 171 -9.73 -18.90 55.75
C ALA A 171 -10.83 -18.12 55.00
N LYS A 172 -10.74 -16.79 55.06
CA LYS A 172 -11.68 -15.93 54.35
C LYS A 172 -11.16 -15.60 52.96
N THR A 173 -11.40 -16.51 52.03
CA THR A 173 -10.93 -16.38 50.66
C THR A 173 -12.07 -15.90 49.77
N ARG A 174 -11.78 -14.95 48.88
CA ARG A 174 -12.79 -14.37 48.00
C ARG A 174 -13.20 -15.36 46.90
N ILE A 175 -14.39 -15.15 46.35
CA ILE A 175 -14.98 -16.09 45.40
C ILE A 175 -15.06 -15.47 44.01
N VAL A 176 -14.52 -16.18 43.02
CA VAL A 176 -14.60 -15.78 41.63
C VAL A 176 -15.80 -16.48 40.99
N ASP A 177 -16.55 -15.72 40.19
CA ASP A 177 -17.66 -16.27 39.42
C ASP A 177 -17.39 -16.03 37.94
N VAL A 178 -17.27 -17.10 37.17
CA VAL A 178 -17.04 -16.99 35.73
C VAL A 178 -18.32 -17.37 34.98
N PRO A 179 -18.98 -16.39 34.34
CA PRO A 179 -20.14 -16.73 33.52
C PRO A 179 -19.73 -17.39 32.20
N PRO A 180 -20.69 -18.01 31.50
CA PRO A 180 -20.41 -18.50 30.15
C PRO A 180 -20.04 -17.38 29.19
N PHE A 181 -19.34 -17.72 28.11
CA PHE A 181 -18.84 -16.73 27.17
C PHE A 181 -19.96 -16.01 26.43
N GLU A 182 -21.07 -16.70 26.18
CA GLU A 182 -22.21 -16.11 25.47
C GLU A 182 -22.94 -15.10 26.35
N HIS A 183 -23.06 -15.44 27.63
CA HIS A 183 -23.60 -14.53 28.64
C HIS A 183 -22.75 -13.26 28.74
N CYS A 184 -21.44 -13.44 28.68
CA CYS A 184 -20.50 -12.33 28.76
C CYS A 184 -20.53 -11.47 27.49
N ILE A 185 -20.76 -12.11 26.35
CA ILE A 185 -20.98 -11.38 25.09
C ILE A 185 -22.27 -10.57 25.16
N LEU A 186 -23.37 -11.25 25.51
CA LEU A 186 -24.68 -10.62 25.58
C LEU A 186 -24.71 -9.43 26.55
N GLY A 187 -23.97 -9.54 27.65
CA GLY A 187 -23.81 -8.43 28.59
C GLY A 187 -23.22 -7.20 27.93
N ARG A 188 -22.16 -7.39 27.15
CA ARG A 188 -21.51 -6.29 26.44
C ARG A 188 -22.33 -5.78 25.26
N GLN A 189 -23.19 -6.63 24.70
CA GLN A 189 -24.13 -6.17 23.66
C GLN A 189 -25.13 -5.18 24.24
N LEU A 190 -25.75 -5.55 25.36
CA LEU A 190 -26.83 -4.77 25.96
C LEU A 190 -26.34 -3.51 26.69
N LEU A 191 -25.20 -3.61 27.36
CA LEU A 191 -24.68 -2.51 28.20
C LEU A 191 -23.37 -1.90 27.68
N GLY A 192 -22.92 -2.31 26.49
CA GLY A 192 -21.62 -1.87 25.96
C GLY A 192 -21.58 -0.42 25.52
N LYS A 193 -22.56 -0.02 24.71
CA LYS A 193 -22.61 1.34 24.17
C LYS A 193 -22.64 2.38 25.29
N PHE A 194 -23.34 2.06 26.38
CA PHE A 194 -23.37 2.91 27.56
C PHE A 194 -22.03 2.89 28.28
N ALA A 195 -21.47 1.70 28.45
CA ALA A 195 -20.19 1.52 29.15
C ALA A 195 -19.06 2.34 28.51
N SER A 196 -19.03 2.37 27.18
CA SER A 196 -18.00 3.12 26.45
C SER A 196 -18.04 4.62 26.78
N LYS A 197 -19.24 5.16 26.96
CA LYS A 197 -19.41 6.57 27.32
C LYS A 197 -19.09 6.81 28.79
N PHE A 198 -19.42 5.84 29.65
CA PHE A 198 -19.16 5.92 31.08
C PHE A 198 -17.65 5.86 31.37
N GLN A 199 -16.95 4.98 30.66
CA GLN A 199 -15.50 4.83 30.79
C GLN A 199 -14.73 6.11 30.44
N THR A 200 -15.14 6.77 29.35
CA THR A 200 -14.38 7.89 28.78
C THR A 200 -14.41 9.17 29.62
N GLN A 201 -15.39 9.29 30.52
CA GLN A 201 -15.56 10.53 31.30
C GLN A 201 -15.61 10.29 32.80
N PRO A 202 -14.45 9.95 33.40
CA PRO A 202 -14.38 9.84 34.86
C PRO A 202 -14.21 11.20 35.52
N GLY A 203 -14.95 11.44 36.60
CA GLY A 203 -14.92 12.73 37.28
C GLY A 203 -16.01 12.84 38.33
N LEU A 204 -16.12 14.01 38.94
CA LEU A 204 -17.07 14.23 40.03
C LEU A 204 -18.53 14.35 39.57
N GLU A 205 -18.75 14.84 38.35
CA GLU A 205 -20.11 15.00 37.84
C GLU A 205 -20.76 13.65 37.54
N LEU A 206 -20.04 12.78 36.85
CA LEU A 206 -20.52 11.43 36.59
C LEU A 206 -20.45 10.58 37.85
N GLY A 207 -19.57 10.97 38.77
CA GLY A 207 -19.46 10.33 40.09
C GLY A 207 -18.78 8.99 40.01
N SER A 208 -17.74 8.90 39.19
CA SER A 208 -17.10 7.63 38.88
C SER A 208 -15.63 7.81 38.50
N ALA A 209 -14.79 6.91 38.99
CA ALA A 209 -13.38 6.87 38.62
C ALA A 209 -13.10 5.70 37.66
N ILE A 210 -14.15 5.16 37.05
CA ILE A 210 -14.02 4.02 36.16
C ILE A 210 -13.36 4.43 34.85
N GLY A 211 -12.41 3.61 34.39
CA GLY A 211 -11.68 3.88 33.16
C GLY A 211 -10.67 5.00 33.27
N CYS A 212 -10.19 5.25 34.48
CA CYS A 212 -9.19 6.29 34.72
C CYS A 212 -7.78 5.71 34.65
N ASP A 213 -6.80 6.61 34.74
CA ASP A 213 -5.39 6.24 34.74
C ASP A 213 -4.69 7.06 35.83
N PRO A 214 -4.47 6.44 37.00
CA PRO A 214 -3.91 7.14 38.17
C PRO A 214 -2.78 8.13 37.87
N ASP A 215 -1.89 7.80 36.94
CA ASP A 215 -0.80 8.71 36.58
C ASP A 215 -1.29 10.06 36.07
N VAL A 216 -2.34 10.05 35.25
CA VAL A 216 -2.88 11.27 34.66
C VAL A 216 -4.05 11.84 35.49
N HIS A 217 -5.06 11.01 35.71
CA HIS A 217 -6.33 11.45 36.30
C HIS A 217 -6.27 11.83 37.79
N TRP A 218 -5.19 11.49 38.48
CA TRP A 218 -5.04 11.88 39.89
C TRP A 218 -4.96 13.40 40.03
N THR A 219 -4.37 14.05 39.04
CA THR A 219 -4.30 15.50 38.98
C THR A 219 -5.69 16.12 38.75
N ALA A 220 -6.49 15.46 37.92
CA ALA A 220 -7.87 15.91 37.64
C ALA A 220 -8.81 15.66 38.83
N PHE A 221 -8.72 14.49 39.44
CA PHE A 221 -9.49 14.19 40.65
C PHE A 221 -9.05 15.07 41.80
N GLY A 222 -7.73 15.29 41.90
CA GLY A 222 -7.15 16.09 42.98
C GLY A 222 -7.62 17.53 42.97
N VAL A 223 -7.47 18.20 41.83
CA VAL A 223 -7.86 19.60 41.69
C VAL A 223 -9.38 19.82 41.82
N ALA A 224 -10.16 18.83 41.40
CA ALA A 224 -11.62 18.90 41.47
C ALA A 224 -12.13 18.81 42.92
N MET A 225 -11.49 17.97 43.72
CA MET A 225 -11.84 17.80 45.14
C MET A 225 -11.04 18.74 46.04
N GLN A 226 -10.26 19.64 45.44
CA GLN A 226 -9.35 20.52 46.17
C GLN A 226 -10.10 21.65 46.85
N GLY A 227 -11.03 22.27 46.12
CA GLY A 227 -11.80 23.41 46.62
C GLY A 227 -12.76 23.09 47.75
N PHE A 228 -13.18 21.84 47.85
CA PHE A 228 -14.14 21.43 48.88
C PHE A 228 -13.55 21.51 50.28
N GLU A 229 -14.42 21.66 51.28
CA GLU A 229 -14.01 21.82 52.67
C GLU A 229 -13.56 20.50 53.28
N ARG A 230 -14.26 19.42 52.95
CA ARG A 230 -13.95 18.10 53.49
C ARG A 230 -14.01 17.01 52.43
N VAL A 231 -13.26 15.94 52.69
CA VAL A 231 -13.28 14.73 51.85
C VAL A 231 -13.21 13.51 52.78
N TYR A 232 -14.26 12.69 52.74
CA TYR A 232 -14.36 11.51 53.60
C TYR A 232 -13.98 10.24 52.83
N ASP A 233 -13.41 9.28 53.56
CA ASP A 233 -13.06 7.98 53.00
C ASP A 233 -13.97 6.92 53.62
N VAL A 234 -14.79 6.28 52.78
CA VAL A 234 -15.75 5.29 53.24
C VAL A 234 -15.56 3.96 52.50
N ASP A 235 -15.54 2.87 53.26
CA ASP A 235 -15.39 1.53 52.71
C ASP A 235 -16.55 0.64 53.12
N TYR A 236 -17.08 -0.12 52.17
CA TYR A 236 -18.17 -1.05 52.44
C TYR A 236 -17.61 -2.42 52.82
N SER A 237 -18.48 -3.25 53.42
CA SER A 237 -18.12 -4.61 53.80
C SER A 237 -19.03 -5.59 53.06
N ASN A 238 -18.42 -6.46 52.24
CA ASN A 238 -19.17 -7.37 51.37
C ASN A 238 -20.20 -6.62 50.53
N PHE A 239 -19.72 -5.68 49.73
CA PHE A 239 -20.58 -4.81 48.92
C PHE A 239 -21.29 -5.57 47.80
N ASP A 240 -20.57 -6.48 47.15
CA ASP A 240 -21.10 -7.24 46.02
C ASP A 240 -22.26 -8.15 46.42
N SER A 241 -22.10 -8.87 47.53
CA SER A 241 -23.09 -9.86 47.96
C SER A 241 -24.31 -9.26 48.65
N THR A 242 -24.15 -8.08 49.25
CA THR A 242 -25.23 -7.44 50.00
C THR A 242 -26.26 -6.70 49.12
N HIS A 243 -26.08 -6.72 47.80
CA HIS A 243 -27.08 -6.13 46.89
C HIS A 243 -28.35 -6.97 46.88
N SER A 244 -29.47 -6.33 47.20
CA SER A 244 -30.76 -7.00 47.22
C SER A 244 -31.30 -7.21 45.80
N VAL A 245 -32.22 -8.16 45.65
CA VAL A 245 -32.93 -8.37 44.38
C VAL A 245 -33.77 -7.14 44.02
N ALA A 246 -34.23 -6.40 45.04
CA ALA A 246 -34.96 -5.15 44.84
C ALA A 246 -34.07 -4.07 44.21
N MET A 247 -32.80 -4.05 44.58
CA MET A 247 -31.84 -3.12 44.00
C MET A 247 -31.67 -3.33 42.50
N PHE A 248 -31.66 -4.59 42.07
CA PHE A 248 -31.56 -4.93 40.65
C PHE A 248 -32.79 -4.46 39.87
N ARG A 249 -33.97 -4.60 40.47
CA ARG A 249 -35.21 -4.12 39.86
CA ARG A 249 -35.21 -4.11 39.87
C ARG A 249 -35.18 -2.59 39.70
N LEU A 250 -34.70 -1.91 40.74
CA LEU A 250 -34.56 -0.45 40.71
C LEU A 250 -33.72 0.00 39.52
N LEU A 251 -32.58 -0.68 39.32
CA LEU A 251 -31.69 -0.38 38.20
C LEU A 251 -32.36 -0.64 36.86
N ALA A 252 -33.09 -1.75 36.75
CA ALA A 252 -33.76 -2.12 35.50
C ALA A 252 -34.89 -1.15 35.14
N GLU A 253 -35.61 -0.68 36.16
CA GLU A 253 -36.77 0.18 35.95
C GLU A 253 -36.43 1.67 35.85
N GLU A 254 -35.47 2.12 36.67
CA GLU A 254 -35.16 3.56 36.77
C GLU A 254 -33.91 3.98 36.01
N PHE A 255 -32.85 3.14 36.02
CA PHE A 255 -31.56 3.49 35.42
C PHE A 255 -31.36 2.88 34.04
N PHE A 256 -31.21 1.56 33.97
CA PHE A 256 -30.98 0.86 32.70
C PHE A 256 -32.32 0.48 32.05
N SER A 257 -33.11 1.50 31.75
CA SER A 257 -34.48 1.30 31.28
C SER A 257 -34.63 1.70 29.81
N GLU A 258 -35.73 1.26 29.21
CA GLU A 258 -36.04 1.60 27.82
C GLU A 258 -36.33 3.09 27.66
N GLU A 259 -36.79 3.74 28.73
CA GLU A 259 -36.97 5.19 28.76
C GLU A 259 -35.65 5.92 28.54
N ASN A 260 -34.57 5.36 29.11
CA ASN A 260 -33.23 5.94 28.98
C ASN A 260 -32.42 5.35 27.82
N GLY A 261 -33.10 4.70 26.87
CA GLY A 261 -32.49 4.28 25.61
C GLY A 261 -31.77 2.95 25.64
N PHE A 262 -32.23 2.02 26.47
CA PHE A 262 -31.63 0.69 26.56
C PHE A 262 -32.50 -0.37 25.89
N ASP A 263 -31.89 -1.51 25.61
CA ASP A 263 -32.57 -2.64 24.99
C ASP A 263 -33.57 -3.26 25.98
N PRO A 264 -34.74 -3.72 25.50
CA PRO A 264 -35.73 -4.34 26.40
C PRO A 264 -35.21 -5.56 27.15
N LEU A 265 -34.26 -6.28 26.56
CA LEU A 265 -33.71 -7.51 27.16
C LEU A 265 -32.84 -7.25 28.39
N VAL A 266 -32.38 -6.01 28.57
CA VAL A 266 -31.55 -5.64 29.72
C VAL A 266 -32.16 -6.12 31.05
N LYS A 267 -33.47 -5.96 31.20
CA LYS A 267 -34.16 -6.38 32.42
C LYS A 267 -33.92 -7.87 32.72
N ASP A 268 -34.04 -8.71 31.70
CA ASP A 268 -33.84 -10.15 31.85
C ASP A 268 -32.39 -10.51 32.11
N TYR A 269 -31.46 -9.74 31.54
CA TYR A 269 -30.04 -9.91 31.81
C TYR A 269 -29.71 -9.57 33.25
N LEU A 270 -30.24 -8.46 33.75
CA LEU A 270 -30.02 -8.05 35.13
C LEU A 270 -30.60 -9.06 36.14
N GLU A 271 -31.68 -9.74 35.75
CA GLU A 271 -32.25 -10.81 36.58
C GLU A 271 -31.38 -12.06 36.60
N SER A 272 -30.58 -12.26 35.55
CA SER A 272 -29.60 -13.35 35.52
C SER A 272 -28.50 -13.14 36.55
N LEU A 273 -28.23 -11.89 36.88
CA LEU A 273 -27.27 -11.54 37.93
C LEU A 273 -27.93 -11.61 39.31
N ALA A 274 -29.18 -11.15 39.38
CA ALA A 274 -29.94 -11.12 40.63
C ALA A 274 -30.18 -12.53 41.18
N ILE A 275 -30.72 -13.40 40.34
CA ILE A 275 -30.91 -14.81 40.69
C ILE A 275 -30.06 -15.66 39.75
N SER A 276 -28.95 -16.18 40.28
CA SER A 276 -27.94 -16.88 39.48
C SER A 276 -27.72 -18.31 39.96
N LYS A 277 -27.37 -19.19 39.02
CA LYS A 277 -27.09 -20.60 39.31
C LYS A 277 -25.59 -20.85 39.22
N HIS A 278 -25.03 -21.51 40.24
CA HIS A 278 -23.57 -21.67 40.36
C HIS A 278 -23.17 -23.14 40.51
N ALA A 279 -21.95 -23.45 40.10
CA ALA A 279 -21.40 -24.80 40.20
C ALA A 279 -20.06 -24.77 40.94
N TYR A 280 -19.96 -25.59 42.00
CA TYR A 280 -18.78 -25.63 42.85
C TYR A 280 -18.47 -27.10 43.17
N GLU A 281 -17.39 -27.63 42.59
CA GLU A 281 -17.09 -29.06 42.63
C GLU A 281 -18.29 -29.85 42.07
N GLU A 282 -18.98 -30.62 42.90
CA GLU A 282 -20.21 -31.30 42.49
C GLU A 282 -21.46 -30.58 43.00
N LYS A 283 -21.26 -29.53 43.80
CA LYS A 283 -22.37 -28.79 44.38
C LYS A 283 -23.01 -27.89 43.32
N ARG A 284 -24.33 -27.81 43.35
CA ARG A 284 -25.07 -26.84 42.54
C ARG A 284 -25.98 -26.07 43.48
N TYR A 285 -25.99 -24.74 43.35
CA TYR A 285 -26.79 -23.90 44.23
C TYR A 285 -27.27 -22.61 43.56
N LEU A 286 -28.22 -21.94 44.21
CA LEU A 286 -28.95 -20.82 43.63
C LEU A 286 -28.96 -19.65 44.62
N ILE A 287 -28.22 -18.59 44.31
CA ILE A 287 -28.16 -17.41 45.19
C ILE A 287 -29.14 -16.35 44.72
N THR A 288 -30.07 -15.96 45.59
CA THR A 288 -31.06 -14.93 45.30
C THR A 288 -30.59 -13.59 45.85
N GLY A 289 -29.99 -12.78 44.99
CA GLY A 289 -29.45 -11.47 45.35
C GLY A 289 -27.94 -11.47 45.34
N GLY A 290 -27.36 -10.27 45.26
CA GLY A 290 -25.90 -10.11 45.21
C GLY A 290 -25.37 -10.17 43.79
N LEU A 291 -24.41 -9.32 43.49
CA LEU A 291 -23.82 -9.22 42.15
C LEU A 291 -22.65 -10.19 42.00
N PRO A 292 -22.72 -11.10 41.00
CA PRO A 292 -21.56 -11.96 40.72
C PRO A 292 -20.41 -11.21 40.05
N SER A 293 -19.20 -11.76 40.15
CA SER A 293 -18.04 -11.22 39.46
C SER A 293 -17.98 -11.74 38.03
N GLY A 294 -16.94 -11.36 37.28
CA GLY A 294 -16.76 -11.80 35.90
C GLY A 294 -17.24 -10.76 34.91
N CYS A 295 -16.53 -10.66 33.78
CA CYS A 295 -16.81 -9.67 32.73
C CYS A 295 -16.54 -8.22 33.20
N ALA A 296 -16.58 -7.28 32.26
CA ALA A 296 -16.21 -5.89 32.52
C ALA A 296 -17.32 -5.04 33.16
N ALA A 297 -18.55 -5.53 33.16
CA ALA A 297 -19.69 -4.77 33.66
C ALA A 297 -19.71 -4.60 35.18
N THR A 298 -19.09 -5.54 35.91
CA THR A 298 -19.19 -5.58 37.37
C THR A 298 -18.78 -4.29 38.08
N SER A 299 -17.64 -3.72 37.69
CA SER A 299 -17.12 -2.50 38.32
C SER A 299 -18.02 -1.30 38.07
N MET A 300 -18.55 -1.21 36.85
CA MET A 300 -19.48 -0.15 36.48
C MET A 300 -20.80 -0.26 37.26
N LEU A 301 -21.32 -1.48 37.37
CA LEU A 301 -22.57 -1.72 38.08
C LEU A 301 -22.48 -1.30 39.55
N ASN A 302 -21.39 -1.69 40.21
CA ASN A 302 -21.16 -1.28 41.61
C ASN A 302 -20.97 0.23 41.76
N THR A 303 -20.33 0.85 40.78
CA THR A 303 -20.14 2.31 40.78
C THR A 303 -21.48 3.04 40.69
N VAL A 304 -22.41 2.51 39.89
CA VAL A 304 -23.75 3.09 39.76
C VAL A 304 -24.53 2.92 41.06
N MET A 305 -24.51 1.71 41.61
CA MET A 305 -25.21 1.43 42.88
C MET A 305 -24.62 2.19 44.06
N ASN A 306 -23.31 2.43 44.02
CA ASN A 306 -22.61 3.11 45.12
C ASN A 306 -23.07 4.57 45.26
N ASN A 307 -23.22 5.26 44.14
CA ASN A 307 -23.73 6.63 44.14
C ASN A 307 -25.15 6.73 44.68
N ILE A 308 -25.96 5.69 44.43
CA ILE A 308 -27.33 5.62 44.91
C ILE A 308 -27.37 5.32 46.41
N ILE A 309 -26.65 4.27 46.83
CA ILE A 309 -26.70 3.78 48.20
C ILE A 309 -26.21 4.81 49.23
N ILE A 310 -25.06 5.43 48.96
CA ILE A 310 -24.47 6.39 49.89
C ILE A 310 -25.35 7.63 50.07
N ARG A 311 -26.00 8.08 48.99
CA ARG A 311 -26.89 9.23 49.07
C ARG A 311 -28.21 8.86 49.77
N ALA A 312 -28.69 7.64 49.54
CA ALA A 312 -29.90 7.15 50.20
C ALA A 312 -29.71 7.07 51.71
N GLY A 313 -28.52 6.65 52.14
CA GLY A 313 -28.16 6.64 53.55
C GLY A 313 -28.16 8.04 54.14
N LEU A 314 -27.63 9.00 53.38
CA LEU A 314 -27.62 10.40 53.78
C LEU A 314 -29.02 11.00 53.84
N TYR A 315 -29.84 10.72 52.82
CA TYR A 315 -31.24 11.15 52.82
C TYR A 315 -31.99 10.63 54.05
N LEU A 316 -31.75 9.37 54.40
CA LEU A 316 -32.38 8.75 55.58
C LEU A 316 -31.85 9.34 56.89
N THR A 317 -30.54 9.52 56.97
CA THR A 317 -29.90 10.01 58.20
C THR A 317 -30.09 11.51 58.38
N TYR A 318 -29.79 12.28 57.35
CA TYR A 318 -29.91 13.74 57.37
C TYR A 318 -31.21 14.18 56.70
N LYS A 319 -32.12 14.76 57.49
CA LYS A 319 -33.34 15.36 56.94
C LYS A 319 -32.99 16.67 56.22
N ASN A 320 -33.90 17.12 55.35
CA ASN A 320 -33.65 18.23 54.41
C ASN A 320 -32.23 18.23 53.83
N PHE A 321 -31.79 17.07 53.37
CA PHE A 321 -30.49 16.89 52.75
C PHE A 321 -30.65 16.98 51.24
N GLU A 322 -29.67 17.57 50.57
CA GLU A 322 -29.73 17.79 49.12
C GLU A 322 -28.84 16.80 48.37
N PHE A 323 -29.18 16.57 47.10
CA PHE A 323 -28.40 15.67 46.24
C PHE A 323 -27.03 16.27 45.93
N ASP A 324 -26.98 17.58 45.67
CA ASP A 324 -25.74 18.26 45.29
C ASP A 324 -24.89 18.70 46.49
N ASP A 325 -25.38 18.51 47.71
CA ASP A 325 -24.58 18.74 48.92
C ASP A 325 -23.31 17.88 48.90
N VAL A 326 -23.43 16.67 48.36
CA VAL A 326 -22.32 15.74 48.28
C VAL A 326 -21.93 15.45 46.83
N LYS A 327 -20.64 15.54 46.54
CA LYS A 327 -20.07 15.09 45.27
C LYS A 327 -19.28 13.82 45.54
N VAL A 328 -19.53 12.79 44.72
CA VAL A 328 -19.00 11.45 44.97
C VAL A 328 -17.96 11.07 43.91
N LEU A 329 -17.00 10.23 44.31
CA LEU A 329 -16.05 9.61 43.40
C LEU A 329 -15.82 8.18 43.86
N SER A 330 -16.06 7.21 42.97
CA SER A 330 -15.98 5.80 43.35
C SER A 330 -15.56 4.88 42.22
N TYR A 331 -14.83 3.83 42.59
CA TYR A 331 -14.47 2.75 41.68
C TYR A 331 -14.99 1.45 42.30
N GLY A 332 -16.26 1.16 42.04
CA GLY A 332 -16.92 0.03 42.68
C GLY A 332 -17.22 0.34 44.14
N ASP A 333 -16.84 -0.57 45.03
CA ASP A 333 -17.11 -0.39 46.47
C ASP A 333 -16.15 0.58 47.18
N ASP A 334 -15.12 1.05 46.47
CA ASP A 334 -14.22 2.05 47.01
C ASP A 334 -14.87 3.43 46.84
N LEU A 335 -15.22 4.07 47.96
CA LEU A 335 -16.05 5.28 47.93
C LEU A 335 -15.30 6.49 48.49
N LEU A 336 -15.59 7.66 47.92
CA LEU A 336 -14.93 8.92 48.31
C LEU A 336 -15.95 10.06 48.27
N VAL A 337 -16.31 10.59 49.43
CA VAL A 337 -17.31 11.65 49.55
C VAL A 337 -16.67 13.02 49.72
N ALA A 338 -16.98 13.94 48.81
CA ALA A 338 -16.51 15.32 48.89
C ALA A 338 -17.68 16.25 49.17
N THR A 339 -17.52 17.13 50.16
CA THR A 339 -18.61 18.02 50.58
C THR A 339 -18.13 19.20 51.42
N ASN A 340 -18.87 20.30 51.35
CA ASN A 340 -18.64 21.47 52.20
C ASN A 340 -19.25 21.32 53.60
N TYR A 341 -20.27 20.46 53.69
CA TYR A 341 -20.97 20.19 54.96
C TYR A 341 -20.09 19.37 55.91
N GLN A 342 -20.54 19.23 57.15
CA GLN A 342 -19.90 18.34 58.12
C GLN A 342 -20.80 17.13 58.34
N LEU A 343 -20.40 15.98 57.77
CA LEU A 343 -21.22 14.78 57.83
C LEU A 343 -20.69 13.79 58.88
N ASN A 344 -21.61 13.18 59.61
CA ASN A 344 -21.27 12.17 60.62
C ASN A 344 -21.69 10.79 60.12
N PHE A 345 -20.70 10.01 59.69
CA PHE A 345 -20.96 8.69 59.09
C PHE A 345 -21.13 7.56 60.11
N ASP A 346 -21.03 7.88 61.40
CA ASP A 346 -21.40 6.93 62.46
C ASP A 346 -22.91 6.69 62.47
N ARG A 347 -23.68 7.76 62.27
CA ARG A 347 -25.14 7.69 62.21
C ARG A 347 -25.64 7.21 60.85
N VAL A 348 -24.82 7.37 59.81
CA VAL A 348 -25.15 6.86 58.47
C VAL A 348 -24.97 5.34 58.43
N ARG A 349 -23.96 4.84 59.14
CA ARG A 349 -23.73 3.40 59.28
C ARG A 349 -24.92 2.69 59.90
N THR A 350 -25.51 3.30 60.93
CA THR A 350 -26.69 2.76 61.60
C THR A 350 -27.93 2.80 60.72
N SER A 351 -28.04 3.84 59.89
CA SER A 351 -29.15 3.98 58.95
C SER A 351 -29.11 2.90 57.87
N LEU A 352 -27.96 2.78 57.22
CA LEU A 352 -27.79 1.79 56.13
C LEU A 352 -27.78 0.35 56.64
N ALA A 353 -27.44 0.15 57.91
CA ALA A 353 -27.47 -1.18 58.52
C ALA A 353 -28.85 -1.83 58.39
N LYS A 354 -29.89 -1.02 58.51
CA LYS A 354 -31.27 -1.49 58.36
C LYS A 354 -31.57 -1.90 56.91
N THR A 355 -30.94 -1.20 55.96
CA THR A 355 -31.16 -1.46 54.53
C THR A 355 -30.26 -2.57 53.97
N GLY A 356 -29.38 -3.13 54.80
CA GLY A 356 -28.57 -4.28 54.40
C GLY A 356 -27.10 -3.99 54.18
N TYR A 357 -26.78 -2.76 53.77
CA TYR A 357 -25.40 -2.37 53.46
C TYR A 357 -24.64 -1.98 54.72
N LYS A 358 -23.36 -2.34 54.75
CA LYS A 358 -22.51 -2.16 55.94
C LYS A 358 -21.25 -1.38 55.58
N ILE A 359 -21.18 -0.13 56.06
CA ILE A 359 -20.00 0.71 55.85
C ILE A 359 -19.07 0.67 57.07
N THR A 360 -17.81 0.99 56.84
CA THR A 360 -16.79 0.97 57.88
C THR A 360 -15.86 2.17 57.67
N PRO A 361 -15.09 2.57 58.70
CA PRO A 361 -14.30 3.79 58.61
C PRO A 361 -13.00 3.67 57.81
N ALA A 362 -12.57 2.44 57.50
CA ALA A 362 -11.36 2.19 56.71
C ALA A 362 -10.07 2.63 57.43
N ASN A 363 -10.09 2.66 58.75
CA ASN A 363 -8.91 3.04 59.54
C ASN A 363 -8.69 2.13 60.77
N LYS A 364 -9.25 0.91 60.71
CA LYS A 364 -9.07 -0.11 61.75
C LYS A 364 -9.66 0.25 63.12
N THR A 365 -10.59 1.20 63.18
CA THR A 365 -11.22 1.59 64.45
C THR A 365 -12.59 2.23 64.22
N SER A 366 -13.62 1.67 64.87
CA SER A 366 -15.01 2.05 64.63
C SER A 366 -15.33 3.49 65.04
N THR A 367 -14.88 4.45 64.23
CA THR A 367 -15.16 5.86 64.44
C THR A 367 -14.89 6.63 63.14
N PHE A 368 -15.96 7.03 62.47
CA PHE A 368 -15.83 7.88 61.28
C PHE A 368 -15.45 9.29 61.74
N PRO A 369 -14.28 9.79 61.29
CA PRO A 369 -13.84 11.10 61.75
C PRO A 369 -14.68 12.22 61.17
N LEU A 370 -15.11 13.16 62.03
CA LEU A 370 -15.90 14.31 61.59
C LEU A 370 -15.10 15.20 60.65
N GLU A 371 -13.81 15.35 60.94
CA GLU A 371 -12.91 16.14 60.10
C GLU A 371 -12.04 15.22 59.25
N SER A 372 -12.02 15.48 57.94
CA SER A 372 -11.24 14.68 56.99
C SER A 372 -11.06 15.46 55.70
N THR A 373 -9.85 15.42 55.14
CA THR A 373 -9.51 16.19 53.94
C THR A 373 -8.89 15.32 52.85
N LEU A 374 -8.64 15.93 51.69
CA LEU A 374 -8.07 15.26 50.53
C LEU A 374 -6.76 14.52 50.85
N GLU A 375 -5.92 15.14 51.67
CA GLU A 375 -4.64 14.54 52.07
C GLU A 375 -4.80 13.29 52.96
N ASP A 376 -5.89 13.22 53.70
CA ASP A 376 -6.13 12.11 54.63
C ASP A 376 -6.64 10.84 53.95
N VAL A 377 -7.45 10.99 52.91
CA VAL A 377 -8.15 9.84 52.31
C VAL A 377 -7.25 8.92 51.48
N VAL A 378 -7.68 7.66 51.36
CA VAL A 378 -7.02 6.65 50.54
C VAL A 378 -8.00 6.10 49.52
N PHE A 379 -7.69 6.29 48.24
CA PHE A 379 -8.57 5.88 47.15
C PHE A 379 -7.78 5.04 46.15
N LEU A 380 -8.26 3.82 45.88
CA LEU A 380 -7.55 2.85 45.02
C LEU A 380 -6.14 2.53 45.53
N LYS A 381 -6.02 2.26 46.83
CA LYS A 381 -4.74 1.91 47.48
C LYS A 381 -3.70 3.04 47.41
N ARG A 382 -4.15 4.26 47.08
CA ARG A 382 -3.25 5.37 46.82
C ARG A 382 -3.66 6.62 47.61
N LYS A 383 -2.73 7.55 47.74
CA LYS A 383 -2.99 8.83 48.39
C LYS A 383 -2.78 9.97 47.40
N PHE A 384 -3.32 11.14 47.73
CA PHE A 384 -3.19 12.32 46.89
C PHE A 384 -2.04 13.21 47.37
N LYS A 385 -0.91 13.11 46.68
CA LYS A 385 0.31 13.83 47.01
C LYS A 385 0.49 15.01 46.05
N LYS A 386 0.25 16.23 46.54
CA LYS A 386 0.34 17.41 45.69
C LYS A 386 1.79 17.77 45.40
N GLU A 387 2.06 18.16 44.16
CA GLU A 387 3.40 18.57 43.73
C GLU A 387 3.28 19.64 42.64
N GLY A 388 3.31 20.91 43.06
CA GLY A 388 3.09 22.02 42.16
C GLY A 388 1.62 22.08 41.75
N PRO A 389 1.33 22.15 40.44
CA PRO A 389 -0.05 22.10 39.98
C PRO A 389 -0.60 20.67 39.80
N LEU A 390 0.23 19.66 40.05
CA LEU A 390 -0.15 18.26 39.85
C LEU A 390 -0.46 17.52 41.15
N TYR A 391 -1.01 16.32 41.02
CA TYR A 391 -1.16 15.37 42.13
C TYR A 391 -0.61 14.02 41.71
N ARG A 392 0.12 13.37 42.61
CA ARG A 392 0.77 12.09 42.33
C ARG A 392 0.13 10.96 43.12
N PRO A 393 -0.14 9.82 42.46
CA PRO A 393 -0.72 8.67 43.18
C PRO A 393 0.32 7.91 43.99
N VAL A 394 0.57 8.37 45.21
CA VAL A 394 1.52 7.72 46.10
C VAL A 394 0.88 6.49 46.72
N MET A 395 1.40 5.31 46.34
CA MET A 395 0.85 4.04 46.80
C MET A 395 1.40 3.68 48.17
N ASN A 396 0.61 2.94 48.94
CA ASN A 396 0.98 2.53 50.30
C ASN A 396 2.30 1.77 50.31
N ARG A 397 3.14 2.07 51.30
CA ARG A 397 4.46 1.43 51.42
C ARG A 397 4.36 -0.05 51.73
N GLU A 398 3.39 -0.42 52.57
CA GLU A 398 3.18 -1.81 52.96
C GLU A 398 2.58 -2.61 51.81
N ALA A 399 1.83 -1.93 50.93
CA ALA A 399 1.27 -2.56 49.75
C ALA A 399 2.35 -2.88 48.72
N LEU A 400 3.23 -1.92 48.46
CA LEU A 400 4.32 -2.09 47.50
C LEU A 400 5.25 -3.24 47.88
N GLU A 401 5.60 -3.33 49.16
CA GLU A 401 6.43 -4.42 49.67
C GLU A 401 5.76 -5.78 49.48
N ALA A 402 4.45 -5.83 49.71
CA ALA A 402 3.67 -7.06 49.56
C ALA A 402 3.60 -7.54 48.10
N MET A 403 3.48 -6.60 47.17
CA MET A 403 3.44 -6.93 45.75
C MET A 403 4.77 -7.54 45.28
N LEU A 404 5.87 -6.97 45.75
CA LEU A 404 7.20 -7.42 45.36
C LEU A 404 7.65 -8.69 46.08
N SER A 405 6.99 -9.04 47.18
CA SER A 405 7.36 -10.21 47.98
C SER A 405 6.92 -11.55 47.36
N TYR A 406 5.90 -11.53 46.52
CA TYR A 406 5.43 -12.73 45.83
C TYR A 406 5.34 -12.49 44.33
N TYR A 407 5.25 -13.57 43.56
CA TYR A 407 5.11 -13.48 42.10
C TYR A 407 4.66 -14.79 41.47
N ARG A 408 4.34 -14.74 40.18
CA ARG A 408 3.99 -15.93 39.40
C ARG A 408 5.13 -16.25 38.44
N PRO A 409 5.71 -17.46 38.54
CA PRO A 409 6.78 -17.90 37.63
C PRO A 409 6.46 -17.70 36.15
N GLY A 410 7.38 -17.09 35.41
CA GLY A 410 7.21 -16.83 33.99
C GLY A 410 7.01 -15.36 33.67
N THR A 411 6.16 -14.69 34.44
CA THR A 411 5.79 -13.30 34.19
C THR A 411 6.38 -12.36 35.26
N LEU A 412 7.65 -12.56 35.60
CA LEU A 412 8.31 -11.75 36.62
C LEU A 412 8.78 -10.40 36.06
N SER A 413 9.27 -10.41 34.82
CA SER A 413 9.75 -9.19 34.17
C SER A 413 8.60 -8.22 33.91
N GLU A 414 7.45 -8.75 33.47
CA GLU A 414 6.26 -7.94 33.24
C GLU A 414 5.77 -7.29 34.53
N LYS A 415 5.87 -8.05 35.63
CA LYS A 415 5.44 -7.57 36.95
C LYS A 415 6.31 -6.42 37.43
N LEU A 416 7.63 -6.62 37.40
CA LEU A 416 8.59 -5.60 37.84
C LEU A 416 8.46 -4.32 37.01
N THR A 417 8.18 -4.46 35.72
CA THR A 417 8.00 -3.30 34.83
C THR A 417 6.83 -2.43 35.30
N SER A 418 5.71 -3.08 35.62
CA SER A 418 4.50 -2.35 36.03
C SER A 418 4.63 -1.74 37.44
N ILE A 419 5.34 -2.42 38.33
CA ILE A 419 5.52 -1.94 39.71
C ILE A 419 6.45 -0.71 39.79
N THR A 420 7.36 -0.56 38.82
CA THR A 420 8.23 0.63 38.77
C THR A 420 7.43 1.91 38.54
N MET A 421 6.33 1.81 37.80
CA MET A 421 5.47 2.95 37.51
C MET A 421 4.61 3.33 38.72
N LEU A 422 4.46 2.41 39.67
CA LEU A 422 3.79 2.66 40.93
C LEU A 422 4.76 3.24 41.97
N ALA A 423 5.94 2.62 42.08
CA ALA A 423 6.94 3.00 43.07
C ALA A 423 7.62 4.34 42.77
N VAL A 424 7.54 4.79 41.52
CA VAL A 424 8.13 6.07 41.11
C VAL A 424 7.65 7.27 41.94
N HIS A 425 6.40 7.20 42.41
CA HIS A 425 5.80 8.31 43.14
C HIS A 425 6.19 8.33 44.62
N SER A 426 6.83 7.26 45.10
CA SER A 426 7.29 7.17 46.49
C SER A 426 8.67 7.82 46.70
N GLY A 427 9.33 8.25 45.62
CA GLY A 427 10.62 8.93 45.71
C GLY A 427 11.79 8.02 45.35
N LYS A 428 12.89 8.63 44.91
CA LYS A 428 14.08 7.89 44.47
C LYS A 428 14.66 6.98 45.54
N GLN A 429 14.73 7.48 46.77
CA GLN A 429 15.28 6.72 47.90
C GLN A 429 14.42 5.49 48.18
N GLU A 430 13.12 5.71 48.29
CA GLU A 430 12.17 4.61 48.54
C GLU A 430 12.09 3.66 47.33
N TYR A 431 12.20 4.22 46.12
CA TYR A 431 12.19 3.44 44.88
C TYR A 431 13.35 2.44 44.86
N ASP A 432 14.56 2.96 45.04
CA ASP A 432 15.78 2.13 44.99
C ASP A 432 15.85 1.14 46.16
N ARG A 433 15.20 1.46 47.28
CA ARG A 433 15.12 0.54 48.41
C ARG A 433 14.26 -0.68 48.10
N LEU A 434 13.14 -0.45 47.42
CA LEU A 434 12.18 -1.51 47.10
C LEU A 434 12.71 -2.50 46.05
N PHE A 435 13.49 -2.00 45.10
CA PHE A 435 14.07 -2.84 44.05
C PHE A 435 15.49 -3.33 44.35
N ALA A 436 16.07 -2.83 45.44
CA ALA A 436 17.43 -3.24 45.85
C ALA A 436 17.58 -4.76 45.99
N PRO A 437 16.62 -5.44 46.63
CA PRO A 437 16.68 -6.90 46.73
C PRO A 437 16.87 -7.62 45.39
N PHE A 438 16.21 -7.12 44.34
CA PHE A 438 16.29 -7.74 43.02
C PHE A 438 17.62 -7.45 42.34
N ARG A 439 18.08 -6.20 42.42
CA ARG A 439 19.40 -5.82 41.91
C ARG A 439 20.52 -6.57 42.63
N GLU A 440 20.32 -6.85 43.92
CA GLU A 440 21.29 -7.60 44.73
C GLU A 440 21.52 -9.01 44.20
N VAL A 441 20.50 -9.62 43.62
CA VAL A 441 20.59 -10.98 43.08
C VAL A 441 20.66 -10.96 41.54
N GLY A 442 21.22 -9.88 40.98
CA GLY A 442 21.49 -9.81 39.55
C GLY A 442 20.25 -9.70 38.69
N VAL A 443 19.42 -8.71 38.97
CA VAL A 443 18.23 -8.41 38.16
C VAL A 443 18.19 -6.90 37.91
N ILE A 444 18.41 -6.49 36.66
CA ILE A 444 18.37 -5.07 36.31
C ILE A 444 16.94 -4.54 36.29
N VAL A 445 16.78 -3.30 36.75
CA VAL A 445 15.50 -2.59 36.64
C VAL A 445 15.79 -1.16 36.19
N PRO A 446 14.83 -0.53 35.49
CA PRO A 446 15.05 0.83 34.99
C PRO A 446 15.44 1.81 36.10
N THR A 447 16.19 2.84 35.74
CA THR A 447 16.56 3.88 36.69
C THR A 447 15.31 4.66 37.12
N PHE A 448 15.34 5.19 38.34
CA PHE A 448 14.28 6.04 38.84
C PHE A 448 14.02 7.22 37.88
N GLU A 449 15.10 7.82 37.39
CA GLU A 449 15.01 8.99 36.52
C GLU A 449 14.38 8.65 35.18
N SER A 450 14.59 7.42 34.71
CA SER A 450 13.97 6.94 33.46
C SER A 450 12.45 6.92 33.56
N VAL A 451 11.93 6.35 34.65
CA VAL A 451 10.48 6.23 34.84
C VAL A 451 9.82 7.50 35.35
N GLU A 452 10.58 8.32 36.10
CA GLU A 452 10.07 9.62 36.59
C GLU A 452 9.91 10.57 35.41
N TYR A 453 10.89 10.57 34.51
CA TYR A 453 10.82 11.33 33.26
C TYR A 453 9.62 10.91 32.43
N ARG A 454 9.39 9.60 32.34
CA ARG A 454 8.28 9.04 31.57
C ARG A 454 6.93 9.57 32.06
N TRP A 455 6.79 9.69 33.38
CA TRP A 455 5.58 10.23 33.98
C TRP A 455 5.37 11.70 33.64
N ARG A 456 6.45 12.48 33.66
CA ARG A 456 6.37 13.91 33.33
C ARG A 456 6.08 14.15 31.84
N SER A 457 6.42 13.18 30.99
CA SER A 457 6.12 13.25 29.56
C SER A 457 4.62 13.23 29.27
N LEU A 458 3.84 12.70 30.19
CA LEU A 458 2.38 12.60 30.03
C LEU A 458 1.70 13.97 30.03
N PHE A 459 2.29 14.93 30.73
CA PHE A 459 1.69 16.25 30.91
C PHE A 459 2.18 17.29 29.88
N TRP A 460 3.17 16.92 29.07
CA TRP A 460 3.64 17.79 27.98
C TRP A 460 2.75 17.64 26.76
N GLY B 1 -5.96 16.43 7.52
CA GLY B 1 -6.76 16.36 6.27
C GLY B 1 -6.62 15.03 5.54
N ALA B 2 -7.12 14.97 4.31
CA ALA B 2 -7.01 13.78 3.48
C ALA B 2 -5.56 13.55 3.04
N LEU B 3 -4.92 14.63 2.58
CA LEU B 3 -3.54 14.60 2.10
C LEU B 3 -3.39 13.59 0.95
N GLU B 4 -4.25 13.76 -0.06
CA GLU B 4 -4.29 12.85 -1.21
C GLU B 4 -3.08 13.08 -2.11
N ARG B 5 -2.49 11.98 -2.59
CA ARG B 5 -1.24 12.05 -3.35
C ARG B 5 -1.51 12.09 -4.87
N LEU B 6 -0.88 13.04 -5.55
CA LEU B 6 -0.99 13.19 -7.00
C LEU B 6 0.32 12.74 -7.67
N PRO B 7 0.31 12.56 -9.00
CA PRO B 7 1.56 12.25 -9.70
C PRO B 7 2.58 13.39 -9.63
N ASP B 8 3.86 13.04 -9.68
CA ASP B 8 4.94 14.02 -9.51
C ASP B 8 4.97 15.03 -10.66
N GLY B 9 4.98 16.32 -10.30
CA GLY B 9 5.09 17.41 -11.27
C GLY B 9 6.52 17.85 -11.43
N PRO B 10 6.74 19.01 -12.07
CA PRO B 10 8.09 19.60 -12.16
C PRO B 10 8.65 19.98 -10.79
N ARG B 11 9.96 19.93 -10.64
CA ARG B 11 10.61 20.20 -9.35
C ARG B 11 10.66 21.70 -9.04
N ILE B 12 10.08 22.08 -7.90
CA ILE B 12 10.20 23.45 -7.38
C ILE B 12 11.02 23.41 -6.10
N HIS B 13 11.99 24.32 -5.98
CA HIS B 13 12.97 24.25 -4.90
C HIS B 13 12.40 24.66 -3.55
N VAL B 14 12.93 24.04 -2.50
CA VAL B 14 12.63 24.38 -1.12
C VAL B 14 13.93 24.83 -0.45
N PRO B 15 13.93 26.02 0.20
CA PRO B 15 15.15 26.46 0.89
C PRO B 15 15.55 25.53 2.05
N ARG B 16 16.75 24.95 1.95
CA ARG B 16 17.23 24.00 2.95
C ARG B 16 18.34 24.56 3.85
N LYS B 17 18.78 25.78 3.57
CA LYS B 17 19.78 26.46 4.39
C LYS B 17 19.13 27.57 5.21
N THR B 18 19.55 27.68 6.48
CA THR B 18 19.05 28.72 7.36
C THR B 18 19.83 30.01 7.17
N ALA B 19 19.16 31.14 7.27
CA ALA B 19 19.80 32.46 7.23
C ALA B 19 20.10 32.97 8.64
N LEU B 20 19.77 32.18 9.66
CA LEU B 20 20.02 32.55 11.05
C LEU B 20 21.49 32.38 11.39
N ARG B 21 22.00 33.28 12.24
CA ARG B 21 23.36 33.20 12.74
C ARG B 21 23.35 33.58 14.22
N PRO B 22 24.33 33.07 15.00
CA PRO B 22 24.36 33.36 16.43
C PRO B 22 24.99 34.73 16.74
N THR B 23 24.47 35.39 17.77
CA THR B 23 25.06 36.63 18.28
C THR B 23 25.96 36.31 19.46
N VAL B 24 26.63 37.34 19.97
CA VAL B 24 27.44 37.20 21.20
C VAL B 24 26.57 36.90 22.42
N ALA B 25 25.29 37.27 22.36
CA ALA B 25 24.34 37.05 23.45
C ALA B 25 23.96 35.57 23.67
N ARG B 26 24.14 34.74 22.64
CA ARG B 26 23.75 33.33 22.72
C ARG B 26 24.46 32.59 23.86
N GLN B 27 25.78 32.71 23.91
CA GLN B 27 26.59 32.00 24.91
C GLN B 27 26.40 32.50 26.35
N VAL B 28 25.88 33.72 26.51
CA VAL B 28 25.62 34.28 27.84
C VAL B 28 24.29 33.80 28.40
N PHE B 29 23.23 33.84 27.58
CA PHE B 29 21.90 33.44 28.02
C PHE B 29 21.64 31.95 27.80
N GLN B 30 22.08 31.42 26.65
CA GLN B 30 21.96 30.00 26.32
C GLN B 30 20.50 29.51 26.39
N PRO B 31 19.69 29.90 25.39
CA PRO B 31 18.27 29.58 25.41
C PRO B 31 17.98 28.14 25.05
N ALA B 32 16.72 27.73 25.20
CA ALA B 32 16.26 26.43 24.74
C ALA B 32 15.62 26.56 23.36
N PHE B 33 16.22 27.40 22.51
CA PHE B 33 15.72 27.69 21.17
C PHE B 33 16.88 27.73 20.18
N ALA B 34 16.59 27.35 18.94
CA ALA B 34 17.59 27.34 17.87
C ALA B 34 16.89 27.31 16.51
N PRO B 35 17.62 27.65 15.43
CA PRO B 35 17.02 27.63 14.09
C PRO B 35 16.37 26.29 13.72
N ALA B 36 15.27 26.34 12.98
CA ALA B 36 14.50 25.15 12.64
C ALA B 36 15.24 24.29 11.62
N VAL B 37 14.97 22.98 11.68
CA VAL B 37 15.59 22.03 10.76
C VAL B 37 14.92 22.14 9.40
N LEU B 38 15.71 22.48 8.37
CA LEU B 38 15.20 22.62 7.01
C LEU B 38 15.70 21.52 6.06
N SER B 39 16.63 20.69 6.54
CA SER B 39 17.31 19.71 5.70
C SER B 39 17.10 18.27 6.19
N LYS B 40 17.20 17.32 5.26
CA LYS B 40 17.15 15.89 5.59
C LYS B 40 18.49 15.40 6.14
N PHE B 41 19.56 16.14 5.86
CA PHE B 41 20.91 15.77 6.28
C PHE B 41 21.41 16.71 7.38
N ASP B 42 20.54 17.05 8.33
CA ASP B 42 20.87 17.93 9.43
C ASP B 42 21.32 17.08 10.62
N PRO B 43 22.56 17.27 11.11
CA PRO B 43 23.09 16.41 12.18
C PRO B 43 22.55 16.72 13.58
N ARG B 44 21.77 17.79 13.73
CA ARG B 44 21.16 18.13 15.02
C ARG B 44 19.97 17.24 15.37
N THR B 45 19.44 16.53 14.38
CA THR B 45 18.31 15.62 14.56
C THR B 45 18.53 14.31 13.81
N ASP B 46 17.87 13.24 14.28
CA ASP B 46 17.94 11.93 13.62
C ASP B 46 16.79 11.69 12.65
N ALA B 47 15.64 12.31 12.92
CA ALA B 47 14.45 12.15 12.08
C ALA B 47 14.55 12.94 10.78
N ASP B 48 13.82 12.48 9.76
CA ASP B 48 13.73 13.18 8.48
C ASP B 48 12.66 14.26 8.58
N VAL B 49 13.00 15.48 8.18
CA VAL B 49 12.07 16.60 8.21
C VAL B 49 10.96 16.46 7.15
N ASP B 50 11.26 15.77 6.06
CA ASP B 50 10.28 15.53 5.00
C ASP B 50 9.22 14.49 5.40
N GLU B 51 9.59 13.54 6.25
CA GLU B 51 8.62 12.60 6.81
C GLU B 51 7.61 13.34 7.69
N VAL B 52 8.12 14.21 8.57
CA VAL B 52 7.28 15.06 9.41
C VAL B 52 6.62 16.12 8.52
N ALA B 53 5.43 16.58 8.92
CA ALA B 53 4.58 17.47 8.12
C ALA B 53 3.72 16.64 7.15
N PHE B 54 4.38 15.82 6.34
CA PHE B 54 3.69 14.78 5.56
C PHE B 54 3.14 13.68 6.48
N SER B 55 3.70 13.55 7.67
CA SER B 55 3.14 12.68 8.72
C SER B 55 1.83 13.27 9.24
N LYS B 56 1.27 12.65 10.28
CA LYS B 56 -0.01 13.07 10.87
C LYS B 56 -1.07 13.37 9.80
N HIS B 57 -1.85 14.44 9.94
CA HIS B 57 -2.90 14.81 8.97
C HIS B 57 -3.90 13.67 8.78
N THR B 58 -4.72 13.46 9.81
CA THR B 58 -5.84 12.51 9.72
C THR B 58 -7.07 13.27 9.22
N SER B 59 -7.95 12.54 8.51
CA SER B 59 -9.13 13.16 7.88
C SER B 59 -10.05 13.80 8.91
N ASN B 60 -10.63 14.93 8.54
CA ASN B 60 -11.53 15.68 9.42
C ASN B 60 -12.90 15.01 9.56
N GLN B 61 -13.66 15.45 10.56
CA GLN B 61 -14.99 14.91 10.83
C GLN B 61 -15.99 15.25 9.72
N GLU B 62 -15.78 16.40 9.08
CA GLU B 62 -16.66 16.90 8.02
C GLU B 62 -18.06 17.30 8.54
N THR B 63 -18.88 16.30 8.87
CA THR B 63 -20.23 16.55 9.37
C THR B 63 -20.21 17.03 10.83
N LEU B 64 -20.18 18.34 11.02
CA LEU B 64 -20.23 18.94 12.35
C LEU B 64 -21.66 18.90 12.90
N PRO B 65 -21.81 19.02 14.24
CA PRO B 65 -23.16 19.05 14.82
C PRO B 65 -23.92 20.34 14.49
N PRO B 66 -25.23 20.38 14.80
CA PRO B 66 -26.04 21.58 14.48
C PRO B 66 -25.77 22.81 15.35
N VAL B 67 -25.01 22.64 16.43
CA VAL B 67 -24.72 23.75 17.35
C VAL B 67 -23.81 24.81 16.71
N PHE B 68 -22.91 24.38 15.84
CA PHE B 68 -21.99 25.29 15.15
C PHE B 68 -22.71 26.27 14.21
N ARG B 69 -23.80 25.82 13.59
CA ARG B 69 -24.59 26.66 12.69
C ARG B 69 -25.31 27.79 13.45
N MET B 70 -25.81 27.47 14.63
CA MET B 70 -26.52 28.45 15.48
C MET B 70 -25.56 29.55 15.95
N VAL B 71 -24.50 29.14 16.63
CA VAL B 71 -23.53 30.07 17.21
C VAL B 71 -22.77 30.90 16.17
N ALA B 72 -22.62 30.36 14.96
CA ALA B 72 -21.97 31.09 13.86
C ALA B 72 -22.80 32.31 13.44
N ARG B 73 -24.08 32.08 13.18
CA ARG B 73 -25.00 33.17 12.83
C ARG B 73 -25.34 34.05 14.03
N GLU B 74 -25.28 33.48 15.24
CA GLU B 74 -25.49 34.25 16.47
C GLU B 74 -24.32 35.21 16.72
N TYR B 75 -23.10 34.75 16.42
CA TYR B 75 -21.91 35.61 16.50
C TYR B 75 -21.93 36.69 15.41
N ALA B 76 -22.49 36.35 14.25
CA ALA B 76 -22.63 37.30 13.15
C ALA B 76 -23.49 38.51 13.54
N ASN B 77 -24.44 38.32 14.44
CA ASN B 77 -25.28 39.41 14.94
C ASN B 77 -24.52 40.38 15.85
N ARG B 78 -23.58 39.86 16.64
CA ARG B 78 -22.74 40.69 17.50
C ARG B 78 -21.85 41.61 16.66
N VAL B 79 -21.17 41.04 15.68
CA VAL B 79 -20.46 41.81 14.66
C VAL B 79 -21.47 42.30 13.62
N PHE B 80 -20.99 42.94 12.55
CA PHE B 80 -21.85 43.46 11.46
C PHE B 80 -22.84 44.53 11.91
N ALA B 81 -23.72 44.19 12.86
CA ALA B 81 -24.63 45.16 13.48
C ALA B 81 -23.88 46.37 14.03
N LEU B 82 -22.68 46.13 14.57
CA LEU B 82 -21.82 47.20 15.07
C LEU B 82 -20.98 47.83 13.95
N LEU B 83 -20.33 46.98 13.16
CA LEU B 83 -19.45 47.45 12.08
C LEU B 83 -20.24 47.95 10.87
N GLY B 84 -20.96 47.04 10.22
CA GLY B 84 -21.76 47.36 9.04
C GLY B 84 -21.92 46.16 8.12
N ARG B 85 -22.82 46.29 7.15
CA ARG B 85 -23.04 45.28 6.13
C ARG B 85 -22.72 45.81 4.73
N ASP B 86 -21.84 46.79 4.65
CA ASP B 86 -21.36 47.34 3.38
C ASP B 86 -19.98 46.77 3.08
N ASN B 87 -19.92 45.44 3.04
CA ASN B 87 -18.66 44.71 2.89
C ASN B 87 -18.50 44.13 1.49
N GLY B 88 -18.65 44.99 0.49
CA GLY B 88 -18.63 44.56 -0.91
C GLY B 88 -17.23 44.30 -1.46
N ARG B 89 -17.18 43.95 -2.73
CA ARG B 89 -15.93 43.68 -3.43
C ARG B 89 -15.13 44.96 -3.66
N LEU B 90 -13.83 44.90 -3.41
CA LEU B 90 -12.91 45.99 -3.73
C LEU B 90 -12.29 45.75 -5.09
N SER B 91 -11.87 46.82 -5.76
CA SER B 91 -11.21 46.72 -7.05
C SER B 91 -9.78 46.17 -6.92
N VAL B 92 -9.15 45.87 -8.05
CA VAL B 92 -7.79 45.34 -8.06
C VAL B 92 -6.81 46.41 -7.56
N LYS B 93 -7.09 47.67 -7.88
CA LYS B 93 -6.28 48.79 -7.41
C LYS B 93 -6.48 49.04 -5.91
N GLN B 94 -7.71 48.88 -5.44
CA GLN B 94 -8.03 49.04 -4.01
C GLN B 94 -7.38 47.97 -3.12
N ALA B 95 -7.06 46.81 -3.70
CA ALA B 95 -6.33 45.78 -2.98
C ALA B 95 -4.86 46.19 -2.76
N LEU B 96 -4.26 46.77 -3.79
CA LEU B 96 -2.84 47.14 -3.77
C LEU B 96 -2.56 48.44 -3.02
N ASP B 97 -3.38 49.46 -3.27
CA ASP B 97 -3.12 50.82 -2.77
C ASP B 97 -2.79 50.96 -1.27
N GLY B 98 -3.67 50.53 -0.35
CA GLY B 98 -4.95 49.90 -0.66
C GLY B 98 -5.45 49.08 0.52
N LEU B 99 -6.33 49.62 1.37
CA LEU B 99 -6.86 50.98 1.29
C LEU B 99 -6.99 51.57 2.69
N GLU B 100 -6.88 52.90 2.79
CA GLU B 100 -6.93 53.59 4.07
C GLU B 100 -8.27 53.34 4.79
N GLY B 101 -8.25 53.06 6.09
CA GLY B 101 -7.05 52.98 6.93
C GLY B 101 -6.54 51.56 7.10
N MET B 102 -5.56 51.19 6.28
CA MET B 102 -4.94 49.85 6.34
C MET B 102 -3.65 49.85 5.53
N ASP B 103 -2.71 49.01 5.95
CA ASP B 103 -1.43 48.87 5.24
C ASP B 103 -1.64 48.17 3.89
N PRO B 104 -0.81 48.51 2.88
CA PRO B 104 -0.95 47.93 1.54
C PRO B 104 -0.35 46.53 1.45
N MET B 105 -0.54 45.88 0.30
CA MET B 105 0.08 44.58 0.04
C MET B 105 1.59 44.75 -0.11
N ASP B 106 2.34 43.71 0.27
CA ASP B 106 3.79 43.76 0.22
C ASP B 106 4.28 43.55 -1.21
N LYS B 107 5.27 44.35 -1.62
CA LYS B 107 5.76 44.36 -2.99
C LYS B 107 6.93 43.41 -3.24
N ASN B 108 7.53 42.90 -2.15
CA ASN B 108 8.72 42.05 -2.24
C ASN B 108 8.49 40.57 -1.85
N THR B 109 7.28 40.24 -1.41
CA THR B 109 6.94 38.86 -1.04
C THR B 109 6.82 37.99 -2.29
N SER B 110 7.08 36.70 -2.14
CA SER B 110 7.05 35.75 -3.25
C SER B 110 5.72 35.77 -4.01
N PRO B 111 5.76 35.73 -5.35
CA PRO B 111 4.55 35.75 -6.17
C PRO B 111 3.86 34.39 -6.33
N GLY B 112 4.53 33.31 -5.91
CA GLY B 112 3.95 31.96 -5.99
C GLY B 112 4.11 31.34 -7.36
N LEU B 113 3.41 30.23 -7.58
CA LEU B 113 3.51 29.49 -8.84
C LEU B 113 2.57 30.06 -9.92
N PRO B 114 2.98 29.98 -11.20
CA PRO B 114 4.24 29.46 -11.73
C PRO B 114 5.28 30.58 -11.96
N TYR B 115 5.26 31.60 -11.12
CA TYR B 115 6.09 32.80 -11.33
C TYR B 115 7.49 32.63 -10.75
N THR B 116 7.60 31.93 -9.63
CA THR B 116 8.90 31.70 -8.98
C THR B 116 9.83 30.79 -9.80
N THR B 117 9.25 29.93 -10.64
CA THR B 117 10.04 29.06 -11.52
C THR B 117 10.76 29.85 -12.63
N LEU B 118 10.25 31.05 -12.93
CA LEU B 118 10.90 31.96 -13.87
C LEU B 118 11.43 33.22 -13.14
N GLY B 119 11.87 33.04 -11.89
CA GLY B 119 12.45 34.12 -11.09
C GLY B 119 11.73 35.46 -11.14
N MET B 120 10.40 35.43 -11.21
CA MET B 120 9.60 36.66 -11.28
C MET B 120 9.32 37.20 -9.88
N ARG B 121 8.71 38.38 -9.84
CA ARG B 121 8.34 39.03 -8.58
C ARG B 121 6.91 39.55 -8.67
N ARG B 122 6.43 40.13 -7.57
CA ARG B 122 5.14 40.82 -7.56
C ARG B 122 5.20 42.14 -8.33
N THR B 123 6.38 42.72 -8.42
CA THR B 123 6.59 43.95 -9.20
C THR B 123 6.61 43.70 -10.71
N ASP B 124 6.92 42.47 -11.12
CA ASP B 124 6.98 42.09 -12.53
C ASP B 124 5.66 41.47 -13.04
N VAL B 125 4.81 41.02 -12.12
CA VAL B 125 3.52 40.42 -12.47
C VAL B 125 2.40 41.47 -12.56
N VAL B 126 2.55 42.58 -11.86
CA VAL B 126 1.60 43.69 -11.92
C VAL B 126 2.29 45.05 -11.91
N ASP B 127 1.55 46.07 -12.34
CA ASP B 127 2.00 47.46 -12.24
C ASP B 127 1.21 48.11 -11.10
N TRP B 128 1.91 48.46 -10.01
CA TRP B 128 1.26 48.92 -8.78
C TRP B 128 0.60 50.30 -8.91
N GLU B 129 1.19 51.17 -9.73
CA GLU B 129 0.67 52.52 -9.89
C GLU B 129 -0.60 52.56 -10.74
N THR B 130 -0.59 51.84 -11.87
CA THR B 130 -1.73 51.81 -12.79
C THR B 130 -2.69 50.64 -12.56
N ALA B 131 -2.24 49.63 -11.81
CA ALA B 131 -3.06 48.45 -11.48
C ALA B 131 -3.44 47.64 -12.73
N THR B 132 -2.41 47.19 -13.46
CA THR B 132 -2.60 46.40 -14.68
C THR B 132 -1.82 45.10 -14.60
N LEU B 133 -2.53 43.97 -14.72
CA LEU B 133 -1.91 42.65 -14.69
C LEU B 133 -1.38 42.26 -16.07
N ILE B 134 -0.46 41.29 -16.09
CA ILE B 134 -0.01 40.70 -17.35
C ILE B 134 -1.09 39.73 -17.85
N PRO B 135 -1.16 39.50 -19.18
CA PRO B 135 -2.18 38.65 -19.79
C PRO B 135 -2.50 37.36 -19.04
N PHE B 136 -1.49 36.63 -18.59
CA PHE B 136 -1.67 35.35 -17.90
C PHE B 136 -2.32 35.52 -16.53
N ALA B 137 -1.88 36.54 -15.78
CA ALA B 137 -2.45 36.86 -14.48
C ALA B 137 -3.86 37.45 -14.62
N ALA B 138 -4.03 38.32 -15.61
CA ALA B 138 -5.34 38.91 -15.92
C ALA B 138 -6.34 37.86 -16.39
N GLU B 139 -5.84 36.85 -17.12
CA GLU B 139 -6.68 35.75 -17.59
C GLU B 139 -7.16 34.87 -16.44
N ARG B 140 -6.27 34.55 -15.52
CA ARG B 140 -6.63 33.68 -14.38
C ARG B 140 -7.46 34.39 -13.32
N LEU B 141 -7.52 35.73 -13.35
CA LEU B 141 -8.31 36.50 -12.38
C LEU B 141 -9.72 36.79 -12.89
N GLU B 142 -9.83 37.59 -13.95
CA GLU B 142 -11.13 38.04 -14.47
C GLU B 142 -11.92 36.90 -15.12
N LYS B 143 -11.19 35.93 -15.68
CA LYS B 143 -11.77 34.65 -16.08
C LYS B 143 -11.30 33.59 -15.08
N MET B 144 -11.83 32.37 -15.21
CA MET B 144 -11.49 31.24 -14.36
C MET B 144 -11.82 31.45 -12.87
N ASN B 145 -11.08 32.32 -12.18
CA ASN B 145 -11.35 32.62 -10.77
C ASN B 145 -12.76 33.18 -10.56
N ASN B 146 -13.10 34.21 -11.32
CA ASN B 146 -14.44 34.83 -11.24
C ASN B 146 -15.55 33.96 -11.84
N LYS B 147 -15.17 33.05 -12.75
CA LYS B 147 -16.13 32.12 -13.38
C LYS B 147 -16.14 30.73 -12.72
N ASP B 148 -15.66 30.64 -11.48
CA ASP B 148 -15.65 29.38 -10.71
C ASP B 148 -14.84 28.29 -11.40
N PHE B 149 -13.52 28.42 -11.29
CA PHE B 149 -12.58 27.51 -11.96
C PHE B 149 -11.25 27.52 -11.22
N SER B 150 -10.93 26.42 -10.54
CA SER B 150 -9.72 26.33 -9.73
C SER B 150 -8.62 25.54 -10.44
N ASP B 151 -7.60 26.26 -10.89
CA ASP B 151 -6.39 25.64 -11.45
C ASP B 151 -5.14 26.28 -10.84
N ILE B 152 -5.27 26.76 -9.60
CA ILE B 152 -4.17 27.40 -8.88
C ILE B 152 -3.53 26.43 -7.90
N VAL B 153 -2.22 26.57 -7.70
CA VAL B 153 -1.45 25.67 -6.83
C VAL B 153 -0.61 26.46 -5.83
N TYR B 154 -0.69 26.07 -4.57
CA TYR B 154 0.10 26.71 -3.51
C TYR B 154 1.54 26.22 -3.56
N GLN B 155 2.49 27.13 -3.33
CA GLN B 155 3.89 26.78 -3.21
C GLN B 155 4.21 26.56 -1.73
N THR B 156 4.73 25.38 -1.41
CA THR B 156 4.97 25.00 -0.02
C THR B 156 6.45 24.82 0.27
N PHE B 157 6.89 25.39 1.40
CA PHE B 157 8.26 25.21 1.88
C PHE B 157 8.34 25.34 3.40
N LEU B 158 9.46 24.91 3.96
CA LEU B 158 9.65 24.91 5.42
C LEU B 158 10.01 26.30 5.93
N LYS B 159 9.46 26.66 7.09
CA LYS B 159 9.66 27.99 7.67
C LYS B 159 11.04 28.10 8.32
N ASP B 160 11.86 29.01 7.82
CA ASP B 160 13.16 29.31 8.40
C ASP B 160 12.98 30.25 9.60
N GLU B 161 13.00 29.68 10.80
CA GLU B 161 12.75 30.44 12.02
C GLU B 161 13.36 29.74 13.24
N LEU B 162 13.28 30.40 14.39
CA LEU B 162 13.70 29.80 15.65
C LEU B 162 12.59 28.94 16.22
N ARG B 163 12.95 27.74 16.68
CA ARG B 163 12.01 26.83 17.34
C ARG B 163 12.64 26.21 18.58
N PRO B 164 11.80 25.68 19.50
CA PRO B 164 12.34 25.00 20.69
C PRO B 164 13.24 23.80 20.35
N ILE B 165 14.18 23.51 21.25
CA ILE B 165 15.13 22.40 21.06
C ILE B 165 14.40 21.06 20.89
N GLU B 166 13.25 20.93 21.55
CA GLU B 166 12.41 19.74 21.40
C GLU B 166 11.90 19.59 19.95
N LYS B 167 11.52 20.71 19.34
CA LYS B 167 11.03 20.72 17.97
C LYS B 167 12.17 20.61 16.96
N VAL B 168 13.35 21.08 17.35
CA VAL B 168 14.56 20.95 16.52
C VAL B 168 14.98 19.50 16.41
N GLN B 169 15.10 18.83 17.55
CA GLN B 169 15.51 17.42 17.59
C GLN B 169 14.45 16.49 16.99
N ALA B 170 13.18 16.84 17.16
CA ALA B 170 12.08 16.09 16.56
C ALA B 170 11.90 16.40 15.07
N ALA B 171 12.51 17.48 14.62
CA ALA B 171 12.43 17.94 13.22
C ALA B 171 11.01 18.37 12.86
N LYS B 172 10.35 19.05 13.81
CA LYS B 172 8.99 19.54 13.61
C LYS B 172 9.02 21.02 13.24
N THR B 173 9.23 21.28 11.95
CA THR B 173 9.29 22.65 11.43
C THR B 173 7.93 23.06 10.87
N ARG B 174 7.57 24.33 11.05
CA ARG B 174 6.28 24.84 10.57
C ARG B 174 6.31 25.04 9.07
N ILE B 175 5.12 25.02 8.47
CA ILE B 175 4.96 25.06 7.01
C ILE B 175 4.45 26.42 6.55
N VAL B 176 4.85 26.83 5.35
CA VAL B 176 4.41 28.09 4.75
C VAL B 176 3.87 27.84 3.35
N ASP B 177 2.54 27.91 3.21
CA ASP B 177 1.89 27.75 1.92
C ASP B 177 1.68 29.11 1.26
N VAL B 178 2.48 29.40 0.24
CA VAL B 178 2.40 30.68 -0.49
C VAL B 178 1.49 30.51 -1.71
N PRO B 179 0.37 31.25 -1.75
CA PRO B 179 -0.53 31.17 -2.90
C PRO B 179 -0.04 32.04 -4.06
N PRO B 180 -0.54 31.78 -5.29
CA PRO B 180 -0.28 32.69 -6.40
C PRO B 180 -0.84 34.09 -6.16
N PHE B 181 -0.28 35.09 -6.84
CA PHE B 181 -0.61 36.49 -6.58
C PHE B 181 -2.00 36.91 -7.08
N GLU B 182 -2.58 36.14 -7.99
CA GLU B 182 -3.95 36.41 -8.48
C GLU B 182 -4.96 35.95 -7.42
N HIS B 183 -4.72 34.75 -6.88
CA HIS B 183 -5.50 34.21 -5.78
C HIS B 183 -5.34 35.06 -4.52
N CYS B 184 -4.14 35.62 -4.33
CA CYS B 184 -3.83 36.48 -3.20
C CYS B 184 -4.58 37.81 -3.26
N ILE B 185 -4.64 38.41 -4.45
CA ILE B 185 -5.39 39.66 -4.67
C ILE B 185 -6.90 39.43 -4.51
N LEU B 186 -7.40 38.36 -5.13
CA LEU B 186 -8.83 38.03 -5.09
C LEU B 186 -9.37 37.90 -3.65
N GLY B 187 -8.55 37.35 -2.76
CA GLY B 187 -8.91 37.26 -1.35
C GLY B 187 -9.03 38.63 -0.69
N ARG B 188 -8.12 39.53 -1.05
CA ARG B 188 -8.13 40.89 -0.52
C ARG B 188 -9.25 41.75 -1.12
N GLN B 189 -9.76 41.35 -2.29
CA GLN B 189 -10.92 42.00 -2.88
C GLN B 189 -12.20 41.61 -2.17
N LEU B 190 -12.40 40.31 -1.97
CA LEU B 190 -13.65 39.78 -1.42
C LEU B 190 -13.86 40.13 0.05
N LEU B 191 -12.81 40.00 0.86
CA LEU B 191 -12.90 40.21 2.31
C LEU B 191 -12.06 41.40 2.80
N GLY B 192 -11.67 42.29 1.89
CA GLY B 192 -10.79 43.41 2.23
C GLY B 192 -11.48 44.51 3.02
N LYS B 193 -12.66 44.93 2.55
CA LYS B 193 -13.41 46.01 3.17
C LYS B 193 -13.86 45.64 4.59
N PHE B 194 -14.17 44.35 4.79
CA PHE B 194 -14.50 43.84 6.12
C PHE B 194 -13.27 43.86 7.04
N ALA B 195 -12.12 43.48 6.50
CA ALA B 195 -10.87 43.42 7.26
C ALA B 195 -10.41 44.79 7.77
N SER B 196 -10.64 45.84 6.97
CA SER B 196 -10.26 47.20 7.35
C SER B 196 -11.05 47.67 8.58
N LYS B 197 -12.34 47.38 8.60
CA LYS B 197 -13.20 47.72 9.74
C LYS B 197 -12.94 46.79 10.93
N PHE B 198 -12.62 45.53 10.65
CA PHE B 198 -12.32 44.53 11.68
C PHE B 198 -11.02 44.85 12.41
N GLN B 199 -9.99 45.25 11.65
CA GLN B 199 -8.69 45.59 12.22
C GLN B 199 -8.71 46.85 13.08
N THR B 200 -9.44 47.86 12.64
CA THR B 200 -9.47 49.17 13.30
C THR B 200 -10.21 49.20 14.64
N GLN B 201 -11.00 48.16 14.94
CA GLN B 201 -11.76 48.09 16.18
C GLN B 201 -11.56 46.76 16.93
N PRO B 202 -10.38 46.58 17.55
CA PRO B 202 -10.11 45.40 18.36
C PRO B 202 -10.62 45.57 19.79
N GLY B 203 -11.16 44.51 20.37
CA GLY B 203 -11.65 44.54 21.76
C GLY B 203 -12.54 43.36 22.11
N LEU B 204 -13.03 43.37 23.35
CA LEU B 204 -13.94 42.32 23.84
C LEU B 204 -15.30 42.39 23.15
N GLU B 205 -15.69 43.59 22.70
CA GLU B 205 -16.94 43.79 21.99
C GLU B 205 -16.98 42.94 20.71
N LEU B 206 -15.97 43.13 19.86
CA LEU B 206 -15.87 42.37 18.61
C LEU B 206 -15.33 40.95 18.86
N GLY B 207 -14.57 40.79 19.95
CA GLY B 207 -14.02 39.49 20.30
C GLY B 207 -12.76 39.18 19.51
N SER B 208 -11.83 40.14 19.51
CA SER B 208 -10.63 40.04 18.70
C SER B 208 -9.58 41.09 19.10
N ALA B 209 -8.32 40.77 18.82
CA ALA B 209 -7.22 41.71 19.00
C ALA B 209 -6.45 41.87 17.70
N ILE B 210 -7.13 41.65 16.57
CA ILE B 210 -6.52 41.73 15.26
C ILE B 210 -6.24 43.19 14.90
N GLY B 211 -4.98 43.49 14.59
CA GLY B 211 -4.56 44.85 14.25
C GLY B 211 -4.56 45.77 15.46
N CYS B 212 -3.48 45.71 16.24
CA CYS B 212 -3.34 46.56 17.43
C CYS B 212 -1.89 46.65 17.89
N ASP B 213 -1.56 47.75 18.56
CA ASP B 213 -0.24 47.96 19.14
C ASP B 213 -0.26 47.47 20.60
N PRO B 214 0.54 46.42 20.92
CA PRO B 214 0.57 45.89 22.28
C PRO B 214 0.91 46.92 23.37
N ASP B 215 1.79 47.87 23.06
CA ASP B 215 2.19 48.89 24.02
C ASP B 215 1.02 49.81 24.41
N VAL B 216 0.12 50.08 23.47
CA VAL B 216 -0.99 51.00 23.68
C VAL B 216 -2.25 50.27 24.18
N HIS B 217 -2.71 49.29 23.41
CA HIS B 217 -4.01 48.65 23.63
C HIS B 217 -4.17 47.85 24.93
N TRP B 218 -3.05 47.47 25.55
CA TRP B 218 -3.11 46.68 26.79
C TRP B 218 -3.72 47.42 27.99
N THR B 219 -3.71 48.75 27.94
CA THR B 219 -4.46 49.56 28.91
C THR B 219 -5.97 49.34 28.73
N ALA B 220 -6.42 49.32 27.47
CA ALA B 220 -7.82 49.08 27.14
C ALA B 220 -8.24 47.63 27.41
N PHE B 221 -7.36 46.69 27.08
CA PHE B 221 -7.62 45.27 27.35
C PHE B 221 -7.69 44.98 28.85
N GLY B 222 -6.77 45.58 29.61
CA GLY B 222 -6.70 45.37 31.05
C GLY B 222 -7.90 45.92 31.82
N VAL B 223 -8.33 47.14 31.46
CA VAL B 223 -9.46 47.79 32.12
C VAL B 223 -10.77 47.07 31.78
N ALA B 224 -10.91 46.60 30.54
CA ALA B 224 -12.11 45.91 30.09
C ALA B 224 -12.31 44.56 30.78
N MET B 225 -11.21 43.89 31.13
CA MET B 225 -11.25 42.58 31.79
C MET B 225 -11.20 42.67 33.33
N GLN B 226 -10.89 43.86 33.86
CA GLN B 226 -10.70 44.05 35.30
C GLN B 226 -11.98 43.79 36.11
N GLY B 227 -13.13 44.16 35.54
CA GLY B 227 -14.41 43.98 36.22
C GLY B 227 -14.87 42.54 36.38
N PHE B 228 -14.30 41.63 35.58
CA PHE B 228 -14.68 40.22 35.62
C PHE B 228 -14.08 39.50 36.82
N GLU B 229 -14.64 38.33 37.14
CA GLU B 229 -14.24 37.57 38.33
C GLU B 229 -12.89 36.88 38.13
N ARG B 230 -12.83 35.97 37.16
CA ARG B 230 -11.63 35.17 36.92
C ARG B 230 -11.46 34.86 35.43
N VAL B 231 -10.51 35.53 34.78
CA VAL B 231 -10.22 35.35 33.36
C VAL B 231 -9.23 34.20 33.19
N TYR B 232 -9.57 33.22 32.34
CA TYR B 232 -8.77 32.01 32.17
C TYR B 232 -8.10 31.94 30.78
N ASP B 233 -6.86 31.44 30.76
CA ASP B 233 -6.08 31.26 29.53
C ASP B 233 -6.33 29.90 28.89
N VAL B 234 -6.48 29.89 27.57
CA VAL B 234 -6.70 28.65 26.82
C VAL B 234 -5.89 28.68 25.52
N ASP B 235 -5.45 27.51 25.07
CA ASP B 235 -4.75 27.36 23.79
C ASP B 235 -5.23 26.10 23.07
N TYR B 236 -4.95 26.04 21.77
CA TYR B 236 -5.34 24.89 20.93
C TYR B 236 -4.12 24.08 20.52
N SER B 237 -4.38 22.88 20.00
CA SER B 237 -3.34 21.99 19.51
C SER B 237 -3.54 21.73 18.02
N ASN B 238 -2.66 22.33 17.20
CA ASN B 238 -2.78 22.27 15.74
C ASN B 238 -4.13 22.80 15.26
N PHE B 239 -4.34 24.10 15.46
CA PHE B 239 -5.64 24.74 15.21
C PHE B 239 -5.90 25.04 13.74
N ASP B 240 -4.85 25.37 12.99
CA ASP B 240 -5.01 25.70 11.57
C ASP B 240 -5.35 24.48 10.72
N SER B 241 -4.68 23.37 10.98
CA SER B 241 -4.87 22.14 10.21
C SER B 241 -6.16 21.40 10.56
N THR B 242 -6.59 21.49 11.81
CA THR B 242 -7.77 20.73 12.28
C THR B 242 -9.13 21.22 11.75
N HIS B 243 -9.17 22.43 11.18
CA HIS B 243 -10.43 22.99 10.68
C HIS B 243 -11.14 22.07 9.69
N SER B 244 -12.41 21.81 9.97
CA SER B 244 -13.22 20.91 9.16
C SER B 244 -13.55 21.53 7.79
N VAL B 245 -13.88 20.69 6.83
CA VAL B 245 -14.26 21.14 5.49
C VAL B 245 -15.62 21.85 5.48
N ALA B 246 -16.52 21.44 6.37
CA ALA B 246 -17.85 22.04 6.48
C ALA B 246 -17.84 23.32 7.32
N MET B 247 -16.75 23.57 8.04
CA MET B 247 -16.58 24.84 8.76
C MET B 247 -16.49 26.01 7.76
N PHE B 248 -15.91 25.74 6.59
CA PHE B 248 -15.84 26.72 5.51
C PHE B 248 -17.22 26.99 4.89
N ARG B 249 -18.04 25.95 4.80
CA ARG B 249 -19.43 26.10 4.35
C ARG B 249 -20.27 26.93 5.32
N LEU B 250 -20.05 26.72 6.62
CA LEU B 250 -20.74 27.50 7.66
C LEU B 250 -20.40 28.98 7.58
N LEU B 251 -19.12 29.29 7.38
CA LEU B 251 -18.68 30.67 7.22
C LEU B 251 -19.20 31.30 5.92
N ALA B 252 -19.23 30.51 4.85
CA ALA B 252 -19.73 30.98 3.56
C ALA B 252 -21.23 31.20 3.54
N GLU B 253 -21.96 30.46 4.38
CA GLU B 253 -23.42 30.52 4.42
C GLU B 253 -23.96 31.45 5.53
N GLU B 254 -23.36 31.37 6.72
CA GLU B 254 -23.88 32.05 7.90
C GLU B 254 -23.15 33.36 8.27
N PHE B 255 -21.90 33.51 7.84
CA PHE B 255 -21.08 34.67 8.23
C PHE B 255 -20.72 35.56 7.04
N PHE B 256 -19.84 35.07 6.16
CA PHE B 256 -19.42 35.82 4.97
C PHE B 256 -20.39 35.53 3.83
N SER B 257 -21.63 35.97 3.98
CA SER B 257 -22.70 35.64 3.05
C SER B 257 -23.23 36.86 2.32
N GLU B 258 -24.06 36.62 1.31
CA GLU B 258 -24.70 37.69 0.53
C GLU B 258 -25.77 38.43 1.35
N GLU B 259 -26.24 37.79 2.42
CA GLU B 259 -27.12 38.46 3.40
C GLU B 259 -26.41 39.61 4.10
N ASN B 260 -25.11 39.45 4.33
CA ASN B 260 -24.29 40.46 5.00
C ASN B 260 -23.46 41.33 4.04
N GLY B 261 -23.90 41.41 2.79
CA GLY B 261 -23.31 42.33 1.80
C GLY B 261 -21.97 41.91 1.21
N PHE B 262 -21.63 40.63 1.33
CA PHE B 262 -20.39 40.11 0.73
C PHE B 262 -20.65 39.63 -0.70
N ASP B 263 -19.57 39.51 -1.47
CA ASP B 263 -19.65 39.10 -2.86
C ASP B 263 -20.10 37.63 -2.96
N PRO B 264 -20.92 37.29 -3.98
CA PRO B 264 -21.32 35.89 -4.20
C PRO B 264 -20.17 34.91 -4.41
N LEU B 265 -19.03 35.38 -4.91
CA LEU B 265 -17.88 34.53 -5.20
C LEU B 265 -17.16 33.99 -3.96
N VAL B 266 -17.37 34.63 -2.80
CA VAL B 266 -16.75 34.19 -1.54
C VAL B 266 -17.04 32.72 -1.20
N LYS B 267 -18.17 32.20 -1.69
CA LYS B 267 -18.50 30.79 -1.57
C LYS B 267 -17.40 29.93 -2.19
N ASP B 268 -17.01 30.30 -3.42
CA ASP B 268 -16.00 29.56 -4.18
C ASP B 268 -14.58 29.83 -3.71
N TYR B 269 -14.33 31.02 -3.20
CA TYR B 269 -12.98 31.39 -2.71
C TYR B 269 -12.59 30.57 -1.48
N LEU B 270 -13.51 30.44 -0.53
CA LEU B 270 -13.27 29.66 0.68
C LEU B 270 -13.18 28.15 0.39
N GLU B 271 -13.80 27.72 -0.71
CA GLU B 271 -13.66 26.34 -1.18
C GLU B 271 -12.24 26.04 -1.68
N SER B 272 -11.61 27.04 -2.29
CA SER B 272 -10.22 26.90 -2.74
C SER B 272 -9.24 26.73 -1.58
N LEU B 273 -9.56 27.31 -0.43
CA LEU B 273 -8.75 27.17 0.78
C LEU B 273 -8.93 25.78 1.40
N ALA B 274 -10.17 25.28 1.38
CA ALA B 274 -10.50 23.99 2.00
C ALA B 274 -9.87 22.81 1.26
N ILE B 275 -10.13 22.72 -0.03
CA ILE B 275 -9.54 21.67 -0.88
C ILE B 275 -8.39 22.25 -1.70
N SER B 276 -7.27 22.52 -1.01
CA SER B 276 -6.12 23.20 -1.59
C SER B 276 -5.06 22.20 -2.08
N LYS B 277 -4.60 22.39 -3.32
CA LYS B 277 -3.54 21.58 -3.91
C LYS B 277 -2.20 22.29 -3.72
N HIS B 278 -1.24 21.59 -3.12
CA HIS B 278 0.08 22.15 -2.83
C HIS B 278 1.16 21.57 -3.75
N ALA B 279 2.36 22.14 -3.65
CA ALA B 279 3.53 21.65 -4.38
C ALA B 279 4.77 21.73 -3.48
N TYR B 280 5.43 20.58 -3.29
CA TYR B 280 6.60 20.49 -2.42
C TYR B 280 7.67 19.65 -3.12
N GLU B 281 8.73 20.32 -3.57
CA GLU B 281 9.81 19.68 -4.32
C GLU B 281 9.27 19.05 -5.63
N GLU B 282 9.48 17.76 -5.84
CA GLU B 282 8.99 17.09 -7.06
C GLU B 282 7.52 16.65 -6.91
N LYS B 283 7.13 16.30 -5.68
CA LYS B 283 5.84 15.69 -5.42
C LYS B 283 4.71 16.70 -5.23
N ARG B 284 3.54 16.39 -5.79
CA ARG B 284 2.33 17.19 -5.64
C ARG B 284 1.34 16.44 -4.75
N TYR B 285 0.46 17.19 -4.10
CA TYR B 285 -0.58 16.60 -3.25
C TYR B 285 -1.75 17.56 -3.01
N LEU B 286 -2.89 16.99 -2.62
CA LEU B 286 -4.11 17.74 -2.39
C LEU B 286 -4.62 17.50 -0.97
N ILE B 287 -4.61 18.56 -0.16
CA ILE B 287 -5.11 18.48 1.22
C ILE B 287 -6.59 18.85 1.25
N THR B 288 -7.42 17.93 1.75
CA THR B 288 -8.83 18.19 2.01
C THR B 288 -8.99 18.68 3.45
N GLY B 289 -9.50 19.89 3.62
CA GLY B 289 -9.64 20.50 4.94
C GLY B 289 -8.34 21.17 5.39
N GLY B 290 -8.46 22.01 6.41
CA GLY B 290 -7.31 22.77 6.93
C GLY B 290 -7.17 24.13 6.26
N LEU B 291 -6.48 25.04 6.92
CA LEU B 291 -6.31 26.41 6.45
C LEU B 291 -4.84 26.68 6.05
N PRO B 292 -4.58 26.89 4.75
CA PRO B 292 -3.24 27.31 4.33
C PRO B 292 -2.90 28.71 4.84
N SER B 293 -1.60 29.00 4.96
CA SER B 293 -1.13 30.31 5.41
C SER B 293 -1.45 31.39 4.39
N GLY B 294 -2.58 32.07 4.59
CA GLY B 294 -3.04 33.12 3.68
C GLY B 294 -2.14 34.36 3.69
N CYS B 295 -2.37 35.25 2.73
CA CYS B 295 -1.56 36.46 2.59
C CYS B 295 -1.76 37.41 3.76
N ALA B 296 -3.00 37.85 3.94
CA ALA B 296 -3.36 38.78 5.01
C ALA B 296 -4.51 38.22 5.84
N ALA B 297 -5.64 37.95 5.18
CA ALA B 297 -6.80 37.35 5.84
C ALA B 297 -6.51 35.88 6.21
N THR B 298 -5.85 35.70 7.34
CA THR B 298 -5.54 34.36 7.87
C THR B 298 -5.60 34.31 9.40
N SER B 299 -5.06 35.35 10.06
CA SER B 299 -5.23 35.53 11.50
C SER B 299 -6.68 35.91 11.82
N MET B 300 -7.32 36.62 10.90
CA MET B 300 -8.74 37.00 11.03
C MET B 300 -9.64 35.78 10.94
N LEU B 301 -9.45 34.97 9.90
CA LEU B 301 -10.25 33.77 9.67
C LEU B 301 -10.19 32.80 10.86
N ASN B 302 -8.99 32.65 11.44
CA ASN B 302 -8.82 31.85 12.66
C ASN B 302 -9.51 32.51 13.85
N THR B 303 -9.33 33.82 14.01
CA THR B 303 -9.95 34.58 15.09
C THR B 303 -11.48 34.50 15.05
N VAL B 304 -12.05 34.54 13.84
CA VAL B 304 -13.49 34.39 13.65
C VAL B 304 -13.93 32.97 14.04
N MET B 305 -13.23 31.97 13.51
CA MET B 305 -13.51 30.56 13.82
C MET B 305 -13.34 30.26 15.32
N ASN B 306 -12.28 30.81 15.91
CA ASN B 306 -11.97 30.57 17.32
C ASN B 306 -13.09 31.04 18.25
N ASN B 307 -13.62 32.24 17.98
CA ASN B 307 -14.72 32.79 18.76
C ASN B 307 -16.02 31.99 18.57
N ILE B 308 -16.20 31.45 17.36
CA ILE B 308 -17.33 30.57 17.06
C ILE B 308 -17.19 29.19 17.71
N ILE B 309 -15.99 28.61 17.63
CA ILE B 309 -15.77 27.22 18.05
C ILE B 309 -15.84 27.03 19.57
N ILE B 310 -15.17 27.90 20.33
CA ILE B 310 -15.13 27.76 21.79
C ILE B 310 -16.51 27.90 22.44
N ARG B 311 -17.35 28.78 21.90
CA ARG B 311 -18.71 28.94 22.41
C ARG B 311 -19.60 27.73 22.07
N ALA B 312 -19.37 27.14 20.89
CA ALA B 312 -20.10 25.94 20.48
C ALA B 312 -19.92 24.80 21.47
N GLY B 313 -18.69 24.64 21.97
CA GLY B 313 -18.39 23.61 22.99
C GLY B 313 -19.03 23.88 24.34
N LEU B 314 -19.13 25.16 24.70
CA LEU B 314 -19.79 25.56 25.94
C LEU B 314 -21.30 25.35 25.90
N TYR B 315 -21.90 25.57 24.72
CA TYR B 315 -23.31 25.24 24.50
C TYR B 315 -23.58 23.74 24.64
N LEU B 316 -22.63 22.92 24.17
CA LEU B 316 -22.72 21.46 24.29
C LEU B 316 -22.50 20.97 25.72
N THR B 317 -21.59 21.62 26.44
CA THR B 317 -21.24 21.22 27.81
C THR B 317 -22.38 21.50 28.80
N TYR B 318 -22.75 22.77 28.92
CA TYR B 318 -23.83 23.18 29.82
C TYR B 318 -25.12 23.37 29.04
N LYS B 319 -26.23 22.87 29.58
CA LYS B 319 -27.53 22.98 28.91
C LYS B 319 -28.09 24.41 28.98
N ASN B 320 -27.73 25.16 30.03
CA ASN B 320 -28.25 26.51 30.25
C ASN B 320 -27.24 27.63 29.92
N PHE B 321 -26.17 27.30 29.21
CA PHE B 321 -25.19 28.30 28.78
C PHE B 321 -25.77 29.16 27.65
N GLU B 322 -25.35 30.41 27.58
CA GLU B 322 -25.87 31.37 26.60
C GLU B 322 -24.75 32.25 26.04
N PHE B 323 -25.03 32.88 24.89
CA PHE B 323 -24.11 33.86 24.30
C PHE B 323 -24.06 35.09 25.19
N ASP B 324 -22.89 35.73 25.26
CA ASP B 324 -22.62 36.88 26.16
C ASP B 324 -22.55 36.48 27.64
N ASP B 325 -22.58 35.19 27.92
CA ASP B 325 -22.25 34.68 29.26
C ASP B 325 -20.73 34.72 29.42
N VAL B 326 -20.04 34.57 28.29
CA VAL B 326 -18.59 34.67 28.22
C VAL B 326 -18.21 35.79 27.23
N LYS B 327 -17.17 36.55 27.56
CA LYS B 327 -16.61 37.56 26.65
C LYS B 327 -15.21 37.15 26.24
N VAL B 328 -14.99 37.02 24.93
CA VAL B 328 -13.76 36.43 24.39
C VAL B 328 -12.78 37.49 23.87
N LEU B 329 -11.49 37.16 23.95
CA LEU B 329 -10.42 37.91 23.29
C LEU B 329 -9.47 36.90 22.66
N SER B 330 -9.27 36.99 21.35
CA SER B 330 -8.52 35.97 20.61
C SER B 330 -7.76 36.52 19.42
N TYR B 331 -6.49 36.15 19.31
CA TYR B 331 -5.66 36.45 18.14
C TYR B 331 -5.31 35.13 17.46
N GLY B 332 -6.12 34.73 16.49
CA GLY B 332 -5.93 33.47 15.78
C GLY B 332 -6.19 32.27 16.68
N ASP B 333 -5.19 31.41 16.83
CA ASP B 333 -5.31 30.23 17.68
C ASP B 333 -5.16 30.54 19.17
N ASP B 334 -4.62 31.72 19.49
CA ASP B 334 -4.52 32.18 20.89
C ASP B 334 -5.91 32.58 21.39
N LEU B 335 -6.14 32.41 22.68
CA LEU B 335 -7.50 32.53 23.24
C LEU B 335 -7.49 32.96 24.72
N LEU B 336 -8.33 33.94 25.06
CA LEU B 336 -8.63 34.30 26.45
C LEU B 336 -10.14 34.22 26.69
N VAL B 337 -10.53 34.06 27.95
CA VAL B 337 -11.94 33.85 28.31
C VAL B 337 -12.33 34.59 29.60
N ALA B 338 -13.09 35.69 29.45
CA ALA B 338 -13.67 36.40 30.59
C ALA B 338 -15.01 35.74 30.94
N THR B 339 -15.25 35.49 32.22
CA THR B 339 -16.34 34.60 32.64
C THR B 339 -17.36 35.18 33.63
N ASN B 340 -16.90 35.53 34.83
CA ASN B 340 -17.77 35.73 36.00
C ASN B 340 -18.48 34.42 36.38
N TYR B 341 -17.80 33.31 36.18
CA TYR B 341 -18.39 31.98 36.33
C TYR B 341 -17.32 30.92 36.64
N GLN B 342 -17.78 29.70 36.93
CA GLN B 342 -16.88 28.56 37.14
C GLN B 342 -16.49 28.00 35.77
N LEU B 343 -15.26 27.52 35.66
CA LEU B 343 -14.67 27.17 34.37
C LEU B 343 -15.03 25.73 33.93
N ASN B 344 -14.37 24.73 34.51
CA ASN B 344 -14.54 23.33 34.12
C ASN B 344 -14.40 23.10 32.60
N PHE B 345 -13.18 23.29 32.09
CA PHE B 345 -12.89 23.09 30.67
C PHE B 345 -12.49 21.64 30.34
N ASP B 346 -12.47 20.77 31.35
CA ASP B 346 -12.22 19.34 31.13
C ASP B 346 -13.34 18.71 30.31
N ARG B 347 -14.59 19.05 30.64
CA ARG B 347 -15.76 18.54 29.91
C ARG B 347 -15.93 19.25 28.57
N VAL B 348 -15.44 20.49 28.50
CA VAL B 348 -15.46 21.26 27.25
C VAL B 348 -14.47 20.67 26.25
N ARG B 349 -13.33 20.18 26.75
CA ARG B 349 -12.32 19.53 25.91
C ARG B 349 -12.83 18.24 25.30
N THR B 350 -13.41 17.38 26.14
CA THR B 350 -13.95 16.09 25.68
C THR B 350 -15.18 16.27 24.79
N SER B 351 -15.89 17.39 24.96
CA SER B 351 -17.00 17.76 24.09
C SER B 351 -16.48 18.19 22.71
N LEU B 352 -15.47 19.05 22.69
CA LEU B 352 -14.84 19.50 21.45
C LEU B 352 -13.97 18.42 20.79
N ALA B 353 -13.50 17.45 21.59
CA ALA B 353 -12.68 16.35 21.07
C ALA B 353 -13.46 15.47 20.07
N LYS B 354 -14.76 15.30 20.31
CA LYS B 354 -15.61 14.52 19.41
C LYS B 354 -15.93 15.24 18.11
N THR B 355 -15.92 16.57 18.14
CA THR B 355 -16.12 17.37 16.93
C THR B 355 -14.88 17.38 16.05
N GLY B 356 -13.70 17.41 16.68
CA GLY B 356 -12.43 17.40 15.96
C GLY B 356 -11.36 18.31 16.58
N TYR B 357 -11.80 19.38 17.22
CA TYR B 357 -10.87 20.39 17.76
C TYR B 357 -10.33 19.99 19.13
N LYS B 358 -9.04 20.24 19.33
CA LYS B 358 -8.36 19.91 20.59
C LYS B 358 -7.95 21.19 21.31
N ILE B 359 -8.16 21.22 22.63
CA ILE B 359 -7.79 22.36 23.46
C ILE B 359 -6.83 21.93 24.57
N THR B 360 -5.98 22.85 25.00
CA THR B 360 -4.99 22.60 26.05
C THR B 360 -5.08 23.68 27.12
N PRO B 361 -4.83 23.31 28.40
CA PRO B 361 -4.79 24.31 29.47
C PRO B 361 -3.67 25.35 29.32
N ALA B 362 -2.60 24.99 28.61
CA ALA B 362 -1.46 25.88 28.37
C ALA B 362 -0.62 26.14 29.63
N ASN B 363 -0.67 25.21 30.59
CA ASN B 363 0.15 25.30 31.80
C ASN B 363 0.82 23.97 32.19
N LYS B 364 0.91 23.04 31.23
CA LYS B 364 1.57 21.74 31.43
C LYS B 364 0.99 20.92 32.59
N THR B 365 -0.33 20.96 32.76
CA THR B 365 -1.01 20.20 33.82
C THR B 365 -2.02 19.16 33.31
N SER B 366 -2.35 19.21 32.02
CA SER B 366 -3.40 18.36 31.42
C SER B 366 -4.81 18.80 31.86
N THR B 367 -5.04 18.88 33.16
CA THR B 367 -6.29 19.43 33.70
C THR B 367 -6.29 20.96 33.60
N PHE B 368 -7.49 21.53 33.46
CA PHE B 368 -7.67 22.98 33.38
C PHE B 368 -7.91 23.54 34.78
N PRO B 369 -7.09 24.53 35.22
CA PRO B 369 -7.34 25.20 36.50
C PRO B 369 -8.74 25.83 36.59
N LEU B 370 -9.32 25.80 37.79
CA LEU B 370 -10.68 26.30 38.03
C LEU B 370 -10.67 27.79 38.40
N GLU B 371 -9.64 28.22 39.13
CA GLU B 371 -9.40 29.64 39.41
C GLU B 371 -8.25 30.13 38.55
N SER B 372 -8.30 31.40 38.14
CA SER B 372 -7.35 31.93 37.16
C SER B 372 -6.90 33.37 37.45
N THR B 373 -7.82 34.32 37.34
CA THR B 373 -7.53 35.76 37.42
C THR B 373 -6.67 36.28 36.26
N LEU B 374 -6.61 37.60 36.12
CA LEU B 374 -5.94 38.22 34.97
C LEU B 374 -4.41 38.20 35.07
N GLU B 375 -3.88 38.24 36.29
CA GLU B 375 -2.42 38.22 36.50
C GLU B 375 -1.78 36.90 36.04
N ASP B 376 -2.55 35.81 36.13
CA ASP B 376 -2.05 34.47 35.79
C ASP B 376 -1.96 34.23 34.28
N VAL B 377 -2.93 34.74 33.52
CA VAL B 377 -3.05 34.42 32.09
C VAL B 377 -1.93 35.02 31.22
N VAL B 378 -1.78 34.43 30.02
CA VAL B 378 -0.79 34.87 29.04
C VAL B 378 -1.46 35.05 27.68
N PHE B 379 -1.08 36.10 26.96
CA PHE B 379 -1.67 36.41 25.65
C PHE B 379 -0.59 36.97 24.72
N LEU B 380 -0.35 36.28 23.61
CA LEU B 380 0.73 36.62 22.67
C LEU B 380 2.10 36.62 23.37
N LYS B 381 2.31 35.62 24.21
CA LYS B 381 3.51 35.51 25.05
C LYS B 381 3.79 36.79 25.84
N ARG B 382 2.75 37.33 26.47
CA ARG B 382 2.86 38.53 27.31
C ARG B 382 1.96 38.38 28.54
N LYS B 383 2.42 38.88 29.69
CA LYS B 383 1.65 38.82 30.94
C LYS B 383 1.15 40.20 31.34
N PHE B 384 0.02 40.24 32.04
CA PHE B 384 -0.62 41.50 32.46
C PHE B 384 -0.02 42.04 33.75
N LYS B 385 0.86 43.02 33.63
CA LYS B 385 1.50 43.70 34.75
C LYS B 385 0.82 45.03 34.98
N LYS B 386 0.36 45.28 36.20
CA LYS B 386 -0.32 46.53 36.54
C LYS B 386 0.70 47.66 36.72
N GLU B 387 0.32 48.86 36.30
CA GLU B 387 1.18 50.04 36.39
C GLU B 387 0.33 51.27 36.70
N GLY B 388 -0.19 51.31 37.93
CA GLY B 388 -1.15 52.34 38.34
C GLY B 388 -2.49 52.06 37.70
N PRO B 389 -3.06 53.06 36.97
CA PRO B 389 -4.27 52.80 36.21
C PRO B 389 -4.01 52.09 34.86
N LEU B 390 -2.74 52.05 34.44
CA LEU B 390 -2.37 51.41 33.17
C LEU B 390 -2.07 49.92 33.37
N TYR B 391 -1.98 49.20 32.24
CA TYR B 391 -1.61 47.80 32.24
C TYR B 391 -0.53 47.56 31.18
N ARG B 392 0.53 46.86 31.57
CA ARG B 392 1.72 46.68 30.73
C ARG B 392 1.79 45.29 30.11
N PRO B 393 2.35 45.19 28.89
CA PRO B 393 2.71 43.92 28.27
C PRO B 393 4.12 43.46 28.63
N VAL B 394 4.23 42.49 29.55
CA VAL B 394 5.51 41.95 29.97
C VAL B 394 5.76 40.61 29.29
N MET B 395 6.71 40.60 28.35
CA MET B 395 7.06 39.37 27.63
C MET B 395 7.74 38.34 28.53
N ASN B 396 7.79 37.10 28.04
CA ASN B 396 8.46 36.03 28.76
C ASN B 396 9.97 36.25 28.78
N ARG B 397 10.59 35.95 29.92
CA ARG B 397 12.04 36.12 30.08
C ARG B 397 12.84 35.14 29.23
N GLU B 398 12.24 33.99 28.93
CA GLU B 398 12.87 32.99 28.08
C GLU B 398 12.83 33.42 26.61
N ALA B 399 11.74 34.07 26.21
CA ALA B 399 11.53 34.50 24.83
C ALA B 399 12.49 35.62 24.42
N LEU B 400 12.57 36.67 25.24
CA LEU B 400 13.43 37.81 24.96
C LEU B 400 14.89 37.42 24.78
N GLU B 401 15.35 36.50 25.63
CA GLU B 401 16.73 36.00 25.54
C GLU B 401 16.95 35.13 24.30
N ALA B 402 15.91 34.36 23.92
CA ALA B 402 15.96 33.53 22.71
C ALA B 402 15.98 34.39 21.44
N MET B 403 15.26 35.49 21.45
CA MET B 403 15.25 36.44 20.33
C MET B 403 16.63 37.09 20.14
N LEU B 404 17.25 37.49 21.25
CA LEU B 404 18.54 38.17 21.23
C LEU B 404 19.72 37.25 20.90
N SER B 405 19.54 35.94 21.10
CA SER B 405 20.62 34.97 20.88
C SER B 405 21.00 34.79 19.41
N TYR B 406 20.00 34.77 18.52
CA TYR B 406 20.22 34.58 17.09
C TYR B 406 19.75 35.79 16.29
N TYR B 407 20.33 35.97 15.09
CA TYR B 407 19.97 37.09 14.21
C TYR B 407 20.23 36.76 12.74
N ARG B 408 19.72 37.62 11.86
CA ARG B 408 19.93 37.51 10.42
C ARG B 408 20.86 38.65 9.98
N PRO B 409 22.06 38.31 9.46
CA PRO B 409 23.01 39.32 8.97
C PRO B 409 22.38 40.32 8.00
N GLY B 410 22.53 41.61 8.29
CA GLY B 410 21.90 42.67 7.50
C GLY B 410 20.92 43.45 8.36
N THR B 411 19.95 42.74 8.93
CA THR B 411 18.94 43.33 9.82
C THR B 411 19.52 43.47 11.23
N LEU B 412 20.51 44.37 11.36
CA LEU B 412 21.28 44.51 12.60
C LEU B 412 20.60 45.47 13.58
N SER B 413 20.51 46.74 13.18
CA SER B 413 19.92 47.78 14.02
C SER B 413 18.40 47.73 14.05
N GLU B 414 17.80 47.22 12.97
CA GLU B 414 16.35 47.10 12.88
C GLU B 414 15.80 46.11 13.90
N LYS B 415 16.53 45.02 14.13
CA LYS B 415 16.14 44.02 15.13
C LYS B 415 16.29 44.55 16.54
N LEU B 416 17.43 45.16 16.84
CA LEU B 416 17.70 45.71 18.18
C LEU B 416 16.73 46.84 18.56
N THR B 417 16.23 47.56 17.56
CA THR B 417 15.25 48.63 17.80
C THR B 417 13.92 48.09 18.33
N SER B 418 13.43 47.02 17.71
CA SER B 418 12.14 46.44 18.08
C SER B 418 12.16 45.73 19.44
N ILE B 419 13.32 45.19 19.83
CA ILE B 419 13.45 44.45 21.09
C ILE B 419 13.49 45.40 22.30
N THR B 420 14.09 46.58 22.13
CA THR B 420 14.16 47.58 23.20
C THR B 420 12.79 48.08 23.64
N MET B 421 11.85 48.14 22.69
CA MET B 421 10.47 48.54 22.98
C MET B 421 9.73 47.49 23.82
N LEU B 422 10.11 46.23 23.65
CA LEU B 422 9.49 45.11 24.38
C LEU B 422 10.19 44.79 25.69
N ALA B 423 11.52 44.87 25.70
CA ALA B 423 12.32 44.55 26.89
C ALA B 423 12.21 45.60 28.00
N VAL B 424 11.78 46.80 27.64
CA VAL B 424 11.61 47.91 28.61
C VAL B 424 10.62 47.57 29.74
N HIS B 425 9.61 46.75 29.44
CA HIS B 425 8.56 46.42 30.41
C HIS B 425 9.03 45.48 31.52
N SER B 426 10.19 44.85 31.35
CA SER B 426 10.81 44.07 32.42
C SER B 426 11.30 44.99 33.55
N GLY B 427 11.92 46.10 33.16
CA GLY B 427 12.20 47.21 34.09
C GLY B 427 13.65 47.37 34.52
N LYS B 428 14.43 48.04 33.68
CA LYS B 428 15.75 48.58 34.05
C LYS B 428 16.81 47.52 34.37
N GLN B 429 16.66 46.87 35.52
CA GLN B 429 17.62 45.86 35.99
C GLN B 429 17.72 44.69 35.01
N GLU B 430 16.58 44.29 34.45
CA GLU B 430 16.55 43.24 33.44
C GLU B 430 16.96 43.78 32.07
N TYR B 431 16.50 44.99 31.75
CA TYR B 431 16.82 45.65 30.47
C TYR B 431 18.33 45.77 30.24
N ASP B 432 19.05 46.21 31.26
CA ASP B 432 20.51 46.37 31.16
C ASP B 432 21.22 45.02 31.02
N ARG B 433 20.67 43.98 31.65
CA ARG B 433 21.23 42.63 31.55
C ARG B 433 21.09 42.04 30.14
N LEU B 434 19.96 42.35 29.48
CA LEU B 434 19.69 41.83 28.14
C LEU B 434 20.63 42.39 27.07
N PHE B 435 21.03 43.65 27.22
CA PHE B 435 21.94 44.30 26.27
C PHE B 435 23.37 44.46 26.81
N ALA B 436 23.71 43.70 27.85
CA ALA B 436 25.04 43.73 28.45
C ALA B 436 26.12 43.14 27.51
N PRO B 437 25.82 42.00 26.85
CA PRO B 437 26.80 41.44 25.91
C PRO B 437 27.07 42.33 24.69
N PHE B 438 26.05 43.07 24.24
CA PHE B 438 26.19 43.96 23.10
C PHE B 438 27.00 45.21 23.45
N ARG B 439 26.77 45.76 24.65
CA ARG B 439 27.51 46.92 25.14
C ARG B 439 28.98 46.61 25.43
N GLU B 440 29.27 45.38 25.86
CA GLU B 440 30.64 44.96 26.15
C GLU B 440 31.50 44.84 24.90
N VAL B 441 30.93 44.32 23.82
CA VAL B 441 31.65 44.21 22.54
C VAL B 441 31.87 45.60 21.94
N GLY B 442 30.82 46.42 21.97
CA GLY B 442 30.89 47.79 21.47
C GLY B 442 29.72 48.12 20.56
N VAL B 443 28.51 48.09 21.11
CA VAL B 443 27.30 48.40 20.37
C VAL B 443 26.38 49.24 21.25
N ILE B 444 26.28 50.53 20.94
CA ILE B 444 25.39 51.45 21.67
C ILE B 444 23.93 51.08 21.46
N VAL B 445 23.11 51.29 22.49
CA VAL B 445 21.68 51.06 22.42
C VAL B 445 20.94 52.20 23.15
N PRO B 446 19.72 52.54 22.70
CA PRO B 446 18.95 53.57 23.41
C PRO B 446 18.83 53.27 24.90
N THR B 447 19.30 54.20 25.72
CA THR B 447 19.28 54.05 27.18
C THR B 447 17.86 53.82 27.71
N PHE B 448 17.77 53.18 28.87
CA PHE B 448 16.47 52.81 29.46
C PHE B 448 15.55 54.01 29.66
N GLU B 449 16.10 55.14 30.09
CA GLU B 449 15.33 56.36 30.31
C GLU B 449 14.75 56.92 29.01
N SER B 450 15.42 56.67 27.89
CA SER B 450 14.96 57.13 26.58
C SER B 450 13.77 56.30 26.08
N VAL B 451 13.89 54.98 26.15
CA VAL B 451 12.87 54.07 25.61
C VAL B 451 11.66 53.90 26.55
N GLU B 452 11.84 54.11 27.84
CA GLU B 452 10.75 54.03 28.82
C GLU B 452 9.89 55.29 28.81
N TYR B 453 10.54 56.45 28.69
CA TYR B 453 9.84 57.74 28.67
C TYR B 453 8.93 57.89 27.45
N ARG B 454 9.38 57.40 26.29
CA ARG B 454 8.59 57.48 25.05
C ARG B 454 7.34 56.59 25.06
N TRP B 455 7.36 55.56 25.91
CA TRP B 455 6.16 54.74 26.14
C TRP B 455 5.09 55.52 26.88
N ARG B 456 5.51 56.33 27.86
CA ARG B 456 4.59 57.19 28.62
C ARG B 456 4.09 58.37 27.79
N SER B 457 4.87 58.75 26.76
CA SER B 457 4.45 59.79 25.82
C SER B 457 3.27 59.36 24.94
N LEU B 458 3.05 58.06 24.83
CA LEU B 458 1.90 57.52 24.08
C LEU B 458 0.58 57.89 24.76
N PHE B 459 0.59 57.96 26.10
CA PHE B 459 -0.62 58.23 26.89
C PHE B 459 -0.68 59.67 27.38
N TRP B 460 -0.77 60.61 26.44
CA TRP B 460 -1.00 62.02 26.76
C TRP B 460 -2.21 62.53 25.98
N GLY C 1 19.48 10.56 -40.28
CA GLY C 1 20.58 11.19 -41.05
C GLY C 1 21.65 11.79 -40.15
N ALA C 2 21.43 13.05 -39.76
CA ALA C 2 22.31 13.74 -38.82
C ALA C 2 21.61 13.86 -37.46
N LEU C 3 20.97 12.77 -37.04
CA LEU C 3 20.12 12.77 -35.85
C LEU C 3 20.79 12.04 -34.69
N GLU C 4 21.29 12.82 -33.72
CA GLU C 4 21.90 12.27 -32.51
C GLU C 4 20.92 12.38 -31.35
N ARG C 5 20.76 11.30 -30.59
CA ARG C 5 19.79 11.25 -29.49
C ARG C 5 20.40 11.77 -28.19
N LEU C 6 19.58 12.48 -27.41
CA LEU C 6 19.95 12.98 -26.08
C LEU C 6 19.05 12.33 -25.02
N PRO C 7 19.42 12.44 -23.72
CA PRO C 7 18.56 11.91 -22.65
C PRO C 7 17.16 12.53 -22.62
N ASP C 8 16.17 11.74 -22.21
CA ASP C 8 14.78 12.18 -22.16
C ASP C 8 14.54 13.20 -21.06
N GLY C 9 13.40 13.91 -21.15
CA GLY C 9 13.04 14.94 -20.19
C GLY C 9 11.54 15.11 -20.05
N PRO C 10 11.10 16.22 -19.43
CA PRO C 10 9.67 16.50 -19.29
C PRO C 10 8.99 16.71 -20.64
N ARG C 11 7.95 15.91 -20.91
CA ARG C 11 7.29 15.93 -22.21
C ARG C 11 6.35 17.13 -22.37
N ILE C 12 6.30 17.65 -23.59
CA ILE C 12 5.36 18.73 -23.94
C ILE C 12 4.43 18.20 -25.03
N HIS C 13 3.14 18.48 -24.87
CA HIS C 13 2.10 17.87 -25.71
C HIS C 13 2.16 18.37 -27.15
N VAL C 14 2.66 17.51 -28.04
CA VAL C 14 2.59 17.73 -29.48
C VAL C 14 1.13 17.55 -29.91
N PRO C 15 0.51 18.59 -30.51
CA PRO C 15 -0.91 18.50 -30.90
C PRO C 15 -1.20 17.36 -31.88
N ARG C 16 -2.25 16.58 -31.60
CA ARG C 16 -2.60 15.42 -32.41
C ARG C 16 -4.04 15.45 -32.94
N LYS C 17 -4.68 16.61 -32.86
CA LYS C 17 -6.06 16.79 -33.35
C LYS C 17 -6.11 17.89 -34.41
N THR C 18 -6.88 17.64 -35.46
CA THR C 18 -6.96 18.56 -36.60
C THR C 18 -7.85 19.75 -36.28
N ALA C 19 -7.39 20.95 -36.65
CA ALA C 19 -8.17 22.18 -36.51
C ALA C 19 -9.08 22.38 -37.73
N LEU C 20 -8.59 21.98 -38.90
CA LEU C 20 -9.35 22.09 -40.15
C LEU C 20 -10.61 21.22 -40.15
N ARG C 21 -11.72 21.81 -40.59
CA ARG C 21 -12.99 21.12 -40.76
C ARG C 21 -13.41 21.25 -42.23
N PRO C 22 -14.19 20.29 -42.73
CA PRO C 22 -14.65 20.37 -44.12
C PRO C 22 -15.77 21.38 -44.31
N THR C 23 -15.90 21.90 -45.54
CA THR C 23 -16.94 22.85 -45.88
C THR C 23 -18.01 22.17 -46.74
N VAL C 24 -19.03 22.93 -47.13
CA VAL C 24 -20.06 22.45 -48.05
C VAL C 24 -19.52 22.29 -49.49
N ALA C 25 -18.35 22.87 -49.77
CA ALA C 25 -17.74 22.81 -51.10
C ALA C 25 -16.87 21.57 -51.32
N ARG C 26 -16.52 20.86 -50.25
CA ARG C 26 -15.65 19.68 -50.35
C ARG C 26 -16.37 18.50 -51.00
N GLN C 27 -17.66 18.34 -50.69
CA GLN C 27 -18.49 17.29 -51.30
C GLN C 27 -18.70 17.51 -52.80
N VAL C 28 -18.63 18.76 -53.24
CA VAL C 28 -18.82 19.11 -54.65
C VAL C 28 -17.55 18.87 -55.47
N PHE C 29 -16.45 19.49 -55.04
CA PHE C 29 -15.18 19.41 -55.76
C PHE C 29 -14.48 18.07 -55.54
N GLN C 30 -14.38 17.65 -54.28
CA GLN C 30 -13.69 16.42 -53.90
C GLN C 30 -12.26 16.37 -54.43
N PRO C 31 -11.37 17.17 -53.82
CA PRO C 31 -9.98 17.23 -54.26
C PRO C 31 -9.16 16.04 -53.77
N ALA C 32 -7.99 15.85 -54.36
CA ALA C 32 -7.03 14.84 -53.90
C ALA C 32 -6.16 15.46 -52.81
N PHE C 33 -6.82 15.94 -51.75
CA PHE C 33 -6.16 16.64 -50.65
C PHE C 33 -6.94 16.38 -49.35
N ALA C 34 -6.23 16.40 -48.23
CA ALA C 34 -6.85 16.17 -46.93
C ALA C 34 -5.95 16.69 -45.82
N PRO C 35 -6.50 16.83 -44.59
CA PRO C 35 -5.67 17.24 -43.46
C PRO C 35 -4.59 16.22 -43.14
N ALA C 36 -3.38 16.70 -42.84
CA ALA C 36 -2.24 15.82 -42.58
C ALA C 36 -2.43 15.02 -41.30
N VAL C 37 -1.82 13.84 -41.24
CA VAL C 37 -1.93 12.94 -40.10
C VAL C 37 -1.12 13.50 -38.93
N LEU C 38 -1.76 13.64 -37.77
CA LEU C 38 -1.10 14.17 -36.57
C LEU C 38 -0.97 13.15 -35.44
N SER C 39 -1.95 12.24 -35.33
CA SER C 39 -1.92 11.22 -34.29
C SER C 39 -1.38 9.89 -34.80
N LYS C 40 -0.91 9.06 -33.87
CA LYS C 40 -0.42 7.72 -34.20
C LYS C 40 -1.55 6.76 -34.58
N PHE C 41 -2.76 7.04 -34.08
CA PHE C 41 -3.90 6.15 -34.25
C PHE C 41 -4.88 6.66 -35.31
N ASP C 42 -4.35 7.27 -36.36
CA ASP C 42 -5.16 7.77 -37.47
C ASP C 42 -5.55 6.58 -38.35
N PRO C 43 -6.87 6.41 -38.62
CA PRO C 43 -7.32 5.26 -39.40
C PRO C 43 -7.06 5.33 -40.91
N ARG C 44 -6.66 6.51 -41.40
CA ARG C 44 -6.39 6.69 -42.83
C ARG C 44 -5.06 6.07 -43.28
N THR C 45 -4.12 5.90 -42.34
CA THR C 45 -2.79 5.38 -42.65
C THR C 45 -2.42 4.20 -41.76
N ASP C 46 -1.56 3.32 -42.28
CA ASP C 46 -1.08 2.15 -41.55
C ASP C 46 0.21 2.45 -40.78
N ALA C 47 1.07 3.27 -41.37
CA ALA C 47 2.36 3.60 -40.76
C ALA C 47 2.23 4.62 -39.63
N ASP C 48 3.23 4.64 -38.75
CA ASP C 48 3.28 5.60 -37.64
C ASP C 48 3.85 6.92 -38.16
N VAL C 49 3.18 8.02 -37.84
CA VAL C 49 3.59 9.36 -38.29
C VAL C 49 4.88 9.84 -37.62
N ASP C 50 5.10 9.44 -36.36
CA ASP C 50 6.31 9.80 -35.63
C ASP C 50 7.55 9.09 -36.18
N GLU C 51 7.38 7.82 -36.56
CA GLU C 51 8.46 7.05 -37.17
C GLU C 51 8.88 7.62 -38.53
N VAL C 52 7.90 8.12 -39.29
CA VAL C 52 8.15 8.70 -40.60
C VAL C 52 8.87 10.05 -40.50
N ALA C 53 8.54 10.83 -39.47
CA ALA C 53 9.14 12.15 -39.27
C ALA C 53 10.61 12.07 -38.85
N PHE C 54 10.92 11.14 -37.95
CA PHE C 54 12.28 11.00 -37.41
C PHE C 54 13.25 10.34 -38.39
N SER C 55 12.85 9.20 -38.93
CA SER C 55 13.73 8.42 -39.82
C SER C 55 14.03 9.13 -41.14
N LYS C 56 13.08 9.92 -41.62
CA LYS C 56 13.25 10.66 -42.88
C LYS C 56 14.22 11.84 -42.68
N HIS C 57 15.51 11.52 -42.70
CA HIS C 57 16.57 12.53 -42.61
C HIS C 57 17.82 12.03 -43.33
N THR C 58 18.35 12.87 -44.22
CA THR C 58 19.53 12.52 -45.01
C THR C 58 20.82 12.88 -44.26
N SER C 59 21.90 12.18 -44.60
CA SER C 59 23.21 12.44 -44.00
C SER C 59 23.77 13.76 -44.54
N ASN C 60 23.75 14.79 -43.70
CA ASN C 60 24.21 16.13 -44.09
C ASN C 60 25.72 16.18 -44.26
N GLN C 61 26.15 16.55 -45.47
CA GLN C 61 27.57 16.52 -45.84
C GLN C 61 28.32 17.72 -45.26
N GLU C 62 29.51 17.46 -44.75
CA GLU C 62 30.33 18.49 -44.09
C GLU C 62 31.31 19.17 -45.06
N THR C 63 31.74 18.45 -46.10
CA THR C 63 32.58 19.03 -47.14
C THR C 63 31.73 19.57 -48.28
N LEU C 64 32.01 20.79 -48.70
CA LEU C 64 31.26 21.45 -49.78
C LEU C 64 32.27 22.11 -50.74
N PRO C 65 32.17 21.82 -52.06
CA PRO C 65 33.13 22.30 -53.06
C PRO C 65 33.49 23.79 -52.99
N PRO C 66 34.71 24.16 -53.42
CA PRO C 66 35.11 25.58 -53.48
C PRO C 66 34.28 26.45 -54.42
N VAL C 67 33.56 25.81 -55.36
CA VAL C 67 32.68 26.53 -56.28
C VAL C 67 31.59 27.29 -55.53
N PHE C 68 31.05 26.68 -54.47
CA PHE C 68 30.01 27.31 -53.65
C PHE C 68 30.49 28.60 -52.98
N ARG C 69 31.72 28.57 -52.46
CA ARG C 69 32.28 29.73 -51.77
C ARG C 69 32.60 30.88 -52.72
N MET C 70 32.91 30.57 -53.98
CA MET C 70 33.21 31.57 -54.99
C MET C 70 31.94 32.34 -55.38
N VAL C 71 30.89 31.60 -55.70
CA VAL C 71 29.61 32.19 -56.13
C VAL C 71 28.89 32.92 -54.99
N ALA C 72 29.15 32.54 -53.74
CA ALA C 72 28.52 33.15 -52.58
C ALA C 72 28.94 34.61 -52.40
N ARG C 73 30.25 34.88 -52.48
CA ARG C 73 30.77 36.23 -52.32
C ARG C 73 30.43 37.14 -53.52
N GLU C 74 30.30 36.54 -54.71
CA GLU C 74 29.91 37.28 -55.91
C GLU C 74 28.46 37.73 -55.81
N TYR C 75 27.59 36.85 -55.31
CA TYR C 75 26.18 37.19 -55.08
C TYR C 75 26.05 38.28 -54.02
N ALA C 76 26.89 38.22 -52.99
CA ALA C 76 26.92 39.23 -51.94
C ALA C 76 27.32 40.60 -52.48
N ASN C 77 28.34 40.63 -53.35
CA ASN C 77 28.80 41.88 -53.97
C ASN C 77 27.70 42.60 -54.75
N ARG C 78 26.79 41.85 -55.35
CA ARG C 78 25.69 42.43 -56.13
C ARG C 78 24.56 42.96 -55.26
N VAL C 79 24.12 42.16 -54.29
CA VAL C 79 22.99 42.54 -53.43
C VAL C 79 23.32 43.69 -52.47
N PHE C 80 24.52 43.65 -51.88
CA PHE C 80 24.93 44.70 -50.93
C PHE C 80 25.33 46.00 -51.63
N ALA C 81 25.61 45.94 -52.93
CA ALA C 81 25.83 47.14 -53.73
C ALA C 81 24.53 47.94 -53.87
N LEU C 82 23.41 47.22 -54.04
CA LEU C 82 22.10 47.83 -54.18
C LEU C 82 21.53 48.28 -52.83
N LEU C 83 21.51 47.35 -51.86
CA LEU C 83 20.91 47.59 -50.55
C LEU C 83 21.81 48.37 -49.59
N GLY C 84 23.10 48.47 -49.91
CA GLY C 84 24.07 49.14 -49.04
C GLY C 84 24.66 48.20 -48.00
N ARG C 85 25.41 48.76 -47.06
CA ARG C 85 26.07 47.98 -46.00
C ARG C 85 25.87 48.60 -44.63
N ASP C 86 24.63 48.98 -44.33
CA ASP C 86 24.25 49.49 -43.01
C ASP C 86 23.26 48.51 -42.38
N ASN C 87 23.74 47.28 -42.16
CA ASN C 87 22.93 46.17 -41.67
C ASN C 87 23.25 45.84 -40.21
N GLY C 88 23.34 46.86 -39.38
CA GLY C 88 23.79 46.71 -38.00
C GLY C 88 22.75 46.13 -37.05
N ARG C 89 22.98 46.35 -35.76
CA ARG C 89 22.11 45.83 -34.70
C ARG C 89 20.95 46.79 -34.42
N LEU C 90 19.73 46.26 -34.44
CA LEU C 90 18.55 46.99 -33.98
C LEU C 90 18.32 46.70 -32.50
N SER C 91 17.67 47.63 -31.81
CA SER C 91 17.34 47.45 -30.39
C SER C 91 16.12 46.53 -30.23
N VAL C 92 15.80 46.20 -28.99
CA VAL C 92 14.66 45.32 -28.69
C VAL C 92 13.35 45.98 -29.11
N LYS C 93 13.22 47.27 -28.82
CA LYS C 93 12.03 48.03 -29.20
C LYS C 93 11.91 48.17 -30.72
N GLN C 94 13.05 48.36 -31.39
CA GLN C 94 13.08 48.45 -32.85
C GLN C 94 12.81 47.11 -33.54
N ALA C 95 13.08 46.00 -32.85
CA ALA C 95 12.81 44.67 -33.39
C ALA C 95 11.33 44.31 -33.31
N LEU C 96 10.61 44.91 -32.37
CA LEU C 96 9.20 44.57 -32.10
C LEU C 96 8.20 45.50 -32.78
N ASP C 97 8.51 46.79 -32.87
CA ASP C 97 7.56 47.80 -33.36
C ASP C 97 7.11 47.68 -34.83
N GLY C 98 8.02 47.65 -35.81
CA GLY C 98 9.47 47.71 -35.61
C GLY C 98 10.19 47.10 -36.80
N LEU C 99 10.55 47.89 -37.82
CA LEU C 99 10.31 49.33 -37.89
C LEU C 99 9.75 49.70 -39.26
N GLU C 100 9.50 51.00 -39.49
CA GLU C 100 8.97 51.49 -40.77
C GLU C 100 9.53 50.73 -41.97
N GLY C 101 8.63 50.11 -42.73
CA GLY C 101 9.01 49.26 -43.86
C GLY C 101 8.99 47.76 -43.55
N MET C 102 8.48 47.40 -42.37
CA MET C 102 8.35 46.01 -41.96
C MET C 102 7.37 45.89 -40.80
N ASP C 103 6.41 44.97 -40.92
CA ASP C 103 5.36 44.79 -39.91
C ASP C 103 5.92 44.19 -38.60
N PRO C 104 5.23 44.43 -37.47
CA PRO C 104 5.70 43.95 -36.16
C PRO C 104 5.72 42.43 -36.02
N MET C 105 6.43 41.94 -35.00
CA MET C 105 6.39 40.53 -34.64
C MET C 105 5.00 40.20 -34.10
N ASP C 106 4.40 39.12 -34.62
CA ASP C 106 3.03 38.76 -34.27
C ASP C 106 2.98 38.25 -32.83
N LYS C 107 2.12 38.87 -32.01
CA LYS C 107 1.97 38.52 -30.60
C LYS C 107 1.33 37.15 -30.40
N ASN C 108 0.47 36.76 -31.34
CA ASN C 108 -0.27 35.50 -31.25
C ASN C 108 0.57 34.25 -31.56
N THR C 109 1.77 34.44 -32.10
CA THR C 109 2.70 33.34 -32.33
C THR C 109 3.17 32.76 -30.99
N SER C 110 3.42 31.44 -30.98
CA SER C 110 3.81 30.74 -29.77
C SER C 110 5.19 31.21 -29.29
N PRO C 111 5.33 31.48 -27.98
CA PRO C 111 6.60 31.99 -27.45
C PRO C 111 7.73 30.97 -27.38
N GLY C 112 7.39 29.67 -27.40
CA GLY C 112 8.38 28.60 -27.37
C GLY C 112 8.65 28.09 -25.97
N LEU C 113 9.62 27.18 -25.85
CA LEU C 113 9.97 26.59 -24.55
C LEU C 113 10.91 27.51 -23.77
N PRO C 114 10.81 27.50 -22.43
CA PRO C 114 9.92 26.71 -21.58
C PRO C 114 8.64 27.45 -21.17
N TYR C 115 8.11 28.30 -22.05
CA TYR C 115 6.94 29.13 -21.75
C TYR C 115 5.62 28.42 -22.07
N THR C 116 5.62 27.60 -23.12
CA THR C 116 4.42 26.87 -23.54
C THR C 116 4.05 25.76 -22.54
N THR C 117 5.03 25.26 -21.80
CA THR C 117 4.78 24.29 -20.73
C THR C 117 3.99 24.92 -19.60
N LEU C 118 4.39 26.12 -19.18
CA LEU C 118 3.73 26.84 -18.09
C LEU C 118 2.39 27.45 -18.55
N GLY C 119 2.21 27.63 -19.85
CA GLY C 119 0.97 28.16 -20.40
C GLY C 119 0.96 29.67 -20.41
N MET C 120 1.96 30.26 -21.04
CA MET C 120 2.08 31.71 -21.16
C MET C 120 2.29 32.11 -22.62
N ARG C 121 2.15 33.41 -22.88
CA ARG C 121 2.25 33.97 -24.23
C ARG C 121 3.50 34.83 -24.39
N ARG C 122 3.69 35.37 -25.59
CA ARG C 122 4.72 36.36 -25.85
C ARG C 122 4.45 37.66 -25.09
N THR C 123 3.17 38.00 -24.91
CA THR C 123 2.77 39.24 -24.26
C THR C 123 3.04 39.23 -22.74
N ASP C 124 3.25 38.05 -22.16
CA ASP C 124 3.58 37.92 -20.74
C ASP C 124 5.06 38.25 -20.46
N VAL C 125 5.95 37.70 -21.30
CA VAL C 125 7.40 37.84 -21.09
C VAL C 125 7.92 39.25 -21.37
N VAL C 126 7.21 40.01 -22.21
CA VAL C 126 7.59 41.40 -22.53
C VAL C 126 6.46 42.39 -22.29
N ASP C 127 6.81 43.67 -22.23
CA ASP C 127 5.83 44.74 -22.04
C ASP C 127 5.36 45.35 -23.37
N TRP C 128 6.19 45.28 -24.40
CA TRP C 128 5.92 45.85 -25.73
C TRP C 128 5.92 47.38 -25.78
N GLU C 129 5.12 48.01 -24.92
CA GLU C 129 5.04 49.47 -24.85
C GLU C 129 6.40 50.10 -24.52
N THR C 130 7.05 49.60 -23.47
CA THR C 130 8.37 50.09 -23.04
C THR C 130 9.52 49.17 -23.48
N ALA C 131 9.18 48.01 -24.05
CA ALA C 131 10.16 47.01 -24.47
C ALA C 131 10.93 46.40 -23.29
N THR C 132 10.27 46.33 -22.13
CA THR C 132 10.86 45.73 -20.92
C THR C 132 10.79 44.21 -21.03
N LEU C 133 11.72 43.53 -20.36
CA LEU C 133 11.86 42.08 -20.45
C LEU C 133 12.04 41.49 -19.05
N ILE C 134 11.25 40.46 -18.72
CA ILE C 134 11.20 39.92 -17.34
C ILE C 134 12.51 39.23 -16.92
N PRO C 135 12.77 39.14 -15.60
CA PRO C 135 13.98 38.53 -15.01
C PRO C 135 14.52 37.26 -15.67
N PHE C 136 13.65 36.29 -15.96
CA PHE C 136 14.09 35.03 -16.58
C PHE C 136 14.65 35.31 -17.97
N ALA C 137 13.87 36.03 -18.78
CA ALA C 137 14.35 36.55 -20.05
C ALA C 137 15.34 37.69 -19.76
N ALA C 138 15.94 38.25 -20.81
CA ALA C 138 16.99 39.27 -20.66
C ALA C 138 18.27 38.64 -20.11
N GLU C 139 18.18 38.01 -18.93
CA GLU C 139 19.25 37.15 -18.42
C GLU C 139 19.46 35.91 -19.32
N ARG C 140 18.45 35.58 -20.12
CA ARG C 140 18.54 34.47 -21.07
C ARG C 140 19.06 34.89 -22.45
N LEU C 141 19.09 36.19 -22.75
CA LEU C 141 19.62 36.69 -24.02
C LEU C 141 20.79 37.68 -23.88
N GLU C 142 20.76 38.56 -22.88
CA GLU C 142 21.88 39.49 -22.64
C GLU C 142 23.06 38.69 -22.10
N LYS C 143 22.83 37.94 -21.02
CA LYS C 143 23.70 36.83 -20.65
C LYS C 143 23.22 35.63 -21.46
N MET C 144 24.14 34.75 -21.85
CA MET C 144 23.87 33.70 -22.84
C MET C 144 23.55 34.36 -24.19
N ASN C 145 23.28 33.55 -25.22
CA ASN C 145 23.06 34.05 -26.59
C ASN C 145 24.19 34.94 -27.09
N ASN C 146 24.33 36.14 -26.52
CA ASN C 146 25.51 36.97 -26.71
C ASN C 146 26.71 36.26 -26.09
N LYS C 147 27.25 35.27 -26.82
CA LYS C 147 28.17 34.24 -26.31
C LYS C 147 27.36 33.13 -25.62
N ASP C 148 27.69 31.87 -25.95
CA ASP C 148 27.04 30.69 -25.36
C ASP C 148 25.59 30.52 -25.83
N PHE C 149 25.33 29.47 -26.62
CA PHE C 149 23.98 29.16 -27.11
C PHE C 149 23.44 27.87 -26.51
N SER C 150 23.44 27.80 -25.18
CA SER C 150 22.73 26.75 -24.44
C SER C 150 21.33 27.27 -24.13
N ASP C 151 20.59 26.53 -23.30
CA ASP C 151 19.24 26.92 -22.88
C ASP C 151 18.20 26.82 -23.99
N ILE C 152 18.39 27.59 -25.07
CA ILE C 152 17.47 27.60 -26.20
C ILE C 152 17.21 26.18 -26.74
N VAL C 153 15.94 25.87 -26.98
CA VAL C 153 15.53 24.57 -27.48
C VAL C 153 14.27 24.72 -28.34
N TYR C 154 14.30 24.10 -29.52
CA TYR C 154 13.24 24.25 -30.51
C TYR C 154 12.07 23.31 -30.20
N GLN C 155 10.90 23.88 -29.94
CA GLN C 155 9.69 23.09 -29.74
C GLN C 155 9.22 22.56 -31.09
N THR C 156 9.35 21.24 -31.27
CA THR C 156 8.99 20.60 -32.54
C THR C 156 7.65 19.87 -32.43
N PHE C 157 6.81 20.06 -33.45
CA PHE C 157 5.54 19.33 -33.55
C PHE C 157 5.11 19.24 -35.02
N LEU C 158 4.10 18.42 -35.28
CA LEU C 158 3.65 18.14 -36.65
C LEU C 158 2.78 19.27 -37.18
N LYS C 159 2.88 19.53 -38.48
CA LYS C 159 2.15 20.63 -39.13
C LYS C 159 0.72 20.20 -39.45
N ASP C 160 -0.24 20.99 -38.97
CA ASP C 160 -1.65 20.78 -39.28
C ASP C 160 -1.99 21.58 -40.55
N GLU C 161 -2.13 20.88 -41.67
CA GLU C 161 -2.36 21.52 -42.96
C GLU C 161 -2.90 20.56 -44.01
N LEU C 162 -3.38 21.11 -45.11
CA LEU C 162 -3.80 20.32 -46.27
C LEU C 162 -2.59 19.72 -46.97
N ARG C 163 -2.65 18.42 -47.25
CA ARG C 163 -1.61 17.75 -48.02
C ARG C 163 -2.25 16.72 -48.97
N PRO C 164 -1.53 16.34 -50.05
CA PRO C 164 -2.05 15.36 -50.99
C PRO C 164 -2.36 14.00 -50.35
N ILE C 165 -3.24 13.23 -50.99
CA ILE C 165 -3.64 11.91 -50.48
C ILE C 165 -2.43 10.96 -50.40
N GLU C 166 -1.51 11.08 -51.34
CA GLU C 166 -0.26 10.29 -51.33
C GLU C 166 0.50 10.47 -50.02
N LYS C 167 0.60 11.71 -49.54
CA LYS C 167 1.32 12.02 -48.31
C LYS C 167 0.50 11.69 -47.07
N VAL C 168 -0.83 11.78 -47.17
CA VAL C 168 -1.73 11.44 -46.06
C VAL C 168 -1.78 9.93 -45.83
N GLN C 169 -1.80 9.16 -46.92
CA GLN C 169 -1.82 7.69 -46.83
C GLN C 169 -0.51 7.11 -46.29
N ALA C 170 0.61 7.72 -46.66
CA ALA C 170 1.94 7.26 -46.22
C ALA C 170 2.40 7.91 -44.90
N ALA C 171 1.53 8.70 -44.28
CA ALA C 171 1.84 9.38 -43.01
C ALA C 171 3.02 10.33 -43.10
N LYS C 172 3.18 10.99 -44.25
CA LYS C 172 4.24 11.96 -44.46
C LYS C 172 3.74 13.37 -44.13
N THR C 173 3.87 13.74 -42.86
CA THR C 173 3.48 15.07 -42.38
C THR C 173 4.74 15.86 -42.04
N ARG C 174 4.72 17.16 -42.32
CA ARG C 174 5.88 18.01 -42.13
C ARG C 174 6.05 18.42 -40.66
N ILE C 175 7.25 18.87 -40.31
CA ILE C 175 7.55 19.30 -38.93
C ILE C 175 7.64 20.82 -38.83
N VAL C 176 7.37 21.35 -37.64
CA VAL C 176 7.41 22.79 -37.39
C VAL C 176 8.23 23.06 -36.13
N ASP C 177 9.42 23.63 -36.32
CA ASP C 177 10.30 23.96 -35.20
C ASP C 177 10.06 25.39 -34.73
N VAL C 178 9.54 25.52 -33.51
CA VAL C 178 9.26 26.81 -32.89
C VAL C 178 10.29 27.10 -31.80
N PRO C 179 11.22 28.06 -32.05
CA PRO C 179 12.23 28.40 -31.05
C PRO C 179 11.68 29.30 -29.95
N PRO C 180 12.52 29.59 -28.91
CA PRO C 180 12.14 30.54 -27.86
C PRO C 180 11.91 31.95 -28.38
N PHE C 181 11.25 32.77 -27.56
CA PHE C 181 10.93 34.15 -27.93
C PHE C 181 12.16 35.06 -27.91
N GLU C 182 13.10 34.76 -27.03
CA GLU C 182 14.36 35.50 -26.94
C GLU C 182 15.23 35.26 -28.18
N HIS C 183 15.17 34.05 -28.73
CA HIS C 183 15.89 33.69 -29.93
C HIS C 183 15.34 34.40 -31.18
N CYS C 184 14.02 34.58 -31.22
CA CYS C 184 13.36 35.28 -32.33
C CYS C 184 13.67 36.78 -32.32
N ILE C 185 13.70 37.38 -31.13
CA ILE C 185 14.07 38.79 -31.00
C ILE C 185 15.49 39.00 -31.50
N LEU C 186 16.40 38.15 -31.03
CA LEU C 186 17.81 38.24 -31.42
C LEU C 186 18.01 38.04 -32.92
N GLY C 187 17.14 37.24 -33.55
CA GLY C 187 17.14 37.08 -34.99
C GLY C 187 16.78 38.35 -35.75
N ARG C 188 15.77 39.06 -35.26
CA ARG C 188 15.32 40.31 -35.89
C ARG C 188 16.07 41.56 -35.39
N GLN C 189 17.02 41.38 -34.48
CA GLN C 189 17.95 42.44 -34.13
C GLN C 189 19.13 42.45 -35.10
N LEU C 190 19.67 41.27 -35.38
CA LEU C 190 20.88 41.11 -36.18
C LEU C 190 20.57 41.14 -37.68
N LEU C 191 19.63 40.28 -38.10
CA LEU C 191 19.26 40.16 -39.50
C LEU C 191 18.03 41.01 -39.88
N GLY C 192 17.52 41.79 -38.93
CA GLY C 192 16.31 42.58 -39.15
C GLY C 192 16.49 43.75 -40.10
N LYS C 193 17.60 44.47 -39.95
CA LYS C 193 17.86 45.66 -40.76
C LYS C 193 18.13 45.32 -42.22
N PHE C 194 18.83 44.20 -42.46
CA PHE C 194 19.06 43.71 -43.82
C PHE C 194 17.77 43.17 -44.45
N ALA C 195 17.01 42.42 -43.67
CA ALA C 195 15.77 41.79 -44.15
C ALA C 195 14.71 42.83 -44.54
N SER C 196 14.66 43.95 -43.81
CA SER C 196 13.70 45.02 -44.11
C SER C 196 13.92 45.62 -45.49
N LYS C 197 15.19 45.77 -45.89
CA LYS C 197 15.53 46.25 -47.22
C LYS C 197 15.37 45.17 -48.29
N PHE C 198 15.67 43.92 -47.93
CA PHE C 198 15.54 42.78 -48.84
C PHE C 198 14.07 42.56 -49.26
N GLN C 199 13.15 42.74 -48.31
CA GLN C 199 11.71 42.60 -48.58
C GLN C 199 11.18 43.66 -49.54
N THR C 200 11.69 44.89 -49.42
CA THR C 200 11.13 46.04 -50.12
C THR C 200 11.45 46.13 -51.62
N GLN C 201 12.44 45.36 -52.09
CA GLN C 201 12.84 45.41 -53.50
C GLN C 201 13.04 44.01 -54.11
N PRO C 202 11.94 43.29 -54.36
CA PRO C 202 12.02 41.99 -55.02
C PRO C 202 12.10 42.12 -56.55
N GLY C 203 12.79 41.19 -57.19
CA GLY C 203 12.95 41.19 -58.64
C GLY C 203 14.08 40.29 -59.10
N LEU C 204 14.33 40.27 -60.41
CA LEU C 204 15.44 39.49 -60.98
C LEU C 204 16.80 40.03 -60.54
N GLU C 205 16.87 41.34 -60.31
CA GLU C 205 18.12 41.99 -59.91
C GLU C 205 18.61 41.49 -58.54
N LEU C 206 17.72 41.56 -57.55
CA LEU C 206 18.04 41.10 -56.20
C LEU C 206 18.00 39.57 -56.10
N GLY C 207 17.23 38.93 -56.99
CA GLY C 207 17.15 37.47 -57.03
C GLY C 207 16.21 36.89 -55.98
N SER C 208 15.04 37.52 -55.83
CA SER C 208 14.05 37.08 -54.86
C SER C 208 12.67 37.67 -55.14
N ALA C 209 11.63 36.96 -54.69
CA ALA C 209 10.26 37.46 -54.74
C ALA C 209 9.73 37.69 -53.31
N ILE C 210 10.65 37.89 -52.37
CA ILE C 210 10.29 38.06 -50.96
C ILE C 210 9.73 39.46 -50.74
N GLY C 211 8.61 39.54 -50.00
CA GLY C 211 7.95 40.81 -49.72
C GLY C 211 7.20 41.36 -50.93
N CYS C 212 6.77 40.47 -51.83
CA CYS C 212 6.05 40.88 -53.03
C CYS C 212 4.54 40.88 -52.79
N ASP C 213 3.78 41.11 -53.87
CA ASP C 213 2.33 41.12 -53.83
C ASP C 213 1.84 40.60 -55.18
N PRO C 214 1.59 39.28 -55.29
CA PRO C 214 1.29 38.59 -56.54
C PRO C 214 0.37 39.32 -57.54
N ASP C 215 -0.57 40.11 -57.04
CA ASP C 215 -1.44 40.91 -57.91
C ASP C 215 -0.66 42.01 -58.63
N VAL C 216 0.14 42.76 -57.88
CA VAL C 216 0.89 43.91 -58.40
C VAL C 216 2.20 43.50 -59.05
N HIS C 217 3.04 42.79 -58.30
CA HIS C 217 4.42 42.48 -58.73
C HIS C 217 4.52 41.44 -59.86
N TRP C 218 3.41 40.80 -60.23
CA TRP C 218 3.42 39.81 -61.32
C TRP C 218 3.74 40.45 -62.66
N THR C 219 3.38 41.72 -62.82
CA THR C 219 3.70 42.48 -64.04
C THR C 219 5.20 42.73 -64.14
N ALA C 220 5.81 43.09 -63.01
CA ALA C 220 7.24 43.37 -62.94
C ALA C 220 8.09 42.10 -63.14
N PHE C 221 7.64 40.99 -62.54
CA PHE C 221 8.32 39.71 -62.71
C PHE C 221 8.08 39.15 -64.12
N GLY C 222 6.91 39.44 -64.68
CA GLY C 222 6.58 39.02 -66.04
C GLY C 222 7.35 39.78 -67.10
N VAL C 223 7.36 41.11 -66.99
CA VAL C 223 8.00 41.98 -67.96
C VAL C 223 9.54 41.85 -67.96
N ALA C 224 10.11 41.55 -66.81
CA ALA C 224 11.57 41.38 -66.68
C ALA C 224 12.04 40.06 -67.29
N MET C 225 11.20 39.02 -67.16
CA MET C 225 11.49 37.70 -67.73
C MET C 225 10.92 37.56 -69.15
N GLN C 226 10.29 38.62 -69.66
CA GLN C 226 9.67 38.62 -70.99
C GLN C 226 10.72 38.62 -72.10
N GLY C 227 11.70 39.52 -71.97
CA GLY C 227 12.78 39.65 -72.96
C GLY C 227 13.89 38.63 -72.75
N PHE C 228 13.53 37.35 -72.83
CA PHE C 228 14.48 36.25 -72.68
C PHE C 228 14.09 35.10 -73.61
N GLU C 229 15.03 34.20 -73.85
CA GLU C 229 14.79 33.07 -74.75
C GLU C 229 13.89 32.04 -74.07
N ARG C 230 14.35 31.51 -72.93
CA ARG C 230 13.67 30.41 -72.24
C ARG C 230 13.56 30.67 -70.74
N VAL C 231 12.56 30.05 -70.12
CA VAL C 231 12.34 30.11 -68.68
C VAL C 231 12.04 28.71 -68.15
N TYR C 232 12.88 28.22 -67.24
CA TYR C 232 12.72 26.87 -66.68
C TYR C 232 12.13 26.91 -65.27
N ASP C 233 11.33 25.90 -64.95
CA ASP C 233 10.77 25.73 -63.61
C ASP C 233 11.53 24.64 -62.87
N VAL C 234 12.00 24.95 -61.66
CA VAL C 234 12.83 24.04 -60.87
C VAL C 234 12.31 23.94 -59.43
N ASP C 235 12.25 22.71 -58.92
CA ASP C 235 11.85 22.44 -57.53
C ASP C 235 12.92 21.61 -56.82
N TYR C 236 12.84 21.59 -55.49
CA TYR C 236 13.75 20.81 -54.65
C TYR C 236 12.98 19.81 -53.79
N SER C 237 13.69 18.80 -53.30
CA SER C 237 13.12 17.82 -52.37
C SER C 237 13.86 17.92 -51.03
N ASN C 238 13.12 18.24 -49.98
CA ASN C 238 13.69 18.46 -48.63
C ASN C 238 14.75 19.56 -48.63
N PHE C 239 14.37 20.72 -49.14
CA PHE C 239 15.29 21.85 -49.30
C PHE C 239 15.79 22.40 -47.96
N ASP C 240 14.93 22.37 -46.94
CA ASP C 240 15.26 22.93 -45.62
C ASP C 240 16.22 22.06 -44.82
N SER C 241 15.98 20.74 -44.81
CA SER C 241 16.79 19.82 -44.01
C SER C 241 18.11 19.42 -44.69
N THR C 242 18.25 19.71 -45.98
CA THR C 242 19.44 19.32 -46.75
C THR C 242 20.59 20.34 -46.63
N HIS C 243 20.28 21.59 -46.28
CA HIS C 243 21.25 22.69 -46.31
C HIS C 243 22.64 22.37 -45.75
N SER C 244 22.69 21.56 -44.69
CA SER C 244 23.95 21.11 -44.07
C SER C 244 24.69 22.23 -43.31
N VAL C 245 25.61 21.81 -42.44
CA VAL C 245 26.37 22.75 -41.61
C VAL C 245 27.39 23.57 -42.41
N ALA C 246 27.83 23.04 -43.54
CA ALA C 246 28.82 23.72 -44.39
C ALA C 246 28.27 24.98 -45.07
N MET C 247 26.96 24.99 -45.33
CA MET C 247 26.31 26.15 -45.95
C MET C 247 26.20 27.32 -44.97
N PHE C 248 25.97 27.02 -43.70
CA PHE C 248 25.90 28.06 -42.66
C PHE C 248 27.25 28.72 -42.37
N ARG C 249 28.34 27.99 -42.68
CA ARG C 249 29.69 28.57 -42.63
C ARG C 249 29.86 29.59 -43.75
N LEU C 250 29.42 29.24 -44.95
CA LEU C 250 29.52 30.11 -46.13
C LEU C 250 28.77 31.44 -45.93
N LEU C 251 27.54 31.35 -45.43
CA LEU C 251 26.71 32.54 -45.23
C LEU C 251 27.22 33.45 -44.13
N ALA C 252 27.72 32.86 -43.04
CA ALA C 252 28.25 33.63 -41.91
C ALA C 252 29.53 34.41 -42.28
N GLU C 253 30.36 33.81 -43.13
CA GLU C 253 31.67 34.36 -43.47
C GLU C 253 31.67 35.24 -44.73
N GLU C 254 30.93 34.82 -45.75
CA GLU C 254 30.92 35.53 -47.04
C GLU C 254 29.78 36.54 -47.14
N PHE C 255 28.58 36.13 -46.72
CA PHE C 255 27.37 36.93 -46.92
C PHE C 255 27.06 37.83 -45.71
N PHE C 256 26.76 37.22 -44.56
CA PHE C 256 26.37 37.95 -43.35
C PHE C 256 27.58 38.16 -42.43
N SER C 257 28.59 38.85 -42.93
CA SER C 257 29.83 39.08 -42.18
C SER C 257 30.03 40.55 -41.82
N GLU C 258 31.02 40.81 -40.98
CA GLU C 258 31.33 42.17 -40.53
C GLU C 258 31.85 43.06 -41.66
N GLU C 259 32.42 42.46 -42.69
CA GLU C 259 32.87 43.20 -43.88
C GLU C 259 31.70 43.77 -44.69
N ASN C 260 30.54 43.11 -44.62
CA ASN C 260 29.33 43.59 -45.27
C ASN C 260 28.45 44.49 -44.38
N GLY C 261 28.93 44.78 -43.17
CA GLY C 261 28.27 45.72 -42.27
C GLY C 261 27.25 45.09 -41.35
N PHE C 262 27.60 43.94 -40.78
CA PHE C 262 26.73 43.24 -39.83
C PHE C 262 27.32 43.22 -38.42
N ASP C 263 26.52 42.80 -37.45
CA ASP C 263 26.94 42.65 -36.07
C ASP C 263 27.84 41.42 -35.95
N PRO C 264 28.80 41.42 -35.00
CA PRO C 264 29.65 40.24 -34.82
C PRO C 264 28.91 38.97 -34.39
N LEU C 265 27.83 39.12 -33.63
CA LEU C 265 27.10 37.99 -33.06
C LEU C 265 26.35 37.14 -34.09
N VAL C 266 26.01 37.74 -35.24
CA VAL C 266 25.23 37.04 -36.28
C VAL C 266 25.92 35.77 -36.80
N LYS C 267 27.24 35.71 -36.70
CA LYS C 267 28.01 34.53 -37.09
C LYS C 267 27.76 33.37 -36.13
N ASP C 268 27.67 33.67 -34.84
CA ASP C 268 27.35 32.65 -33.83
C ASP C 268 25.86 32.28 -33.86
N TYR C 269 25.01 33.22 -34.29
CA TYR C 269 23.57 32.99 -34.42
C TYR C 269 23.27 31.93 -35.49
N LEU C 270 24.00 31.97 -36.60
CA LEU C 270 23.82 31.00 -37.69
C LEU C 270 24.24 29.59 -37.28
N GLU C 271 25.17 29.50 -36.32
CA GLU C 271 25.57 28.21 -35.75
C GLU C 271 24.44 27.57 -34.94
N SER C 272 23.63 28.41 -34.30
CA SER C 272 22.45 27.96 -33.55
C SER C 272 21.40 27.32 -34.46
N LEU C 273 21.36 27.77 -35.72
CA LEU C 273 20.48 27.17 -36.72
C LEU C 273 21.08 25.87 -37.26
N ALA C 274 22.40 25.84 -37.43
CA ALA C 274 23.10 24.65 -37.91
C ALA C 274 22.98 23.49 -36.93
N ILE C 275 23.41 23.71 -35.69
CA ILE C 275 23.27 22.71 -34.62
C ILE C 275 22.23 23.20 -33.61
N SER C 276 21.19 22.40 -33.40
CA SER C 276 20.05 22.83 -32.58
C SER C 276 19.46 21.69 -31.76
N LYS C 277 19.02 22.01 -30.54
CA LYS C 277 18.32 21.08 -29.67
C LYS C 277 16.84 21.10 -30.05
N HIS C 278 16.15 19.96 -29.85
CA HIS C 278 14.75 19.84 -30.21
C HIS C 278 13.94 19.04 -29.18
N ALA C 279 12.68 19.42 -29.01
CA ALA C 279 11.77 18.75 -28.10
C ALA C 279 10.54 18.22 -28.85
N TYR C 280 10.16 16.97 -28.56
CA TYR C 280 9.07 16.30 -29.25
C TYR C 280 8.52 15.22 -28.32
N GLU C 281 7.51 15.58 -27.52
CA GLU C 281 7.06 14.75 -26.40
C GLU C 281 8.25 14.58 -25.43
N GLU C 282 8.45 13.38 -24.88
CA GLU C 282 9.59 13.13 -23.99
C GLU C 282 10.93 13.00 -24.74
N LYS C 283 10.88 12.94 -26.07
CA LYS C 283 12.09 12.79 -26.88
C LYS C 283 12.90 14.09 -26.88
N ARG C 284 14.22 13.96 -26.76
CA ARG C 284 15.15 15.08 -26.89
C ARG C 284 16.29 14.64 -27.80
N TYR C 285 16.61 15.46 -28.79
CA TYR C 285 17.65 15.12 -29.77
C TYR C 285 18.34 16.34 -30.36
N LEU C 286 19.63 16.16 -30.66
CA LEU C 286 20.45 17.19 -31.30
C LEU C 286 20.54 16.85 -32.77
N ILE C 287 20.30 17.85 -33.63
CA ILE C 287 20.35 17.64 -35.08
C ILE C 287 21.27 18.67 -35.75
N THR C 288 22.38 18.18 -36.30
CA THR C 288 23.33 19.03 -37.02
C THR C 288 22.84 19.22 -38.45
N GLY C 289 23.04 20.41 -38.98
CA GLY C 289 22.53 20.77 -40.30
C GLY C 289 21.03 21.01 -40.28
N GLY C 290 20.48 21.32 -41.46
CA GLY C 290 19.06 21.61 -41.59
C GLY C 290 18.71 23.02 -41.14
N LEU C 291 17.49 23.43 -41.44
CA LEU C 291 17.02 24.78 -41.09
C LEU C 291 15.68 24.67 -40.35
N PRO C 292 15.59 25.29 -39.15
CA PRO C 292 14.30 25.36 -38.44
C PRO C 292 13.22 26.14 -39.20
N SER C 293 11.96 25.79 -38.96
CA SER C 293 10.82 26.48 -39.59
C SER C 293 10.67 27.92 -39.10
N GLY C 294 11.07 28.18 -37.85
CA GLY C 294 11.13 29.54 -37.34
C GLY C 294 12.37 30.25 -37.87
N CYS C 295 12.45 31.58 -37.74
CA CYS C 295 11.44 32.41 -37.09
C CYS C 295 11.33 33.74 -37.84
N ALA C 296 10.33 33.84 -38.71
CA ALA C 296 10.11 35.02 -39.57
C ALA C 296 11.12 35.10 -40.73
N ALA C 297 12.41 35.12 -40.42
CA ALA C 297 13.47 35.21 -41.42
C ALA C 297 13.78 33.86 -42.12
N THR C 298 13.02 32.82 -41.81
CA THR C 298 13.22 31.50 -42.42
C THR C 298 13.12 31.49 -43.95
N SER C 299 12.19 32.27 -44.50
CA SER C 299 11.92 32.27 -45.94
C SER C 299 13.00 33.03 -46.71
N MET C 300 13.56 34.07 -46.09
CA MET C 300 14.63 34.85 -46.70
C MET C 300 15.91 34.04 -46.84
N LEU C 301 16.26 33.29 -45.81
CA LEU C 301 17.47 32.47 -45.81
C LEU C 301 17.44 31.43 -46.93
N ASN C 302 16.31 30.76 -47.10
CA ASN C 302 16.14 29.78 -48.18
C ASN C 302 16.28 30.41 -49.56
N THR C 303 15.78 31.64 -49.71
CA THR C 303 15.86 32.38 -50.97
C THR C 303 17.30 32.80 -51.29
N VAL C 304 18.06 33.15 -50.26
CA VAL C 304 19.47 33.51 -50.42
C VAL C 304 20.31 32.29 -50.81
N MET C 305 20.07 31.16 -50.13
CA MET C 305 20.79 29.92 -50.42
C MET C 305 20.46 29.36 -51.80
N ASN C 306 19.17 29.35 -52.15
CA ASN C 306 18.71 28.84 -53.44
C ASN C 306 19.30 29.61 -54.62
N ASN C 307 19.45 30.93 -54.44
CA ASN C 307 20.06 31.78 -55.47
C ASN C 307 21.53 31.43 -55.68
N ILE C 308 22.19 30.98 -54.60
CA ILE C 308 23.59 30.56 -54.64
C ILE C 308 23.75 29.12 -55.15
N ILE C 309 22.92 28.21 -54.63
CA ILE C 309 23.09 26.77 -54.87
C ILE C 309 22.99 26.38 -56.35
N ILE C 310 21.93 26.83 -57.03
CA ILE C 310 21.69 26.42 -58.41
C ILE C 310 22.74 26.95 -59.40
N ARG C 311 23.29 28.14 -59.12
CA ARG C 311 24.37 28.69 -59.94
C ARG C 311 25.66 27.87 -59.76
N ALA C 312 25.94 27.47 -58.53
CA ALA C 312 27.06 26.58 -58.23
C ALA C 312 26.87 25.21 -58.89
N GLY C 313 25.61 24.75 -58.97
CA GLY C 313 25.26 23.53 -59.70
C GLY C 313 25.51 23.63 -61.19
N LEU C 314 25.25 24.82 -61.75
CA LEU C 314 25.52 25.09 -63.17
C LEU C 314 27.01 25.22 -63.47
N TYR C 315 27.78 25.76 -62.51
CA TYR C 315 29.25 25.82 -62.62
C TYR C 315 29.87 24.42 -62.73
N LEU C 316 29.34 23.47 -61.95
CA LEU C 316 29.81 22.09 -61.95
C LEU C 316 29.42 21.36 -63.24
N THR C 317 28.22 21.64 -63.75
CA THR C 317 27.70 20.97 -64.95
C THR C 317 28.31 21.56 -66.22
N TYR C 318 28.13 22.88 -66.41
CA TYR C 318 28.62 23.57 -67.60
C TYR C 318 30.04 24.12 -67.36
N LYS C 319 30.92 23.86 -68.32
CA LYS C 319 32.34 24.24 -68.20
C LYS C 319 32.58 25.75 -68.34
N ASN C 320 31.88 26.38 -69.28
CA ASN C 320 32.04 27.82 -69.53
C ASN C 320 30.85 28.63 -68.99
N PHE C 321 30.50 28.38 -67.72
CA PHE C 321 29.38 29.08 -67.10
C PHE C 321 29.82 30.42 -66.52
N GLU C 322 28.92 31.41 -66.60
CA GLU C 322 29.15 32.73 -66.02
C GLU C 322 27.94 33.11 -65.16
N PHE C 323 28.17 33.94 -64.16
CA PHE C 323 27.13 34.33 -63.19
C PHE C 323 25.94 35.01 -63.86
N ASP C 324 26.21 35.94 -64.78
CA ASP C 324 25.16 36.77 -65.39
C ASP C 324 24.50 36.15 -66.64
N ASP C 325 24.89 34.93 -66.99
CA ASP C 325 24.19 34.18 -68.04
C ASP C 325 22.75 33.92 -67.64
N VAL C 326 22.56 33.51 -66.38
CA VAL C 326 21.26 33.18 -65.83
C VAL C 326 20.77 34.29 -64.89
N LYS C 327 19.49 34.65 -65.01
CA LYS C 327 18.81 35.51 -64.05
C LYS C 327 17.79 34.67 -63.28
N VAL C 328 17.86 34.70 -61.96
CA VAL C 328 17.06 33.82 -61.11
C VAL C 328 16.01 34.58 -60.30
N LEU C 329 14.81 34.01 -60.25
CA LEU C 329 13.74 34.50 -59.37
C LEU C 329 13.31 33.36 -58.46
N SER C 330 13.08 33.66 -57.18
CA SER C 330 12.74 32.61 -56.21
C SER C 330 12.06 33.12 -54.95
N TYR C 331 11.22 32.25 -54.37
CA TYR C 331 10.62 32.48 -53.06
C TYR C 331 10.89 31.23 -52.23
N GLY C 332 12.07 31.19 -51.61
CA GLY C 332 12.52 30.01 -50.87
C GLY C 332 12.94 28.91 -51.83
N ASP C 333 12.34 27.72 -51.67
CA ASP C 333 12.68 26.56 -52.51
C ASP C 333 12.03 26.59 -53.90
N ASP C 334 11.04 27.46 -54.10
CA ASP C 334 10.44 27.65 -55.42
C ASP C 334 11.42 28.45 -56.27
N LEU C 335 11.78 27.91 -57.44
CA LEU C 335 12.88 28.46 -58.24
C LEU C 335 12.51 28.57 -59.72
N LEU C 336 12.75 29.76 -60.29
CA LEU C 336 12.57 30.01 -61.71
C LEU C 336 13.91 30.43 -62.34
N VAL C 337 14.22 29.85 -63.50
CA VAL C 337 15.49 30.11 -64.19
C VAL C 337 15.26 30.75 -65.56
N ALA C 338 15.46 32.06 -65.63
CA ALA C 338 15.35 32.80 -66.89
C ALA C 338 16.74 32.97 -67.51
N THR C 339 16.89 32.51 -68.75
CA THR C 339 18.19 32.56 -69.43
C THR C 339 18.05 32.40 -70.93
N ASN C 340 19.04 32.91 -71.66
CA ASN C 340 19.09 32.79 -73.12
C ASN C 340 19.57 31.41 -73.57
N TYR C 341 20.38 30.77 -72.74
CA TYR C 341 20.98 29.46 -73.05
C TYR C 341 19.96 28.33 -72.98
N GLN C 342 20.28 27.21 -73.63
CA GLN C 342 19.51 25.98 -73.53
C GLN C 342 20.15 25.07 -72.49
N LEU C 343 19.61 25.09 -71.27
CA LEU C 343 20.19 24.34 -70.16
C LEU C 343 19.59 22.93 -70.06
N ASN C 344 20.46 21.94 -69.89
CA ASN C 344 20.06 20.55 -69.71
C ASN C 344 20.12 20.17 -68.23
N PHE C 345 18.97 20.24 -67.56
CA PHE C 345 18.90 20.05 -66.10
C PHE C 345 18.97 18.58 -65.66
N ASP C 346 18.89 17.64 -66.60
CA ASP C 346 19.12 16.23 -66.30
C ASP C 346 20.57 16.01 -65.86
N ARG C 347 21.49 16.76 -66.48
CA ARG C 347 22.90 16.72 -66.11
C ARG C 347 23.20 17.60 -64.88
N VAL C 348 22.40 18.65 -64.68
CA VAL C 348 22.50 19.49 -63.48
C VAL C 348 21.93 18.77 -62.26
N ARG C 349 20.99 17.85 -62.49
CA ARG C 349 20.44 17.02 -61.43
C ARG C 349 21.50 16.12 -60.82
N THR C 350 22.26 15.44 -61.67
CA THR C 350 23.32 14.52 -61.24
C THR C 350 24.52 15.25 -60.62
N SER C 351 24.78 16.47 -61.09
CA SER C 351 25.86 17.30 -60.54
C SER C 351 25.55 17.74 -59.11
N LEU C 352 24.35 18.28 -58.91
CA LEU C 352 23.90 18.73 -57.60
C LEU C 352 23.57 17.56 -56.65
N ALA C 353 23.23 16.40 -57.22
CA ALA C 353 22.92 15.21 -56.43
C ALA C 353 24.08 14.78 -55.53
N LYS C 354 25.30 14.87 -56.06
CA LYS C 354 26.51 14.52 -55.30
C LYS C 354 26.80 15.53 -54.18
N THR C 355 26.51 16.80 -54.44
CA THR C 355 26.77 17.87 -53.47
C THR C 355 25.76 17.87 -52.32
N GLY C 356 24.58 17.29 -52.54
CA GLY C 356 23.57 17.15 -51.48
C GLY C 356 22.15 17.40 -51.95
N TYR C 357 21.96 18.45 -52.74
CA TYR C 357 20.62 18.90 -53.13
C TYR C 357 20.14 18.18 -54.40
N LYS C 358 19.12 17.34 -54.25
CA LYS C 358 18.45 16.75 -55.41
C LYS C 358 17.34 17.70 -55.86
N ILE C 359 17.23 17.87 -57.18
CA ILE C 359 16.18 18.72 -57.77
C ILE C 359 15.28 17.86 -58.66
N THR C 360 14.04 18.29 -58.83
CA THR C 360 13.08 17.61 -59.70
C THR C 360 12.39 18.61 -60.63
N PRO C 361 11.91 18.13 -61.80
CA PRO C 361 11.20 18.98 -62.76
C PRO C 361 9.89 19.62 -62.27
N ALA C 362 9.34 19.12 -61.17
CA ALA C 362 8.09 19.64 -60.58
C ALA C 362 6.83 19.12 -61.27
N ASN C 363 6.84 19.04 -62.60
CA ASN C 363 5.71 18.53 -63.38
C ASN C 363 5.18 17.16 -62.93
N LYS C 364 6.07 16.31 -62.41
CA LYS C 364 5.74 15.01 -61.77
C LYS C 364 6.72 13.92 -62.20
N THR C 365 6.75 13.61 -63.50
CA THR C 365 7.68 12.63 -64.05
C THR C 365 9.09 13.21 -64.13
N SER C 366 10.08 12.43 -63.71
CA SER C 366 11.47 12.86 -63.70
C SER C 366 12.08 12.85 -65.10
N THR C 367 11.70 13.85 -65.90
CA THR C 367 12.26 14.04 -67.24
C THR C 367 12.25 15.54 -67.56
N PHE C 368 13.37 16.22 -67.27
CA PHE C 368 13.49 17.65 -67.51
C PHE C 368 13.30 17.99 -68.99
N PRO C 369 12.49 19.03 -69.28
CA PRO C 369 12.34 19.46 -70.67
C PRO C 369 13.56 20.24 -71.14
N LEU C 370 13.94 20.07 -72.40
CA LEU C 370 15.13 20.71 -72.94
C LEU C 370 14.98 22.23 -73.02
N GLU C 371 13.79 22.69 -73.41
CA GLU C 371 13.48 24.12 -73.47
C GLU C 371 12.02 24.39 -73.12
N SER C 372 11.77 25.54 -72.50
CA SER C 372 10.40 25.95 -72.12
C SER C 372 10.32 27.47 -71.97
N THR C 373 9.14 28.01 -72.22
CA THR C 373 8.91 29.47 -72.22
C THR C 373 8.27 29.94 -70.91
N LEU C 374 8.05 31.25 -70.80
CA LEU C 374 7.45 31.87 -69.61
C LEU C 374 6.04 31.36 -69.28
N GLU C 375 5.29 31.01 -70.31
CA GLU C 375 3.90 30.55 -70.14
C GLU C 375 3.77 29.12 -69.60
N ASP C 376 4.89 28.39 -69.51
CA ASP C 376 4.89 27.02 -69.01
C ASP C 376 5.15 26.91 -67.50
N VAL C 377 5.90 27.87 -66.94
CA VAL C 377 6.36 27.78 -65.55
C VAL C 377 5.25 28.02 -64.53
N VAL C 378 5.43 27.44 -63.34
CA VAL C 378 4.54 27.66 -62.20
C VAL C 378 5.36 28.24 -61.06
N PHE C 379 4.88 29.36 -60.50
CA PHE C 379 5.58 30.08 -59.43
C PHE C 379 4.58 30.50 -58.36
N LEU C 380 4.76 29.98 -57.15
CA LEU C 380 3.83 30.23 -56.04
C LEU C 380 2.41 29.74 -56.35
N LYS C 381 2.33 28.56 -56.97
CA LYS C 381 1.06 27.94 -57.39
C LYS C 381 0.27 28.77 -58.41
N ARG C 382 0.96 29.64 -59.14
CA ARG C 382 0.33 30.55 -60.10
C ARG C 382 1.00 30.42 -61.46
N LYS C 383 0.29 30.86 -62.50
CA LYS C 383 0.85 30.94 -63.85
C LYS C 383 0.90 32.40 -64.32
N PHE C 384 1.51 32.62 -65.48
CA PHE C 384 1.65 33.96 -66.03
C PHE C 384 0.71 34.16 -67.24
N LYS C 385 -0.45 34.75 -66.97
CA LYS C 385 -1.45 35.04 -67.99
C LYS C 385 -1.13 36.35 -68.70
N LYS C 386 -0.77 36.26 -69.98
CA LYS C 386 -0.48 37.43 -70.79
C LYS C 386 -1.77 38.11 -71.21
N GLU C 387 -1.92 39.39 -70.85
CA GLU C 387 -3.13 40.15 -71.16
C GLU C 387 -2.83 41.64 -71.23
N GLY C 388 -2.73 42.16 -72.45
CA GLY C 388 -2.39 43.57 -72.67
C GLY C 388 -0.96 43.84 -72.26
N PRO C 389 -0.74 44.94 -71.52
CA PRO C 389 0.59 45.21 -70.96
C PRO C 389 0.81 44.58 -69.58
N LEU C 390 -0.19 43.89 -69.03
CA LEU C 390 -0.13 43.33 -67.69
C LEU C 390 0.00 41.80 -67.69
N TYR C 391 0.61 41.28 -66.63
CA TYR C 391 0.58 39.85 -66.31
C TYR C 391 -0.22 39.65 -65.04
N ARG C 392 -1.04 38.60 -65.00
CA ARG C 392 -1.92 38.35 -63.85
C ARG C 392 -1.78 36.91 -63.35
N PRO C 393 -1.71 36.73 -62.02
CA PRO C 393 -1.46 35.42 -61.43
C PRO C 393 -2.69 34.50 -61.45
N VAL C 394 -2.83 33.72 -62.51
CA VAL C 394 -3.91 32.73 -62.60
C VAL C 394 -3.52 31.51 -61.77
N MET C 395 -4.14 31.39 -60.60
CA MET C 395 -3.83 30.29 -59.68
C MET C 395 -4.39 28.97 -60.17
N ASN C 396 -3.70 27.88 -59.82
CA ASN C 396 -4.08 26.53 -60.23
C ASN C 396 -5.53 26.20 -59.85
N ARG C 397 -6.24 25.54 -60.77
CA ARG C 397 -7.65 25.20 -60.57
C ARG C 397 -7.85 24.12 -59.50
N GLU C 398 -6.88 23.22 -59.39
CA GLU C 398 -6.94 22.14 -58.40
C GLU C 398 -6.62 22.64 -57.00
N ALA C 399 -5.78 23.67 -56.91
CA ALA C 399 -5.37 24.26 -55.64
C ALA C 399 -6.49 25.07 -54.98
N LEU C 400 -7.19 25.86 -55.79
CA LEU C 400 -8.29 26.71 -55.29
C LEU C 400 -9.43 25.87 -54.69
N GLU C 401 -9.74 24.74 -55.33
CA GLU C 401 -10.80 23.85 -54.85
C GLU C 401 -10.45 23.18 -53.52
N ALA C 402 -9.15 22.94 -53.29
CA ALA C 402 -8.68 22.39 -52.02
C ALA C 402 -8.79 23.41 -50.88
N MET C 403 -8.53 24.68 -51.20
CA MET C 403 -8.63 25.77 -50.21
C MET C 403 -10.07 26.00 -49.77
N LEU C 404 -11.00 25.93 -50.72
CA LEU C 404 -12.43 26.13 -50.43
C LEU C 404 -13.08 24.92 -49.78
N SER C 405 -12.45 23.75 -49.88
CA SER C 405 -12.98 22.51 -49.30
C SER C 405 -12.90 22.48 -47.77
N TYR C 406 -11.77 22.95 -47.21
CA TYR C 406 -11.56 22.93 -45.77
C TYR C 406 -11.37 24.34 -45.21
N TYR C 407 -11.70 24.53 -43.94
CA TYR C 407 -11.58 25.83 -43.29
C TYR C 407 -11.34 25.69 -41.79
N ARG C 408 -10.96 26.79 -41.15
CA ARG C 408 -10.75 26.85 -39.71
C ARG C 408 -11.89 27.65 -39.06
N PRO C 409 -12.81 26.98 -38.36
CA PRO C 409 -13.98 27.64 -37.76
C PRO C 409 -13.64 28.90 -36.96
N GLY C 410 -14.40 29.97 -37.22
CA GLY C 410 -14.16 31.26 -36.59
C GLY C 410 -13.66 32.31 -37.57
N THR C 411 -13.07 31.86 -38.69
CA THR C 411 -12.52 32.75 -39.70
C THR C 411 -12.87 32.29 -41.12
N LEU C 412 -14.14 31.98 -41.34
CA LEU C 412 -14.61 31.57 -42.67
C LEU C 412 -14.70 32.76 -43.62
N SER C 413 -15.15 33.90 -43.11
CA SER C 413 -15.30 35.12 -43.91
C SER C 413 -13.94 35.68 -44.36
N GLU C 414 -12.97 35.72 -43.46
CA GLU C 414 -11.61 36.15 -43.79
C GLU C 414 -11.01 35.28 -44.89
N LYS C 415 -11.26 33.97 -44.80
CA LYS C 415 -10.75 33.02 -45.78
C LYS C 415 -11.38 33.23 -47.15
N LEU C 416 -12.71 33.35 -47.18
CA LEU C 416 -13.43 33.56 -48.44
C LEU C 416 -13.10 34.91 -49.08
N THR C 417 -12.86 35.93 -48.25
CA THR C 417 -12.47 37.25 -48.75
C THR C 417 -11.10 37.22 -49.44
N SER C 418 -10.16 36.46 -48.89
CA SER C 418 -8.83 36.34 -49.47
C SER C 418 -8.84 35.48 -50.75
N ILE C 419 -9.65 34.41 -50.75
CA ILE C 419 -9.74 33.50 -51.89
C ILE C 419 -10.39 34.17 -53.11
N THR C 420 -11.31 35.11 -52.88
CA THR C 420 -11.94 35.86 -53.97
C THR C 420 -10.94 36.67 -54.79
N MET C 421 -9.91 37.18 -54.13
CA MET C 421 -8.86 37.97 -54.79
C MET C 421 -7.91 37.09 -55.61
N LEU C 422 -7.85 35.80 -55.27
CA LEU C 422 -7.07 34.83 -56.02
C LEU C 422 -7.85 34.25 -57.20
N ALA C 423 -9.13 33.97 -56.99
CA ALA C 423 -9.97 33.34 -57.99
C ALA C 423 -10.47 34.30 -59.08
N VAL C 424 -10.35 35.60 -58.84
CA VAL C 424 -10.79 36.62 -59.81
C VAL C 424 -10.03 36.56 -61.15
N HIS C 425 -8.79 36.06 -61.12
CA HIS C 425 -7.97 35.99 -62.32
C HIS C 425 -8.34 34.82 -63.25
N SER C 426 -9.20 33.91 -62.78
CA SER C 426 -9.61 32.75 -63.56
C SER C 426 -10.91 32.94 -64.34
N GLY C 427 -11.42 34.17 -64.41
CA GLY C 427 -12.62 34.48 -65.19
C GLY C 427 -13.91 34.40 -64.39
N LYS C 428 -14.97 34.99 -64.93
CA LYS C 428 -16.27 35.06 -64.24
C LYS C 428 -16.92 33.70 -64.06
N GLN C 429 -16.98 32.94 -65.15
CA GLN C 429 -17.66 31.64 -65.16
C GLN C 429 -17.05 30.68 -64.14
N GLU C 430 -15.72 30.66 -64.05
CA GLU C 430 -15.00 29.83 -63.09
C GLU C 430 -15.14 30.39 -61.66
N TYR C 431 -15.09 31.71 -61.53
CA TYR C 431 -15.24 32.38 -60.23
C TYR C 431 -16.59 32.05 -59.58
N ASP C 432 -17.67 32.16 -60.34
CA ASP C 432 -19.01 31.86 -59.84
C ASP C 432 -19.18 30.37 -59.50
N ARG C 433 -18.52 29.51 -60.27
CA ARG C 433 -18.58 28.06 -60.03
C ARG C 433 -17.85 27.67 -58.74
N LEU C 434 -16.73 28.35 -58.47
CA LEU C 434 -15.96 28.11 -57.24
C LEU C 434 -16.75 28.47 -55.98
N PHE C 435 -17.55 29.54 -56.05
CA PHE C 435 -18.35 30.01 -54.91
C PHE C 435 -19.83 29.63 -55.01
N ALA C 436 -20.19 28.80 -55.99
CA ALA C 436 -21.57 28.34 -56.13
C ALA C 436 -22.06 27.48 -54.94
N PRO C 437 -21.18 26.60 -54.41
CA PRO C 437 -21.56 25.84 -53.22
C PRO C 437 -21.87 26.69 -51.99
N PHE C 438 -21.14 27.79 -51.81
CA PHE C 438 -21.35 28.68 -50.66
C PHE C 438 -22.57 29.56 -50.83
N ARG C 439 -22.82 30.05 -52.04
CA ARG C 439 -23.99 30.88 -52.33
C ARG C 439 -25.31 30.10 -52.20
N GLU C 440 -25.25 28.79 -52.40
CA GLU C 440 -26.42 27.92 -52.24
C GLU C 440 -26.88 27.81 -50.78
N VAL C 441 -25.91 27.83 -49.86
CA VAL C 441 -26.20 27.64 -48.43
C VAL C 441 -26.26 28.99 -47.67
N GLY C 442 -26.53 30.08 -48.40
CA GLY C 442 -26.74 31.38 -47.77
C GLY C 442 -25.47 32.06 -47.28
N VAL C 443 -24.47 32.15 -48.16
CA VAL C 443 -23.22 32.84 -47.88
C VAL C 443 -22.89 33.76 -49.05
N ILE C 444 -23.04 35.08 -48.83
CA ILE C 444 -22.77 36.05 -49.88
C ILE C 444 -21.27 36.29 -50.07
N VAL C 445 -20.85 36.36 -51.34
CA VAL C 445 -19.49 36.75 -51.69
C VAL C 445 -19.58 37.87 -52.74
N PRO C 446 -18.56 38.75 -52.79
CA PRO C 446 -18.60 39.86 -53.74
C PRO C 446 -18.82 39.41 -55.18
N THR C 447 -19.45 40.28 -55.99
CA THR C 447 -19.65 40.01 -57.40
C THR C 447 -18.29 39.93 -58.09
N PHE C 448 -18.19 39.11 -59.13
CA PHE C 448 -16.96 39.01 -59.92
C PHE C 448 -16.52 40.37 -60.43
N GLU C 449 -17.46 41.12 -61.01
CA GLU C 449 -17.17 42.43 -61.59
C GLU C 449 -16.65 43.42 -60.55
N SER C 450 -17.11 43.27 -59.30
CA SER C 450 -16.65 44.12 -58.20
C SER C 450 -15.17 43.92 -57.89
N VAL C 451 -14.79 42.66 -57.63
CA VAL C 451 -13.40 42.34 -57.27
C VAL C 451 -12.43 42.45 -58.46
N GLU C 452 -12.94 42.27 -59.69
CA GLU C 452 -12.12 42.39 -60.90
C GLU C 452 -11.79 43.87 -61.15
N TYR C 453 -12.77 44.75 -60.92
CA TYR C 453 -12.57 46.20 -61.03
C TYR C 453 -11.56 46.72 -60.00
N ARG C 454 -11.53 46.11 -58.82
CA ARG C 454 -10.60 46.53 -57.77
C ARG C 454 -9.16 46.12 -58.09
N TRP C 455 -9.00 45.09 -58.93
CA TRP C 455 -7.68 44.70 -59.44
C TRP C 455 -7.25 45.58 -60.61
N ARG C 456 -8.20 46.10 -61.38
CA ARG C 456 -7.91 47.10 -62.40
C ARG C 456 -7.31 48.36 -61.79
N SER C 457 -7.69 48.65 -60.53
CA SER C 457 -7.01 49.66 -59.72
C SER C 457 -5.62 49.15 -59.37
N LEU C 458 -4.80 50.04 -58.82
CA LEU C 458 -3.35 49.78 -58.62
C LEU C 458 -2.55 49.97 -59.91
N PHE C 459 -3.24 50.25 -61.02
CA PHE C 459 -2.59 50.48 -62.32
C PHE C 459 -3.03 51.78 -62.99
N TRP C 460 -3.75 52.64 -62.26
CA TRP C 460 -4.20 53.92 -62.80
C TRP C 460 -3.10 54.98 -62.63
N GLY D 1 -7.75 -58.44 15.91
CA GLY D 1 -9.11 -58.18 16.48
C GLY D 1 -9.20 -58.52 17.96
N ALA D 2 -8.56 -57.70 18.78
CA ALA D 2 -8.65 -57.87 20.24
C ALA D 2 -10.05 -57.51 20.73
N LEU D 3 -10.58 -56.39 20.23
CA LEU D 3 -11.91 -55.93 20.57
C LEU D 3 -12.06 -55.77 22.09
N GLU D 4 -11.07 -55.13 22.70
CA GLU D 4 -11.02 -54.94 24.15
C GLU D 4 -12.02 -53.86 24.57
N ARG D 5 -12.85 -54.18 25.56
CA ARG D 5 -13.89 -53.27 26.04
C ARG D 5 -13.30 -52.21 26.95
N LEU D 6 -13.72 -50.96 26.74
CA LEU D 6 -13.32 -49.82 27.56
C LEU D 6 -14.53 -49.28 28.33
N PRO D 7 -14.29 -48.44 29.36
CA PRO D 7 -15.41 -47.88 30.12
C PRO D 7 -16.29 -46.97 29.27
N ASP D 8 -17.60 -47.03 29.47
CA ASP D 8 -18.56 -46.29 28.66
C ASP D 8 -18.51 -44.79 28.93
N GLY D 9 -18.85 -44.02 27.90
CA GLY D 9 -18.83 -42.55 27.98
C GLY D 9 -20.08 -41.93 27.39
N PRO D 10 -20.02 -40.61 27.06
CA PRO D 10 -21.15 -39.90 26.47
C PRO D 10 -21.71 -40.57 25.21
N ARG D 11 -23.04 -40.56 25.09
CA ARG D 11 -23.72 -41.22 23.97
C ARG D 11 -23.63 -40.39 22.69
N ILE D 12 -22.88 -40.90 21.71
CA ILE D 12 -22.74 -40.27 20.40
C ILE D 12 -23.68 -40.99 19.43
N HIS D 13 -24.68 -40.27 18.93
CA HIS D 13 -25.78 -40.89 18.20
C HIS D 13 -25.37 -41.55 16.87
N VAL D 14 -25.63 -42.86 16.77
CA VAL D 14 -25.49 -43.59 15.52
C VAL D 14 -26.79 -43.41 14.73
N PRO D 15 -26.70 -42.95 13.46
CA PRO D 15 -27.91 -42.79 12.65
C PRO D 15 -28.63 -44.12 12.40
N ARG D 16 -29.94 -44.13 12.60
CA ARG D 16 -30.75 -45.36 12.49
C ARG D 16 -31.73 -45.36 11.33
N LYS D 17 -31.80 -44.26 10.58
CA LYS D 17 -32.79 -44.10 9.51
C LYS D 17 -32.10 -43.83 8.17
N THR D 18 -32.41 -44.68 7.17
CA THR D 18 -31.84 -44.54 5.83
C THR D 18 -32.33 -43.28 5.12
N ALA D 19 -31.47 -42.73 4.26
CA ALA D 19 -31.81 -41.59 3.42
C ALA D 19 -32.20 -42.03 2.01
N LEU D 20 -32.06 -43.32 1.72
CA LEU D 20 -32.40 -43.86 0.40
C LEU D 20 -33.91 -44.02 0.25
N ARG D 21 -34.43 -43.55 -0.89
CA ARG D 21 -35.82 -43.77 -1.27
C ARG D 21 -35.82 -44.46 -2.62
N PRO D 22 -36.88 -45.23 -2.92
CA PRO D 22 -36.96 -45.88 -4.23
C PRO D 22 -37.39 -44.89 -5.33
N THR D 23 -36.92 -45.13 -6.54
CA THR D 23 -37.28 -44.32 -7.71
C THR D 23 -38.43 -44.99 -8.45
N VAL D 24 -38.88 -44.37 -9.54
CA VAL D 24 -39.86 -44.99 -10.44
C VAL D 24 -39.30 -46.20 -11.19
N ALA D 25 -37.97 -46.33 -11.21
CA ALA D 25 -37.30 -47.45 -11.89
C ALA D 25 -37.12 -48.69 -11.01
N ARG D 26 -37.45 -48.60 -9.72
CA ARG D 26 -37.33 -49.75 -8.82
C ARG D 26 -38.33 -50.86 -9.18
N GLN D 27 -39.59 -50.47 -9.39
CA GLN D 27 -40.64 -51.41 -9.78
C GLN D 27 -40.41 -52.02 -11.16
N VAL D 28 -39.68 -51.30 -12.01
CA VAL D 28 -39.36 -51.77 -13.36
C VAL D 28 -38.27 -52.83 -13.32
N PHE D 29 -37.15 -52.52 -12.68
CA PHE D 29 -35.99 -53.42 -12.65
C PHE D 29 -36.08 -54.48 -11.54
N GLN D 30 -36.56 -54.08 -10.37
CA GLN D 30 -36.68 -54.98 -9.20
C GLN D 30 -35.34 -55.64 -8.87
N PRO D 31 -34.38 -54.85 -8.34
CA PRO D 31 -33.05 -55.39 -8.05
C PRO D 31 -33.03 -56.30 -6.83
N ALA D 32 -31.98 -57.09 -6.69
CA ALA D 32 -31.75 -57.92 -5.51
C ALA D 32 -30.90 -57.16 -4.50
N PHE D 33 -31.22 -55.87 -4.31
CA PHE D 33 -30.49 -55.00 -3.40
C PHE D 33 -31.50 -54.11 -2.68
N ALA D 34 -31.16 -53.73 -1.45
CA ALA D 34 -32.02 -52.86 -0.65
C ALA D 34 -31.19 -52.11 0.38
N PRO D 35 -31.71 -50.97 0.87
CA PRO D 35 -31.03 -50.18 1.91
C PRO D 35 -30.52 -51.04 3.07
N ALA D 36 -29.34 -50.70 3.58
CA ALA D 36 -28.71 -51.47 4.65
C ALA D 36 -29.49 -51.32 5.95
N VAL D 37 -29.44 -52.37 6.78
CA VAL D 37 -30.07 -52.34 8.09
C VAL D 37 -29.25 -51.45 9.02
N LEU D 38 -29.87 -50.38 9.52
CA LEU D 38 -29.20 -49.46 10.44
C LEU D 38 -29.75 -49.57 11.86
N SER D 39 -30.81 -50.37 12.03
CA SER D 39 -31.57 -50.40 13.28
C SER D 39 -31.76 -51.81 13.83
N LYS D 40 -31.89 -51.90 15.15
CA LYS D 40 -32.24 -53.15 15.83
C LYS D 40 -33.68 -53.54 15.55
N PHE D 41 -34.55 -52.54 15.37
CA PHE D 41 -35.98 -52.76 15.21
C PHE D 41 -36.40 -52.76 13.73
N ASP D 42 -35.51 -53.27 12.88
CA ASP D 42 -35.80 -53.39 11.45
C ASP D 42 -36.55 -54.71 11.24
N PRO D 43 -37.80 -54.65 10.71
CA PRO D 43 -38.57 -55.88 10.51
C PRO D 43 -38.04 -56.78 9.39
N ARG D 44 -37.19 -56.25 8.52
CA ARG D 44 -36.62 -57.03 7.42
C ARG D 44 -35.60 -58.06 7.88
N THR D 45 -35.01 -57.85 9.06
CA THR D 45 -33.99 -58.77 9.60
C THR D 45 -34.42 -59.40 10.92
N ASP D 46 -33.87 -60.57 11.20
CA ASP D 46 -34.15 -61.29 12.44
C ASP D 46 -33.13 -60.98 13.53
N ALA D 47 -31.87 -60.79 13.14
CA ALA D 47 -30.77 -60.60 14.08
C ALA D 47 -30.54 -59.13 14.46
N ASP D 48 -29.83 -58.94 15.58
CA ASP D 48 -29.46 -57.61 16.06
C ASP D 48 -28.28 -57.08 15.25
N VAL D 49 -28.44 -55.90 14.65
CA VAL D 49 -27.42 -55.33 13.78
C VAL D 49 -26.17 -54.84 14.53
N ASP D 50 -26.35 -54.38 15.77
CA ASP D 50 -25.23 -53.93 16.59
C ASP D 50 -24.34 -55.10 17.02
N GLU D 51 -24.96 -56.24 17.32
CA GLU D 51 -24.21 -57.44 17.67
C GLU D 51 -23.50 -58.03 16.46
N VAL D 52 -24.18 -58.11 15.33
CA VAL D 52 -23.61 -58.68 14.10
C VAL D 52 -22.38 -57.91 13.62
N ALA D 53 -22.41 -56.58 13.77
CA ALA D 53 -21.27 -55.74 13.41
C ALA D 53 -20.06 -56.01 14.31
N PHE D 54 -20.32 -56.19 15.61
CA PHE D 54 -19.27 -56.41 16.59
C PHE D 54 -18.89 -57.89 16.75
N SER D 55 -19.78 -58.79 16.33
CA SER D 55 -19.51 -60.23 16.36
C SER D 55 -18.60 -60.62 15.21
N LYS D 56 -17.33 -60.22 15.33
CA LYS D 56 -16.32 -60.45 14.29
C LYS D 56 -14.96 -60.13 14.91
N HIS D 57 -13.97 -59.81 14.07
CA HIS D 57 -12.64 -59.40 14.54
C HIS D 57 -11.95 -60.52 15.33
N THR D 58 -11.51 -61.54 14.61
CA THR D 58 -10.75 -62.64 15.20
C THR D 58 -9.31 -62.19 15.39
N SER D 59 -8.63 -62.77 16.38
CA SER D 59 -7.24 -62.42 16.70
C SER D 59 -6.36 -62.41 15.45
N ASN D 60 -5.78 -61.26 15.13
CA ASN D 60 -4.96 -61.11 13.94
C ASN D 60 -3.62 -61.82 14.08
N GLN D 61 -3.01 -62.14 12.94
CA GLN D 61 -1.83 -62.99 12.90
C GLN D 61 -0.55 -62.22 13.25
N GLU D 62 -0.07 -62.40 14.49
CA GLU D 62 1.21 -61.84 14.91
C GLU D 62 2.35 -62.62 14.26
N THR D 63 2.28 -63.94 14.33
CA THR D 63 3.26 -64.82 13.69
C THR D 63 3.09 -64.81 12.18
N LEU D 64 3.72 -63.84 11.53
CA LEU D 64 3.66 -63.67 10.08
C LEU D 64 4.96 -64.19 9.45
N PRO D 65 4.87 -64.96 8.33
CA PRO D 65 6.06 -65.49 7.68
C PRO D 65 7.09 -64.42 7.25
N PRO D 66 8.35 -64.84 7.03
CA PRO D 66 9.40 -63.93 6.58
C PRO D 66 9.33 -63.60 5.08
N VAL D 67 8.49 -64.30 4.34
CA VAL D 67 8.31 -64.07 2.91
C VAL D 67 7.67 -62.70 2.66
N PHE D 68 6.81 -62.28 3.59
CA PHE D 68 6.15 -60.96 3.51
C PHE D 68 7.16 -59.82 3.65
N ARG D 69 8.18 -60.01 4.50
CA ARG D 69 9.20 -58.99 4.70
C ARG D 69 10.11 -58.83 3.48
N MET D 70 10.39 -59.94 2.78
CA MET D 70 11.25 -59.91 1.60
C MET D 70 10.58 -59.15 0.46
N VAL D 71 9.35 -59.56 0.12
CA VAL D 71 8.61 -58.93 -0.97
C VAL D 71 8.21 -57.48 -0.66
N ALA D 72 8.12 -57.15 0.63
CA ALA D 72 7.83 -55.78 1.05
C ALA D 72 8.94 -54.82 0.60
N ARG D 73 10.18 -55.17 0.91
CA ARG D 73 11.33 -54.35 0.48
C ARG D 73 11.58 -54.46 -1.03
N GLU D 74 11.23 -55.60 -1.62
CA GLU D 74 11.36 -55.80 -3.06
C GLU D 74 10.40 -54.88 -3.81
N TYR D 75 9.13 -54.88 -3.40
CA TYR D 75 8.12 -54.00 -3.99
C TYR D 75 8.41 -52.53 -3.68
N ALA D 76 8.99 -52.27 -2.51
CA ALA D 76 9.38 -50.92 -2.11
C ALA D 76 10.45 -50.35 -3.05
N ASN D 77 11.52 -51.13 -3.27
CA ASN D 77 12.63 -50.70 -4.12
C ASN D 77 12.22 -50.21 -5.50
N ARG D 78 11.22 -50.87 -6.08
CA ARG D 78 10.76 -50.53 -7.44
C ARG D 78 9.91 -49.26 -7.44
N VAL D 79 9.08 -49.10 -6.41
CA VAL D 79 8.18 -47.94 -6.28
C VAL D 79 8.97 -46.65 -6.12
N PHE D 80 9.96 -46.65 -5.21
CA PHE D 80 10.73 -45.45 -4.90
C PHE D 80 11.80 -45.15 -5.96
N ALA D 81 12.21 -46.18 -6.71
CA ALA D 81 13.09 -45.99 -7.87
C ALA D 81 12.34 -45.30 -9.01
N LEU D 82 11.04 -45.56 -9.11
CA LEU D 82 10.19 -45.00 -10.16
C LEU D 82 9.73 -43.58 -9.80
N LEU D 83 9.22 -43.41 -8.59
CA LEU D 83 8.66 -42.12 -8.15
C LEU D 83 9.72 -41.19 -7.59
N GLY D 84 10.47 -41.68 -6.60
CA GLY D 84 11.51 -40.90 -5.93
C GLY D 84 11.51 -41.12 -4.43
N ARG D 85 12.53 -40.59 -3.76
CA ARG D 85 12.67 -40.73 -2.31
C ARG D 85 12.57 -39.37 -1.59
N ASP D 86 11.83 -38.44 -2.18
CA ASP D 86 11.59 -37.12 -1.56
C ASP D 86 10.15 -37.05 -1.05
N ASN D 87 9.83 -37.94 -0.11
CA ASN D 87 8.47 -38.12 0.40
C ASN D 87 8.31 -37.61 1.83
N GLY D 88 8.90 -36.45 2.13
CA GLY D 88 8.95 -35.92 3.48
C GLY D 88 7.65 -35.31 3.97
N ARG D 89 7.76 -34.53 5.05
CA ARG D 89 6.61 -33.90 5.68
C ARG D 89 6.12 -32.70 4.86
N LEU D 90 4.80 -32.59 4.71
CA LEU D 90 4.16 -31.42 4.12
C LEU D 90 3.67 -30.50 5.24
N SER D 91 3.56 -29.21 4.94
CA SER D 91 3.03 -28.25 5.91
C SER D 91 1.52 -28.41 6.06
N VAL D 92 0.96 -27.74 7.07
CA VAL D 92 -0.49 -27.78 7.31
C VAL D 92 -1.23 -27.06 6.17
N LYS D 93 -0.59 -26.03 5.62
CA LYS D 93 -1.09 -25.34 4.43
C LYS D 93 -1.18 -26.32 3.26
N GLN D 94 -0.11 -27.08 3.04
CA GLN D 94 -0.03 -28.05 1.95
C GLN D 94 -0.96 -29.25 2.11
N ALA D 95 -1.34 -29.56 3.36
CA ALA D 95 -2.27 -30.67 3.62
C ALA D 95 -3.69 -30.35 3.16
N LEU D 96 -4.06 -29.06 3.20
CA LEU D 96 -5.43 -28.62 2.90
C LEU D 96 -5.67 -28.32 1.43
N ASP D 97 -4.70 -27.68 0.77
CA ASP D 97 -4.89 -27.13 -0.58
C ASP D 97 -5.19 -28.12 -1.72
N GLY D 98 -4.32 -29.11 -1.98
CA GLY D 98 -3.09 -29.36 -1.24
C GLY D 98 -2.69 -30.82 -1.35
N LEU D 99 -1.80 -31.19 -2.28
CA LEU D 99 -1.18 -30.29 -3.26
C LEU D 99 -1.26 -30.91 -4.66
N GLU D 100 -1.08 -30.08 -5.68
CA GLU D 100 -1.18 -30.54 -7.08
C GLU D 100 -0.20 -31.69 -7.34
N GLY D 101 -0.66 -32.79 -7.94
CA GLY D 101 -2.01 -32.94 -8.50
C GLY D 101 -3.08 -33.52 -7.58
N MET D 102 -2.77 -33.67 -6.29
CA MET D 102 -3.75 -34.14 -5.30
C MET D 102 -4.79 -33.05 -5.02
N ASP D 103 -6.05 -33.46 -4.85
CA ASP D 103 -7.17 -32.53 -4.65
C ASP D 103 -7.29 -32.11 -3.17
N PRO D 104 -7.98 -30.98 -2.90
CA PRO D 104 -8.14 -30.49 -1.52
C PRO D 104 -8.91 -31.43 -0.60
N MET D 105 -8.71 -31.25 0.70
CA MET D 105 -9.54 -31.91 1.71
C MET D 105 -10.91 -31.26 1.68
N ASP D 106 -11.95 -32.08 1.86
CA ASP D 106 -13.33 -31.61 1.74
C ASP D 106 -13.73 -30.81 2.98
N LYS D 107 -14.41 -29.69 2.76
CA LYS D 107 -14.85 -28.81 3.86
C LYS D 107 -16.14 -29.29 4.51
N ASN D 108 -16.90 -30.13 3.82
CA ASN D 108 -18.24 -30.52 4.26
C ASN D 108 -18.30 -31.87 4.99
N THR D 109 -17.22 -32.64 4.96
CA THR D 109 -17.17 -33.95 5.63
C THR D 109 -17.13 -33.77 7.15
N SER D 110 -17.59 -34.78 7.88
CA SER D 110 -17.59 -34.77 9.34
C SER D 110 -16.19 -34.48 9.91
N PRO D 111 -16.10 -33.58 10.88
CA PRO D 111 -14.81 -33.27 11.51
C PRO D 111 -14.38 -34.30 12.57
N GLY D 112 -15.30 -35.17 12.98
CA GLY D 112 -14.99 -36.20 13.96
C GLY D 112 -15.10 -35.68 15.39
N LEU D 113 -14.72 -36.53 16.34
CA LEU D 113 -14.83 -36.20 17.76
C LEU D 113 -13.67 -35.32 18.21
N PRO D 114 -13.92 -34.41 19.17
CA PRO D 114 -15.18 -34.13 19.87
C PRO D 114 -15.97 -32.96 19.25
N TYR D 115 -15.73 -32.67 17.98
CA TYR D 115 -16.30 -31.49 17.34
C TYR D 115 -17.76 -31.72 16.93
N THR D 116 -18.09 -32.96 16.56
CA THR D 116 -19.46 -33.33 16.23
C THR D 116 -20.39 -33.34 17.45
N THR D 117 -19.82 -33.45 18.65
CA THR D 117 -20.59 -33.37 19.88
C THR D 117 -21.21 -31.98 20.08
N LEU D 118 -20.50 -30.94 19.63
CA LEU D 118 -21.02 -29.56 19.72
C LEU D 118 -21.44 -29.02 18.34
N GLY D 119 -21.76 -29.94 17.41
CA GLY D 119 -22.26 -29.58 16.10
C GLY D 119 -21.35 -28.74 15.23
N MET D 120 -20.04 -28.77 15.50
CA MET D 120 -19.08 -27.96 14.75
C MET D 120 -18.78 -28.58 13.39
N ARG D 121 -18.42 -27.72 12.44
CA ARG D 121 -18.03 -28.13 11.09
C ARG D 121 -16.50 -28.15 11.00
N ARG D 122 -15.98 -28.57 9.85
CA ARG D 122 -14.54 -28.54 9.60
C ARG D 122 -14.01 -27.11 9.45
N THR D 123 -14.87 -26.19 9.03
CA THR D 123 -14.50 -24.78 8.90
C THR D 123 -14.52 -24.04 10.24
N ASP D 124 -15.25 -24.58 11.22
CA ASP D 124 -15.26 -24.02 12.57
C ASP D 124 -13.96 -24.32 13.34
N VAL D 125 -13.27 -25.40 12.95
CA VAL D 125 -12.05 -25.83 13.64
C VAL D 125 -10.77 -25.27 13.03
N VAL D 126 -10.76 -24.98 11.72
CA VAL D 126 -9.60 -24.35 11.07
C VAL D 126 -9.99 -23.24 10.11
N ASP D 127 -9.06 -22.31 9.89
CA ASP D 127 -9.19 -21.29 8.85
C ASP D 127 -8.39 -21.76 7.65
N TRP D 128 -9.05 -21.90 6.50
CA TRP D 128 -8.44 -22.51 5.31
C TRP D 128 -7.49 -21.58 4.57
N GLU D 129 -7.74 -20.27 4.65
CA GLU D 129 -6.91 -19.28 3.97
C GLU D 129 -5.52 -19.16 4.63
N THR D 130 -5.52 -19.06 5.96
CA THR D 130 -4.28 -18.90 6.73
C THR D 130 -3.71 -20.22 7.26
N ALA D 131 -4.50 -21.30 7.15
CA ALA D 131 -4.10 -22.63 7.65
C ALA D 131 -3.88 -22.66 9.17
N THR D 132 -4.61 -21.82 9.89
CA THR D 132 -4.49 -21.73 11.34
C THR D 132 -5.59 -22.53 12.01
N LEU D 133 -5.21 -23.44 12.89
CA LEU D 133 -6.17 -24.22 13.67
C LEU D 133 -6.51 -23.47 14.94
N ILE D 134 -7.66 -23.79 15.53
CA ILE D 134 -8.03 -23.26 16.84
C ILE D 134 -7.16 -23.92 17.93
N PRO D 135 -6.91 -23.20 19.05
CA PRO D 135 -6.07 -23.69 20.15
C PRO D 135 -6.26 -25.16 20.54
N PHE D 136 -7.50 -25.64 20.54
CA PHE D 136 -7.79 -27.03 20.91
C PHE D 136 -7.17 -28.02 19.92
N ALA D 137 -7.33 -27.74 18.62
CA ALA D 137 -6.81 -28.61 17.57
C ALA D 137 -5.30 -28.48 17.40
N ALA D 138 -4.78 -27.26 17.54
CA ALA D 138 -3.35 -26.99 17.45
C ALA D 138 -2.59 -27.71 18.58
N GLU D 139 -3.17 -27.70 19.77
CA GLU D 139 -2.61 -28.44 20.91
C GLU D 139 -2.70 -29.94 20.71
N ARG D 140 -3.83 -30.40 20.20
CA ARG D 140 -4.08 -31.83 19.94
C ARG D 140 -3.15 -32.37 18.85
N LEU D 141 -2.79 -31.50 17.90
CA LEU D 141 -1.83 -31.85 16.85
C LEU D 141 -0.39 -31.83 17.38
N GLU D 142 -0.08 -30.87 18.25
CA GLU D 142 1.24 -30.80 18.88
C GLU D 142 1.49 -31.95 19.86
N LYS D 143 0.42 -32.43 20.49
CA LYS D 143 0.52 -33.58 21.39
C LYS D 143 0.82 -34.87 20.62
N MET D 144 0.07 -35.11 19.56
CA MET D 144 0.28 -36.28 18.70
C MET D 144 1.54 -36.18 17.82
N ASN D 145 2.08 -34.97 17.68
CA ASN D 145 3.40 -34.79 17.06
C ASN D 145 4.54 -35.36 17.93
N ASN D 146 4.31 -35.43 19.23
CA ASN D 146 5.26 -36.06 20.16
C ASN D 146 4.89 -37.51 20.48
N LYS D 147 4.51 -38.26 19.45
CA LYS D 147 4.23 -39.70 19.57
C LYS D 147 3.19 -40.04 20.63
N ASP D 148 2.14 -39.21 20.73
CA ASP D 148 1.09 -39.42 21.74
C ASP D 148 -0.31 -39.32 21.09
N PHE D 149 -0.79 -40.46 20.61
CA PHE D 149 -2.10 -40.56 19.97
C PHE D 149 -3.14 -41.15 20.91
N SER D 150 -3.09 -40.75 22.19
CA SER D 150 -4.00 -41.27 23.20
C SER D 150 -5.36 -40.57 23.17
N ASP D 151 -5.36 -39.30 22.76
CA ASP D 151 -6.60 -38.51 22.69
C ASP D 151 -7.45 -38.85 21.47
N ILE D 152 -6.85 -39.48 20.46
CA ILE D 152 -7.54 -39.78 19.21
C ILE D 152 -8.60 -40.84 19.41
N VAL D 153 -9.78 -40.61 18.83
CA VAL D 153 -10.89 -41.55 18.89
C VAL D 153 -11.79 -41.37 17.67
N TYR D 154 -12.09 -42.49 17.00
CA TYR D 154 -12.89 -42.45 15.77
C TYR D 154 -14.37 -42.45 16.11
N GLN D 155 -15.14 -41.61 15.42
CA GLN D 155 -16.59 -41.68 15.48
C GLN D 155 -17.04 -42.82 14.57
N THR D 156 -17.61 -43.86 15.16
CA THR D 156 -17.97 -45.07 14.42
C THR D 156 -19.49 -45.23 14.33
N PHE D 157 -19.97 -45.60 13.15
CA PHE D 157 -21.40 -45.81 12.91
C PHE D 157 -21.65 -46.63 11.64
N LEU D 158 -22.89 -47.07 11.46
CA LEU D 158 -23.25 -47.98 10.36
C LEU D 158 -23.36 -47.25 9.02
N LYS D 159 -22.96 -47.94 7.96
CA LYS D 159 -22.96 -47.39 6.61
C LYS D 159 -24.35 -47.47 5.98
N ASP D 160 -24.86 -46.33 5.52
CA ASP D 160 -26.16 -46.26 4.86
C ASP D 160 -25.98 -46.40 3.35
N GLU D 161 -26.20 -47.62 2.84
CA GLU D 161 -25.97 -47.93 1.43
C GLU D 161 -26.85 -49.09 0.96
N LEU D 162 -26.75 -49.43 -0.32
CA LEU D 162 -27.42 -50.60 -0.86
C LEU D 162 -26.58 -51.85 -0.61
N ARG D 163 -27.23 -52.90 -0.14
CA ARG D 163 -26.58 -54.20 0.07
C ARG D 163 -27.46 -55.32 -0.50
N PRO D 164 -26.85 -56.48 -0.81
CA PRO D 164 -27.64 -57.63 -1.25
C PRO D 164 -28.67 -58.08 -0.22
N ILE D 165 -29.65 -58.87 -0.67
CA ILE D 165 -30.74 -59.33 0.21
C ILE D 165 -30.21 -60.24 1.32
N GLU D 166 -29.15 -60.99 1.02
CA GLU D 166 -28.52 -61.86 2.01
C GLU D 166 -27.94 -61.06 3.17
N LYS D 167 -27.32 -59.92 2.85
CA LYS D 167 -26.69 -59.06 3.84
C LYS D 167 -27.74 -58.31 4.66
N VAL D 168 -28.85 -57.95 4.03
CA VAL D 168 -29.94 -57.23 4.70
C VAL D 168 -30.59 -58.12 5.75
N GLN D 169 -31.01 -59.31 5.34
CA GLN D 169 -31.69 -60.25 6.24
C GLN D 169 -30.77 -60.80 7.33
N ALA D 170 -29.47 -60.86 7.04
CA ALA D 170 -28.47 -61.30 8.03
C ALA D 170 -27.95 -60.15 8.90
N ALA D 171 -28.38 -58.93 8.59
CA ALA D 171 -27.95 -57.73 9.32
C ALA D 171 -26.44 -57.47 9.21
N LYS D 172 -25.84 -57.90 8.10
CA LYS D 172 -24.41 -57.69 7.87
C LYS D 172 -24.20 -56.34 7.17
N THR D 173 -24.26 -55.28 7.96
CA THR D 173 -24.08 -53.92 7.48
C THR D 173 -22.63 -53.49 7.69
N ARG D 174 -22.07 -52.79 6.70
CA ARG D 174 -20.68 -52.34 6.77
C ARG D 174 -20.52 -51.20 7.76
N ILE D 175 -19.35 -51.11 8.37
CA ILE D 175 -19.08 -50.13 9.43
C ILE D 175 -18.21 -48.98 8.92
N VAL D 176 -18.51 -47.77 9.36
CA VAL D 176 -17.79 -46.57 8.95
C VAL D 176 -16.97 -46.04 10.13
N ASP D 177 -15.74 -45.61 9.84
CA ASP D 177 -14.88 -44.99 10.84
C ASP D 177 -14.53 -43.58 10.38
N VAL D 178 -14.61 -42.61 11.31
CA VAL D 178 -14.29 -41.22 11.01
C VAL D 178 -13.36 -40.66 12.08
N PRO D 179 -12.07 -40.47 11.73
CA PRO D 179 -11.12 -39.95 12.72
C PRO D 179 -11.30 -38.45 12.97
N PRO D 180 -10.62 -37.91 14.00
CA PRO D 180 -10.60 -36.47 14.20
C PRO D 180 -9.99 -35.74 13.01
N PHE D 181 -10.32 -34.46 12.86
CA PHE D 181 -9.91 -33.67 11.71
C PHE D 181 -8.40 -33.46 11.66
N GLU D 182 -7.80 -33.21 12.83
CA GLU D 182 -6.34 -33.04 12.93
C GLU D 182 -5.57 -34.34 12.62
N HIS D 183 -6.19 -35.48 12.91
CA HIS D 183 -5.63 -36.78 12.57
C HIS D 183 -5.60 -37.01 11.06
N CYS D 184 -6.62 -36.50 10.36
CA CYS D 184 -6.64 -36.51 8.89
C CYS D 184 -5.62 -35.55 8.30
N ILE D 185 -5.44 -34.39 8.93
CA ILE D 185 -4.46 -33.41 8.50
C ILE D 185 -3.05 -33.97 8.64
N LEU D 186 -2.77 -34.60 9.79
CA LEU D 186 -1.47 -35.24 10.02
C LEU D 186 -1.23 -36.40 9.06
N GLY D 187 -2.30 -37.11 8.71
CA GLY D 187 -2.24 -38.20 7.72
C GLY D 187 -1.73 -37.72 6.38
N ARG D 188 -2.19 -36.55 5.94
CA ARG D 188 -1.72 -35.95 4.69
C ARG D 188 -0.33 -35.33 4.82
N GLN D 189 0.01 -34.85 6.02
CA GLN D 189 1.34 -34.30 6.27
C GLN D 189 2.43 -35.36 6.13
N LEU D 190 2.26 -36.47 6.82
CA LEU D 190 3.28 -37.53 6.88
C LEU D 190 3.40 -38.27 5.54
N LEU D 191 2.25 -38.59 4.94
CA LEU D 191 2.20 -39.16 3.60
C LEU D 191 2.04 -38.00 2.61
N GLY D 192 1.03 -38.02 1.74
CA GLY D 192 0.67 -36.87 0.93
C GLY D 192 1.56 -36.64 -0.28
N LYS D 193 2.80 -36.25 -0.04
CA LYS D 193 3.76 -36.00 -1.12
C LYS D 193 4.08 -37.30 -1.89
N PHE D 194 4.11 -38.42 -1.16
CA PHE D 194 4.22 -39.73 -1.78
C PHE D 194 2.96 -40.07 -2.55
N ALA D 195 1.80 -39.87 -1.91
CA ALA D 195 0.50 -40.20 -2.50
C ALA D 195 0.18 -39.35 -3.74
N SER D 196 0.67 -38.12 -3.78
CA SER D 196 0.48 -37.25 -4.95
C SER D 196 1.15 -37.85 -6.19
N LYS D 197 2.34 -38.39 -6.01
CA LYS D 197 3.07 -39.06 -7.10
C LYS D 197 2.47 -40.43 -7.41
N PHE D 198 2.04 -41.14 -6.37
CA PHE D 198 1.44 -42.47 -6.50
C PHE D 198 0.10 -42.43 -7.23
N GLN D 199 -0.70 -41.41 -6.94
CA GLN D 199 -1.99 -41.20 -7.59
C GLN D 199 -1.85 -40.87 -9.08
N THR D 200 -0.89 -40.00 -9.41
CA THR D 200 -0.75 -39.46 -10.76
C THR D 200 -0.16 -40.43 -11.79
N GLN D 201 0.38 -41.56 -11.35
CA GLN D 201 0.98 -42.54 -12.26
C GLN D 201 0.41 -43.95 -12.06
N PRO D 202 -0.85 -44.16 -12.49
CA PRO D 202 -1.47 -45.48 -12.43
C PRO D 202 -1.06 -46.36 -13.61
N GLY D 203 -0.86 -47.65 -13.35
CA GLY D 203 -0.46 -48.60 -14.39
C GLY D 203 0.13 -49.87 -13.81
N LEU D 204 0.51 -50.79 -14.70
CA LEU D 204 1.10 -52.07 -14.29
C LEU D 204 2.48 -51.89 -13.65
N GLU D 205 3.21 -50.87 -14.09
CA GLU D 205 4.57 -50.62 -13.63
C GLU D 205 4.60 -50.32 -12.12
N LEU D 206 3.72 -49.42 -11.69
CA LEU D 206 3.60 -49.08 -10.27
C LEU D 206 2.77 -50.13 -9.53
N GLY D 207 1.84 -50.76 -10.24
CA GLY D 207 1.00 -51.81 -9.66
C GLY D 207 -0.20 -51.24 -8.92
N SER D 208 -0.87 -50.29 -9.55
CA SER D 208 -1.97 -49.57 -8.92
C SER D 208 -2.83 -48.83 -9.94
N ALA D 209 -4.14 -48.76 -9.66
CA ALA D 209 -5.08 -47.96 -10.45
C ALA D 209 -5.58 -46.76 -9.65
N ILE D 210 -4.90 -46.45 -8.54
CA ILE D 210 -5.29 -45.34 -7.67
C ILE D 210 -5.08 -44.03 -8.43
N GLY D 211 -6.12 -43.20 -8.46
CA GLY D 211 -6.09 -41.93 -9.17
C GLY D 211 -6.24 -42.11 -10.67
N CYS D 212 -7.33 -42.73 -11.07
CA CYS D 212 -7.60 -43.00 -12.48
C CYS D 212 -9.04 -42.65 -12.87
N ASP D 213 -9.23 -42.34 -14.15
CA ASP D 213 -10.56 -42.14 -14.72
C ASP D 213 -10.82 -43.28 -15.70
N PRO D 214 -11.68 -44.25 -15.32
CA PRO D 214 -11.99 -45.42 -16.14
C PRO D 214 -12.30 -45.12 -17.62
N ASP D 215 -12.97 -43.99 -17.88
CA ASP D 215 -13.23 -43.56 -19.26
C ASP D 215 -11.94 -43.50 -20.09
N VAL D 216 -10.91 -42.89 -19.52
CA VAL D 216 -9.64 -42.69 -20.20
C VAL D 216 -8.70 -43.87 -20.00
N HIS D 217 -8.55 -44.31 -18.75
CA HIS D 217 -7.49 -45.27 -18.38
C HIS D 217 -7.75 -46.73 -18.76
N TRP D 218 -8.98 -47.09 -19.12
CA TRP D 218 -9.27 -48.47 -19.55
C TRP D 218 -8.51 -48.84 -20.82
N THR D 219 -8.25 -47.85 -21.68
CA THR D 219 -7.44 -48.07 -22.88
C THR D 219 -6.00 -48.38 -22.49
N ALA D 220 -5.47 -47.62 -21.53
CA ALA D 220 -4.10 -47.79 -21.05
C ALA D 220 -3.89 -49.11 -20.31
N PHE D 221 -4.88 -49.52 -19.52
CA PHE D 221 -4.81 -50.80 -18.80
C PHE D 221 -5.00 -51.96 -19.77
N GLY D 222 -6.04 -51.87 -20.60
CA GLY D 222 -6.40 -52.94 -21.54
C GLY D 222 -5.31 -53.26 -22.55
N VAL D 223 -4.66 -52.21 -23.08
CA VAL D 223 -3.56 -52.39 -24.03
C VAL D 223 -2.30 -52.93 -23.35
N ALA D 224 -2.10 -52.57 -22.08
CA ALA D 224 -0.95 -53.03 -21.31
C ALA D 224 -1.06 -54.49 -20.92
N MET D 225 -2.28 -54.94 -20.62
CA MET D 225 -2.56 -56.33 -20.27
C MET D 225 -3.07 -57.13 -21.48
N GLN D 226 -2.82 -56.61 -22.68
CA GLN D 226 -3.38 -57.17 -23.91
C GLN D 226 -2.73 -58.49 -24.29
N GLY D 227 -1.41 -58.46 -24.48
CA GLY D 227 -0.64 -59.64 -24.86
C GLY D 227 0.09 -60.24 -23.68
N PHE D 228 -0.67 -60.69 -22.68
CA PHE D 228 -0.10 -61.28 -21.46
C PHE D 228 -0.56 -62.73 -21.25
N GLU D 229 -1.07 -63.37 -22.29
CA GLU D 229 -1.49 -64.78 -22.25
C GLU D 229 -2.73 -65.01 -21.37
N ARG D 230 -2.59 -64.78 -20.07
CA ARG D 230 -3.68 -64.97 -19.12
C ARG D 230 -3.83 -63.76 -18.20
N VAL D 231 -5.06 -63.51 -17.77
CA VAL D 231 -5.37 -62.45 -16.81
C VAL D 231 -6.40 -62.98 -15.80
N TYR D 232 -5.95 -63.21 -14.57
CA TYR D 232 -6.80 -63.81 -13.54
C TYR D 232 -7.53 -62.75 -12.71
N ASP D 233 -8.70 -63.12 -12.20
CA ASP D 233 -9.56 -62.23 -11.41
C ASP D 233 -9.64 -62.72 -9.97
N VAL D 234 -9.23 -61.88 -9.03
CA VAL D 234 -9.13 -62.27 -7.61
C VAL D 234 -9.77 -61.23 -6.70
N ASP D 235 -10.48 -61.72 -5.68
CA ASP D 235 -11.14 -60.87 -4.68
C ASP D 235 -10.66 -61.21 -3.27
N TYR D 236 -11.08 -60.39 -2.30
CA TYR D 236 -10.78 -60.62 -0.89
C TYR D 236 -12.04 -60.44 -0.04
N SER D 237 -12.23 -61.32 0.94
CA SER D 237 -13.30 -61.20 1.91
C SER D 237 -12.75 -60.59 3.20
N ASN D 238 -13.32 -59.47 3.62
CA ASN D 238 -12.88 -58.75 4.83
C ASN D 238 -11.40 -58.36 4.76
N PHE D 239 -11.02 -57.72 3.66
CA PHE D 239 -9.62 -57.38 3.41
C PHE D 239 -9.04 -56.39 4.43
N ASP D 240 -9.85 -55.40 4.83
CA ASP D 240 -9.41 -54.34 5.72
C ASP D 240 -9.17 -54.83 7.15
N SER D 241 -10.08 -55.64 7.67
CA SER D 241 -10.00 -56.13 9.06
C SER D 241 -8.93 -57.20 9.27
N THR D 242 -8.53 -57.88 8.19
CA THR D 242 -7.52 -58.94 8.26
C THR D 242 -6.11 -58.39 8.54
N HIS D 243 -5.85 -57.16 8.11
CA HIS D 243 -4.52 -56.56 8.24
C HIS D 243 -4.01 -56.62 9.68
N SER D 244 -2.99 -57.46 9.90
CA SER D 244 -2.46 -57.71 11.24
C SER D 244 -1.64 -56.54 11.77
N VAL D 245 -1.42 -56.55 13.08
CA VAL D 245 -0.55 -55.57 13.73
C VAL D 245 0.88 -55.63 13.18
N ALA D 246 1.30 -56.82 12.76
CA ALA D 246 2.62 -57.01 12.15
C ALA D 246 2.72 -56.41 10.74
N MET D 247 1.61 -56.42 10.01
CA MET D 247 1.58 -55.85 8.66
C MET D 247 1.88 -54.35 8.67
N PHE D 248 1.37 -53.64 9.67
CA PHE D 248 1.67 -52.21 9.85
C PHE D 248 3.13 -51.99 10.22
N ARG D 249 3.68 -52.89 11.04
CA ARG D 249 5.11 -52.87 11.38
C ARG D 249 5.98 -53.04 10.13
N LEU D 250 5.61 -53.99 9.27
CA LEU D 250 6.34 -54.22 8.01
C LEU D 250 6.33 -52.99 7.11
N LEU D 251 5.17 -52.36 6.98
CA LEU D 251 5.02 -51.16 6.16
C LEU D 251 5.84 -49.99 6.71
N ALA D 252 5.84 -49.85 8.04
CA ALA D 252 6.59 -48.78 8.70
C ALA D 252 8.10 -49.01 8.61
N GLU D 253 8.53 -50.26 8.77
CA GLU D 253 9.95 -50.61 8.76
C GLU D 253 10.54 -50.69 7.35
N GLU D 254 9.78 -51.22 6.40
CA GLU D 254 10.27 -51.45 5.03
C GLU D 254 9.81 -50.39 4.04
N PHE D 255 8.50 -50.16 3.96
CA PHE D 255 7.93 -49.32 2.90
C PHE D 255 8.00 -47.82 3.23
N PHE D 256 7.24 -47.39 4.24
CA PHE D 256 7.21 -45.98 4.64
C PHE D 256 8.22 -45.72 5.75
N SER D 257 9.50 -45.94 5.42
CA SER D 257 10.58 -45.84 6.39
C SER D 257 11.39 -44.57 6.18
N GLU D 258 12.32 -44.31 7.10
CA GLU D 258 13.21 -43.16 7.02
C GLU D 258 14.28 -43.36 5.94
N GLU D 259 14.52 -44.61 5.56
CA GLU D 259 15.46 -44.95 4.49
C GLU D 259 14.97 -44.44 3.13
N ASN D 260 13.66 -44.56 2.90
CA ASN D 260 13.05 -44.13 1.64
C ASN D 260 12.66 -42.65 1.63
N GLY D 261 12.89 -41.96 2.75
CA GLY D 261 12.70 -40.51 2.82
C GLY D 261 11.35 -40.08 3.32
N PHE D 262 10.85 -40.76 4.36
CA PHE D 262 9.62 -40.38 5.03
C PHE D 262 9.93 -39.82 6.41
N ASP D 263 8.96 -39.11 6.99
CA ASP D 263 9.12 -38.48 8.30
C ASP D 263 9.26 -39.57 9.38
N PRO D 264 10.07 -39.30 10.43
CA PRO D 264 10.21 -40.24 11.56
C PRO D 264 8.89 -40.60 12.26
N LEU D 265 7.95 -39.66 12.31
CA LEU D 265 6.68 -39.86 13.03
C LEU D 265 5.75 -40.88 12.37
N VAL D 266 5.91 -41.10 11.07
CA VAL D 266 5.02 -42.02 10.31
C VAL D 266 4.86 -43.40 10.95
N LYS D 267 5.88 -43.86 11.66
CA LYS D 267 5.83 -45.14 12.36
C LYS D 267 4.75 -45.14 13.44
N ASP D 268 4.67 -44.03 14.18
CA ASP D 268 3.68 -43.88 15.27
C ASP D 268 2.26 -43.68 14.74
N TYR D 269 2.16 -43.02 13.59
CA TYR D 269 0.85 -42.79 12.95
C TYR D 269 0.21 -44.09 12.47
N LEU D 270 1.01 -44.99 11.90
CA LEU D 270 0.52 -46.28 11.43
C LEU D 270 0.08 -47.20 12.58
N GLU D 271 0.67 -47.01 13.75
CA GLU D 271 0.27 -47.75 14.96
C GLU D 271 -1.06 -47.23 15.52
N SER D 272 -1.39 -45.96 15.23
CA SER D 272 -2.70 -45.41 15.57
C SER D 272 -3.80 -46.06 14.75
N LEU D 273 -3.45 -46.55 13.55
CA LEU D 273 -4.36 -47.31 12.71
C LEU D 273 -4.40 -48.78 13.13
N ALA D 274 -3.26 -49.31 13.57
CA ALA D 274 -3.18 -50.69 14.05
C ALA D 274 -4.06 -50.90 15.28
N ILE D 275 -3.78 -50.15 16.34
CA ILE D 275 -4.64 -50.12 17.54
C ILE D 275 -5.38 -48.79 17.58
N SER D 276 -6.71 -48.85 17.70
CA SER D 276 -7.54 -47.66 17.58
C SER D 276 -8.74 -47.69 18.53
N LYS D 277 -8.98 -46.56 19.20
CA LYS D 277 -10.15 -46.39 20.06
C LYS D 277 -11.33 -45.91 19.22
N HIS D 278 -12.49 -46.54 19.42
CA HIS D 278 -13.70 -46.19 18.67
C HIS D 278 -14.85 -45.85 19.61
N ALA D 279 -15.81 -45.07 19.11
CA ALA D 279 -16.99 -44.67 19.86
C ALA D 279 -18.26 -45.06 19.11
N TYR D 280 -19.19 -45.73 19.82
CA TYR D 280 -20.42 -46.25 19.21
C TYR D 280 -21.55 -46.14 20.24
N GLU D 281 -22.37 -45.10 20.10
CA GLU D 281 -23.37 -44.75 21.12
C GLU D 281 -22.66 -44.52 22.46
N GLU D 282 -23.11 -45.20 23.53
CA GLU D 282 -22.45 -45.11 24.84
C GLU D 282 -21.14 -45.92 24.89
N LYS D 283 -20.98 -46.86 23.95
CA LYS D 283 -19.86 -47.81 23.99
C LYS D 283 -18.53 -47.15 23.64
N ARG D 284 -17.47 -47.61 24.29
CA ARG D 284 -16.10 -47.27 23.94
C ARG D 284 -15.31 -48.57 23.91
N TYR D 285 -14.43 -48.73 22.93
CA TYR D 285 -13.63 -49.95 22.81
C TYR D 285 -12.36 -49.74 22.00
N LEU D 286 -11.34 -50.53 22.31
CA LEU D 286 -10.04 -50.47 21.65
C LEU D 286 -9.85 -51.71 20.79
N ILE D 287 -9.90 -51.54 19.47
CA ILE D 287 -9.73 -52.65 18.53
C ILE D 287 -8.27 -52.74 18.07
N THR D 288 -7.65 -53.90 18.33
CA THR D 288 -6.29 -54.16 17.89
C THR D 288 -6.32 -54.82 16.51
N GLY D 289 -5.44 -54.37 15.62
CA GLY D 289 -5.43 -54.85 14.25
C GLY D 289 -6.52 -54.21 13.41
N GLY D 290 -6.55 -54.54 12.12
CA GLY D 290 -7.55 -54.01 11.19
C GLY D 290 -7.26 -52.59 10.76
N LEU D 291 -7.81 -52.20 9.62
CA LEU D 291 -7.60 -50.87 9.04
C LEU D 291 -8.87 -50.03 9.16
N PRO D 292 -8.84 -48.95 9.97
CA PRO D 292 -9.95 -48.01 10.00
C PRO D 292 -10.19 -47.34 8.65
N SER D 293 -11.46 -47.23 8.25
CA SER D 293 -11.83 -46.56 7.02
C SER D 293 -11.85 -45.05 7.23
N GLY D 294 -12.51 -44.31 6.34
CA GLY D 294 -12.63 -42.86 6.48
C GLY D 294 -11.78 -42.13 5.46
N CYS D 295 -11.73 -40.81 5.60
CA CYS D 295 -11.02 -39.96 4.64
C CYS D 295 -9.50 -40.12 4.75
N ALA D 296 -8.77 -39.38 3.92
CA ALA D 296 -7.31 -39.49 3.81
C ALA D 296 -6.91 -40.73 3.01
N ALA D 297 -5.61 -41.03 2.98
CA ALA D 297 -5.10 -42.16 2.19
C ALA D 297 -5.46 -43.51 2.81
N THR D 298 -6.59 -44.06 2.38
CA THR D 298 -7.06 -45.37 2.84
C THR D 298 -6.91 -46.40 1.72
N SER D 299 -7.46 -46.10 0.55
CA SER D 299 -7.37 -47.00 -0.61
C SER D 299 -5.94 -47.16 -1.11
N MET D 300 -5.11 -46.14 -0.88
CA MET D 300 -3.69 -46.22 -1.22
C MET D 300 -3.00 -47.31 -0.40
N LEU D 301 -3.25 -47.31 0.91
CA LEU D 301 -2.66 -48.30 1.82
C LEU D 301 -3.05 -49.72 1.45
N ASN D 302 -4.35 -49.94 1.20
CA ASN D 302 -4.84 -51.25 0.77
C ASN D 302 -4.23 -51.72 -0.55
N THR D 303 -4.01 -50.78 -1.47
CA THR D 303 -3.39 -51.07 -2.76
C THR D 303 -1.93 -51.51 -2.60
N VAL D 304 -1.20 -50.82 -1.74
CA VAL D 304 0.21 -51.14 -1.48
C VAL D 304 0.34 -52.51 -0.81
N MET D 305 -0.53 -52.81 0.14
CA MET D 305 -0.53 -54.09 0.83
C MET D 305 -0.92 -55.24 -0.10
N ASN D 306 -1.83 -54.98 -1.03
CA ASN D 306 -2.32 -56.02 -1.94
C ASN D 306 -1.23 -56.60 -2.83
N ASN D 307 -0.31 -55.74 -3.29
CA ASN D 307 0.85 -56.19 -4.06
C ASN D 307 1.80 -57.03 -3.22
N ILE D 308 1.96 -56.66 -1.95
CA ILE D 308 2.77 -57.41 -1.00
C ILE D 308 2.14 -58.76 -0.66
N ILE D 309 0.85 -58.74 -0.35
CA ILE D 309 0.16 -59.93 0.16
C ILE D 309 0.08 -61.08 -0.85
N ILE D 310 -0.40 -60.78 -2.06
CA ILE D 310 -0.64 -61.83 -3.06
C ILE D 310 0.66 -62.39 -3.65
N ARG D 311 1.71 -61.57 -3.74
CA ARG D 311 3.03 -62.05 -4.17
C ARG D 311 3.64 -62.97 -3.11
N ALA D 312 3.46 -62.61 -1.84
CA ALA D 312 3.86 -63.47 -0.73
C ALA D 312 3.11 -64.81 -0.77
N GLY D 313 1.85 -64.76 -1.19
CA GLY D 313 1.06 -65.96 -1.43
C GLY D 313 1.61 -66.82 -2.56
N LEU D 314 2.11 -66.17 -3.61
CA LEU D 314 2.73 -66.87 -4.75
C LEU D 314 4.11 -67.44 -4.40
N TYR D 315 4.89 -66.72 -3.62
CA TYR D 315 6.19 -67.22 -3.13
C TYR D 315 6.01 -68.44 -2.22
N LEU D 316 4.98 -68.41 -1.38
CA LEU D 316 4.66 -69.53 -0.49
C LEU D 316 4.16 -70.75 -1.26
N THR D 317 3.25 -70.52 -2.21
CA THR D 317 2.63 -71.61 -2.98
C THR D 317 3.61 -72.20 -3.99
N TYR D 318 4.08 -71.38 -4.93
CA TYR D 318 5.05 -71.82 -5.94
C TYR D 318 6.46 -71.63 -5.39
N LYS D 319 7.21 -72.73 -5.30
CA LYS D 319 8.49 -72.76 -4.59
C LYS D 319 9.68 -72.20 -5.37
N ASN D 320 9.48 -71.90 -6.65
CA ASN D 320 10.50 -71.27 -7.48
C ASN D 320 9.96 -70.02 -8.18
N PHE D 321 9.21 -69.21 -7.42
CA PHE D 321 8.57 -68.01 -7.94
C PHE D 321 9.56 -66.85 -8.01
N GLU D 322 9.32 -65.94 -8.93
CA GLU D 322 10.12 -64.72 -9.08
C GLU D 322 9.19 -63.50 -9.17
N PHE D 323 9.72 -62.33 -8.83
CA PHE D 323 8.90 -61.12 -8.69
C PHE D 323 8.19 -60.72 -9.98
N ASP D 324 8.95 -60.56 -11.07
CA ASP D 324 8.40 -60.06 -12.34
C ASP D 324 7.65 -61.10 -13.17
N ASP D 325 7.53 -62.34 -12.66
CA ASP D 325 6.67 -63.34 -13.29
C ASP D 325 5.23 -62.84 -13.39
N VAL D 326 4.80 -62.05 -12.40
CA VAL D 326 3.45 -61.51 -12.34
C VAL D 326 3.46 -59.98 -12.31
N LYS D 327 2.57 -59.38 -13.10
CA LYS D 327 2.28 -57.95 -13.04
C LYS D 327 0.89 -57.76 -12.43
N VAL D 328 0.78 -56.88 -11.43
CA VAL D 328 -0.45 -56.67 -10.69
C VAL D 328 -1.07 -55.31 -11.00
N LEU D 329 -2.40 -55.27 -11.02
CA LEU D 329 -3.16 -54.02 -11.08
C LEU D 329 -4.25 -54.12 -10.01
N SER D 330 -4.25 -53.17 -9.07
CA SER D 330 -5.17 -53.25 -7.93
C SER D 330 -5.65 -51.89 -7.43
N TYR D 331 -6.91 -51.84 -7.04
CA TYR D 331 -7.52 -50.67 -6.41
C TYR D 331 -8.08 -51.12 -5.06
N GLY D 332 -7.27 -50.98 -4.01
CA GLY D 332 -7.65 -51.43 -2.68
C GLY D 332 -7.69 -52.94 -2.59
N ASP D 333 -8.86 -53.49 -2.25
CA ASP D 333 -9.04 -54.93 -2.16
C ASP D 333 -9.40 -55.60 -3.49
N ASP D 334 -9.67 -54.80 -4.52
CA ASP D 334 -9.95 -55.31 -5.86
C ASP D 334 -8.63 -55.63 -6.55
N LEU D 335 -8.43 -56.91 -6.89
CA LEU D 335 -7.14 -57.39 -7.39
C LEU D 335 -7.28 -57.96 -8.81
N LEU D 336 -6.24 -57.79 -9.62
CA LEU D 336 -6.23 -58.26 -11.00
C LEU D 336 -4.82 -58.69 -11.42
N VAL D 337 -4.62 -60.01 -11.54
CA VAL D 337 -3.31 -60.58 -11.88
C VAL D 337 -3.18 -60.81 -13.40
N ALA D 338 -2.01 -60.46 -13.94
CA ALA D 338 -1.70 -60.68 -15.35
C ALA D 338 -0.32 -61.32 -15.47
N THR D 339 -0.25 -62.47 -16.15
CA THR D 339 1.00 -63.22 -16.24
C THR D 339 0.98 -64.29 -17.34
N ASN D 340 2.17 -64.64 -17.82
CA ASN D 340 2.33 -65.70 -18.82
C ASN D 340 2.22 -67.09 -18.20
N TYR D 341 2.48 -67.18 -16.90
CA TYR D 341 2.44 -68.46 -16.18
C TYR D 341 1.00 -68.90 -15.92
N GLN D 342 0.75 -70.20 -16.02
CA GLN D 342 -0.55 -70.78 -15.68
C GLN D 342 -0.60 -71.00 -14.17
N LEU D 343 -1.34 -70.12 -13.48
CA LEU D 343 -1.40 -70.16 -12.02
C LEU D 343 -2.75 -70.70 -11.53
N ASN D 344 -2.69 -71.57 -10.52
CA ASN D 344 -3.89 -72.09 -9.85
C ASN D 344 -4.07 -71.39 -8.52
N PHE D 345 -5.13 -70.60 -8.39
CA PHE D 345 -5.37 -69.77 -7.21
C PHE D 345 -6.14 -70.48 -6.09
N ASP D 346 -6.54 -71.73 -6.31
CA ASP D 346 -7.02 -72.60 -5.23
C ASP D 346 -5.85 -72.97 -4.31
N ARG D 347 -4.67 -73.14 -4.90
CA ARG D 347 -3.45 -73.44 -4.14
C ARG D 347 -2.93 -72.19 -3.43
N VAL D 348 -3.19 -71.02 -4.01
CA VAL D 348 -2.85 -69.74 -3.40
C VAL D 348 -3.81 -69.43 -2.25
N ARG D 349 -5.09 -69.76 -2.42
CA ARG D 349 -6.11 -69.53 -1.39
C ARG D 349 -5.81 -70.32 -0.11
N THR D 350 -5.52 -71.60 -0.27
CA THR D 350 -5.21 -72.48 0.87
C THR D 350 -3.90 -72.08 1.56
N SER D 351 -2.98 -71.48 0.80
CA SER D 351 -1.74 -70.96 1.36
C SER D 351 -1.98 -69.68 2.15
N LEU D 352 -2.68 -68.73 1.55
CA LEU D 352 -2.95 -67.43 2.19
C LEU D 352 -3.91 -67.51 3.37
N ALA D 353 -4.74 -68.55 3.42
CA ALA D 353 -5.67 -68.76 4.54
C ALA D 353 -4.92 -68.93 5.86
N LYS D 354 -3.74 -69.54 5.80
CA LYS D 354 -2.90 -69.74 6.98
C LYS D 354 -2.18 -68.45 7.39
N THR D 355 -1.86 -67.61 6.41
CA THR D 355 -1.25 -66.30 6.68
C THR D 355 -2.28 -65.30 7.24
N GLY D 356 -3.57 -65.54 6.95
CA GLY D 356 -4.65 -64.72 7.48
C GLY D 356 -5.65 -64.29 6.42
N TYR D 357 -5.15 -63.94 5.23
CA TYR D 357 -5.97 -63.34 4.18
C TYR D 357 -6.78 -64.36 3.39
N LYS D 358 -8.10 -64.20 3.42
CA LYS D 358 -9.00 -65.05 2.64
C LYS D 358 -9.23 -64.43 1.26
N ILE D 359 -9.20 -65.28 0.24
CA ILE D 359 -9.52 -64.86 -1.13
C ILE D 359 -10.64 -65.72 -1.70
N THR D 360 -11.41 -65.15 -2.61
CA THR D 360 -12.54 -65.83 -3.24
C THR D 360 -12.40 -65.76 -4.76
N PRO D 361 -13.01 -66.72 -5.48
CA PRO D 361 -12.93 -66.74 -6.95
C PRO D 361 -13.55 -65.51 -7.62
N ALA D 362 -14.56 -64.91 -6.97
CA ALA D 362 -15.27 -63.75 -7.49
C ALA D 362 -16.21 -64.09 -8.65
N ASN D 363 -16.59 -65.37 -8.75
CA ASN D 363 -17.59 -65.82 -9.72
C ASN D 363 -18.55 -66.88 -9.15
N LYS D 364 -18.72 -66.89 -7.82
CA LYS D 364 -19.76 -67.67 -7.14
C LYS D 364 -19.65 -69.17 -7.37
N THR D 365 -18.52 -69.77 -7.00
CA THR D 365 -18.35 -71.22 -7.12
C THR D 365 -17.33 -71.89 -6.17
N SER D 366 -16.66 -71.11 -5.32
CA SER D 366 -15.62 -71.61 -4.41
C SER D 366 -14.47 -72.35 -5.11
N THR D 367 -14.18 -71.96 -6.36
CA THR D 367 -13.06 -72.55 -7.10
C THR D 367 -12.61 -71.62 -8.23
N PHE D 368 -11.32 -71.34 -8.28
CA PHE D 368 -10.75 -70.43 -9.28
C PHE D 368 -10.62 -71.13 -10.62
N PRO D 369 -10.88 -70.41 -11.72
CA PRO D 369 -10.65 -70.99 -13.04
C PRO D 369 -9.17 -71.02 -13.38
N LEU D 370 -8.68 -72.17 -13.86
CA LEU D 370 -7.27 -72.31 -14.21
C LEU D 370 -6.91 -71.53 -15.48
N GLU D 371 -7.91 -71.27 -16.33
CA GLU D 371 -7.73 -70.45 -17.53
C GLU D 371 -8.67 -69.25 -17.51
N SER D 372 -8.11 -68.06 -17.76
CA SER D 372 -8.89 -66.82 -17.79
C SER D 372 -8.12 -65.72 -18.52
N THR D 373 -8.72 -65.17 -19.57
CA THR D 373 -8.13 -64.09 -20.35
C THR D 373 -8.68 -62.73 -19.88
N LEU D 374 -8.23 -61.65 -20.52
CA LEU D 374 -8.65 -60.29 -20.13
C LEU D 374 -10.16 -60.07 -20.24
N GLU D 375 -10.77 -60.59 -21.30
CA GLU D 375 -12.21 -60.38 -21.54
C GLU D 375 -13.12 -61.00 -20.47
N ASP D 376 -12.61 -61.99 -19.75
CA ASP D 376 -13.38 -62.68 -18.71
C ASP D 376 -13.47 -61.91 -17.39
N VAL D 377 -12.48 -61.07 -17.10
CA VAL D 377 -12.34 -60.46 -15.77
C VAL D 377 -13.32 -59.31 -15.52
N VAL D 378 -13.48 -58.97 -14.24
CA VAL D 378 -14.29 -57.84 -13.81
C VAL D 378 -13.49 -57.03 -12.79
N PHE D 379 -13.22 -55.77 -13.12
CA PHE D 379 -12.39 -54.90 -12.29
C PHE D 379 -13.14 -53.60 -12.01
N LEU D 380 -13.38 -53.31 -10.73
CA LEU D 380 -14.18 -52.17 -10.28
C LEU D 380 -15.61 -52.23 -10.85
N LYS D 381 -16.19 -53.43 -10.83
CA LYS D 381 -17.52 -53.71 -11.40
C LYS D 381 -17.63 -53.38 -12.90
N ARG D 382 -16.50 -53.44 -13.61
CA ARG D 382 -16.45 -53.11 -15.03
C ARG D 382 -15.71 -54.20 -15.79
N LYS D 383 -16.15 -54.47 -17.01
CA LYS D 383 -15.46 -55.41 -17.91
C LYS D 383 -14.63 -54.64 -18.94
N PHE D 384 -13.69 -55.33 -19.57
CA PHE D 384 -12.83 -54.74 -20.59
C PHE D 384 -13.36 -55.05 -21.99
N LYS D 385 -14.18 -54.14 -22.51
CA LYS D 385 -14.75 -54.27 -23.86
C LYS D 385 -13.70 -53.90 -24.90
N LYS D 386 -13.68 -54.64 -26.00
CA LYS D 386 -12.74 -54.40 -27.10
C LYS D 386 -13.47 -53.62 -28.20
N GLU D 387 -12.92 -52.48 -28.60
CA GLU D 387 -13.53 -51.65 -29.63
C GLU D 387 -12.51 -50.72 -30.30
N GLY D 388 -12.05 -51.10 -31.49
CA GLY D 388 -11.03 -50.35 -32.20
C GLY D 388 -9.69 -50.46 -31.49
N PRO D 389 -8.93 -49.34 -31.43
CA PRO D 389 -7.71 -49.34 -30.61
C PRO D 389 -8.01 -49.27 -29.12
N LEU D 390 -9.18 -48.74 -28.75
CA LEU D 390 -9.51 -48.43 -27.37
C LEU D 390 -10.22 -49.58 -26.66
N TYR D 391 -10.18 -49.54 -25.33
CA TYR D 391 -10.97 -50.42 -24.48
C TYR D 391 -12.00 -49.60 -23.71
N ARG D 392 -13.23 -50.10 -23.65
CA ARG D 392 -14.33 -49.41 -22.97
C ARG D 392 -14.71 -50.12 -21.67
N PRO D 393 -14.97 -49.35 -20.60
CA PRO D 393 -15.43 -49.93 -19.34
C PRO D 393 -16.94 -50.18 -19.32
N VAL D 394 -17.34 -51.40 -19.68
CA VAL D 394 -18.75 -51.79 -19.66
C VAL D 394 -19.11 -52.30 -18.26
N MET D 395 -20.00 -51.58 -17.59
CA MET D 395 -20.35 -51.88 -16.20
C MET D 395 -21.37 -53.02 -16.13
N ASN D 396 -21.43 -53.68 -14.98
CA ASN D 396 -22.39 -54.75 -14.75
C ASN D 396 -23.83 -54.24 -14.84
N ARG D 397 -24.67 -54.97 -15.58
CA ARG D 397 -26.07 -54.58 -15.77
C ARG D 397 -26.86 -54.65 -14.46
N GLU D 398 -26.49 -55.58 -13.59
CA GLU D 398 -27.15 -55.74 -12.29
C GLU D 398 -26.86 -54.55 -11.39
N ALA D 399 -25.64 -54.02 -11.49
CA ALA D 399 -25.22 -52.87 -10.68
C ALA D 399 -25.86 -51.57 -11.17
N LEU D 400 -25.93 -51.37 -12.47
CA LEU D 400 -26.53 -50.16 -13.05
C LEU D 400 -28.00 -50.03 -12.71
N GLU D 401 -28.73 -51.14 -12.76
CA GLU D 401 -30.15 -51.15 -12.39
C GLU D 401 -30.35 -50.94 -10.89
N ALA D 402 -29.41 -51.42 -10.08
CA ALA D 402 -29.45 -51.21 -8.63
C ALA D 402 -29.20 -49.75 -8.26
N MET D 403 -28.28 -49.10 -8.97
CA MET D 403 -27.99 -47.68 -8.75
C MET D 403 -29.17 -46.78 -9.13
N LEU D 404 -29.82 -47.10 -10.25
CA LEU D 404 -30.96 -46.32 -10.72
C LEU D 404 -32.24 -46.56 -9.92
N SER D 405 -32.31 -47.68 -9.20
CA SER D 405 -33.51 -48.02 -8.43
C SER D 405 -33.72 -47.17 -7.18
N TYR D 406 -32.62 -46.81 -6.51
CA TYR D 406 -32.68 -46.00 -5.28
C TYR D 406 -31.89 -44.71 -5.39
N TYR D 407 -32.24 -43.73 -4.57
CA TYR D 407 -31.59 -42.41 -4.59
C TYR D 407 -31.83 -41.63 -3.30
N ARG D 408 -31.10 -40.53 -3.13
CA ARG D 408 -31.28 -39.62 -2.02
C ARG D 408 -31.93 -38.32 -2.52
N PRO D 409 -33.16 -38.02 -2.03
CA PRO D 409 -33.86 -36.79 -2.41
C PRO D 409 -33.01 -35.54 -2.29
N GLY D 410 -33.06 -34.70 -3.33
CA GLY D 410 -32.26 -33.48 -3.39
C GLY D 410 -31.01 -33.62 -4.25
N THR D 411 -30.71 -34.84 -4.69
CA THR D 411 -29.55 -35.11 -5.55
C THR D 411 -29.87 -36.16 -6.61
N LEU D 412 -31.07 -36.07 -7.19
CA LEU D 412 -31.46 -36.98 -8.27
C LEU D 412 -30.77 -36.57 -9.57
N SER D 413 -30.67 -35.27 -9.82
CA SER D 413 -30.01 -34.75 -11.01
C SER D 413 -28.53 -35.12 -11.04
N GLU D 414 -27.87 -34.99 -9.90
CA GLU D 414 -26.46 -35.38 -9.77
C GLU D 414 -26.29 -36.88 -10.01
N LYS D 415 -27.13 -37.68 -9.35
CA LYS D 415 -27.04 -39.13 -9.41
C LYS D 415 -27.25 -39.65 -10.84
N LEU D 416 -28.31 -39.19 -11.48
CA LEU D 416 -28.62 -39.61 -12.86
C LEU D 416 -27.53 -39.19 -13.84
N THR D 417 -26.96 -38.00 -13.64
CA THR D 417 -25.93 -37.46 -14.53
C THR D 417 -24.69 -38.36 -14.59
N SER D 418 -24.16 -38.75 -13.43
CA SER D 418 -22.96 -39.58 -13.37
C SER D 418 -23.21 -40.99 -13.92
N ILE D 419 -24.45 -41.47 -13.83
CA ILE D 419 -24.82 -42.81 -14.31
C ILE D 419 -24.93 -42.85 -15.85
N THR D 420 -25.19 -41.71 -16.49
CA THR D 420 -25.22 -41.64 -17.96
C THR D 420 -23.84 -41.93 -18.54
N MET D 421 -22.80 -41.46 -17.86
CA MET D 421 -21.42 -41.62 -18.33
C MET D 421 -20.90 -43.05 -18.10
N LEU D 422 -21.53 -43.77 -17.19
CA LEU D 422 -21.23 -45.20 -16.97
C LEU D 422 -22.04 -46.08 -17.92
N ALA D 423 -23.30 -45.69 -18.15
CA ALA D 423 -24.22 -46.48 -18.98
C ALA D 423 -23.98 -46.34 -20.49
N VAL D 424 -23.26 -45.31 -20.89
CA VAL D 424 -22.96 -45.07 -22.31
C VAL D 424 -22.20 -46.22 -22.97
N HIS D 425 -21.37 -46.92 -22.19
CA HIS D 425 -20.55 -48.00 -22.71
C HIS D 425 -21.35 -49.27 -23.01
N SER D 426 -22.53 -49.39 -22.39
CA SER D 426 -23.41 -50.55 -22.61
C SER D 426 -24.14 -50.54 -23.96
N GLY D 427 -24.10 -49.41 -24.67
CA GLY D 427 -24.70 -49.30 -26.00
C GLY D 427 -25.97 -48.47 -26.00
N LYS D 428 -26.46 -48.12 -27.19
CA LYS D 428 -27.64 -47.28 -27.33
C LYS D 428 -28.90 -47.95 -26.77
N GLN D 429 -29.11 -49.21 -27.15
CA GLN D 429 -30.32 -49.94 -26.75
C GLN D 429 -30.41 -50.11 -25.23
N GLU D 430 -29.27 -50.39 -24.61
CA GLU D 430 -29.22 -50.57 -23.16
C GLU D 430 -29.34 -49.24 -22.43
N TYR D 431 -28.59 -48.23 -22.90
CA TYR D 431 -28.63 -46.88 -22.33
C TYR D 431 -30.06 -46.34 -22.27
N ASP D 432 -30.75 -46.40 -23.40
CA ASP D 432 -32.12 -45.89 -23.51
C ASP D 432 -33.10 -46.71 -22.65
N ARG D 433 -32.85 -48.01 -22.54
CA ARG D 433 -33.68 -48.88 -21.69
C ARG D 433 -33.50 -48.56 -20.21
N LEU D 434 -32.27 -48.26 -19.79
CA LEU D 434 -31.97 -47.96 -18.40
C LEU D 434 -32.66 -46.68 -17.90
N PHE D 435 -32.69 -45.64 -18.73
CA PHE D 435 -33.34 -44.37 -18.38
C PHE D 435 -34.79 -44.28 -18.86
N ALA D 436 -35.35 -45.40 -19.34
CA ALA D 436 -36.72 -45.44 -19.85
C ALA D 436 -37.77 -45.11 -18.79
N PRO D 437 -37.60 -45.64 -17.54
CA PRO D 437 -38.56 -45.29 -16.49
C PRO D 437 -38.59 -43.79 -16.16
N PHE D 438 -37.44 -43.13 -16.32
CA PHE D 438 -37.33 -41.70 -16.06
C PHE D 438 -37.86 -40.87 -17.24
N ARG D 439 -37.83 -41.43 -18.45
CA ARG D 439 -38.45 -40.80 -19.61
C ARG D 439 -39.97 -40.80 -19.53
N GLU D 440 -40.54 -41.88 -18.98
CA GLU D 440 -42.00 -41.98 -18.79
C GLU D 440 -42.54 -40.90 -17.85
N VAL D 441 -41.78 -40.60 -16.79
CA VAL D 441 -42.10 -39.50 -15.88
C VAL D 441 -41.89 -38.16 -16.59
N GLY D 442 -40.90 -38.12 -17.49
CA GLY D 442 -40.60 -36.94 -18.29
C GLY D 442 -39.29 -36.27 -17.95
N VAL D 443 -38.41 -36.98 -17.22
CA VAL D 443 -37.12 -36.42 -16.84
C VAL D 443 -36.22 -36.36 -18.07
N ILE D 444 -35.68 -35.18 -18.34
CA ILE D 444 -34.95 -34.91 -19.57
C ILE D 444 -33.47 -35.22 -19.39
N VAL D 445 -33.11 -36.48 -19.63
CA VAL D 445 -31.71 -36.90 -19.60
C VAL D 445 -31.07 -36.65 -20.98
N PRO D 446 -29.73 -36.57 -21.03
CA PRO D 446 -29.04 -36.34 -22.30
C PRO D 446 -29.21 -37.48 -23.31
N THR D 447 -28.96 -37.19 -24.58
CA THR D 447 -29.06 -38.18 -25.64
C THR D 447 -27.87 -39.14 -25.54
N PHE D 448 -28.07 -40.38 -25.98
CA PHE D 448 -26.99 -41.37 -26.07
C PHE D 448 -25.86 -40.88 -26.96
N GLU D 449 -26.22 -40.30 -28.10
CA GLU D 449 -25.24 -39.79 -29.07
C GLU D 449 -24.47 -38.59 -28.52
N SER D 450 -25.09 -37.84 -27.61
CA SER D 450 -24.45 -36.69 -26.96
C SER D 450 -23.37 -37.15 -25.99
N VAL D 451 -23.72 -38.08 -25.11
CA VAL D 451 -22.76 -38.63 -24.15
C VAL D 451 -21.71 -39.52 -24.84
N GLU D 452 -22.06 -40.07 -26.00
CA GLU D 452 -21.09 -40.78 -26.85
C GLU D 452 -20.06 -39.83 -27.43
N TYR D 453 -20.53 -38.69 -27.96
CA TYR D 453 -19.65 -37.66 -28.50
C TYR D 453 -18.70 -37.10 -27.44
N ARG D 454 -19.14 -37.09 -26.18
CA ARG D 454 -18.27 -36.69 -25.07
C ARG D 454 -17.14 -37.69 -24.87
N TRP D 455 -17.44 -38.98 -24.97
CA TRP D 455 -16.41 -40.01 -24.83
C TRP D 455 -15.57 -40.16 -26.10
N ARG D 456 -16.14 -39.88 -27.27
CA ARG D 456 -15.38 -39.83 -28.52
C ARG D 456 -14.42 -38.63 -28.49
N SER D 457 -14.87 -37.54 -27.87
CA SER D 457 -13.97 -36.44 -27.49
C SER D 457 -13.04 -36.96 -26.39
N LEU D 458 -12.22 -36.09 -25.81
CA LEU D 458 -11.14 -36.50 -24.90
C LEU D 458 -10.22 -37.60 -25.48
N PHE D 459 -10.20 -37.71 -26.82
CA PHE D 459 -9.24 -38.54 -27.55
C PHE D 459 -8.75 -37.82 -28.81
N TRP D 460 -8.89 -36.48 -28.83
CA TRP D 460 -8.48 -35.67 -29.97
C TRP D 460 -7.69 -34.45 -29.48
N GLY E 1 49.15 -14.32 25.24
CA GLY E 1 49.15 -15.54 24.37
C GLY E 1 50.39 -16.39 24.56
N ALA E 2 50.28 -17.66 24.14
CA ALA E 2 51.40 -18.59 24.23
C ALA E 2 52.49 -18.20 23.24
N LEU E 3 53.58 -17.62 23.75
CA LEU E 3 54.68 -17.14 22.92
C LEU E 3 55.69 -18.26 22.69
N GLU E 4 55.46 -19.06 21.66
CA GLU E 4 56.33 -20.18 21.32
C GLU E 4 57.55 -19.68 20.54
N ARG E 5 58.74 -19.92 21.10
CA ARG E 5 59.99 -19.54 20.46
C ARG E 5 60.31 -20.50 19.31
N LEU E 6 60.66 -19.93 18.15
CA LEU E 6 61.04 -20.71 16.97
C LEU E 6 62.53 -20.50 16.64
N PRO E 7 63.08 -21.33 15.74
CA PRO E 7 64.50 -21.17 15.37
C PRO E 7 64.82 -19.78 14.82
N ASP E 8 65.95 -19.23 15.25
CA ASP E 8 66.36 -17.88 14.87
C ASP E 8 66.61 -17.75 13.37
N GLY E 9 66.26 -16.59 12.82
CA GLY E 9 66.48 -16.28 11.41
C GLY E 9 67.33 -15.04 11.25
N PRO E 10 67.38 -14.49 10.02
CA PRO E 10 68.12 -13.25 9.73
C PRO E 10 67.79 -12.11 10.70
N ARG E 11 68.81 -11.35 11.11
CA ARG E 11 68.62 -10.23 12.02
C ARG E 11 67.93 -9.06 11.32
N ILE E 12 66.65 -8.88 11.63
CA ILE E 12 65.85 -7.79 11.05
C ILE E 12 65.77 -6.63 12.03
N HIS E 13 66.28 -5.48 11.61
CA HIS E 13 66.49 -4.33 12.50
C HIS E 13 65.19 -3.69 12.98
N VAL E 14 65.04 -3.61 14.30
CA VAL E 14 64.01 -2.77 14.91
C VAL E 14 64.61 -1.36 15.10
N PRO E 15 63.86 -0.30 14.73
CA PRO E 15 64.36 1.06 14.96
C PRO E 15 64.55 1.36 16.45
N ARG E 16 65.67 1.99 16.80
CA ARG E 16 66.01 2.26 18.20
C ARG E 16 66.21 3.75 18.53
N LYS E 17 65.95 4.63 17.55
CA LYS E 17 66.08 6.08 17.74
C LYS E 17 64.79 6.76 17.32
N THR E 18 64.25 7.61 18.19
CA THR E 18 62.97 8.27 17.96
C THR E 18 63.04 9.34 16.87
N ALA E 19 62.05 9.34 15.98
CA ALA E 19 61.92 10.37 14.96
C ALA E 19 61.35 11.66 15.54
N LEU E 20 60.71 11.55 16.71
CA LEU E 20 60.16 12.71 17.40
C LEU E 20 61.27 13.66 17.84
N ARG E 21 60.93 14.95 17.93
CA ARG E 21 61.85 15.97 18.39
C ARG E 21 61.08 17.10 19.10
N PRO E 22 61.65 17.65 20.18
CA PRO E 22 60.94 18.64 20.99
C PRO E 22 60.76 19.99 20.29
N THR E 23 59.68 20.68 20.65
CA THR E 23 59.39 22.01 20.11
C THR E 23 59.58 23.06 21.19
N VAL E 24 59.42 24.33 20.82
CA VAL E 24 59.49 25.43 21.78
C VAL E 24 58.40 25.36 22.84
N ALA E 25 57.32 24.63 22.55
CA ALA E 25 56.20 24.49 23.49
C ALA E 25 56.49 23.57 24.67
N ARG E 26 57.50 22.70 24.57
CA ARG E 26 57.80 21.75 25.65
C ARG E 26 58.26 22.43 26.93
N GLN E 27 59.13 23.43 26.79
CA GLN E 27 59.66 24.16 27.96
C GLN E 27 58.59 24.96 28.71
N VAL E 28 57.56 25.40 27.98
CA VAL E 28 56.50 26.22 28.56
C VAL E 28 55.46 25.36 29.28
N PHE E 29 54.94 24.37 28.59
CA PHE E 29 53.89 23.51 29.14
C PHE E 29 54.44 22.42 30.06
N GLN E 30 55.61 21.87 29.71
CA GLN E 30 56.27 20.82 30.49
C GLN E 30 55.34 19.63 30.70
N PRO E 31 55.06 18.88 29.62
CA PRO E 31 54.13 17.76 29.70
C PRO E 31 54.74 16.56 30.41
N ALA E 32 53.91 15.75 31.05
CA ALA E 32 54.34 14.49 31.63
C ALA E 32 54.31 13.40 30.55
N PHE E 33 54.94 13.70 29.42
CA PHE E 33 54.90 12.85 28.24
C PHE E 33 56.23 12.98 27.50
N ALA E 34 56.82 11.85 27.14
CA ALA E 34 58.08 11.83 26.39
C ALA E 34 58.05 10.69 25.37
N PRO E 35 58.97 10.72 24.39
CA PRO E 35 59.03 9.63 23.41
C PRO E 35 59.27 8.27 24.09
N ALA E 36 58.64 7.23 23.55
CA ALA E 36 58.75 5.89 24.12
C ALA E 36 60.20 5.41 24.05
N VAL E 37 60.56 4.53 24.99
CA VAL E 37 61.91 3.95 25.01
C VAL E 37 62.02 2.94 23.89
N LEU E 38 63.01 3.10 23.03
CA LEU E 38 63.20 2.22 21.87
C LEU E 38 64.53 1.45 21.90
N SER E 39 65.41 1.78 22.84
CA SER E 39 66.73 1.14 22.94
C SER E 39 67.02 0.66 24.36
N LYS E 40 67.94 -0.30 24.45
CA LYS E 40 68.39 -0.83 25.74
C LYS E 40 69.32 0.15 26.45
N PHE E 41 69.98 1.01 25.66
CA PHE E 41 70.93 1.99 26.18
C PHE E 41 70.28 3.35 26.47
N ASP E 42 68.95 3.41 26.44
CA ASP E 42 68.22 4.62 26.78
C ASP E 42 68.44 4.95 28.25
N PRO E 43 69.09 6.10 28.56
CA PRO E 43 69.48 6.41 29.94
C PRO E 43 68.36 6.86 30.87
N ARG E 44 67.16 7.07 30.33
CA ARG E 44 66.02 7.52 31.13
C ARG E 44 65.40 6.42 31.99
N THR E 45 65.72 5.17 31.69
CA THR E 45 65.21 4.02 32.45
C THR E 45 66.33 3.04 32.79
N ASP E 46 66.18 2.36 33.92
CA ASP E 46 67.14 1.34 34.36
C ASP E 46 66.82 0.00 33.71
N ALA E 47 65.53 -0.31 33.57
CA ALA E 47 65.09 -1.58 33.00
C ALA E 47 65.36 -1.67 31.51
N ASP E 48 65.38 -2.90 31.00
CA ASP E 48 65.61 -3.18 29.59
C ASP E 48 64.28 -3.23 28.85
N VAL E 49 64.19 -2.52 27.72
CA VAL E 49 62.95 -2.43 26.96
C VAL E 49 62.54 -3.76 26.31
N ASP E 50 63.53 -4.58 25.92
CA ASP E 50 63.26 -5.88 25.31
C ASP E 50 62.93 -6.96 26.34
N GLU E 51 63.27 -6.72 27.60
CA GLU E 51 62.82 -7.60 28.69
C GLU E 51 61.35 -7.31 29.01
N VAL E 52 61.00 -6.03 29.00
CA VAL E 52 59.63 -5.59 29.30
C VAL E 52 58.69 -5.84 28.12
N ALA E 53 59.22 -5.80 26.90
CA ALA E 53 58.41 -6.04 25.69
C ALA E 53 57.80 -7.45 25.64
N PHE E 54 58.34 -8.36 26.45
CA PHE E 54 57.82 -9.72 26.56
C PHE E 54 57.19 -9.85 27.95
N SER E 55 57.40 -11.00 28.62
CA SER E 55 56.78 -11.26 29.92
C SER E 55 55.24 -11.12 29.87
N LYS E 56 54.66 -11.57 28.75
CA LYS E 56 53.21 -11.61 28.59
C LYS E 56 52.74 -13.07 28.67
N HIS E 57 53.31 -13.81 29.62
CA HIS E 57 53.07 -15.24 29.74
C HIS E 57 51.66 -15.52 30.24
N THR E 58 50.72 -15.55 29.31
CA THR E 58 49.33 -15.87 29.61
C THR E 58 48.74 -16.68 28.46
N SER E 59 48.67 -18.01 28.67
CA SER E 59 48.01 -18.89 27.72
C SER E 59 46.54 -18.45 27.63
N ASN E 60 46.21 -17.72 26.56
CA ASN E 60 44.89 -17.11 26.39
C ASN E 60 43.73 -18.08 26.55
N GLN E 61 42.58 -17.53 26.94
CA GLN E 61 41.37 -18.31 27.18
C GLN E 61 41.01 -19.16 25.97
N GLU E 62 40.50 -20.37 26.23
CA GLU E 62 40.03 -21.25 25.15
C GLU E 62 38.57 -21.65 25.34
N THR E 63 38.22 -22.07 26.55
CA THR E 63 36.83 -22.36 26.89
C THR E 63 36.05 -21.04 26.99
N LEU E 64 35.58 -20.56 25.83
CA LEU E 64 34.77 -19.36 25.76
C LEU E 64 33.31 -19.77 25.92
N PRO E 65 32.60 -19.19 26.91
CA PRO E 65 31.19 -19.52 27.17
C PRO E 65 30.28 -19.44 25.93
N PRO E 66 29.14 -20.17 25.96
CA PRO E 66 28.22 -20.22 24.82
C PRO E 66 27.42 -18.93 24.59
N VAL E 67 27.43 -18.02 25.56
CA VAL E 67 26.77 -16.72 25.43
C VAL E 67 27.39 -15.90 24.30
N PHE E 68 28.70 -15.99 24.15
CA PHE E 68 29.43 -15.25 23.12
C PHE E 68 28.98 -15.62 21.70
N ARG E 69 28.62 -16.87 21.49
CA ARG E 69 28.14 -17.34 20.19
C ARG E 69 26.74 -16.81 19.91
N MET E 70 25.87 -16.81 20.92
CA MET E 70 24.51 -16.32 20.79
C MET E 70 24.50 -14.83 20.41
N VAL E 71 25.19 -14.02 21.21
CA VAL E 71 25.23 -12.57 21.01
C VAL E 71 25.94 -12.18 19.70
N ALA E 72 26.87 -13.02 19.25
CA ALA E 72 27.58 -12.77 17.99
C ALA E 72 26.65 -12.87 16.79
N ARG E 73 25.86 -13.94 16.73
CA ARG E 73 24.92 -14.14 15.61
C ARG E 73 23.77 -13.14 15.64
N GLU E 74 23.36 -12.70 16.84
CA GLU E 74 22.31 -11.70 16.98
C GLU E 74 22.80 -10.33 16.54
N TYR E 75 24.05 -10.00 16.89
CA TYR E 75 24.68 -8.76 16.43
C TYR E 75 24.87 -8.77 14.92
N ALA E 76 25.17 -9.95 14.37
CA ALA E 76 25.31 -10.11 12.93
C ALA E 76 23.98 -9.85 12.21
N ASN E 77 22.89 -10.36 12.79
CA ASN E 77 21.55 -10.15 12.21
C ASN E 77 21.20 -8.68 12.05
N ARG E 78 21.65 -7.85 12.99
CA ARG E 78 21.34 -6.41 12.97
C ARG E 78 22.18 -5.65 11.95
N VAL E 79 23.49 -5.87 11.96
CA VAL E 79 24.40 -5.15 11.06
C VAL E 79 24.21 -5.54 9.59
N PHE E 80 23.95 -6.82 9.33
CA PHE E 80 23.75 -7.30 7.96
C PHE E 80 22.33 -7.06 7.44
N ALA E 81 21.40 -6.73 8.35
CA ALA E 81 20.08 -6.28 7.93
C ALA E 81 20.14 -4.86 7.36
N LEU E 82 20.94 -4.00 8.00
CA LEU E 82 21.09 -2.62 7.57
C LEU E 82 22.07 -2.47 6.41
N LEU E 83 23.28 -3.00 6.59
CA LEU E 83 24.34 -2.86 5.59
C LEU E 83 24.15 -3.78 4.38
N GLY E 84 23.64 -4.98 4.63
CA GLY E 84 23.39 -5.97 3.58
C GLY E 84 24.45 -7.06 3.55
N ARG E 85 24.19 -8.09 2.76
CA ARG E 85 25.12 -9.22 2.63
C ARG E 85 25.77 -9.23 1.24
N ASP E 86 26.22 -8.05 0.81
CA ASP E 86 26.97 -7.90 -0.43
C ASP E 86 28.43 -7.65 -0.04
N ASN E 87 29.01 -8.64 0.63
CA ASN E 87 30.33 -8.52 1.24
C ASN E 87 31.37 -9.41 0.55
N GLY E 88 31.33 -9.42 -0.78
CA GLY E 88 32.17 -10.31 -1.57
C GLY E 88 33.61 -9.88 -1.70
N ARG E 89 34.37 -10.63 -2.49
CA ARG E 89 35.78 -10.36 -2.75
C ARG E 89 35.94 -9.16 -3.67
N LEU E 90 37.03 -8.42 -3.49
CA LEU E 90 37.41 -7.32 -4.38
C LEU E 90 38.65 -7.72 -5.18
N SER E 91 38.80 -7.13 -6.36
CA SER E 91 39.97 -7.39 -7.20
C SER E 91 41.23 -6.74 -6.62
N VAL E 92 42.38 -7.03 -7.21
CA VAL E 92 43.66 -6.51 -6.71
C VAL E 92 43.74 -4.99 -6.89
N LYS E 93 43.25 -4.51 -8.04
CA LYS E 93 43.26 -3.08 -8.33
C LYS E 93 42.22 -2.33 -7.48
N GLN E 94 41.08 -2.96 -7.23
CA GLN E 94 40.05 -2.40 -6.34
C GLN E 94 40.58 -2.19 -4.92
N ALA E 95 41.41 -3.12 -4.46
CA ALA E 95 42.01 -3.02 -3.13
C ALA E 95 43.07 -1.92 -3.05
N LEU E 96 43.83 -1.73 -4.12
CA LEU E 96 44.88 -0.71 -4.17
C LEU E 96 44.30 0.71 -4.27
N ASP E 97 43.39 0.90 -5.22
CA ASP E 97 42.76 2.22 -5.45
C ASP E 97 41.79 2.59 -4.33
N GLY E 98 41.09 1.60 -3.80
CA GLY E 98 39.93 1.84 -2.95
C GLY E 98 38.70 1.85 -3.84
N LEU E 99 37.66 2.57 -3.41
CA LEU E 99 36.43 2.68 -4.21
C LEU E 99 35.93 4.12 -4.17
N GLU E 100 35.33 4.51 -3.04
CA GLU E 100 34.84 5.87 -2.81
C GLU E 100 34.96 6.21 -1.33
N GLY E 101 34.26 5.44 -0.50
CA GLY E 101 34.31 5.60 0.96
C GLY E 101 35.24 4.62 1.65
N MET E 102 36.36 4.28 0.98
CA MET E 102 37.41 3.44 1.58
C MET E 102 38.81 4.04 1.48
N ASP E 103 39.07 4.80 0.40
CA ASP E 103 40.33 5.51 0.15
C ASP E 103 41.54 4.58 -0.11
N PRO E 104 42.58 5.08 -0.81
CA PRO E 104 43.62 4.18 -1.34
C PRO E 104 44.62 3.67 -0.30
N MET E 105 45.36 2.63 -0.68
CA MET E 105 46.46 2.11 0.14
C MET E 105 47.66 3.03 0.01
N ASP E 106 48.31 3.32 1.13
CA ASP E 106 49.44 4.23 1.16
C ASP E 106 50.67 3.56 0.54
N LYS E 107 51.27 4.25 -0.43
CA LYS E 107 52.46 3.74 -1.10
C LYS E 107 53.71 3.82 -0.22
N ASN E 108 53.74 4.79 0.69
CA ASN E 108 54.92 5.03 1.53
C ASN E 108 54.97 4.23 2.84
N THR E 109 53.90 3.50 3.14
CA THR E 109 53.90 2.59 4.29
C THR E 109 54.81 1.40 4.00
N SER E 110 55.40 0.83 5.06
CA SER E 110 56.31 -0.30 4.93
C SER E 110 55.64 -1.50 4.24
N PRO E 111 56.34 -2.14 3.29
CA PRO E 111 55.80 -3.31 2.58
C PRO E 111 55.97 -4.63 3.35
N GLY E 112 56.66 -4.61 4.49
CA GLY E 112 56.85 -5.80 5.30
C GLY E 112 57.96 -6.68 4.77
N LEU E 113 58.10 -7.86 5.36
CA LEU E 113 59.17 -8.79 5.00
C LEU E 113 58.79 -9.65 3.79
N PRO E 114 59.79 -10.01 2.96
CA PRO E 114 61.21 -9.73 3.10
C PRO E 114 61.68 -8.45 2.40
N TYR E 115 60.73 -7.58 2.02
CA TYR E 115 61.03 -6.45 1.14
C TYR E 115 61.80 -5.33 1.84
N THR E 116 61.56 -5.15 3.13
CA THR E 116 62.24 -4.12 3.91
C THR E 116 63.75 -4.37 4.00
N THR E 117 64.15 -5.64 4.13
CA THR E 117 65.56 -6.02 4.12
C THR E 117 66.17 -5.92 2.72
N LEU E 118 65.37 -6.20 1.70
CA LEU E 118 65.81 -6.11 0.31
C LEU E 118 65.92 -4.66 -0.21
N GLY E 119 65.54 -3.68 0.61
CA GLY E 119 65.61 -2.28 0.22
C GLY E 119 64.54 -1.92 -0.79
N MET E 120 63.33 -2.44 -0.56
CA MET E 120 62.21 -2.26 -1.48
C MET E 120 61.06 -1.52 -0.81
N ARG E 121 60.25 -0.86 -1.64
CA ARG E 121 59.05 -0.17 -1.19
C ARG E 121 57.82 -0.88 -1.75
N ARG E 122 56.63 -0.43 -1.36
CA ARG E 122 55.39 -0.96 -1.91
C ARG E 122 55.24 -0.67 -3.40
N THR E 123 55.81 0.46 -3.83
CA THR E 123 55.77 0.84 -5.25
C THR E 123 56.62 -0.07 -6.14
N ASP E 124 57.65 -0.67 -5.56
CA ASP E 124 58.50 -1.62 -6.29
C ASP E 124 57.79 -2.96 -6.50
N VAL E 125 57.15 -3.47 -5.45
CA VAL E 125 56.54 -4.81 -5.47
C VAL E 125 55.29 -4.93 -6.37
N VAL E 126 54.61 -3.82 -6.63
CA VAL E 126 53.46 -3.82 -7.55
C VAL E 126 53.43 -2.60 -8.48
N ASP E 127 53.03 -2.84 -9.73
CA ASP E 127 52.73 -1.76 -10.66
C ASP E 127 51.32 -1.28 -10.30
N TRP E 128 51.21 -0.03 -9.89
CA TRP E 128 50.00 0.48 -9.24
C TRP E 128 48.82 0.64 -10.22
N GLU E 129 49.12 1.04 -11.45
CA GLU E 129 48.08 1.26 -12.45
C GLU E 129 47.49 -0.06 -12.96
N THR E 130 48.36 -0.97 -13.37
CA THR E 130 47.94 -2.25 -13.94
C THR E 130 47.63 -3.33 -12.90
N ALA E 131 48.05 -3.09 -11.65
CA ALA E 131 47.88 -4.06 -10.55
C ALA E 131 48.66 -5.35 -10.79
N THR E 132 49.79 -5.25 -11.49
CA THR E 132 50.65 -6.39 -11.75
C THR E 132 51.66 -6.52 -10.61
N LEU E 133 51.88 -7.75 -10.15
CA LEU E 133 52.78 -8.00 -9.03
C LEU E 133 54.11 -8.60 -9.50
N ILE E 134 55.12 -8.46 -8.64
CA ILE E 134 56.41 -9.11 -8.84
C ILE E 134 56.22 -10.63 -8.75
N PRO E 135 56.94 -11.41 -9.59
CA PRO E 135 56.84 -12.87 -9.59
C PRO E 135 56.86 -13.52 -8.21
N PHE E 136 57.82 -13.12 -7.37
CA PHE E 136 57.90 -13.58 -5.97
C PHE E 136 56.63 -13.21 -5.19
N ALA E 137 56.18 -11.97 -5.37
CA ALA E 137 54.99 -11.47 -4.68
C ALA E 137 53.71 -12.14 -5.18
N ALA E 138 53.64 -12.37 -6.49
CA ALA E 138 52.51 -13.06 -7.10
C ALA E 138 52.43 -14.52 -6.62
N GLU E 139 53.59 -15.16 -6.46
CA GLU E 139 53.66 -16.54 -5.98
C GLU E 139 53.06 -16.66 -4.58
N ARG E 140 53.44 -15.73 -3.70
CA ARG E 140 52.86 -15.66 -2.35
C ARG E 140 51.35 -15.48 -2.38
N LEU E 141 50.87 -14.60 -3.25
CA LEU E 141 49.43 -14.33 -3.36
C LEU E 141 48.65 -15.59 -3.76
N GLU E 142 49.19 -16.36 -4.69
CA GLU E 142 48.58 -17.62 -5.12
C GLU E 142 48.66 -18.70 -4.04
N LYS E 143 49.76 -18.69 -3.28
CA LYS E 143 49.93 -19.64 -2.18
C LYS E 143 48.95 -19.36 -1.05
N MET E 144 48.79 -18.08 -0.71
CA MET E 144 47.79 -17.67 0.28
C MET E 144 46.36 -17.86 -0.22
N ASN E 145 46.16 -17.68 -1.53
CA ASN E 145 44.85 -17.92 -2.15
C ASN E 145 44.44 -19.39 -2.08
N ASN E 146 45.43 -20.28 -2.04
CA ASN E 146 45.20 -21.71 -1.81
C ASN E 146 45.31 -22.10 -0.33
N LYS E 147 45.02 -21.16 0.56
CA LYS E 147 44.88 -21.42 2.01
C LYS E 147 46.15 -21.92 2.69
N ASP E 148 47.30 -21.34 2.34
CA ASP E 148 48.58 -21.75 2.93
C ASP E 148 48.98 -20.84 4.10
N PHE E 149 49.25 -19.57 3.81
CA PHE E 149 49.62 -18.57 4.82
C PHE E 149 50.88 -18.91 5.64
N SER E 150 51.74 -19.77 5.09
CA SER E 150 52.95 -20.19 5.79
C SER E 150 54.13 -19.26 5.52
N ASP E 151 54.13 -18.63 4.34
CA ASP E 151 55.20 -17.73 3.93
C ASP E 151 55.21 -16.42 4.71
N ILE E 152 54.02 -15.91 5.04
CA ILE E 152 53.90 -14.59 5.68
C ILE E 152 54.47 -14.56 7.10
N VAL E 153 55.06 -13.42 7.45
CA VAL E 153 55.64 -13.21 8.78
C VAL E 153 55.59 -11.71 9.10
N TYR E 154 55.14 -11.39 10.31
CA TYR E 154 54.96 -10.01 10.74
C TYR E 154 56.29 -9.41 11.19
N GLN E 155 56.66 -8.26 10.61
CA GLN E 155 57.83 -7.52 11.06
C GLN E 155 57.45 -6.70 12.29
N THR E 156 57.90 -7.16 13.45
CA THR E 156 57.52 -6.55 14.72
C THR E 156 58.61 -5.60 15.23
N PHE E 157 58.18 -4.47 15.79
CA PHE E 157 59.10 -3.50 16.38
C PHE E 157 58.38 -2.57 17.37
N LEU E 158 59.18 -1.84 18.16
CA LEU E 158 58.65 -0.96 19.19
C LEU E 158 58.00 0.29 18.58
N LYS E 159 56.88 0.71 19.16
CA LYS E 159 56.10 1.83 18.62
C LYS E 159 56.72 3.17 19.01
N ASP E 160 57.14 3.94 18.00
CA ASP E 160 57.70 5.27 18.22
C ASP E 160 56.57 6.29 18.39
N GLU E 161 56.36 6.73 19.62
CA GLU E 161 55.31 7.70 19.94
C GLU E 161 55.53 8.31 21.32
N LEU E 162 54.73 9.31 21.65
CA LEU E 162 54.71 9.88 23.00
C LEU E 162 54.03 8.91 23.94
N ARG E 163 54.57 8.79 25.16
CA ARG E 163 53.94 7.99 26.22
C ARG E 163 54.09 8.71 27.56
N PRO E 164 53.20 8.41 28.52
CA PRO E 164 53.34 8.98 29.86
C PRO E 164 54.69 8.67 30.50
N ILE E 165 55.16 9.58 31.37
CA ILE E 165 56.47 9.45 32.02
C ILE E 165 56.61 8.11 32.76
N GLU E 166 55.53 7.66 33.40
CA GLU E 166 55.52 6.37 34.09
C GLU E 166 55.93 5.22 33.16
N LYS E 167 55.39 5.23 31.94
CA LYS E 167 55.66 4.17 30.96
C LYS E 167 57.08 4.30 30.35
N VAL E 168 57.60 5.52 30.30
CA VAL E 168 58.96 5.75 29.85
C VAL E 168 59.97 5.34 30.94
N GLN E 169 59.62 5.59 32.19
CA GLN E 169 60.45 5.19 33.33
C GLN E 169 60.47 3.67 33.52
N ALA E 170 59.32 3.03 33.32
CA ALA E 170 59.20 1.56 33.44
C ALA E 170 59.66 0.82 32.18
N ALA E 171 59.95 1.55 31.11
CA ALA E 171 60.38 0.99 29.83
C ALA E 171 59.29 0.16 29.14
N LYS E 172 58.03 0.50 29.42
CA LYS E 172 56.89 -0.16 28.77
C LYS E 172 56.51 0.61 27.50
N THR E 173 56.91 0.06 26.36
CA THR E 173 56.66 0.64 25.05
C THR E 173 55.79 -0.29 24.23
N ARG E 174 54.88 0.28 23.45
CA ARG E 174 53.89 -0.52 22.70
C ARG E 174 54.51 -1.21 21.49
N ILE E 175 53.83 -2.22 20.97
CA ILE E 175 54.33 -3.05 19.88
C ILE E 175 53.54 -2.79 18.60
N VAL E 176 54.24 -2.80 17.47
CA VAL E 176 53.62 -2.69 16.14
C VAL E 176 53.91 -3.97 15.37
N ASP E 177 52.99 -4.37 14.50
CA ASP E 177 53.14 -5.60 13.71
C ASP E 177 52.83 -5.33 12.24
N VAL E 178 53.88 -5.09 11.45
CA VAL E 178 53.72 -4.84 10.02
C VAL E 178 53.73 -6.17 9.26
N PRO E 179 52.61 -6.51 8.60
CA PRO E 179 52.56 -7.73 7.81
C PRO E 179 53.15 -7.51 6.41
N PRO E 180 53.38 -8.61 5.67
CA PRO E 180 53.80 -8.47 4.26
C PRO E 180 52.74 -7.77 3.41
N PHE E 181 53.18 -7.08 2.37
CA PHE E 181 52.30 -6.27 1.53
C PHE E 181 51.21 -7.09 0.83
N GLU E 182 51.48 -8.37 0.59
CA GLU E 182 50.49 -9.27 0.00
C GLU E 182 49.38 -9.57 1.00
N HIS E 183 49.77 -9.78 2.26
CA HIS E 183 48.84 -10.01 3.36
C HIS E 183 47.94 -8.79 3.58
N CYS E 184 48.50 -7.59 3.36
CA CYS E 184 47.74 -6.34 3.45
C CYS E 184 46.72 -6.20 2.32
N ILE E 185 47.10 -6.59 1.11
CA ILE E 185 46.20 -6.56 -0.03
C ILE E 185 45.07 -7.57 0.17
N LEU E 186 45.44 -8.80 0.54
CA LEU E 186 44.47 -9.88 0.73
C LEU E 186 43.42 -9.54 1.79
N GLY E 187 43.86 -8.88 2.85
CA GLY E 187 42.94 -8.41 3.89
C GLY E 187 41.90 -7.45 3.33
N ARG E 188 42.35 -6.50 2.52
CA ARG E 188 41.45 -5.53 1.88
C ARG E 188 40.65 -6.13 0.73
N GLN E 189 41.15 -7.21 0.13
CA GLN E 189 40.40 -7.93 -0.91
C GLN E 189 39.18 -8.63 -0.31
N LEU E 190 39.38 -9.36 0.78
CA LEU E 190 38.34 -10.18 1.39
C LEU E 190 37.32 -9.37 2.18
N LEU E 191 37.80 -8.41 2.98
CA LEU E 191 36.95 -7.65 3.89
C LEU E 191 36.73 -6.19 3.47
N GLY E 192 37.19 -5.82 2.28
CA GLY E 192 37.12 -4.43 1.82
C GLY E 192 35.72 -3.92 1.54
N LYS E 193 34.91 -4.75 0.89
CA LYS E 193 33.56 -4.34 0.49
C LYS E 193 32.65 -4.10 1.70
N PHE E 194 32.75 -4.98 2.69
CA PHE E 194 32.01 -4.81 3.94
C PHE E 194 32.52 -3.61 4.74
N ALA E 195 33.84 -3.42 4.75
CA ALA E 195 34.47 -2.34 5.48
C ALA E 195 33.98 -0.95 5.04
N SER E 196 33.84 -0.78 3.73
CA SER E 196 33.40 0.51 3.17
C SER E 196 31.99 0.89 3.61
N LYS E 197 31.12 -0.11 3.80
CA LYS E 197 29.75 0.13 4.25
C LYS E 197 29.71 0.41 5.75
N PHE E 198 30.40 -0.44 6.52
CA PHE E 198 30.55 -0.26 7.97
C PHE E 198 31.19 1.10 8.30
N GLN E 199 32.12 1.52 7.45
CA GLN E 199 32.84 2.79 7.61
C GLN E 199 31.95 4.02 7.34
N THR E 200 31.04 3.91 6.38
CA THR E 200 30.23 5.06 5.94
C THR E 200 28.99 5.36 6.79
N GLN E 201 28.61 4.42 7.66
CA GLN E 201 27.42 4.60 8.52
C GLN E 201 27.74 4.44 10.01
N PRO E 202 28.46 5.42 10.59
CA PRO E 202 28.73 5.38 12.03
C PRO E 202 27.51 5.83 12.85
N GLY E 203 27.29 5.18 13.98
CA GLY E 203 26.16 5.50 14.85
C GLY E 203 25.85 4.40 15.84
N LEU E 204 24.71 4.54 16.53
CA LEU E 204 24.28 3.54 17.51
C LEU E 204 23.66 2.30 16.86
N GLU E 205 23.28 2.41 15.58
CA GLU E 205 22.75 1.27 14.83
C GLU E 205 23.79 0.15 14.76
N LEU E 206 24.93 0.45 14.15
CA LEU E 206 26.07 -0.48 14.14
C LEU E 206 26.73 -0.55 15.51
N GLY E 207 26.63 0.55 16.27
CA GLY E 207 27.30 0.66 17.56
C GLY E 207 28.77 0.89 17.33
N SER E 208 29.06 1.77 16.37
CA SER E 208 30.42 2.02 15.90
C SER E 208 30.63 3.50 15.59
N ALA E 209 31.84 3.97 15.83
CA ALA E 209 32.23 5.33 15.47
C ALA E 209 33.32 5.31 14.39
N ILE E 210 33.50 4.17 13.73
CA ILE E 210 34.51 4.03 12.69
C ILE E 210 34.10 4.83 11.47
N GLY E 211 35.04 5.60 10.95
CA GLY E 211 34.79 6.46 9.80
C GLY E 211 33.99 7.71 10.13
N CYS E 212 34.01 8.12 11.40
CA CYS E 212 33.30 9.31 11.82
C CYS E 212 34.16 10.56 11.62
N ASP E 213 33.64 11.71 12.02
CA ASP E 213 34.32 12.99 11.91
C ASP E 213 33.88 13.87 13.08
N PRO E 214 34.63 13.82 14.20
CA PRO E 214 34.28 14.47 15.47
C PRO E 214 33.59 15.84 15.36
N ASP E 215 34.08 16.70 14.47
CA ASP E 215 33.47 18.03 14.29
C ASP E 215 31.96 17.97 14.03
N VAL E 216 31.57 17.09 13.10
CA VAL E 216 30.16 16.95 12.73
C VAL E 216 29.44 15.87 13.55
N HIS E 217 30.05 14.69 13.63
CA HIS E 217 29.41 13.52 14.23
C HIS E 217 29.24 13.57 15.76
N TRP E 218 29.96 14.45 16.45
CA TRP E 218 29.80 14.59 17.90
C TRP E 218 28.38 15.07 18.24
N THR E 219 27.86 15.96 17.41
CA THR E 219 26.46 16.40 17.49
C THR E 219 25.51 15.23 17.25
N ALA E 220 25.80 14.44 16.23
CA ALA E 220 24.98 13.28 15.88
C ALA E 220 24.99 12.18 16.95
N PHE E 221 26.16 11.93 17.55
CA PHE E 221 26.27 10.95 18.63
C PHE E 221 25.64 11.47 19.92
N GLY E 222 25.80 12.76 20.19
CA GLY E 222 25.26 13.38 21.41
C GLY E 222 23.74 13.42 21.45
N VAL E 223 23.12 13.76 20.32
CA VAL E 223 21.66 13.79 20.21
C VAL E 223 21.08 12.37 20.24
N ALA E 224 21.85 11.39 19.76
CA ALA E 224 21.42 9.99 19.78
C ALA E 224 21.46 9.39 21.19
N MET E 225 22.33 9.92 22.05
CA MET E 225 22.47 9.45 23.43
C MET E 225 21.90 10.46 24.42
N GLN E 226 21.02 11.34 23.94
CA GLN E 226 20.55 12.47 24.73
C GLN E 226 19.48 12.06 25.75
N GLY E 227 18.50 11.31 25.27
CA GLY E 227 17.42 10.81 26.13
C GLY E 227 17.66 9.39 26.60
N PHE E 228 18.83 9.14 27.17
CA PHE E 228 19.19 7.80 27.67
C PHE E 228 19.51 7.72 29.17
N GLU E 229 19.65 8.86 29.84
CA GLU E 229 19.69 8.93 31.31
C GLU E 229 21.03 8.50 31.93
N ARG E 230 21.57 7.36 31.50
CA ARG E 230 22.87 6.90 31.97
C ARG E 230 23.78 6.52 30.80
N VAL E 231 25.00 7.04 30.83
CA VAL E 231 26.02 6.72 29.82
C VAL E 231 27.33 6.37 30.54
N TYR E 232 27.73 5.11 30.43
CA TYR E 232 28.90 4.59 31.13
C TYR E 232 30.16 4.62 30.28
N ASP E 233 31.28 5.01 30.90
CA ASP E 233 32.57 5.10 30.23
C ASP E 233 33.42 3.89 30.62
N VAL E 234 33.63 2.97 29.68
CA VAL E 234 34.36 1.74 29.95
C VAL E 234 35.62 1.68 29.10
N ASP E 235 36.72 1.26 29.73
CA ASP E 235 38.01 1.06 29.06
C ASP E 235 38.54 -0.33 29.38
N TYR E 236 39.25 -0.90 28.41
CA TYR E 236 39.87 -2.23 28.57
C TYR E 236 41.34 -2.09 28.94
N SER E 237 41.92 -3.20 29.40
CA SER E 237 43.37 -3.32 29.61
C SER E 237 43.88 -4.43 28.70
N ASN E 238 44.73 -4.07 27.74
CA ASN E 238 45.28 -5.02 26.78
C ASN E 238 44.19 -5.74 25.99
N PHE E 239 43.33 -4.95 25.35
CA PHE E 239 42.19 -5.47 24.60
C PHE E 239 42.60 -6.30 23.39
N ASP E 240 43.64 -5.86 22.70
CA ASP E 240 44.08 -6.51 21.46
C ASP E 240 44.69 -7.88 21.69
N SER E 241 45.57 -7.99 22.68
CA SER E 241 46.26 -9.24 22.98
C SER E 241 45.36 -10.30 23.63
N THR E 242 44.28 -9.86 24.27
CA THR E 242 43.37 -10.77 24.96
C THR E 242 42.52 -11.63 24.01
N HIS E 243 42.27 -11.13 22.80
CA HIS E 243 41.45 -11.85 21.82
C HIS E 243 41.95 -13.28 21.59
N SER E 244 41.19 -14.24 22.09
CA SER E 244 41.54 -15.66 21.96
C SER E 244 41.30 -16.16 20.55
N VAL E 245 41.87 -17.33 20.24
CA VAL E 245 41.65 -17.98 18.94
C VAL E 245 40.19 -18.43 18.80
N ALA E 246 39.54 -18.72 19.93
CA ALA E 246 38.12 -19.08 19.96
C ALA E 246 37.23 -17.90 19.55
N MET E 247 37.65 -16.68 19.89
CA MET E 247 36.95 -15.47 19.46
C MET E 247 37.02 -15.31 17.94
N PHE E 248 38.18 -15.62 17.37
CA PHE E 248 38.35 -15.59 15.91
C PHE E 248 37.53 -16.69 15.22
N ARG E 249 37.38 -17.82 15.89
CA ARG E 249 36.48 -18.89 15.42
C ARG E 249 35.05 -18.39 15.29
N LEU E 250 34.57 -17.69 16.31
CA LEU E 250 33.21 -17.12 16.30
C LEU E 250 33.03 -16.11 15.16
N LEU E 251 34.02 -15.24 14.99
CA LEU E 251 34.00 -14.26 13.90
C LEU E 251 33.94 -14.91 12.53
N ALA E 252 34.70 -16.00 12.36
CA ALA E 252 34.73 -16.73 11.10
C ALA E 252 33.44 -17.51 10.84
N GLU E 253 32.91 -18.14 11.88
CA GLU E 253 31.73 -19.00 11.77
C GLU E 253 30.41 -18.23 11.74
N GLU E 254 30.27 -17.24 12.63
CA GLU E 254 28.99 -16.54 12.82
C GLU E 254 28.90 -15.22 12.06
N PHE E 255 29.93 -14.37 12.20
CA PHE E 255 29.89 -13.01 11.65
C PHE E 255 30.40 -12.91 10.20
N PHE E 256 31.69 -13.14 10.00
CA PHE E 256 32.30 -13.06 8.67
C PHE E 256 32.24 -14.41 7.97
N SER E 257 31.03 -14.91 7.75
CA SER E 257 30.83 -16.25 7.21
C SER E 257 30.31 -16.21 5.77
N GLU E 258 30.32 -17.36 5.11
CA GLU E 258 29.77 -17.49 3.76
C GLU E 258 28.24 -17.31 3.75
N GLU E 259 27.61 -17.55 4.90
CA GLU E 259 26.17 -17.30 5.07
C GLU E 259 25.85 -15.82 4.90
N ASN E 260 26.66 -14.96 5.53
CA ASN E 260 26.45 -13.51 5.47
C ASN E 260 27.08 -12.83 4.25
N GLY E 261 27.55 -13.63 3.28
CA GLY E 261 27.97 -13.13 1.98
C GLY E 261 29.46 -12.90 1.78
N PHE E 262 30.29 -13.48 2.64
CA PHE E 262 31.74 -13.31 2.56
C PHE E 262 32.41 -14.40 1.74
N ASP E 263 33.67 -14.15 1.36
CA ASP E 263 34.46 -15.09 0.58
C ASP E 263 34.88 -16.27 1.47
N PRO E 264 34.95 -17.50 0.89
CA PRO E 264 35.42 -18.68 1.63
C PRO E 264 36.79 -18.52 2.29
N LEU E 265 37.69 -17.76 1.67
CA LEU E 265 39.07 -17.59 2.17
C LEU E 265 39.18 -16.78 3.47
N VAL E 266 38.10 -16.09 3.85
CA VAL E 266 38.07 -15.32 5.09
C VAL E 266 38.39 -16.21 6.31
N LYS E 267 37.92 -17.46 6.26
CA LYS E 267 38.19 -18.43 7.34
C LYS E 267 39.69 -18.49 7.66
N ASP E 268 40.49 -18.71 6.64
CA ASP E 268 41.93 -18.92 6.80
C ASP E 268 42.70 -17.63 7.04
N TYR E 269 42.19 -16.51 6.52
CA TYR E 269 42.79 -15.20 6.78
C TYR E 269 42.74 -14.86 8.27
N LEU E 270 41.59 -15.11 8.89
CA LEU E 270 41.40 -14.84 10.32
C LEU E 270 42.26 -15.75 11.20
N GLU E 271 42.54 -16.96 10.74
CA GLU E 271 43.45 -17.87 11.45
C GLU E 271 44.88 -17.32 11.46
N SER E 272 45.30 -16.73 10.34
CA SER E 272 46.64 -16.14 10.24
C SER E 272 46.80 -14.90 11.14
N LEU E 273 45.68 -14.31 11.55
CA LEU E 273 45.69 -13.26 12.56
C LEU E 273 45.75 -13.87 13.96
N ALA E 274 44.91 -14.88 14.20
CA ALA E 274 44.82 -15.55 15.50
C ALA E 274 46.16 -16.15 15.93
N ILE E 275 46.75 -16.96 15.05
CA ILE E 275 48.10 -17.48 15.25
C ILE E 275 49.00 -16.92 14.15
N SER E 276 50.17 -16.41 14.52
CA SER E 276 51.02 -15.67 13.58
C SER E 276 52.50 -15.77 13.90
N LYS E 277 53.32 -15.82 12.85
CA LYS E 277 54.78 -15.79 12.97
C LYS E 277 55.26 -14.35 13.04
N HIS E 278 56.19 -14.07 13.96
CA HIS E 278 56.69 -12.72 14.19
C HIS E 278 58.21 -12.68 14.15
N ALA E 279 58.76 -11.64 13.50
CA ALA E 279 60.20 -11.44 13.42
C ALA E 279 60.60 -10.21 14.24
N TYR E 280 61.62 -10.36 15.08
CA TYR E 280 62.08 -9.30 15.97
C TYR E 280 63.59 -9.46 16.19
N GLU E 281 64.39 -8.72 15.42
CA GLU E 281 65.85 -8.89 15.41
C GLU E 281 66.19 -10.32 14.97
N GLU E 282 67.08 -11.00 15.68
CA GLU E 282 67.41 -12.40 15.39
C GLU E 282 66.28 -13.37 15.74
N LYS E 283 65.34 -12.92 16.57
CA LYS E 283 64.28 -13.78 17.09
C LYS E 283 63.24 -14.12 16.02
N ARG E 284 62.67 -15.31 16.13
CA ARG E 284 61.49 -15.71 15.37
C ARG E 284 60.60 -16.48 16.32
N TYR E 285 59.37 -15.99 16.52
CA TYR E 285 58.44 -16.60 17.47
C TYR E 285 57.01 -16.66 16.94
N LEU E 286 56.20 -17.51 17.59
CA LEU E 286 54.85 -17.82 17.14
C LEU E 286 53.87 -17.56 18.28
N ILE E 287 53.17 -16.43 18.22
CA ILE E 287 52.18 -16.07 19.24
C ILE E 287 50.85 -16.73 18.90
N THR E 288 50.30 -17.48 19.85
CA THR E 288 48.98 -18.08 19.72
C THR E 288 47.96 -17.15 20.41
N GLY E 289 47.03 -16.62 19.62
CA GLY E 289 46.03 -15.68 20.13
C GLY E 289 46.48 -14.24 20.05
N GLY E 290 45.53 -13.32 20.10
CA GLY E 290 45.80 -11.89 20.00
C GLY E 290 45.70 -11.39 18.57
N LEU E 291 45.38 -10.12 18.41
CA LEU E 291 45.26 -9.50 17.10
C LEU E 291 46.49 -8.63 16.81
N PRO E 292 47.27 -9.00 15.76
CA PRO E 292 48.39 -8.14 15.36
C PRO E 292 47.92 -6.84 14.73
N SER E 293 48.67 -5.76 14.97
CA SER E 293 48.31 -4.44 14.45
C SER E 293 48.63 -4.30 12.96
N GLY E 294 47.87 -5.01 12.13
CA GLY E 294 48.02 -4.94 10.68
C GLY E 294 47.47 -3.64 10.10
N CYS E 295 47.59 -3.51 8.78
CA CYS E 295 47.19 -2.29 8.08
C CYS E 295 45.69 -2.23 7.77
N ALA E 296 45.15 -3.34 7.28
CA ALA E 296 43.80 -3.39 6.71
C ALA E 296 42.72 -2.65 7.52
N ALA E 297 42.27 -3.27 8.62
CA ALA E 297 41.21 -2.68 9.44
C ALA E 297 41.09 -3.40 10.79
N THR E 298 42.11 -3.25 11.62
CA THR E 298 42.11 -3.82 12.96
C THR E 298 41.19 -3.05 13.90
N SER E 299 40.99 -1.76 13.61
CA SER E 299 40.04 -0.94 14.35
C SER E 299 38.61 -1.44 14.15
N MET E 300 38.29 -1.79 12.92
CA MET E 300 36.96 -2.32 12.57
C MET E 300 36.69 -3.68 13.24
N LEU E 301 37.70 -4.55 13.23
CA LEU E 301 37.59 -5.87 13.87
C LEU E 301 37.36 -5.74 15.37
N ASN E 302 38.17 -4.91 16.03
CA ASN E 302 38.01 -4.63 17.45
C ASN E 302 36.65 -4.02 17.80
N THR E 303 36.18 -3.11 16.95
CA THR E 303 34.86 -2.49 17.13
C THR E 303 33.76 -3.55 17.17
N VAL E 304 33.82 -4.51 16.24
CA VAL E 304 32.85 -5.61 16.18
C VAL E 304 32.98 -6.52 17.39
N MET E 305 34.22 -6.90 17.72
CA MET E 305 34.48 -7.76 18.88
C MET E 305 34.08 -7.08 20.20
N ASN E 306 34.33 -5.78 20.30
CA ASN E 306 34.07 -5.03 21.53
C ASN E 306 32.61 -5.08 21.94
N ASN E 307 31.72 -4.62 21.06
CA ASN E 307 30.28 -4.58 21.38
C ASN E 307 29.63 -5.97 21.45
N ILE E 308 30.33 -7.00 20.96
CA ILE E 308 29.96 -8.39 21.23
C ILE E 308 30.38 -8.78 22.64
N ILE E 309 31.62 -8.46 23.00
CA ILE E 309 32.20 -8.88 24.27
C ILE E 309 31.48 -8.30 25.49
N ILE E 310 31.17 -7.00 25.47
CA ILE E 310 30.55 -6.34 26.62
C ILE E 310 29.09 -6.74 26.82
N ARG E 311 28.36 -6.98 25.73
CA ARG E 311 27.00 -7.49 25.81
C ARG E 311 26.99 -8.88 26.44
N ALA E 312 27.91 -9.73 26.00
CA ALA E 312 28.08 -11.06 26.58
C ALA E 312 28.39 -10.97 28.07
N GLY E 313 29.23 -10.01 28.45
CA GLY E 313 29.55 -9.75 29.86
C GLY E 313 28.32 -9.38 30.68
N LEU E 314 27.42 -8.59 30.08
CA LEU E 314 26.17 -8.21 30.74
C LEU E 314 25.20 -9.38 30.87
N TYR E 315 25.11 -10.22 29.84
CA TYR E 315 24.30 -11.45 29.88
C TYR E 315 24.71 -12.37 31.04
N LEU E 316 26.01 -12.45 31.29
CA LEU E 316 26.55 -13.28 32.38
C LEU E 316 26.28 -12.66 33.75
N THR E 317 26.37 -11.33 33.83
CA THR E 317 26.20 -10.61 35.10
C THR E 317 24.74 -10.53 35.53
N TYR E 318 23.85 -10.27 34.55
CA TYR E 318 22.42 -10.08 34.82
C TYR E 318 21.59 -11.10 34.06
N LYS E 319 20.62 -11.72 34.74
CA LYS E 319 19.85 -12.83 34.17
C LYS E 319 18.50 -12.44 33.57
N ASN E 320 18.22 -11.14 33.50
CA ASN E 320 17.06 -10.62 32.77
C ASN E 320 17.49 -9.62 31.69
N PHE E 321 18.76 -9.65 31.33
CA PHE E 321 19.33 -8.72 30.37
C PHE E 321 18.98 -9.15 28.94
N GLU E 322 18.51 -8.18 28.15
CA GLU E 322 18.23 -8.40 26.73
C GLU E 322 19.22 -7.59 25.90
N PHE E 323 19.26 -7.86 24.59
CA PHE E 323 20.22 -7.23 23.69
C PHE E 323 19.99 -5.72 23.58
N ASP E 324 18.74 -5.32 23.41
CA ASP E 324 18.37 -3.92 23.15
C ASP E 324 18.29 -3.05 24.40
N ASP E 325 18.50 -3.64 25.58
CA ASP E 325 18.52 -2.87 26.83
C ASP E 325 19.65 -1.85 26.84
N VAL E 326 20.72 -2.13 26.09
CA VAL E 326 21.88 -1.25 26.01
C VAL E 326 22.14 -0.83 24.56
N LYS E 327 22.47 0.45 24.38
CA LYS E 327 22.99 0.96 23.11
C LYS E 327 24.50 1.20 23.25
N VAL E 328 25.29 0.55 22.40
CA VAL E 328 26.74 0.65 22.45
C VAL E 328 27.25 1.64 21.42
N LEU E 329 28.37 2.29 21.72
CA LEU E 329 29.08 3.14 20.77
C LEU E 329 30.57 2.96 21.04
N SER E 330 31.31 2.43 20.07
CA SER E 330 32.71 2.10 20.28
C SER E 330 33.62 2.45 19.09
N TYR E 331 34.91 2.55 19.39
CA TYR E 331 35.94 2.74 18.38
C TYR E 331 37.14 1.92 18.83
N GLY E 332 37.16 0.66 18.41
CA GLY E 332 38.18 -0.29 18.87
C GLY E 332 37.93 -0.67 20.31
N ASP E 333 38.88 -0.36 21.19
CA ASP E 333 38.74 -0.65 22.62
C ASP E 333 38.07 0.48 23.40
N ASP E 334 37.95 1.66 22.78
CA ASP E 334 37.25 2.78 23.41
C ASP E 334 35.75 2.49 23.38
N LEU E 335 35.11 2.50 24.55
CA LEU E 335 33.75 1.96 24.69
C LEU E 335 32.82 2.93 25.45
N LEU E 336 31.61 3.09 24.92
CA LEU E 336 30.55 3.87 25.55
C LEU E 336 29.25 3.06 25.60
N VAL E 337 28.64 2.97 26.79
CA VAL E 337 27.37 2.25 26.98
C VAL E 337 26.27 3.25 27.36
N ALA E 338 25.20 3.29 26.57
CA ALA E 338 24.04 4.15 26.85
C ALA E 338 22.81 3.29 27.13
N THR E 339 22.15 3.55 28.26
CA THR E 339 21.00 2.74 28.68
C THR E 339 20.21 3.41 29.79
N ASN E 340 18.92 3.09 29.85
CA ASN E 340 18.04 3.59 30.92
C ASN E 340 18.13 2.77 32.20
N TYR E 341 18.68 1.56 32.11
CA TYR E 341 18.89 0.71 33.29
C TYR E 341 20.10 1.17 34.09
N GLN E 342 20.09 0.88 35.39
CA GLN E 342 21.25 1.13 36.24
C GLN E 342 22.11 -0.12 36.29
N LEU E 343 23.36 0.00 35.82
CA LEU E 343 24.29 -1.12 35.73
C LEU E 343 25.51 -0.86 36.60
N ASN E 344 26.03 -1.92 37.21
CA ASN E 344 27.27 -1.86 37.98
C ASN E 344 28.33 -2.70 37.30
N PHE E 345 29.30 -2.04 36.67
CA PHE E 345 30.34 -2.72 35.89
C PHE E 345 31.43 -3.38 36.74
N ASP E 346 31.42 -3.15 38.05
CA ASP E 346 32.26 -3.91 38.97
C ASP E 346 31.89 -5.40 38.92
N ARG E 347 30.60 -5.67 38.82
CA ARG E 347 30.09 -7.04 38.72
C ARG E 347 30.24 -7.59 37.29
N VAL E 348 30.22 -6.71 36.30
CA VAL E 348 30.48 -7.08 34.90
C VAL E 348 31.97 -7.37 34.70
N ARG E 349 32.82 -6.61 35.40
CA ARG E 349 34.26 -6.84 35.41
C ARG E 349 34.57 -8.24 35.95
N THR E 350 33.92 -8.60 37.06
CA THR E 350 34.09 -9.91 37.67
C THR E 350 33.63 -11.04 36.73
N SER E 351 32.56 -10.78 35.98
CA SER E 351 32.05 -11.74 35.01
C SER E 351 32.99 -11.91 33.82
N LEU E 352 33.47 -10.78 33.27
CA LEU E 352 34.38 -10.82 32.13
C LEU E 352 35.78 -11.32 32.50
N ALA E 353 36.18 -11.14 33.76
CA ALA E 353 37.47 -11.63 34.25
C ALA E 353 37.66 -13.12 34.00
N LYS E 354 36.60 -13.89 34.19
CA LYS E 354 36.62 -15.34 33.99
C LYS E 354 36.58 -15.73 32.51
N THR E 355 36.07 -14.83 31.65
CA THR E 355 36.04 -15.06 30.21
C THR E 355 37.35 -14.65 29.53
N GLY E 356 38.25 -13.99 30.26
CA GLY E 356 39.55 -13.61 29.74
C GLY E 356 39.79 -12.10 29.69
N TYR E 357 38.73 -11.34 29.44
CA TYR E 357 38.85 -9.89 29.22
C TYR E 357 38.84 -9.08 30.53
N LYS E 358 39.63 -8.01 30.53
CA LYS E 358 39.76 -7.13 31.70
C LYS E 358 39.27 -5.72 31.34
N ILE E 359 38.43 -5.16 32.20
CA ILE E 359 37.93 -3.79 32.02
C ILE E 359 38.19 -2.95 33.26
N THR E 360 38.26 -1.64 33.08
CA THR E 360 38.64 -0.71 34.15
C THR E 360 37.92 0.63 33.97
N PRO E 361 37.59 1.30 35.08
CA PRO E 361 36.96 2.63 34.99
C PRO E 361 37.89 3.68 34.38
N ALA E 362 37.30 4.67 33.72
CA ALA E 362 38.06 5.70 33.00
C ALA E 362 38.88 6.60 33.93
N ASN E 363 38.40 6.81 35.15
CA ASN E 363 39.03 7.76 36.08
C ASN E 363 40.06 7.13 37.03
N LYS E 364 40.43 5.87 36.78
CA LYS E 364 41.46 5.17 37.55
C LYS E 364 41.15 5.14 39.06
N THR E 365 39.96 4.69 39.39
CA THR E 365 39.51 4.56 40.78
C THR E 365 39.30 3.10 41.21
N SER E 366 39.38 2.17 40.26
CA SER E 366 39.11 0.74 40.48
C SER E 366 37.67 0.43 40.95
N THR E 367 36.75 1.38 40.75
CA THR E 367 35.32 1.17 41.01
C THR E 367 34.50 2.03 40.04
N PHE E 368 33.68 1.39 39.22
CA PHE E 368 32.85 2.10 38.24
C PHE E 368 31.77 2.93 38.94
N PRO E 369 31.42 4.09 38.35
CA PRO E 369 30.30 4.88 38.86
C PRO E 369 28.96 4.35 38.34
N LEU E 370 27.93 4.39 39.19
CA LEU E 370 26.60 3.90 38.82
C LEU E 370 25.77 4.97 38.10
N GLU E 371 26.00 6.24 38.46
CA GLU E 371 25.18 7.34 37.94
C GLU E 371 25.97 8.30 37.04
N SER E 372 26.65 7.74 36.04
CA SER E 372 27.40 8.57 35.09
C SER E 372 26.53 8.91 33.87
N THR E 373 26.52 10.19 33.51
CA THR E 373 25.74 10.68 32.37
C THR E 373 26.67 11.03 31.20
N LEU E 374 26.10 11.54 30.11
CA LEU E 374 26.87 11.87 28.91
C LEU E 374 27.98 12.89 29.15
N GLU E 375 27.73 13.88 30.00
CA GLU E 375 28.72 14.93 30.27
C GLU E 375 29.97 14.42 31.00
N ASP E 376 29.83 13.29 31.69
CA ASP E 376 30.93 12.71 32.46
C ASP E 376 31.91 11.87 31.63
N VAL E 377 31.44 11.34 30.50
CA VAL E 377 32.24 10.38 29.73
C VAL E 377 33.33 11.05 28.87
N VAL E 378 34.40 10.30 28.63
CA VAL E 378 35.43 10.67 27.66
C VAL E 378 35.37 9.66 26.53
N PHE E 379 35.44 10.15 25.28
CA PHE E 379 35.45 9.29 24.11
C PHE E 379 36.42 9.86 23.07
N LEU E 380 37.42 9.06 22.71
CA LEU E 380 38.48 9.47 21.78
C LEU E 380 39.19 10.73 22.27
N LYS E 381 39.59 10.72 23.54
CA LYS E 381 40.25 11.85 24.19
C LYS E 381 39.43 13.15 24.19
N ARG E 382 38.11 13.03 24.07
CA ARG E 382 37.23 14.18 23.97
C ARG E 382 36.04 14.05 24.93
N LYS E 383 35.50 15.19 25.34
CA LYS E 383 34.27 15.24 26.13
C LYS E 383 33.15 15.78 25.26
N PHE E 384 31.91 15.50 25.66
CA PHE E 384 30.75 16.02 24.96
C PHE E 384 30.31 17.34 25.58
N LYS E 385 30.67 18.44 24.94
CA LYS E 385 30.31 19.78 25.40
C LYS E 385 29.06 20.24 24.64
N LYS E 386 27.93 20.31 25.34
CA LYS E 386 26.68 20.77 24.73
C LYS E 386 26.73 22.27 24.50
N GLU E 387 26.31 22.70 23.31
CA GLU E 387 26.21 24.11 22.96
C GLU E 387 24.91 24.34 22.21
N GLY E 388 23.82 24.42 22.98
CA GLY E 388 22.48 24.49 22.41
C GLY E 388 22.12 23.14 21.79
N PRO E 389 21.80 23.12 20.48
CA PRO E 389 21.51 21.85 19.81
C PRO E 389 22.76 21.08 19.41
N LEU E 390 23.93 21.74 19.42
CA LEU E 390 25.18 21.14 18.96
C LEU E 390 25.96 20.52 20.11
N TYR E 391 26.90 19.65 19.75
CA TYR E 391 27.86 19.09 20.69
C TYR E 391 29.29 19.28 20.16
N ARG E 392 30.13 19.92 20.96
CA ARG E 392 31.52 20.18 20.58
C ARG E 392 32.44 19.12 21.18
N PRO E 393 33.37 18.57 20.37
CA PRO E 393 34.37 17.64 20.89
C PRO E 393 35.53 18.37 21.55
N VAL E 394 35.43 18.58 22.86
CA VAL E 394 36.45 19.30 23.62
C VAL E 394 37.60 18.37 24.00
N MET E 395 38.76 18.61 23.39
CA MET E 395 39.96 17.83 23.65
C MET E 395 40.53 18.17 25.03
N ASN E 396 41.17 17.19 25.65
CA ASN E 396 41.82 17.37 26.96
C ASN E 396 42.94 18.40 26.90
N ARG E 397 43.08 19.19 27.95
CA ARG E 397 44.11 20.23 28.03
C ARG E 397 45.52 19.64 28.03
N GLU E 398 45.72 18.56 28.77
CA GLU E 398 47.03 17.93 28.89
C GLU E 398 47.43 17.24 27.58
N ALA E 399 46.46 16.68 26.88
CA ALA E 399 46.69 16.03 25.60
C ALA E 399 47.13 17.03 24.53
N LEU E 400 46.41 18.15 24.43
CA LEU E 400 46.75 19.21 23.49
C LEU E 400 48.15 19.77 23.73
N GLU E 401 48.48 20.01 24.99
CA GLU E 401 49.81 20.51 25.36
C GLU E 401 50.92 19.53 24.97
N ALA E 402 50.65 18.24 25.14
CA ALA E 402 51.63 17.20 24.81
C ALA E 402 51.85 17.06 23.30
N MET E 403 50.78 17.16 22.52
CA MET E 403 50.86 17.08 21.06
C MET E 403 51.65 18.23 20.45
N LEU E 404 51.61 19.40 21.10
CA LEU E 404 52.33 20.58 20.63
C LEU E 404 53.81 20.58 21.06
N SER E 405 54.13 19.83 22.11
CA SER E 405 55.49 19.81 22.67
C SER E 405 56.50 19.02 21.83
N TYR E 406 56.02 18.08 21.02
CA TYR E 406 56.88 17.27 20.16
C TYR E 406 56.32 17.19 18.73
N TYR E 407 57.20 16.96 17.77
CA TYR E 407 56.77 16.86 16.36
C TYR E 407 57.72 15.99 15.53
N ARG E 408 57.23 15.60 14.35
CA ARG E 408 58.01 14.81 13.40
C ARG E 408 58.39 15.70 12.22
N PRO E 409 59.70 15.97 12.03
CA PRO E 409 60.14 16.79 10.91
C PRO E 409 59.61 16.31 9.56
N GLY E 410 59.04 17.24 8.78
CA GLY E 410 58.45 16.93 7.49
C GLY E 410 56.94 17.15 7.43
N THR E 411 56.28 17.13 8.58
CA THR E 411 54.82 17.20 8.65
C THR E 411 54.33 18.25 9.68
N LEU E 412 54.88 19.46 9.59
CA LEU E 412 54.51 20.54 10.52
C LEU E 412 53.19 21.19 10.11
N SER E 413 53.05 21.49 8.81
CA SER E 413 51.83 22.10 8.30
C SER E 413 50.64 21.14 8.43
N GLU E 414 50.90 19.84 8.25
CA GLU E 414 49.90 18.81 8.49
C GLU E 414 49.53 18.74 9.97
N LYS E 415 50.53 18.85 10.84
CA LYS E 415 50.33 18.84 12.29
C LYS E 415 49.50 20.04 12.77
N LEU E 416 49.85 21.23 12.29
CA LEU E 416 49.16 22.45 12.72
C LEU E 416 47.67 22.42 12.39
N THR E 417 47.36 22.04 11.15
CA THR E 417 45.97 21.91 10.71
C THR E 417 45.17 21.00 11.64
N SER E 418 45.76 19.87 12.03
CA SER E 418 45.10 18.93 12.95
C SER E 418 44.81 19.56 14.31
N ILE E 419 45.82 20.19 14.90
CA ILE E 419 45.71 20.70 16.27
C ILE E 419 44.86 21.97 16.37
N THR E 420 44.87 22.80 15.33
CA THR E 420 44.03 24.00 15.30
C THR E 420 42.55 23.63 15.26
N MET E 421 42.21 22.61 14.47
CA MET E 421 40.83 22.11 14.39
C MET E 421 40.42 21.35 15.66
N LEU E 422 41.40 20.83 16.39
CA LEU E 422 41.16 20.20 17.70
C LEU E 422 40.96 21.25 18.80
N ALA E 423 41.90 22.18 18.90
CA ALA E 423 41.96 23.14 20.00
C ALA E 423 40.93 24.27 19.93
N VAL E 424 40.30 24.45 18.76
CA VAL E 424 39.27 25.47 18.59
C VAL E 424 38.08 25.28 19.54
N HIS E 425 37.78 24.03 19.89
CA HIS E 425 36.66 23.71 20.77
C HIS E 425 36.92 24.03 22.24
N SER E 426 38.19 24.29 22.58
CA SER E 426 38.56 24.66 23.95
C SER E 426 38.42 26.16 24.24
N GLY E 427 38.10 26.95 23.22
CA GLY E 427 37.85 28.39 23.41
C GLY E 427 39.04 29.25 23.02
N LYS E 428 38.76 30.51 22.69
CA LYS E 428 39.79 31.46 22.21
C LYS E 428 40.93 31.64 23.20
N GLN E 429 40.58 31.93 24.44
CA GLN E 429 41.58 32.18 25.49
C GLN E 429 42.56 31.01 25.63
N GLU E 430 42.03 29.79 25.57
CA GLU E 430 42.84 28.58 25.63
C GLU E 430 43.58 28.35 24.30
N TYR E 431 42.86 28.52 23.19
CA TYR E 431 43.43 28.36 21.84
C TYR E 431 44.69 29.20 21.65
N ASP E 432 44.61 30.48 22.00
CA ASP E 432 45.75 31.40 21.85
C ASP E 432 46.90 31.07 22.80
N ARG E 433 46.59 30.56 23.99
CA ARG E 433 47.62 30.16 24.96
C ARG E 433 48.44 28.98 24.44
N LEU E 434 47.78 28.02 23.82
CA LEU E 434 48.44 26.83 23.29
C LEU E 434 49.40 27.14 22.14
N PHE E 435 49.04 28.13 21.32
CA PHE E 435 49.86 28.49 20.15
C PHE E 435 50.75 29.72 20.37
N ALA E 436 50.82 30.21 21.61
CA ALA E 436 51.67 31.36 21.94
C ALA E 436 53.16 31.05 21.75
N PRO E 437 53.64 29.88 22.20
CA PRO E 437 55.06 29.53 22.00
C PRO E 437 55.46 29.46 20.52
N PHE E 438 54.56 28.96 19.67
CA PHE E 438 54.83 28.84 18.23
C PHE E 438 54.87 30.20 17.55
N ARG E 439 53.90 31.06 17.87
CA ARG E 439 53.85 32.42 17.32
C ARG E 439 55.05 33.26 17.73
N GLU E 440 55.61 32.97 18.91
CA GLU E 440 56.79 33.71 19.42
C GLU E 440 58.08 33.39 18.66
N VAL E 441 58.08 32.34 17.85
CA VAL E 441 59.21 32.01 16.97
C VAL E 441 58.83 32.11 15.49
N GLY E 442 57.84 32.96 15.18
CA GLY E 442 57.49 33.28 13.81
C GLY E 442 56.60 32.31 13.05
N VAL E 443 56.06 31.31 13.74
CA VAL E 443 55.18 30.34 13.09
C VAL E 443 53.79 30.95 12.93
N ILE E 444 53.31 31.00 11.69
CA ILE E 444 51.95 31.48 11.40
C ILE E 444 50.93 30.38 11.69
N VAL E 445 49.89 30.72 12.46
CA VAL E 445 48.81 29.79 12.74
C VAL E 445 47.46 30.51 12.57
N PRO E 446 46.47 29.84 11.98
CA PRO E 446 45.17 30.49 11.73
C PRO E 446 44.54 31.05 13.00
N THR E 447 43.82 32.16 12.87
CA THR E 447 43.16 32.78 14.01
C THR E 447 42.05 31.90 14.53
N PHE E 448 41.71 32.08 15.81
CA PHE E 448 40.60 31.35 16.42
C PHE E 448 39.31 31.58 15.62
N GLU E 449 39.06 32.84 15.26
CA GLU E 449 37.84 33.23 14.57
C GLU E 449 37.73 32.59 13.19
N SER E 450 38.86 32.31 12.56
CA SER E 450 38.90 31.63 11.27
C SER E 450 38.39 30.19 11.40
N VAL E 451 39.07 29.41 12.23
CA VAL E 451 38.72 27.99 12.41
C VAL E 451 37.40 27.78 13.17
N GLU E 452 37.01 28.77 13.98
CA GLU E 452 35.71 28.77 14.65
C GLU E 452 34.58 28.90 13.61
N TYR E 453 34.75 29.83 12.69
CA TYR E 453 33.79 30.02 11.59
C TYR E 453 33.69 28.78 10.70
N ARG E 454 34.82 28.14 10.44
CA ARG E 454 34.87 26.95 9.59
C ARG E 454 33.99 25.84 10.15
N TRP E 455 34.05 25.65 11.47
CA TRP E 455 33.26 24.61 12.14
C TRP E 455 31.76 24.91 12.11
N ARG E 456 31.41 26.16 12.41
CA ARG E 456 30.01 26.58 12.42
C ARG E 456 29.38 26.57 11.02
N SER E 457 30.22 26.69 9.99
CA SER E 457 29.77 26.62 8.60
C SER E 457 29.28 25.23 8.19
N LEU E 458 29.64 24.22 8.97
CA LEU E 458 29.23 22.84 8.69
C LEU E 458 27.74 22.58 8.97
N PHE E 459 27.13 23.42 9.81
CA PHE E 459 25.78 23.17 10.30
C PHE E 459 24.70 24.07 9.70
N TRP E 460 25.08 25.06 8.89
CA TRP E 460 24.11 25.95 8.27
C TRP E 460 23.53 25.33 7.00
N GLY F 1 -16.51 -35.80 -14.76
CA GLY F 1 -17.14 -34.46 -14.56
C GLY F 1 -17.26 -33.66 -15.85
N ALA F 2 -17.66 -32.39 -15.71
CA ALA F 2 -17.82 -31.50 -16.86
C ALA F 2 -16.46 -31.14 -17.46
N LEU F 3 -15.63 -30.45 -16.67
CA LEU F 3 -14.31 -30.01 -17.11
C LEU F 3 -13.30 -31.15 -17.00
N GLU F 4 -12.94 -31.74 -18.15
CA GLU F 4 -11.98 -32.83 -18.19
C GLU F 4 -10.68 -32.39 -18.86
N ARG F 5 -9.56 -32.65 -18.20
CA ARG F 5 -8.24 -32.31 -18.72
C ARG F 5 -7.84 -33.28 -19.84
N LEU F 6 -7.23 -32.75 -20.88
CA LEU F 6 -6.81 -33.53 -22.05
C LEU F 6 -5.28 -33.46 -22.22
N PRO F 7 -4.72 -34.29 -23.13
CA PRO F 7 -3.28 -34.22 -23.37
C PRO F 7 -2.85 -32.85 -23.93
N ASP F 8 -1.69 -32.37 -23.48
CA ASP F 8 -1.20 -31.05 -23.87
C ASP F 8 -0.87 -30.98 -25.36
N GLY F 9 -0.89 -29.76 -25.89
CA GLY F 9 -0.55 -29.50 -27.29
C GLY F 9 0.34 -28.28 -27.41
N PRO F 10 0.37 -27.65 -28.61
CA PRO F 10 1.06 -26.39 -28.81
C PRO F 10 0.63 -25.31 -27.81
N ARG F 11 1.55 -24.40 -27.47
CA ARG F 11 1.25 -23.32 -26.53
C ARG F 11 0.57 -22.15 -27.25
N ILE F 12 -0.76 -22.05 -27.10
CA ILE F 12 -1.52 -20.94 -27.65
C ILE F 12 -1.47 -19.79 -26.65
N HIS F 13 -0.78 -18.71 -27.01
CA HIS F 13 -0.50 -17.62 -26.08
C HIS F 13 -1.76 -16.84 -25.69
N VAL F 14 -2.09 -16.91 -24.40
CA VAL F 14 -3.11 -16.05 -23.80
C VAL F 14 -2.49 -14.68 -23.54
N PRO F 15 -3.12 -13.61 -24.04
CA PRO F 15 -2.63 -12.25 -23.74
C PRO F 15 -2.58 -11.94 -22.24
N ARG F 16 -1.47 -11.35 -21.80
CA ARG F 16 -1.26 -11.04 -20.37
C ARG F 16 -0.81 -9.59 -20.15
N LYS F 17 -1.23 -8.69 -21.03
CA LYS F 17 -0.94 -7.25 -20.89
C LYS F 17 -2.20 -6.42 -21.15
N THR F 18 -2.42 -5.42 -20.31
CA THR F 18 -3.64 -4.62 -20.34
C THR F 18 -3.55 -3.51 -21.40
N ALA F 19 -4.64 -3.34 -22.16
CA ALA F 19 -4.75 -2.26 -23.13
C ALA F 19 -5.26 -0.98 -22.47
N LEU F 20 -6.10 -1.13 -21.45
CA LEU F 20 -6.64 0.00 -20.68
C LEU F 20 -5.53 0.80 -20.01
N ARG F 21 -5.65 2.13 -20.08
CA ARG F 21 -4.76 3.04 -19.36
C ARG F 21 -5.61 4.15 -18.72
N PRO F 22 -5.14 4.74 -17.61
CA PRO F 22 -5.94 5.74 -16.89
C PRO F 22 -5.96 7.11 -17.55
N THR F 23 -7.03 7.87 -17.29
CA THR F 23 -7.16 9.25 -17.75
C THR F 23 -6.90 10.20 -16.59
N VAL F 24 -6.99 11.50 -16.85
CA VAL F 24 -6.96 12.51 -15.79
C VAL F 24 -8.16 12.42 -14.84
N ALA F 25 -9.23 11.75 -15.29
CA ALA F 25 -10.43 11.57 -14.48
C ALA F 25 -10.28 10.52 -13.38
N ARG F 26 -9.28 9.64 -13.48
CA ARG F 26 -9.11 8.55 -12.51
C ARG F 26 -8.71 9.07 -11.13
N GLN F 27 -7.77 10.00 -11.10
CA GLN F 27 -7.33 10.62 -9.85
C GLN F 27 -8.41 11.51 -9.22
N VAL F 28 -9.34 12.01 -10.04
CA VAL F 28 -10.45 12.83 -9.58
C VAL F 28 -11.51 11.99 -8.88
N PHE F 29 -12.10 11.05 -9.61
CA PHE F 29 -13.21 10.24 -9.09
C PHE F 29 -12.72 9.15 -8.14
N GLN F 30 -11.61 8.51 -8.49
CA GLN F 30 -11.05 7.41 -7.70
C GLN F 30 -12.09 6.31 -7.49
N PRO F 31 -12.47 5.62 -8.57
CA PRO F 31 -13.50 4.59 -8.50
C PRO F 31 -13.00 3.32 -7.82
N ALA F 32 -13.92 2.45 -7.44
CA ALA F 32 -13.58 1.14 -6.89
C ALA F 32 -13.45 0.12 -8.02
N PHE F 33 -12.72 0.52 -9.08
CA PHE F 33 -12.61 -0.27 -10.30
C PHE F 33 -11.21 -0.15 -10.88
N ALA F 34 -10.71 -1.25 -11.44
CA ALA F 34 -9.40 -1.28 -12.09
C ALA F 34 -9.36 -2.43 -13.09
N PRO F 35 -8.40 -2.39 -14.02
CA PRO F 35 -8.27 -3.48 -15.00
C PRO F 35 -8.14 -4.86 -14.36
N ALA F 36 -8.70 -5.87 -15.03
CA ALA F 36 -8.69 -7.24 -14.52
C ALA F 36 -7.30 -7.84 -14.55
N VAL F 37 -7.04 -8.77 -13.64
CA VAL F 37 -5.74 -9.43 -13.55
C VAL F 37 -5.61 -10.43 -14.71
N LEU F 38 -4.62 -10.19 -15.57
CA LEU F 38 -4.33 -11.08 -16.70
C LEU F 38 -3.08 -11.92 -16.45
N SER F 39 -2.09 -11.36 -15.76
CA SER F 39 -0.81 -12.01 -15.55
C SER F 39 -0.73 -12.75 -14.20
N LYS F 40 0.16 -13.73 -14.14
CA LYS F 40 0.45 -14.47 -12.91
C LYS F 40 1.41 -13.71 -12.00
N PHE F 41 2.16 -12.77 -12.59
CA PHE F 41 3.10 -11.94 -11.84
C PHE F 41 2.52 -10.54 -11.61
N ASP F 42 1.22 -10.47 -11.33
CA ASP F 42 0.54 -9.20 -11.08
C ASP F 42 0.77 -8.81 -9.61
N PRO F 43 1.34 -7.62 -9.37
CA PRO F 43 1.65 -7.19 -7.99
C PRO F 43 0.42 -6.82 -7.15
N ARG F 44 -0.74 -6.62 -7.80
CA ARG F 44 -1.96 -6.25 -7.10
C ARG F 44 -2.64 -7.40 -6.36
N THR F 45 -2.22 -8.64 -6.64
CA THR F 45 -2.81 -9.82 -6.01
C THR F 45 -1.77 -10.89 -5.69
N ASP F 46 -2.10 -11.72 -4.70
CA ASP F 46 -1.27 -12.88 -4.34
C ASP F 46 -1.74 -14.16 -5.04
N ALA F 47 -3.02 -14.19 -5.43
CA ALA F 47 -3.61 -15.38 -6.07
C ALA F 47 -3.17 -15.54 -7.51
N ASP F 48 -3.22 -16.78 -8.00
CA ASP F 48 -2.85 -17.12 -9.37
C ASP F 48 -4.11 -17.15 -10.24
N VAL F 49 -4.15 -16.30 -11.26
CA VAL F 49 -5.34 -16.17 -12.11
C VAL F 49 -5.73 -17.46 -12.86
N ASP F 50 -4.74 -18.25 -13.25
CA ASP F 50 -4.99 -19.51 -13.94
C ASP F 50 -5.61 -20.55 -12.99
N GLU F 51 -5.24 -20.50 -11.72
CA GLU F 51 -5.81 -21.40 -10.71
C GLU F 51 -7.29 -21.08 -10.43
N VAL F 52 -7.66 -19.80 -10.49
CA VAL F 52 -9.03 -19.38 -10.22
C VAL F 52 -9.91 -19.64 -11.45
N ALA F 53 -9.33 -19.47 -12.64
CA ALA F 53 -10.02 -19.75 -13.89
C ALA F 53 -10.49 -21.20 -13.97
N PHE F 54 -9.63 -22.12 -13.55
CA PHE F 54 -9.95 -23.54 -13.50
C PHE F 54 -10.26 -23.97 -12.07
N SER F 55 -11.35 -23.44 -11.53
CA SER F 55 -11.81 -23.79 -10.19
C SER F 55 -13.34 -23.84 -10.17
N LYS F 56 -14.00 -22.85 -9.57
CA LYS F 56 -15.46 -22.82 -9.46
C LYS F 56 -15.97 -24.04 -8.67
N HIS F 57 -17.28 -24.26 -8.66
CA HIS F 57 -17.87 -25.41 -7.97
C HIS F 57 -19.19 -25.80 -8.63
N THR F 58 -19.12 -26.73 -9.58
CA THR F 58 -20.31 -27.31 -10.21
C THR F 58 -20.50 -28.73 -9.70
N SER F 59 -21.76 -29.18 -9.69
CA SER F 59 -22.09 -30.57 -9.34
C SER F 59 -22.42 -31.35 -10.61
N ASN F 60 -21.80 -30.95 -11.72
CA ASN F 60 -22.14 -31.45 -13.06
C ASN F 60 -23.61 -31.14 -13.42
N GLN F 61 -24.55 -31.91 -12.87
CA GLN F 61 -25.99 -31.74 -13.15
C GLN F 61 -26.31 -31.50 -14.62
N GLU F 62 -26.51 -32.59 -15.36
CA GLU F 62 -26.77 -32.52 -16.80
C GLU F 62 -28.13 -33.11 -17.14
N THR F 63 -29.14 -32.78 -16.34
CA THR F 63 -30.49 -33.31 -16.54
C THR F 63 -31.54 -32.43 -15.85
N LEU F 64 -32.67 -32.25 -16.52
CA LEU F 64 -33.74 -31.37 -16.03
C LEU F 64 -35.05 -32.14 -15.80
N PRO F 65 -35.93 -31.59 -14.95
CA PRO F 65 -37.24 -32.20 -14.72
C PRO F 65 -38.21 -31.92 -15.88
N PRO F 66 -39.38 -32.57 -15.89
CA PRO F 66 -40.31 -32.45 -17.02
C PRO F 66 -40.88 -31.04 -17.25
N VAL F 67 -40.86 -30.20 -16.23
CA VAL F 67 -41.39 -28.84 -16.31
C VAL F 67 -40.74 -28.04 -17.44
N PHE F 68 -39.44 -28.23 -17.65
CA PHE F 68 -38.67 -27.42 -18.59
C PHE F 68 -39.06 -27.65 -20.06
N ARG F 69 -39.48 -28.87 -20.41
CA ARG F 69 -39.96 -29.15 -21.76
C ARG F 69 -41.29 -28.47 -22.02
N MET F 70 -42.16 -28.48 -21.01
CA MET F 70 -43.48 -27.86 -21.11
C MET F 70 -43.36 -26.36 -21.34
N VAL F 71 -42.61 -25.68 -20.47
CA VAL F 71 -42.46 -24.23 -20.54
C VAL F 71 -41.66 -23.78 -21.77
N ALA F 72 -40.78 -24.64 -22.27
CA ALA F 72 -40.03 -24.35 -23.49
C ALA F 72 -40.94 -24.36 -24.71
N ARG F 73 -41.82 -25.35 -24.78
CA ARG F 73 -42.75 -25.49 -25.91
C ARG F 73 -43.83 -24.40 -25.93
N GLU F 74 -44.24 -23.95 -24.74
CA GLU F 74 -45.20 -22.85 -24.63
C GLU F 74 -44.56 -21.53 -25.07
N TYR F 75 -43.31 -21.30 -24.68
CA TYR F 75 -42.57 -20.12 -25.10
C TYR F 75 -42.29 -20.13 -26.60
N ALA F 76 -42.09 -21.32 -27.16
CA ALA F 76 -41.89 -21.49 -28.59
C ALA F 76 -43.15 -21.08 -29.36
N ASN F 77 -44.29 -21.62 -28.94
CA ASN F 77 -45.58 -21.30 -29.56
C ASN F 77 -45.82 -19.80 -29.70
N ARG F 78 -45.43 -19.04 -28.67
CA ARG F 78 -45.62 -17.59 -28.65
C ARG F 78 -44.63 -16.86 -29.55
N VAL F 79 -43.36 -17.27 -29.47
CA VAL F 79 -42.30 -16.63 -30.26
C VAL F 79 -42.51 -16.88 -31.76
N PHE F 80 -42.83 -18.11 -32.12
CA PHE F 80 -43.02 -18.47 -33.53
C PHE F 80 -44.39 -18.08 -34.08
N ALA F 81 -45.35 -17.80 -33.20
CA ALA F 81 -46.62 -17.20 -33.61
C ALA F 81 -46.38 -15.74 -34.05
N LEU F 82 -45.47 -15.07 -33.35
CA LEU F 82 -45.15 -13.67 -33.62
C LEU F 82 -44.21 -13.52 -34.83
N LEU F 83 -43.10 -14.25 -34.80
CA LEU F 83 -42.05 -14.12 -35.81
C LEU F 83 -42.24 -15.00 -37.04
N GLY F 84 -43.03 -16.06 -36.91
CA GLY F 84 -43.25 -17.01 -38.00
C GLY F 84 -42.18 -18.09 -38.02
N ARG F 85 -42.38 -19.09 -38.88
CA ARG F 85 -41.47 -20.23 -38.98
C ARG F 85 -40.71 -20.23 -40.31
N ASP F 86 -40.20 -19.06 -40.68
CA ASP F 86 -39.33 -18.90 -41.84
C ASP F 86 -37.92 -18.65 -41.33
N ASN F 87 -37.26 -19.71 -40.89
CA ASN F 87 -35.97 -19.62 -40.20
C ASN F 87 -34.92 -20.55 -40.79
N GLY F 88 -34.92 -20.68 -42.12
CA GLY F 88 -34.03 -21.61 -42.81
C GLY F 88 -32.57 -21.19 -42.82
N ARG F 89 -31.76 -21.98 -43.50
CA ARG F 89 -30.33 -21.74 -43.60
C ARG F 89 -30.04 -20.57 -44.55
N LEU F 90 -29.07 -19.74 -44.17
CA LEU F 90 -28.57 -18.67 -45.04
C LEU F 90 -27.31 -19.16 -45.77
N SER F 91 -26.99 -18.52 -46.88
CA SER F 91 -25.76 -18.82 -47.62
C SER F 91 -24.55 -18.23 -46.91
N VAL F 92 -23.35 -18.60 -47.36
CA VAL F 92 -22.11 -18.13 -46.76
C VAL F 92 -21.94 -16.63 -47.00
N LYS F 93 -22.33 -16.18 -48.19
CA LYS F 93 -22.31 -14.76 -48.54
C LYS F 93 -23.31 -13.98 -47.67
N GLN F 94 -24.48 -14.55 -47.45
CA GLN F 94 -25.51 -13.95 -46.59
C GLN F 94 -25.06 -13.89 -45.12
N ALA F 95 -24.27 -14.86 -44.69
CA ALA F 95 -23.76 -14.89 -43.31
C ALA F 95 -22.71 -13.81 -43.03
N LEU F 96 -22.00 -13.37 -44.07
CA LEU F 96 -20.91 -12.41 -43.92
C LEU F 96 -21.37 -10.95 -43.97
N ASP F 97 -22.21 -10.61 -44.94
CA ASP F 97 -22.51 -9.20 -45.28
C ASP F 97 -23.21 -8.33 -44.21
N GLY F 98 -24.42 -8.67 -43.75
CA GLY F 98 -25.17 -9.85 -44.18
C GLY F 98 -26.01 -10.34 -43.00
N LEU F 99 -27.32 -10.12 -42.99
CA LEU F 99 -28.10 -9.49 -44.07
C LEU F 99 -28.93 -8.33 -43.53
N GLU F 100 -29.66 -7.64 -44.41
CA GLU F 100 -30.53 -6.53 -44.00
C GLU F 100 -31.72 -7.07 -43.18
N GLY F 101 -32.02 -6.47 -42.02
CA GLY F 101 -31.29 -5.34 -41.43
C GLY F 101 -30.47 -5.78 -40.23
N MET F 102 -29.25 -6.22 -40.50
CA MET F 102 -28.34 -6.70 -39.45
C MET F 102 -26.89 -6.38 -39.80
N ASP F 103 -26.09 -6.08 -38.78
CA ASP F 103 -24.68 -5.70 -38.96
C ASP F 103 -23.81 -6.86 -39.48
N PRO F 104 -22.66 -6.52 -40.11
CA PRO F 104 -21.78 -7.55 -40.70
C PRO F 104 -20.98 -8.38 -39.70
N MET F 105 -20.22 -9.34 -40.23
CA MET F 105 -19.18 -10.01 -39.47
C MET F 105 -17.94 -9.14 -39.52
N ASP F 106 -17.38 -8.82 -38.35
CA ASP F 106 -16.20 -7.96 -38.28
C ASP F 106 -14.98 -8.72 -38.78
N LYS F 107 -14.30 -8.13 -39.76
CA LYS F 107 -13.10 -8.74 -40.37
C LYS F 107 -11.92 -8.74 -39.41
N ASN F 108 -11.87 -7.74 -38.52
CA ASN F 108 -10.75 -7.58 -37.58
C ASN F 108 -10.83 -8.50 -36.35
N THR F 109 -11.96 -9.17 -36.15
CA THR F 109 -12.10 -10.15 -35.07
C THR F 109 -11.19 -11.35 -35.32
N SER F 110 -10.68 -11.94 -34.25
CA SER F 110 -9.79 -13.09 -34.35
C SER F 110 -10.47 -14.29 -35.01
N PRO F 111 -9.77 -14.97 -35.93
CA PRO F 111 -10.34 -16.11 -36.64
C PRO F 111 -10.39 -17.42 -35.83
N GLY F 112 -9.69 -17.44 -34.70
CA GLY F 112 -9.64 -18.63 -33.86
C GLY F 112 -8.63 -19.64 -34.38
N LEU F 113 -8.53 -20.78 -33.70
CA LEU F 113 -7.55 -21.80 -34.05
C LEU F 113 -7.99 -22.59 -35.29
N PRO F 114 -7.03 -23.03 -36.12
CA PRO F 114 -5.58 -22.88 -35.99
C PRO F 114 -4.99 -21.63 -36.65
N TYR F 115 -5.85 -20.74 -37.15
CA TYR F 115 -5.39 -19.61 -37.97
C TYR F 115 -4.61 -18.56 -37.18
N THR F 116 -4.87 -18.47 -35.88
CA THR F 116 -4.17 -17.49 -35.03
C THR F 116 -2.71 -17.84 -34.83
N THR F 117 -2.41 -19.14 -34.72
CA THR F 117 -1.03 -19.60 -34.60
C THR F 117 -0.26 -19.44 -35.93
N LEU F 118 -1.01 -19.46 -37.03
CA LEU F 118 -0.43 -19.30 -38.38
C LEU F 118 -0.32 -17.84 -38.83
N GLY F 119 -0.57 -16.89 -37.92
CA GLY F 119 -0.44 -15.47 -38.24
C GLY F 119 -1.38 -15.01 -39.35
N MET F 120 -2.62 -15.47 -39.30
CA MET F 120 -3.62 -15.15 -40.31
C MET F 120 -4.80 -14.38 -39.72
N ARG F 121 -5.47 -13.60 -40.57
CA ARG F 121 -6.69 -12.91 -40.21
C ARG F 121 -7.88 -13.63 -40.84
N ARG F 122 -9.09 -13.16 -40.55
CA ARG F 122 -10.30 -13.70 -41.18
C ARG F 122 -10.32 -13.47 -42.69
N THR F 123 -9.74 -12.35 -43.12
CA THR F 123 -9.65 -12.01 -44.55
C THR F 123 -8.77 -12.98 -45.32
N ASP F 124 -7.79 -13.58 -44.64
CA ASP F 124 -6.95 -14.61 -45.24
C ASP F 124 -7.69 -15.93 -45.39
N VAL F 125 -8.58 -16.23 -44.45
CA VAL F 125 -9.34 -17.48 -44.46
C VAL F 125 -10.42 -17.51 -45.54
N VAL F 126 -11.06 -16.37 -45.79
CA VAL F 126 -12.14 -16.30 -46.78
C VAL F 126 -12.03 -15.07 -47.68
N ASP F 127 -12.40 -15.26 -48.95
CA ASP F 127 -12.57 -14.15 -49.88
C ASP F 127 -13.95 -13.56 -49.60
N TRP F 128 -13.99 -12.30 -49.16
CA TRP F 128 -15.24 -11.72 -48.65
C TRP F 128 -16.30 -11.62 -49.75
N GLU F 129 -15.96 -11.00 -50.87
CA GLU F 129 -16.81 -11.06 -52.06
C GLU F 129 -16.70 -12.45 -52.66
N THR F 130 -17.81 -12.95 -53.20
CA THR F 130 -17.91 -14.33 -53.73
C THR F 130 -18.04 -15.41 -52.65
N ALA F 131 -17.57 -15.12 -51.44
CA ALA F 131 -17.73 -16.00 -50.28
C ALA F 131 -17.06 -17.37 -50.46
N THR F 132 -15.90 -17.39 -51.12
CA THR F 132 -15.13 -18.61 -51.33
C THR F 132 -14.00 -18.73 -50.29
N LEU F 133 -13.89 -19.92 -49.69
CA LEU F 133 -12.92 -20.16 -48.62
C LEU F 133 -11.71 -20.90 -49.13
N ILE F 134 -10.60 -20.80 -48.38
CA ILE F 134 -9.37 -21.54 -48.69
C ILE F 134 -9.58 -23.05 -48.50
N PRO F 135 -8.80 -23.88 -49.23
CA PRO F 135 -8.94 -25.35 -49.19
C PRO F 135 -8.98 -26.01 -47.80
N PHE F 136 -8.30 -25.43 -46.81
CA PHE F 136 -8.28 -25.99 -45.45
C PHE F 136 -9.64 -25.84 -44.79
N ALA F 137 -10.18 -24.62 -44.82
CA ALA F 137 -11.59 -24.39 -44.52
C ALA F 137 -12.38 -25.00 -45.66
N ALA F 138 -13.71 -24.87 -45.64
CA ALA F 138 -14.57 -25.50 -46.64
C ALA F 138 -14.60 -27.02 -46.44
N GLU F 139 -13.43 -27.65 -46.39
CA GLU F 139 -13.33 -29.06 -45.97
C GLU F 139 -13.83 -29.22 -44.54
N ARG F 140 -13.36 -28.36 -43.64
CA ARG F 140 -13.84 -28.35 -42.25
C ARG F 140 -15.30 -27.93 -42.17
N LEU F 141 -15.70 -26.97 -43.01
CA LEU F 141 -17.10 -26.55 -43.09
C LEU F 141 -18.00 -27.64 -43.69
N GLU F 142 -17.45 -28.40 -44.63
CA GLU F 142 -18.16 -29.56 -45.20
C GLU F 142 -18.21 -30.69 -44.17
N LYS F 143 -17.14 -30.83 -43.39
CA LYS F 143 -17.08 -31.83 -42.32
C LYS F 143 -18.12 -31.53 -41.23
N MET F 144 -18.30 -30.25 -40.92
CA MET F 144 -19.34 -29.82 -39.97
C MET F 144 -20.74 -30.01 -40.56
N ASN F 145 -20.87 -29.80 -41.87
CA ASN F 145 -22.15 -30.03 -42.56
C ASN F 145 -22.55 -31.50 -42.64
N ASN F 146 -21.59 -32.41 -42.46
CA ASN F 146 -21.87 -33.84 -42.34
C ASN F 146 -22.02 -34.31 -40.89
N LYS F 147 -22.37 -33.38 -39.99
CA LYS F 147 -22.65 -33.70 -38.59
C LYS F 147 -21.43 -34.25 -37.85
N ASP F 148 -20.31 -33.56 -37.98
CA ASP F 148 -19.06 -33.96 -37.35
C ASP F 148 -18.24 -32.71 -36.96
N PHE F 149 -18.31 -32.34 -35.68
CA PHE F 149 -17.61 -31.17 -35.16
C PHE F 149 -16.41 -31.58 -34.30
N SER F 150 -15.68 -32.59 -34.76
CA SER F 150 -14.54 -33.13 -34.02
C SER F 150 -13.29 -32.26 -34.17
N ASP F 151 -13.20 -31.52 -35.28
CA ASP F 151 -12.04 -30.67 -35.56
C ASP F 151 -12.02 -29.42 -34.69
N ILE F 152 -13.18 -28.78 -34.53
CA ILE F 152 -13.26 -27.45 -33.91
C ILE F 152 -12.71 -27.43 -32.48
N VAL F 153 -12.08 -26.31 -32.13
CA VAL F 153 -11.50 -26.12 -30.81
C VAL F 153 -11.48 -24.63 -30.47
N TYR F 154 -11.95 -24.29 -29.28
CA TYR F 154 -12.09 -22.89 -28.87
C TYR F 154 -10.77 -22.34 -28.34
N GLN F 155 -10.45 -21.11 -28.73
CA GLN F 155 -9.30 -20.40 -28.18
C GLN F 155 -9.75 -19.60 -26.97
N THR F 156 -9.27 -20.01 -25.79
CA THR F 156 -9.69 -19.40 -24.53
C THR F 156 -8.62 -18.47 -23.98
N PHE F 157 -9.02 -17.27 -23.56
CA PHE F 157 -8.12 -16.34 -22.90
C PHE F 157 -8.88 -15.43 -21.93
N LEU F 158 -8.13 -14.73 -21.09
CA LEU F 158 -8.72 -13.90 -20.04
C LEU F 158 -9.18 -12.54 -20.60
N LYS F 159 -10.34 -12.09 -20.12
CA LYS F 159 -10.98 -10.88 -20.65
C LYS F 159 -10.33 -9.62 -20.11
N ASP F 160 -9.94 -8.73 -21.02
CA ASP F 160 -9.34 -7.44 -20.67
C ASP F 160 -10.45 -6.40 -20.46
N GLU F 161 -10.70 -6.04 -19.21
CA GLU F 161 -11.76 -5.08 -18.87
C GLU F 161 -11.61 -4.56 -17.44
N LEU F 162 -12.40 -3.56 -17.09
CA LEU F 162 -12.48 -3.06 -15.73
C LEU F 162 -13.29 -4.02 -14.87
N ARG F 163 -12.87 -4.22 -13.64
CA ARG F 163 -13.63 -5.00 -12.66
C ARG F 163 -13.50 -4.37 -11.27
N PRO F 164 -14.41 -4.70 -10.35
CA PRO F 164 -14.28 -4.26 -8.96
C PRO F 164 -12.94 -4.68 -8.32
N ILE F 165 -12.54 -3.97 -7.27
CA ILE F 165 -11.28 -4.27 -6.58
C ILE F 165 -11.34 -5.65 -5.91
N GLU F 166 -12.55 -6.06 -5.50
CA GLU F 166 -12.76 -7.40 -4.95
C GLU F 166 -12.35 -8.48 -5.95
N LYS F 167 -12.65 -8.24 -7.23
CA LYS F 167 -12.33 -9.18 -8.30
C LYS F 167 -10.84 -9.13 -8.65
N VAL F 168 -10.26 -7.93 -8.62
CA VAL F 168 -8.85 -7.73 -8.93
C VAL F 168 -7.95 -8.32 -7.84
N GLN F 169 -8.33 -8.14 -6.58
CA GLN F 169 -7.58 -8.70 -5.45
C GLN F 169 -7.68 -10.23 -5.38
N ALA F 170 -8.85 -10.75 -5.71
CA ALA F 170 -9.07 -12.20 -5.75
C ALA F 170 -8.53 -12.85 -7.03
N ALA F 171 -8.25 -12.03 -8.04
CA ALA F 171 -7.77 -12.49 -9.34
C ALA F 171 -8.84 -13.27 -10.13
N LYS F 172 -10.11 -12.93 -9.88
CA LYS F 172 -11.23 -13.50 -10.62
C LYS F 172 -11.48 -12.68 -11.88
N THR F 173 -11.11 -13.25 -13.02
CA THR F 173 -11.26 -12.58 -14.31
C THR F 173 -12.10 -13.46 -15.24
N ARG F 174 -12.90 -12.82 -16.09
CA ARG F 174 -13.81 -13.54 -17.00
C ARG F 174 -13.05 -14.13 -18.17
N ILE F 175 -13.65 -15.11 -18.84
CA ILE F 175 -13.01 -15.80 -19.96
C ILE F 175 -13.73 -15.56 -21.28
N VAL F 176 -12.97 -15.60 -22.38
CA VAL F 176 -13.50 -15.40 -23.73
C VAL F 176 -13.26 -16.66 -24.55
N ASP F 177 -14.33 -17.29 -25.02
CA ASP F 177 -14.24 -18.52 -25.81
C ASP F 177 -14.39 -18.20 -27.30
N VAL F 178 -13.26 -18.04 -27.99
CA VAL F 178 -13.25 -17.68 -29.40
C VAL F 178 -13.16 -18.93 -30.27
N PRO F 179 -14.25 -19.26 -30.99
CA PRO F 179 -14.24 -20.46 -31.83
C PRO F 179 -13.53 -20.24 -33.17
N PRO F 180 -13.35 -21.31 -33.96
CA PRO F 180 -12.85 -21.17 -35.32
C PRO F 180 -13.78 -20.30 -36.17
N PHE F 181 -13.22 -19.63 -37.18
CA PHE F 181 -13.98 -18.68 -37.99
C PHE F 181 -15.13 -19.32 -38.77
N GLU F 182 -14.90 -20.52 -39.29
CA GLU F 182 -15.94 -21.24 -40.05
C GLU F 182 -17.05 -21.81 -39.15
N HIS F 183 -16.78 -21.90 -37.85
CA HIS F 183 -17.81 -22.27 -36.87
C HIS F 183 -18.79 -21.12 -36.67
N CYS F 184 -18.27 -19.89 -36.62
CA CYS F 184 -19.12 -18.69 -36.53
C CYS F 184 -19.93 -18.49 -37.79
N ILE F 185 -19.31 -18.70 -38.95
CA ILE F 185 -19.99 -18.59 -40.24
C ILE F 185 -21.17 -19.56 -40.28
N LEU F 186 -20.93 -20.81 -39.89
CA LEU F 186 -21.98 -21.84 -39.87
C LEU F 186 -23.06 -21.53 -38.84
N GLY F 187 -22.67 -20.91 -37.73
CA GLY F 187 -23.62 -20.47 -36.71
C GLY F 187 -24.58 -19.43 -37.24
N ARG F 188 -24.04 -18.42 -37.91
CA ARG F 188 -24.85 -17.36 -38.53
C ARG F 188 -25.65 -17.84 -39.74
N GLN F 189 -25.22 -18.94 -40.36
CA GLN F 189 -26.00 -19.57 -41.42
C GLN F 189 -27.28 -20.20 -40.86
N LEU F 190 -27.11 -21.00 -39.81
CA LEU F 190 -28.22 -21.78 -39.26
C LEU F 190 -29.20 -20.96 -38.42
N LEU F 191 -28.68 -20.01 -37.65
CA LEU F 191 -29.51 -19.22 -36.71
C LEU F 191 -29.66 -17.74 -37.10
N GLY F 192 -29.01 -17.30 -38.17
CA GLY F 192 -28.96 -15.88 -38.52
C GLY F 192 -30.28 -15.27 -38.96
N LYS F 193 -31.09 -16.04 -39.66
CA LYS F 193 -32.39 -15.55 -40.16
C LYS F 193 -33.35 -15.28 -38.99
N PHE F 194 -33.44 -16.24 -38.09
CA PHE F 194 -34.26 -16.08 -36.88
C PHE F 194 -33.72 -14.97 -35.98
N ALA F 195 -32.39 -14.87 -35.88
CA ALA F 195 -31.72 -13.89 -35.02
C ALA F 195 -32.04 -12.46 -35.41
N SER F 196 -32.11 -12.18 -36.71
CA SER F 196 -32.44 -10.84 -37.21
C SER F 196 -33.88 -10.45 -36.90
N LYS F 197 -34.78 -11.43 -36.93
CA LYS F 197 -36.19 -11.23 -36.61
C LYS F 197 -36.40 -11.03 -35.11
N PHE F 198 -35.61 -11.74 -34.31
CA PHE F 198 -35.68 -11.64 -32.85
C PHE F 198 -35.17 -10.28 -32.35
N GLN F 199 -34.17 -9.74 -33.04
CA GLN F 199 -33.56 -8.45 -32.68
C GLN F 199 -34.44 -7.24 -33.02
N THR F 200 -35.32 -7.39 -34.01
CA THR F 200 -36.11 -6.27 -34.52
C THR F 200 -37.46 -6.06 -33.81
N GLN F 201 -37.79 -6.94 -32.86
CA GLN F 201 -39.03 -6.79 -32.08
C GLN F 201 -38.80 -6.99 -30.59
N PRO F 202 -37.97 -6.14 -29.96
CA PRO F 202 -37.74 -6.23 -28.52
C PRO F 202 -38.93 -5.72 -27.72
N GLY F 203 -39.55 -6.62 -26.94
CA GLY F 203 -40.69 -6.24 -26.11
C GLY F 203 -41.10 -7.33 -25.14
N LEU F 204 -42.19 -7.08 -24.41
CA LEU F 204 -42.72 -8.04 -23.44
C LEU F 204 -43.42 -9.21 -24.13
N GLU F 205 -43.98 -8.94 -25.32
CA GLU F 205 -44.66 -9.97 -26.10
C GLU F 205 -43.69 -11.07 -26.52
N LEU F 206 -42.50 -10.66 -26.97
CA LEU F 206 -41.44 -11.59 -27.34
C LEU F 206 -40.61 -12.02 -26.14
N GLY F 207 -40.57 -11.17 -25.11
CA GLY F 207 -39.84 -11.47 -23.88
C GLY F 207 -38.36 -11.25 -24.03
N SER F 208 -37.99 -10.15 -24.68
CA SER F 208 -36.60 -9.86 -25.00
C SER F 208 -36.33 -8.36 -25.09
N ALA F 209 -35.10 -7.97 -24.77
CA ALA F 209 -34.63 -6.60 -24.94
C ALA F 209 -33.46 -6.54 -25.91
N ILE F 210 -33.30 -7.61 -26.70
CA ILE F 210 -32.17 -7.72 -27.63
C ILE F 210 -32.44 -6.87 -28.88
N GLY F 211 -31.45 -6.07 -29.26
CA GLY F 211 -31.56 -5.19 -30.42
C GLY F 211 -32.33 -3.92 -30.13
N CYS F 212 -32.23 -3.43 -28.90
CA CYS F 212 -32.94 -2.23 -28.47
C CYS F 212 -32.06 -0.98 -28.62
N ASP F 213 -32.63 0.16 -28.27
CA ASP F 213 -31.90 1.43 -28.22
C ASP F 213 -32.32 2.15 -26.92
N PRO F 214 -31.52 2.01 -25.86
CA PRO F 214 -31.85 2.52 -24.52
C PRO F 214 -32.47 3.93 -24.47
N ASP F 215 -32.07 4.82 -25.36
CA ASP F 215 -32.67 6.16 -25.43
C ASP F 215 -34.15 6.09 -25.82
N VAL F 216 -34.44 5.39 -26.91
CA VAL F 216 -35.80 5.27 -27.43
C VAL F 216 -36.62 4.23 -26.65
N HIS F 217 -36.07 3.02 -26.56
CA HIS F 217 -36.82 1.87 -26.04
C HIS F 217 -37.06 1.85 -24.52
N TRP F 218 -36.45 2.76 -23.78
CA TRP F 218 -36.70 2.83 -22.33
C TRP F 218 -38.13 3.29 -22.08
N THR F 219 -38.63 4.19 -22.93
CA THR F 219 -40.02 4.61 -22.90
C THR F 219 -40.94 3.45 -23.31
N ALA F 220 -40.52 2.70 -24.33
CA ALA F 220 -41.28 1.54 -24.81
C ALA F 220 -41.44 0.46 -23.74
N PHE F 221 -40.36 0.17 -23.01
CA PHE F 221 -40.42 -0.79 -21.92
C PHE F 221 -41.12 -0.16 -20.72
N GLY F 222 -40.75 1.07 -20.39
CA GLY F 222 -41.31 1.79 -19.26
C GLY F 222 -42.83 1.87 -19.27
N VAL F 223 -43.41 2.22 -20.41
CA VAL F 223 -44.86 2.32 -20.55
C VAL F 223 -45.52 0.93 -20.59
N ALA F 224 -44.80 -0.06 -21.10
CA ALA F 224 -45.29 -1.44 -21.17
C ALA F 224 -45.35 -2.10 -19.79
N MET F 225 -44.46 -1.69 -18.89
CA MET F 225 -44.39 -2.22 -17.53
C MET F 225 -44.91 -1.22 -16.50
N GLN F 226 -45.62 -0.20 -16.96
CA GLN F 226 -46.02 0.92 -16.10
C GLN F 226 -47.09 0.51 -15.11
N GLY F 227 -48.15 -0.13 -15.60
CA GLY F 227 -49.28 -0.54 -14.77
C GLY F 227 -49.28 -2.02 -14.46
N PHE F 228 -48.15 -2.51 -13.92
CA PHE F 228 -48.04 -3.91 -13.52
C PHE F 228 -47.94 -4.14 -12.01
N GLU F 229 -47.87 -3.07 -11.23
CA GLU F 229 -47.93 -3.14 -9.77
C GLU F 229 -46.62 -3.63 -9.13
N ARG F 230 -46.13 -4.80 -9.55
CA ARG F 230 -44.84 -5.32 -9.08
C ARG F 230 -43.90 -5.63 -10.24
N VAL F 231 -42.66 -5.17 -10.11
CA VAL F 231 -41.60 -5.46 -11.07
C VAL F 231 -40.33 -5.85 -10.30
N TYR F 232 -39.93 -7.12 -10.43
CA TYR F 232 -38.80 -7.66 -9.66
C TYR F 232 -37.52 -7.71 -10.48
N ASP F 233 -36.44 -7.20 -9.89
CA ASP F 233 -35.10 -7.25 -10.49
C ASP F 233 -34.37 -8.47 -9.95
N VAL F 234 -34.11 -9.44 -10.84
CA VAL F 234 -33.50 -10.71 -10.44
C VAL F 234 -32.24 -10.98 -11.25
N ASP F 235 -31.10 -11.00 -10.56
CA ASP F 235 -29.81 -11.30 -11.19
C ASP F 235 -29.49 -12.79 -11.11
N TYR F 236 -28.63 -13.25 -12.00
CA TYR F 236 -28.10 -14.61 -11.97
C TYR F 236 -26.63 -14.60 -11.56
N SER F 237 -26.08 -15.79 -11.33
CA SER F 237 -24.67 -15.96 -11.04
C SER F 237 -24.15 -17.19 -11.78
N ASN F 238 -23.17 -16.98 -12.65
CA ASN F 238 -22.64 -18.06 -13.53
C ASN F 238 -23.71 -18.62 -14.47
N PHE F 239 -24.58 -17.74 -14.97
CA PHE F 239 -25.70 -18.13 -15.83
C PHE F 239 -25.27 -18.96 -17.05
N ASP F 240 -24.18 -18.54 -17.68
CA ASP F 240 -23.74 -19.12 -18.94
C ASP F 240 -23.20 -20.55 -18.77
N SER F 241 -22.33 -20.73 -17.77
CA SER F 241 -21.70 -22.03 -17.53
C SER F 241 -22.62 -23.06 -16.86
N THR F 242 -23.74 -22.59 -16.30
CA THR F 242 -24.71 -23.48 -15.66
C THR F 242 -25.47 -24.34 -16.66
N HIS F 243 -25.82 -23.75 -17.80
CA HIS F 243 -26.67 -24.40 -18.81
C HIS F 243 -26.30 -25.86 -19.05
N SER F 244 -27.22 -26.76 -18.68
CA SER F 244 -27.01 -28.20 -18.83
C SER F 244 -27.15 -28.62 -20.29
N VAL F 245 -26.65 -29.80 -20.60
CA VAL F 245 -26.81 -30.40 -21.93
C VAL F 245 -28.27 -30.77 -22.19
N ALA F 246 -29.03 -31.01 -21.11
CA ALA F 246 -30.47 -31.23 -21.21
C ALA F 246 -31.21 -29.98 -21.70
N MET F 247 -30.70 -28.81 -21.32
CA MET F 247 -31.23 -27.53 -21.83
C MET F 247 -30.94 -27.39 -23.33
N PHE F 248 -29.73 -27.77 -23.73
CA PHE F 248 -29.36 -27.77 -25.15
C PHE F 248 -30.19 -28.78 -25.94
N ARG F 249 -30.51 -29.92 -25.32
CA ARG F 249 -31.40 -30.92 -25.91
C ARG F 249 -32.79 -30.33 -26.16
N LEU F 250 -33.30 -29.57 -25.19
CA LEU F 250 -34.61 -28.93 -25.29
C LEU F 250 -34.68 -27.89 -26.40
N LEU F 251 -33.64 -27.06 -26.50
CA LEU F 251 -33.60 -26.02 -27.52
C LEU F 251 -33.63 -26.60 -28.94
N ALA F 252 -33.05 -27.79 -29.12
CA ALA F 252 -33.06 -28.47 -30.41
C ALA F 252 -34.42 -29.10 -30.73
N GLU F 253 -35.03 -29.72 -29.74
CA GLU F 253 -36.27 -30.48 -29.94
C GLU F 253 -37.54 -29.63 -29.90
N GLU F 254 -37.58 -28.67 -28.97
CA GLU F 254 -38.79 -27.87 -28.75
C GLU F 254 -38.75 -26.49 -29.41
N PHE F 255 -37.61 -25.82 -29.38
CA PHE F 255 -37.50 -24.44 -29.86
C PHE F 255 -36.95 -24.35 -31.30
N PHE F 256 -35.67 -24.65 -31.50
CA PHE F 256 -35.03 -24.55 -32.82
C PHE F 256 -35.20 -25.85 -33.61
N SER F 257 -36.43 -26.34 -33.69
CA SER F 257 -36.71 -27.63 -34.32
C SER F 257 -37.00 -27.47 -35.80
N GLU F 258 -37.12 -28.61 -36.50
CA GLU F 258 -37.51 -28.62 -37.91
C GLU F 258 -39.00 -28.27 -38.07
N GLU F 259 -39.78 -28.47 -37.00
CA GLU F 259 -41.20 -28.08 -36.98
C GLU F 259 -41.36 -26.56 -37.05
N ASN F 260 -40.42 -25.85 -36.43
CA ASN F 260 -40.43 -24.38 -36.44
C ASN F 260 -39.57 -23.77 -37.56
N GLY F 261 -39.25 -24.58 -38.57
CA GLY F 261 -38.63 -24.10 -39.79
C GLY F 261 -37.13 -23.88 -39.76
N PHE F 262 -36.41 -24.73 -39.02
CA PHE F 262 -34.95 -24.65 -38.95
C PHE F 262 -34.29 -25.80 -39.72
N ASP F 263 -33.02 -25.60 -40.07
CA ASP F 263 -32.24 -26.60 -40.79
C ASP F 263 -31.93 -27.76 -39.84
N PRO F 264 -32.05 -29.01 -40.32
CA PRO F 264 -31.75 -30.21 -39.51
C PRO F 264 -30.42 -30.17 -38.75
N LEU F 265 -29.41 -29.53 -39.33
CA LEU F 265 -28.08 -29.48 -38.72
C LEU F 265 -28.01 -28.64 -37.44
N VAL F 266 -29.01 -27.79 -37.20
CA VAL F 266 -29.07 -26.97 -35.98
C VAL F 266 -28.93 -27.81 -34.70
N LYS F 267 -29.42 -29.05 -34.74
CA LYS F 267 -29.30 -29.98 -33.63
C LYS F 267 -27.83 -30.27 -33.30
N ASP F 268 -27.05 -30.54 -34.34
CA ASP F 268 -25.64 -30.91 -34.20
C ASP F 268 -24.76 -29.70 -33.85
N TYR F 269 -25.13 -28.52 -34.34
CA TYR F 269 -24.44 -27.28 -33.98
C TYR F 269 -24.60 -26.97 -32.49
N LEU F 270 -25.82 -27.14 -31.98
CA LEU F 270 -26.09 -26.94 -30.55
C LEU F 270 -25.32 -27.94 -29.69
N GLU F 271 -25.12 -29.15 -30.20
CA GLU F 271 -24.32 -30.15 -29.51
C GLU F 271 -22.84 -29.76 -29.42
N SER F 272 -22.35 -29.08 -30.47
CA SER F 272 -20.96 -28.61 -30.50
C SER F 272 -20.69 -27.47 -29.50
N LEU F 273 -21.75 -26.79 -29.08
CA LEU F 273 -21.67 -25.78 -28.02
C LEU F 273 -21.74 -26.44 -26.63
N ALA F 274 -22.56 -27.47 -26.51
CA ALA F 274 -22.73 -28.19 -25.25
C ALA F 274 -21.45 -28.92 -24.83
N ILE F 275 -20.95 -29.75 -25.74
CA ILE F 275 -19.67 -30.45 -25.54
C ILE F 275 -18.62 -29.81 -26.44
N SER F 276 -17.65 -29.13 -25.84
CA SER F 276 -16.69 -28.30 -26.60
C SER F 276 -15.26 -28.41 -26.07
N LYS F 277 -14.30 -28.55 -26.99
CA LYS F 277 -12.88 -28.58 -26.67
C LYS F 277 -12.31 -27.16 -26.62
N HIS F 278 -11.44 -26.91 -25.65
CA HIS F 278 -10.84 -25.59 -25.46
C HIS F 278 -9.32 -25.66 -25.37
N ALA F 279 -8.66 -24.52 -25.59
CA ALA F 279 -7.21 -24.42 -25.52
C ALA F 279 -6.79 -23.17 -24.73
N TYR F 280 -5.86 -23.36 -23.80
CA TYR F 280 -5.40 -22.29 -22.91
C TYR F 280 -3.91 -22.50 -22.61
N GLU F 281 -3.05 -21.75 -23.29
CA GLU F 281 -1.60 -21.97 -23.25
C GLU F 281 -1.31 -23.41 -23.67
N GLU F 282 -0.57 -24.17 -22.86
CA GLU F 282 -0.29 -25.58 -23.14
C GLU F 282 -1.49 -26.48 -22.85
N LYS F 283 -2.44 -25.98 -22.07
CA LYS F 283 -3.57 -26.78 -21.59
C LYS F 283 -4.53 -27.13 -22.72
N ARG F 284 -5.09 -28.33 -22.65
CA ARG F 284 -6.21 -28.73 -23.49
C ARG F 284 -7.24 -29.38 -22.59
N TYR F 285 -8.52 -29.09 -22.83
CA TYR F 285 -9.58 -29.61 -21.98
C TYR F 285 -10.94 -29.63 -22.67
N LEU F 286 -11.81 -30.50 -22.17
CA LEU F 286 -13.13 -30.73 -22.75
C LEU F 286 -14.19 -30.43 -21.71
N ILE F 287 -15.01 -29.40 -21.98
CA ILE F 287 -16.08 -28.99 -21.07
C ILE F 287 -17.43 -29.52 -21.54
N THR F 288 -18.14 -30.18 -20.62
CA THR F 288 -19.49 -30.68 -20.87
C THR F 288 -20.49 -29.72 -20.21
N GLY F 289 -21.43 -29.22 -20.99
CA GLY F 289 -22.39 -28.21 -20.52
C GLY F 289 -21.79 -26.83 -20.55
N GLY F 290 -22.63 -25.82 -20.33
CA GLY F 290 -22.19 -24.42 -20.34
C GLY F 290 -22.08 -23.87 -21.76
N LEU F 291 -22.51 -22.63 -21.93
CA LEU F 291 -22.52 -21.97 -23.24
C LEU F 291 -21.23 -21.17 -23.46
N PRO F 292 -20.45 -21.52 -24.51
CA PRO F 292 -19.27 -20.72 -24.83
C PRO F 292 -19.63 -19.35 -25.40
N SER F 293 -18.91 -18.32 -25.00
CA SER F 293 -19.16 -16.96 -25.48
C SER F 293 -18.59 -16.76 -26.89
N GLY F 294 -19.29 -17.28 -27.89
CA GLY F 294 -18.84 -17.23 -29.28
C GLY F 294 -19.15 -15.91 -29.98
N CYS F 295 -19.45 -16.01 -31.27
CA CYS F 295 -19.72 -14.82 -32.09
C CYS F 295 -21.11 -14.22 -31.80
N ALA F 296 -22.10 -14.52 -32.66
CA ALA F 296 -23.45 -13.98 -32.50
C ALA F 296 -24.35 -15.00 -31.83
N ALA F 297 -25.54 -14.56 -31.44
CA ALA F 297 -26.55 -15.40 -30.79
C ALA F 297 -26.20 -15.80 -29.35
N THR F 298 -25.05 -15.36 -28.84
CA THR F 298 -24.64 -15.70 -27.47
C THR F 298 -25.52 -14.97 -26.44
N SER F 299 -26.00 -13.77 -26.81
CA SER F 299 -26.95 -13.03 -25.99
C SER F 299 -28.38 -13.54 -26.21
N MET F 300 -28.69 -13.88 -27.47
CA MET F 300 -30.02 -14.39 -27.83
C MET F 300 -30.32 -15.73 -27.16
N LEU F 301 -29.39 -16.67 -27.28
CA LEU F 301 -29.56 -18.01 -26.69
C LEU F 301 -29.80 -17.93 -25.18
N ASN F 302 -29.04 -17.07 -24.50
CA ASN F 302 -29.27 -16.80 -23.08
C ASN F 302 -30.65 -16.17 -22.84
N THR F 303 -31.02 -15.21 -23.68
CA THR F 303 -32.32 -14.55 -23.59
C THR F 303 -33.49 -15.53 -23.78
N VAL F 304 -33.33 -16.47 -24.71
CA VAL F 304 -34.34 -17.52 -24.92
C VAL F 304 -34.38 -18.49 -23.74
N MET F 305 -33.22 -18.89 -23.26
CA MET F 305 -33.12 -19.79 -22.11
C MET F 305 -33.66 -19.13 -20.83
N ASN F 306 -33.43 -17.83 -20.67
CA ASN F 306 -33.85 -17.10 -19.46
C ASN F 306 -35.38 -17.06 -19.31
N ASN F 307 -36.08 -16.83 -20.42
CA ASN F 307 -37.55 -16.89 -20.42
C ASN F 307 -38.08 -18.26 -20.01
N ILE F 308 -37.37 -19.31 -20.40
CA ILE F 308 -37.73 -20.69 -20.05
C ILE F 308 -37.38 -20.98 -18.59
N ILE F 309 -36.18 -20.60 -18.18
CA ILE F 309 -35.67 -20.92 -16.84
C ILE F 309 -36.46 -20.24 -15.72
N ILE F 310 -36.75 -18.94 -15.89
CA ILE F 310 -37.40 -18.16 -14.84
C ILE F 310 -38.87 -18.56 -14.62
N ARG F 311 -39.56 -18.93 -15.70
CA ARG F 311 -40.95 -19.39 -15.60
C ARG F 311 -41.02 -20.79 -15.00
N ALA F 312 -40.09 -21.66 -15.42
CA ALA F 312 -39.97 -22.99 -14.84
C ALA F 312 -39.78 -22.91 -13.33
N GLY F 313 -38.91 -22.01 -12.88
CA GLY F 313 -38.69 -21.77 -11.46
C GLY F 313 -39.95 -21.39 -10.71
N LEU F 314 -40.81 -20.61 -11.35
CA LEU F 314 -42.10 -20.22 -10.77
C LEU F 314 -43.10 -21.38 -10.75
N TYR F 315 -43.11 -22.19 -11.80
CA TYR F 315 -43.93 -23.41 -11.84
C TYR F 315 -43.57 -24.37 -10.71
N LEU F 316 -42.27 -24.56 -10.49
CA LEU F 316 -41.77 -25.45 -9.44
C LEU F 316 -42.06 -24.92 -8.04
N THR F 317 -42.15 -23.60 -7.90
CA THR F 317 -42.41 -22.95 -6.62
C THR F 317 -43.90 -22.90 -6.28
N TYR F 318 -44.67 -22.22 -7.13
CA TYR F 318 -46.10 -22.01 -6.91
C TYR F 318 -46.94 -22.96 -7.76
N LYS F 319 -47.94 -23.59 -7.14
CA LYS F 319 -48.70 -24.65 -7.78
C LYS F 319 -49.71 -24.17 -8.81
N ASN F 320 -50.41 -23.07 -8.51
CA ASN F 320 -51.42 -22.52 -9.43
C ASN F 320 -50.84 -21.50 -10.41
N PHE F 321 -49.53 -21.56 -10.66
CA PHE F 321 -48.87 -20.66 -11.58
C PHE F 321 -49.20 -21.01 -13.03
N GLU F 322 -49.24 -19.99 -13.88
CA GLU F 322 -49.47 -20.16 -15.32
C GLU F 322 -48.55 -19.22 -16.09
N PHE F 323 -48.21 -19.60 -17.31
CA PHE F 323 -47.26 -18.87 -18.17
C PHE F 323 -47.50 -17.36 -18.19
N ASP F 324 -48.75 -16.97 -18.41
CA ASP F 324 -49.10 -15.55 -18.62
C ASP F 324 -49.28 -14.73 -17.35
N ASP F 325 -49.12 -15.35 -16.19
CA ASP F 325 -49.16 -14.62 -14.91
C ASP F 325 -48.04 -13.60 -14.82
N VAL F 326 -46.93 -13.85 -15.51
CA VAL F 326 -45.77 -12.98 -15.54
C VAL F 326 -45.46 -12.54 -16.97
N LYS F 327 -45.01 -11.29 -17.11
CA LYS F 327 -44.44 -10.79 -18.37
C LYS F 327 -42.95 -10.52 -18.15
N VAL F 328 -42.12 -11.11 -19.01
CA VAL F 328 -40.66 -11.11 -18.83
C VAL F 328 -39.97 -10.15 -19.80
N LEU F 329 -38.84 -9.61 -19.37
CA LEU F 329 -37.99 -8.78 -20.21
C LEU F 329 -36.53 -9.02 -19.83
N SER F 330 -35.76 -9.65 -20.72
CA SER F 330 -34.39 -10.04 -20.42
C SER F 330 -33.41 -9.73 -21.55
N TYR F 331 -32.19 -9.34 -21.16
CA TYR F 331 -31.07 -9.20 -22.08
C TYR F 331 -30.01 -10.21 -21.66
N GLY F 332 -30.14 -11.44 -22.17
CA GLY F 332 -29.24 -12.52 -21.79
C GLY F 332 -29.49 -12.98 -20.37
N ASP F 333 -28.61 -12.61 -19.46
CA ASP F 333 -28.71 -12.99 -18.04
C ASP F 333 -29.30 -11.89 -17.14
N ASP F 334 -29.37 -10.66 -17.64
CA ASP F 334 -30.08 -9.58 -16.94
C ASP F 334 -31.58 -9.82 -17.16
N LEU F 335 -32.37 -9.69 -16.10
CA LEU F 335 -33.74 -10.20 -16.11
C LEU F 335 -34.68 -9.41 -15.19
N LEU F 336 -35.79 -8.93 -15.75
CA LEU F 336 -36.84 -8.22 -15.01
C LEU F 336 -38.17 -8.99 -15.11
N VAL F 337 -38.80 -9.22 -13.95
CA VAL F 337 -40.06 -9.95 -13.87
C VAL F 337 -41.18 -8.99 -13.48
N ALA F 338 -42.07 -8.70 -14.42
CA ALA F 338 -43.24 -7.85 -14.16
C ALA F 338 -44.50 -8.70 -14.04
N THR F 339 -45.31 -8.41 -13.03
CA THR F 339 -46.54 -9.16 -12.77
C THR F 339 -47.43 -8.49 -11.74
N ASN F 340 -48.75 -8.67 -11.89
CA ASN F 340 -49.72 -8.18 -10.91
C ASN F 340 -49.75 -9.03 -9.63
N TYR F 341 -49.24 -10.25 -9.70
CA TYR F 341 -49.13 -11.12 -8.53
C TYR F 341 -47.99 -10.68 -7.62
N GLN F 342 -48.03 -11.15 -6.37
CA GLN F 342 -46.93 -10.97 -5.43
C GLN F 342 -46.12 -12.27 -5.38
N LEU F 343 -44.82 -12.16 -5.65
CA LEU F 343 -43.93 -13.31 -5.73
C LEU F 343 -42.72 -13.15 -4.82
N ASN F 344 -42.42 -14.21 -4.07
CA ASN F 344 -41.23 -14.25 -3.23
C ASN F 344 -40.15 -15.07 -3.92
N PHE F 345 -39.07 -14.41 -4.34
CA PHE F 345 -38.00 -15.07 -5.09
C PHE F 345 -36.98 -15.79 -4.20
N ASP F 346 -37.13 -15.68 -2.89
CA ASP F 346 -36.41 -16.55 -1.97
C ASP F 346 -36.89 -18.00 -2.13
N ARG F 347 -38.20 -18.17 -2.32
CA ARG F 347 -38.78 -19.47 -2.62
C ARG F 347 -38.39 -19.97 -4.02
N VAL F 348 -38.29 -19.05 -4.97
CA VAL F 348 -37.90 -19.40 -6.35
C VAL F 348 -36.43 -19.79 -6.42
N ARG F 349 -35.59 -19.09 -5.66
CA ARG F 349 -34.17 -19.41 -5.55
C ARG F 349 -33.94 -20.84 -5.08
N THR F 350 -34.73 -21.27 -4.10
CA THR F 350 -34.66 -22.64 -3.57
C THR F 350 -35.05 -23.67 -4.62
N SER F 351 -36.09 -23.36 -5.40
CA SER F 351 -36.57 -24.26 -6.45
C SER F 351 -35.56 -24.42 -7.57
N LEU F 352 -34.98 -23.31 -8.01
CA LEU F 352 -33.99 -23.31 -9.09
C LEU F 352 -32.62 -23.86 -8.65
N ALA F 353 -32.36 -23.85 -7.34
CA ALA F 353 -31.13 -24.44 -6.81
C ALA F 353 -31.05 -25.94 -7.10
N LYS F 354 -32.19 -26.61 -7.11
CA LYS F 354 -32.26 -28.04 -7.47
C LYS F 354 -31.92 -28.28 -8.94
N THR F 355 -32.28 -27.33 -9.80
CA THR F 355 -32.01 -27.44 -11.24
C THR F 355 -30.60 -26.98 -11.63
N GLY F 356 -29.95 -26.22 -10.75
CA GLY F 356 -28.57 -25.77 -10.98
C GLY F 356 -28.40 -24.26 -11.07
N TYR F 357 -29.47 -23.55 -11.44
CA TYR F 357 -29.42 -22.10 -11.62
C TYR F 357 -29.46 -21.34 -10.30
N LYS F 358 -28.44 -20.51 -10.08
CA LYS F 358 -28.32 -19.71 -8.86
C LYS F 358 -28.71 -18.28 -9.16
N ILE F 359 -29.72 -17.76 -8.46
CA ILE F 359 -30.16 -16.38 -8.62
C ILE F 359 -29.94 -15.58 -7.34
N THR F 360 -29.65 -14.29 -7.50
CA THR F 360 -29.46 -13.38 -6.36
C THR F 360 -30.11 -12.03 -6.67
N PRO F 361 -30.36 -11.21 -5.62
CA PRO F 361 -30.90 -9.88 -5.82
C PRO F 361 -29.79 -8.86 -6.07
N ALA F 362 -30.17 -7.64 -6.43
CA ALA F 362 -29.22 -6.59 -6.76
C ALA F 362 -29.13 -5.54 -5.66
N ASN F 363 -28.52 -5.93 -4.53
CA ASN F 363 -28.31 -5.01 -3.40
C ASN F 363 -27.22 -5.46 -2.41
N LYS F 364 -26.18 -6.14 -2.92
CA LYS F 364 -25.06 -6.63 -2.12
C LYS F 364 -25.49 -7.44 -0.87
N THR F 365 -26.58 -8.20 -1.01
CA THR F 365 -27.09 -9.02 0.09
C THR F 365 -28.06 -10.08 -0.44
N SER F 366 -28.69 -10.81 0.48
CA SER F 366 -29.72 -11.79 0.13
C SER F 366 -31.10 -11.18 0.39
N THR F 367 -32.14 -11.99 0.26
CA THR F 367 -33.53 -11.58 0.51
C THR F 367 -34.07 -10.67 -0.59
N PHE F 368 -34.97 -11.21 -1.40
CA PHE F 368 -35.59 -10.45 -2.48
C PHE F 368 -36.75 -9.64 -1.90
N PRO F 369 -36.86 -8.36 -2.30
CA PRO F 369 -37.96 -7.53 -1.80
C PRO F 369 -39.30 -7.93 -2.43
N LEU F 370 -40.30 -8.15 -1.58
CA LEU F 370 -41.65 -8.50 -2.05
C LEU F 370 -42.31 -7.34 -2.78
N GLU F 371 -42.11 -6.13 -2.25
CA GLU F 371 -42.70 -4.92 -2.79
C GLU F 371 -41.65 -4.11 -3.55
N SER F 372 -41.68 -4.21 -4.88
CA SER F 372 -40.79 -3.42 -5.73
C SER F 372 -41.47 -3.10 -7.05
N THR F 373 -41.58 -1.80 -7.34
CA THR F 373 -42.20 -1.32 -8.58
C THR F 373 -41.12 -1.08 -9.64
N LEU F 374 -41.54 -0.56 -10.80
CA LEU F 374 -40.62 -0.20 -11.89
C LEU F 374 -39.53 0.78 -11.46
N GLU F 375 -39.82 1.60 -10.45
CA GLU F 375 -38.88 2.60 -9.96
C GLU F 375 -37.62 2.02 -9.30
N ASP F 376 -37.76 0.83 -8.71
CA ASP F 376 -36.67 0.23 -7.92
C ASP F 376 -35.68 -0.60 -8.75
N VAL F 377 -36.10 -1.09 -9.91
CA VAL F 377 -35.29 -2.04 -10.68
C VAL F 377 -34.08 -1.41 -11.37
N VAL F 378 -33.11 -2.26 -11.71
CA VAL F 378 -31.92 -1.86 -12.45
C VAL F 378 -31.73 -2.82 -13.62
N PHE F 379 -31.87 -2.30 -14.84
CA PHE F 379 -31.75 -3.10 -16.06
C PHE F 379 -30.70 -2.50 -16.97
N LEU F 380 -29.68 -3.29 -17.33
CA LEU F 380 -28.55 -2.84 -18.14
C LEU F 380 -27.84 -1.63 -17.52
N LYS F 381 -27.60 -1.70 -16.21
CA LYS F 381 -26.95 -0.63 -15.46
C LYS F 381 -27.69 0.71 -15.54
N ARG F 382 -29.01 0.65 -15.75
CA ARG F 382 -29.84 1.84 -15.93
C ARG F 382 -31.11 1.71 -15.10
N LYS F 383 -31.61 2.83 -14.61
CA LYS F 383 -32.89 2.87 -13.91
C LYS F 383 -33.92 3.59 -14.78
N PHE F 384 -35.19 3.28 -14.56
CA PHE F 384 -36.28 3.89 -15.32
C PHE F 384 -36.74 5.20 -14.68
N LYS F 385 -36.21 6.31 -15.19
CA LYS F 385 -36.58 7.65 -14.73
C LYS F 385 -37.76 8.15 -15.56
N LYS F 386 -38.92 8.26 -14.92
CA LYS F 386 -40.13 8.75 -15.58
C LYS F 386 -40.04 10.27 -15.77
N GLU F 387 -40.54 10.75 -16.91
CA GLU F 387 -40.57 12.18 -17.18
C GLU F 387 -41.63 12.49 -18.24
N GLY F 388 -42.82 12.86 -17.78
CA GLY F 388 -43.95 13.10 -18.68
C GLY F 388 -44.43 11.79 -19.26
N PRO F 389 -44.54 11.71 -20.60
CA PRO F 389 -44.87 10.45 -21.25
C PRO F 389 -43.63 9.58 -21.56
N LEU F 390 -42.45 10.13 -21.30
CA LEU F 390 -41.19 9.46 -21.63
C LEU F 390 -40.56 8.81 -20.41
N TYR F 391 -39.71 7.83 -20.66
CA TYR F 391 -38.79 7.28 -19.67
C TYR F 391 -37.37 7.45 -20.20
N ARG F 392 -36.44 7.76 -19.31
CA ARG F 392 -35.04 7.96 -19.70
C ARG F 392 -34.10 7.11 -18.85
N PRO F 393 -33.10 6.48 -19.48
CA PRO F 393 -32.19 5.58 -18.78
C PRO F 393 -31.12 6.32 -17.97
N VAL F 394 -31.25 6.30 -16.65
CA VAL F 394 -30.27 6.94 -15.77
C VAL F 394 -29.18 5.94 -15.41
N MET F 395 -27.99 6.13 -16.00
CA MET F 395 -26.84 5.29 -15.71
C MET F 395 -26.38 5.54 -14.28
N ASN F 396 -25.82 4.50 -13.64
CA ASN F 396 -25.35 4.62 -12.27
C ASN F 396 -24.20 5.61 -12.14
N ARG F 397 -24.18 6.36 -11.04
CA ARG F 397 -23.16 7.39 -10.81
C ARG F 397 -21.76 6.79 -10.71
N GLU F 398 -21.65 5.63 -10.06
CA GLU F 398 -20.37 4.97 -9.90
C GLU F 398 -19.92 4.29 -11.19
N ALA F 399 -20.88 3.88 -12.02
CA ALA F 399 -20.60 3.24 -13.30
C ALA F 399 -20.04 4.24 -14.31
N LEU F 400 -20.63 5.43 -14.38
CA LEU F 400 -20.18 6.48 -15.30
C LEU F 400 -18.76 6.94 -14.99
N GLU F 401 -18.47 7.13 -13.70
CA GLU F 401 -17.13 7.53 -13.26
C GLU F 401 -16.07 6.46 -13.57
N ALA F 402 -16.47 5.19 -13.48
CA ALA F 402 -15.58 4.07 -13.79
C ALA F 402 -15.19 4.03 -15.26
N MET F 403 -16.15 4.32 -16.14
CA MET F 403 -15.91 4.33 -17.59
C MET F 403 -14.99 5.47 -18.00
N LEU F 404 -15.17 6.64 -17.37
CA LEU F 404 -14.38 7.83 -17.67
C LEU F 404 -12.96 7.77 -17.10
N SER F 405 -12.75 6.95 -16.08
CA SER F 405 -11.45 6.87 -15.41
C SER F 405 -10.37 6.21 -16.27
N TYR F 406 -10.72 5.13 -16.96
CA TYR F 406 -9.78 4.40 -17.84
C TYR F 406 -10.22 4.47 -19.30
N TYR F 407 -9.26 4.25 -20.20
CA TYR F 407 -9.53 4.28 -21.65
C TYR F 407 -8.49 3.51 -22.45
N ARG F 408 -8.83 3.20 -23.70
CA ARG F 408 -7.92 2.55 -24.63
C ARG F 408 -7.34 3.60 -25.58
N PRO F 409 -5.99 3.63 -25.74
CA PRO F 409 -5.37 4.58 -26.66
C PRO F 409 -5.90 4.45 -28.09
N GLY F 410 -6.24 5.59 -28.71
CA GLY F 410 -6.78 5.61 -30.06
C GLY F 410 -8.25 6.01 -30.07
N THR F 411 -9.04 5.35 -29.23
CA THR F 411 -10.48 5.61 -29.12
C THR F 411 -10.81 6.36 -27.83
N LEU F 412 -10.34 7.59 -27.72
CA LEU F 412 -10.61 8.45 -26.58
C LEU F 412 -11.84 9.33 -26.84
N SER F 413 -11.82 10.03 -27.97
CA SER F 413 -12.93 10.90 -28.36
C SER F 413 -14.16 10.11 -28.82
N GLU F 414 -13.95 8.90 -29.33
CA GLU F 414 -15.05 8.01 -29.69
C GLU F 414 -15.78 7.55 -28.43
N LYS F 415 -15.01 7.23 -27.39
CA LYS F 415 -15.56 6.83 -26.10
C LYS F 415 -16.24 8.01 -25.40
N LEU F 416 -15.61 9.18 -25.44
CA LEU F 416 -16.18 10.39 -24.83
C LEU F 416 -17.48 10.82 -25.51
N THR F 417 -17.58 10.62 -26.82
CA THR F 417 -18.81 10.90 -27.56
C THR F 417 -19.94 9.95 -27.13
N SER F 418 -19.61 8.68 -26.92
CA SER F 418 -20.60 7.69 -26.51
C SER F 418 -21.08 7.89 -25.06
N ILE F 419 -20.18 8.37 -24.20
CA ILE F 419 -20.51 8.57 -22.78
C ILE F 419 -21.40 9.80 -22.55
N THR F 420 -21.31 10.81 -23.42
CA THR F 420 -22.19 11.98 -23.32
C THR F 420 -23.66 11.60 -23.46
N MET F 421 -23.93 10.66 -24.37
CA MET F 421 -25.30 10.17 -24.59
C MET F 421 -25.82 9.35 -23.41
N LEU F 422 -24.91 8.77 -22.63
CA LEU F 422 -25.27 8.03 -21.43
C LEU F 422 -25.41 8.95 -20.21
N ALA F 423 -24.48 9.90 -20.08
CA ALA F 423 -24.44 10.81 -18.93
C ALA F 423 -25.50 11.91 -18.98
N VAL F 424 -26.07 12.16 -20.17
CA VAL F 424 -27.07 13.22 -20.35
C VAL F 424 -28.30 13.07 -19.45
N HIS F 425 -28.68 11.83 -19.14
CA HIS F 425 -29.90 11.56 -18.39
C HIS F 425 -29.73 11.78 -16.88
N SER F 426 -28.49 11.95 -16.42
CA SER F 426 -28.23 12.27 -15.01
C SER F 426 -28.64 13.71 -14.67
N GLY F 427 -28.40 14.63 -15.59
CA GLY F 427 -28.75 16.04 -15.40
C GLY F 427 -27.57 16.95 -15.65
N LYS F 428 -27.84 18.24 -15.90
CA LYS F 428 -26.81 19.22 -16.22
C LYS F 428 -25.77 19.35 -15.11
N GLN F 429 -26.21 19.33 -13.86
CA GLN F 429 -25.32 19.46 -12.71
C GLN F 429 -24.36 18.26 -12.60
N GLU F 430 -24.89 17.07 -12.87
CA GLU F 430 -24.09 15.84 -12.82
C GLU F 430 -23.24 15.68 -14.09
N TYR F 431 -23.82 16.02 -15.24
CA TYR F 431 -23.16 15.92 -16.54
C TYR F 431 -21.87 16.74 -16.59
N ASP F 432 -21.96 18.00 -16.17
CA ASP F 432 -20.79 18.90 -16.17
C ASP F 432 -19.72 18.44 -15.17
N ARG F 433 -20.14 17.84 -14.06
CA ARG F 433 -19.21 17.33 -13.06
C ARG F 433 -18.40 16.14 -13.60
N LEU F 434 -19.06 15.26 -14.35
CA LEU F 434 -18.42 14.09 -14.92
C LEU F 434 -17.41 14.42 -16.02
N PHE F 435 -17.69 15.48 -16.79
CA PHE F 435 -16.80 15.93 -17.86
C PHE F 435 -15.90 17.11 -17.47
N ALA F 436 -15.94 17.50 -16.20
CA ALA F 436 -15.11 18.60 -15.69
C ALA F 436 -13.60 18.30 -15.76
N PRO F 437 -13.17 17.09 -15.38
CA PRO F 437 -11.74 16.75 -15.45
C PRO F 437 -11.15 16.86 -16.86
N PHE F 438 -11.94 16.56 -17.88
CA PHE F 438 -11.49 16.63 -19.27
C PHE F 438 -11.43 18.08 -19.76
N ARG F 439 -12.48 18.84 -19.44
CA ARG F 439 -12.53 20.27 -19.79
C ARG F 439 -11.40 21.08 -19.12
N GLU F 440 -10.96 20.66 -17.95
CA GLU F 440 -9.88 21.33 -17.22
C GLU F 440 -8.50 21.16 -17.88
N VAL F 441 -8.34 20.12 -18.72
CA VAL F 441 -7.10 19.90 -19.47
C VAL F 441 -7.32 20.16 -20.97
N GLY F 442 -8.16 21.14 -21.28
CA GLY F 442 -8.35 21.61 -22.66
C GLY F 442 -8.99 20.61 -23.61
N VAL F 443 -10.10 20.01 -23.17
CA VAL F 443 -10.86 19.08 -24.02
C VAL F 443 -12.29 19.55 -24.14
N ILE F 444 -12.67 19.99 -25.33
CA ILE F 444 -14.06 20.38 -25.61
C ILE F 444 -14.96 19.14 -25.73
N VAL F 445 -16.14 19.22 -25.13
CA VAL F 445 -17.13 18.15 -25.23
C VAL F 445 -18.52 18.77 -25.45
N PRO F 446 -19.38 18.12 -26.25
CA PRO F 446 -20.72 18.65 -26.53
C PRO F 446 -21.45 19.15 -25.28
N THR F 447 -21.96 20.38 -25.34
CA THR F 447 -22.66 20.96 -24.19
C THR F 447 -23.93 20.17 -23.85
N PHE F 448 -24.27 20.14 -22.56
CA PHE F 448 -25.42 19.41 -22.06
C PHE F 448 -26.68 19.69 -22.89
N GLU F 449 -26.95 20.97 -23.12
CA GLU F 449 -28.18 21.41 -23.80
C GLU F 449 -28.28 20.88 -25.23
N SER F 450 -27.15 20.69 -25.90
CA SER F 450 -27.13 20.13 -27.25
C SER F 450 -27.47 18.64 -27.24
N VAL F 451 -26.88 17.91 -26.29
CA VAL F 451 -27.10 16.46 -26.18
C VAL F 451 -28.51 16.16 -25.66
N GLU F 452 -28.98 16.98 -24.72
CA GLU F 452 -30.34 16.83 -24.19
C GLU F 452 -31.38 17.14 -25.26
N TYR F 453 -31.08 18.11 -26.12
CA TYR F 453 -31.93 18.46 -27.26
C TYR F 453 -32.00 17.31 -28.28
N ARG F 454 -30.85 16.72 -28.57
CA ARG F 454 -30.77 15.62 -29.55
C ARG F 454 -31.52 14.37 -29.11
N TRP F 455 -31.65 14.16 -27.79
CA TRP F 455 -32.42 13.04 -27.25
C TRP F 455 -33.92 13.24 -27.48
N ARG F 456 -34.40 14.44 -27.22
CA ARG F 456 -35.82 14.77 -27.41
C ARG F 456 -36.22 14.80 -28.88
N SER F 457 -35.25 15.00 -29.77
CA SER F 457 -35.48 14.96 -31.21
C SER F 457 -35.96 13.59 -31.70
N LEU F 458 -35.65 12.54 -30.93
CA LEU F 458 -36.01 11.16 -31.29
C LEU F 458 -37.51 10.91 -31.27
N PHE F 459 -38.26 11.69 -30.49
CA PHE F 459 -39.70 11.49 -30.31
C PHE F 459 -40.56 12.46 -31.13
N TRP F 460 -40.17 12.72 -32.38
CA TRP F 460 -40.98 13.50 -33.31
C TRP F 460 -41.47 12.62 -34.46
C1 GOL G . -15.15 -44.41 -9.08
O1 GOL G . -16.06 -45.44 -8.68
C2 GOL G . -13.73 -44.98 -9.12
O2 GOL G . -13.67 -46.06 -10.08
C3 GOL G . -12.73 -43.89 -9.51
O3 GOL G . -11.44 -44.22 -9.00
C1 GOL H . -33.54 -47.02 17.93
O1 GOL H . -33.46 -45.75 17.28
C2 GOL H . -32.20 -47.75 17.83
O2 GOL H . -32.00 -48.58 18.98
C3 GOL H . -32.16 -48.61 16.56
O3 GOL H . -30.96 -49.39 16.53
C1 GOL I . -28.07 -33.52 -29.35
O1 GOL I . -29.13 -34.03 -30.17
C2 GOL I . -28.63 -32.59 -28.27
O2 GOL I . -28.66 -31.25 -28.76
C3 GOL I . -27.77 -32.67 -27.01
O3 GOL I . -28.25 -33.71 -26.15
C1 GOL J . -33.37 -48.74 9.14
O1 GOL J . -32.72 -49.99 9.37
C2 GOL J . -34.43 -48.88 8.05
O2 GOL J . -35.31 -47.75 8.08
C3 GOL J . -33.76 -48.98 6.68
O3 GOL J . -34.74 -49.18 5.67
CL CL K . -34.43 -34.68 -6.19
C1 GOL L . 23.82 -1.77 42.32
O1 GOL L . 22.81 -0.99 42.96
C2 GOL L . 23.22 -2.59 41.19
O2 GOL L . 23.43 -1.93 39.94
C3 GOL L . 23.84 -3.97 41.15
O3 GOL L . 23.41 -4.67 39.96
C1 GOL M . 48.40 37.60 20.21
O1 GOL M . 47.97 36.86 21.36
C2 GOL M . 47.87 36.94 18.95
O2 GOL M . 46.44 36.92 18.98
C3 GOL M . 48.36 37.71 17.72
O3 GOL M . 47.81 37.15 16.53
C1 GOL N . 57.93 21.42 7.86
O1 GOL N . 56.98 20.39 7.56
C2 GOL N . 58.80 21.02 9.06
O2 GOL N . 58.37 19.76 9.58
C3 GOL N . 60.26 20.95 8.64
O3 GOL N . 61.07 20.57 9.77
C1 GOL O . -5.27 -28.48 -31.74
O1 GOL O . -4.61 -28.94 -30.57
C2 GOL O . -5.02 -26.98 -31.92
O2 GOL O . -3.61 -26.76 -32.06
C3 GOL O . -5.75 -26.39 -33.12
O3 GOL O . -6.44 -27.39 -33.89
C1 GOL P . -34.07 -32.83 -10.26
O1 GOL P . -33.62 -31.52 -9.88
C2 GOL P . -34.51 -32.81 -11.72
O2 GOL P . -33.40 -32.44 -12.56
C3 GOL P . -35.07 -34.17 -12.14
O3 GOL P . -34.08 -34.93 -12.86
C1 GOL Q . -12.46 -22.61 -18.59
O1 GOL Q . -11.16 -22.01 -18.56
C2 GOL Q . -13.10 -22.56 -17.21
O2 GOL Q . -13.05 -21.22 -16.70
C3 GOL Q . -14.55 -23.03 -17.29
O3 GOL Q . -15.36 -22.06 -17.97
#